data_5U0A
#
_entry.id   5U0A
#
_cell.length_a   1.0
_cell.length_b   1.0
_cell.length_c   1.0
_cell.angle_alpha   90.0
_cell.angle_beta   90.0
_cell.angle_gamma   90.0
#
_symmetry.space_group_name_H-M   'P 1'
#
loop_
_entity.id
_entity.type
_entity.pdbx_description
1 polymer 'CRISPR-associated protein, Cse3 family'
2 polymer 'CRISPR-associated protein, Cse1 family'
3 polymer 'CRISPR-associated protein, Cse4 family'
4 polymer Cse2
5 polymer crRNA
6 polymer 'Target Strand'
7 polymer 'CRISPR-associated protein, Cas5e family'
8 polymer 'Nontarget Strand'
#
loop_
_entity_poly.entity_id
_entity_poly.type
_entity_poly.pdbx_seq_one_letter_code
_entity_poly.pdbx_strand_id
1 'polypeptide(L)'
;MTWLTKIVPDLRYRQTRADFRTAGNLHRKLIRLSSDLGEERIANPRQQSGLLFRIEETRNELYLLVQSHSPLRVDRLGPG
YHGVQMRNLDPFLARLDKGSRVRYRIVASPTKRLGRSENNTQRLGLKEPPKKPREYTWALRGAAAEEWWHSRAAANGLEL
LSTYAQTLDDVRDPGTADRSRKIRHPAVRFDGEAVISDVDAVRHAVLNGIGRGKSYGCGLLSLALIEEGEHG
;
A
2 'polypeptide(L)'
;MLSVALCFLVGGAIPSPPSFDVTIAPWLIARSRDVLAAPEMLGLRDVLIRSHELSDVEIPLPPGAAVLWRILALITARIT
GLDQPPNKNPKRKWQARRSQILSKGRLDPEAVDAYFADYSERFDLFHPERPWLQDPRLREECPKTSGVNKLAWGRTAGEN
QVWLGGHHHDLDPHPLDSAEAVWHLLATLGYGPSGMCTARVVRGRSERNVTAGPLRGTVSYHPLGRTLFESLILNIPYPG
TGAADLAFWEQPELNDPLGLPEESAGLAGILRLDHFRHAVLLHPSPDGSHVVDAWVTWAWRERNISPELDPYLIYQTSKE
GRVYPRPAEAERAIWRDLDALLHYGEDGNYRPTILDNCTPLAQVPQEVLDSLRLRAFGFDQDGQARDKQWFTATTPAVLR
WLADRETDDNENARIVRRITLARKAAEALGRRLEKACKEAWKESNSPSSTSSGTNAKTETGVGPWVQHGMSRYWAKAEPV
FWNIVYDRPAQGYTPGMAGPGNAFNLVALAAYDEVTGPYCERPRVAKVVERHRSTLFSNWTPKQDKEAA
;
C
3 'polypeptide(L)'
;MTFVDIHAIQTLPYSNINRDDLGSPKTVVYGGKERTRVSSQSWKRAVRHEVEARLGDKAVRTRRIISEIAKRLRERGWDA
DLADAGARQVVLSVGKKSGIKLEKEKDSEAPATSVLFYLPVPAIDELAAIADEHRDAVAKEAAKKTPKGILPADRITEVL
KSRNVSVNLFGRMLAELPSTEVDGAVQFAHAFTVHGTTVEVDFFTAVDDIPKENDHGSGHMNAGQFSAGTFYRYANVNLD
RLVENTGDAQTARTAVAEFLRAFLSTVPSGKQNATAAMTLPDLVHIAVRFDRPISFAPAFETALYGSDGYTLRACQELNN
YAERLREVWPDDAIRGYATVENKTDLAALGERYDSYPALIDAMVAAAFEGERE
;
D,E,F,G,H,I
4 'polypeptide(L)'
;MNSDYILQHADALVKRVSKLIVNEPAARAALRRGVGLAPEDPRMLAAHRVVAPYVPVPTDYDVDRRRAASLWDVHAVERA
FYAVAAIMAAQPRSARDQEAEATEEQTGEPQDSEALTEPTPAEESSATKDGKPDRRPNLGVSLAQAVFDKGLNADSTEQR
LHLIARQNLDGVHRHLPRLVLYLRSDQVHIDWGILIRDLARWGHTPRHVAREWVQDYHRTLETLTRQAEQKNKNNTTDEE
AEAA
;
J,L
5 'polyribonucleotide' AUGGACCGCCAGUGAUAAGUGGAAUGCCAUGUGGGCUGUCGUGAGCCCCACGCACGUGGGG K
6 'polydeoxyribonucleotide'
;(DG)(DC)(DC)(DT)(DG)(DG)(DC)(DG)(DA)(DC)(DA)(DG)(DC)(DC)(DC)(DA)(DC)(DA)(DT)(DG)
(DG)(DC)(DA)(DT)(DT)(DC)(DC)(DA)(DC)(DT)(DT)(DA)(DT)(DC)(DA)(DC)(DT)(DG)(DG)(DC)
(DT)(DT)(DC)(DG)(DT)(DC)(DC)(DG)(DC)(DG)
;
M
7 'polypeptide(L)'
;MSGFLLRLAGPMQSWGEHSMFGERDTLPYPSRSGLIGMFAAAQGVRRGDPLDRYKELKFTVRVDRPGVRLVDFHTIGGGL
PKERTVPTAAGERRDPKKATIVTSRSYLADAVFTVAVTGPEADTIADALAAPYWQPYLGRRAFVPDPLLVLRRRVADPVR
ELVEAVPLPHRRVEEDAATVLVDLIYEEGEYPDTRTLTVLNDVPLSFDSKSRRYSTRQIRVVPTEVPATLVAGPGRDYQN
KLFTYVKQCAEEAA
;
N
8 'polydeoxyribonucleotide'
;(DC)(DG)(DC)(DG)(DG)(DA)(DC)(DG)(DA)(DA)(DG)(DC)(DC)(DA)(DG)(DT)(DG)(DA)(DC)(DC)
(DA)(DT)(DG)(DT)(DG)(DG)(DG)(DC)(DT)(DG)(DT)(DC)(DG)(DC)(DC)(DA)(DG)(DG)(DC)
;
O
#
loop_
_chem_comp.id
_chem_comp.type
_chem_comp.name
_chem_comp.formula
A RNA linking ADENOSINE-5'-MONOPHOSPHATE 'C10 H14 N5 O7 P'
C RNA linking CYTIDINE-5'-MONOPHOSPHATE 'C9 H14 N3 O8 P'
DA DNA linking 2'-DEOXYADENOSINE-5'-MONOPHOSPHATE 'C10 H14 N5 O6 P'
DC DNA linking 2'-DEOXYCYTIDINE-5'-MONOPHOSPHATE 'C9 H14 N3 O7 P'
DG DNA linking 2'-DEOXYGUANOSINE-5'-MONOPHOSPHATE 'C10 H14 N5 O7 P'
DT DNA linking THYMIDINE-5'-MONOPHOSPHATE 'C10 H15 N2 O8 P'
G RNA linking GUANOSINE-5'-MONOPHOSPHATE 'C10 H14 N5 O8 P'
U RNA linking URIDINE-5'-MONOPHOSPHATE 'C9 H13 N2 O9 P'
#
# COMPACT_ATOMS: atom_id res chain seq x y z
N THR A 2 -5.70 -37.35 -56.61
CA THR A 2 -4.99 -36.92 -55.41
C THR A 2 -5.97 -36.22 -54.47
N TRP A 3 -5.49 -35.79 -53.30
CA TRP A 3 -6.35 -35.00 -52.42
C TRP A 3 -5.50 -34.13 -51.49
N LEU A 4 -5.97 -32.90 -51.24
CA LEU A 4 -5.22 -31.85 -50.55
C LEU A 4 -5.78 -31.55 -49.17
N THR A 5 -4.88 -31.31 -48.20
CA THR A 5 -5.25 -30.95 -46.83
C THR A 5 -4.30 -29.89 -46.29
N LYS A 6 -4.80 -29.06 -45.36
CA LYS A 6 -4.01 -28.12 -44.58
C LYS A 6 -3.90 -28.67 -43.16
N ILE A 7 -2.68 -29.02 -42.74
CA ILE A 7 -2.49 -29.67 -41.46
C ILE A 7 -1.41 -28.99 -40.63
N VAL A 8 -1.35 -29.26 -39.33
CA VAL A 8 -0.31 -28.60 -38.54
C VAL A 8 0.22 -29.29 -37.29
N PRO A 9 1.37 -29.95 -37.43
CA PRO A 9 2.02 -30.63 -36.31
C PRO A 9 2.36 -29.71 -35.15
N ASP A 10 2.29 -30.25 -33.95
CA ASP A 10 2.72 -29.50 -32.78
C ASP A 10 3.81 -30.33 -32.11
N LEU A 11 3.97 -30.17 -30.80
CA LEU A 11 4.99 -30.84 -29.98
C LEU A 11 4.31 -31.55 -28.83
N PHE A 20 8.31 -31.59 -33.79
CA PHE A 20 8.80 -30.82 -34.93
C PHE A 20 10.28 -30.44 -34.84
N ARG A 21 10.98 -30.85 -33.79
CA ARG A 21 12.33 -30.33 -33.59
C ARG A 21 13.18 -30.53 -34.85
N THR A 22 12.97 -31.63 -35.59
CA THR A 22 13.78 -31.94 -36.76
C THR A 22 12.92 -32.29 -37.97
N ALA A 23 13.58 -32.43 -39.13
CA ALA A 23 12.95 -32.71 -40.42
C ALA A 23 12.52 -34.17 -40.55
N GLY A 24 13.35 -35.11 -40.08
CA GLY A 24 12.97 -36.51 -40.13
C GLY A 24 11.74 -36.79 -39.31
N ASN A 25 11.64 -36.19 -38.12
CA ASN A 25 10.43 -36.39 -37.35
C ASN A 25 9.23 -35.75 -38.06
N LEU A 26 9.46 -34.71 -38.88
CA LEU A 26 8.39 -34.24 -39.76
C LEU A 26 7.90 -35.35 -40.69
N HIS A 27 8.84 -35.98 -41.41
CA HIS A 27 8.52 -37.14 -42.26
C HIS A 27 7.70 -38.17 -41.50
N ARG A 28 8.19 -38.55 -40.33
CA ARG A 28 7.56 -39.63 -39.57
C ARG A 28 6.17 -39.22 -39.13
N LYS A 29 6.00 -37.97 -38.69
CA LYS A 29 4.66 -37.50 -38.36
C LYS A 29 3.77 -37.47 -39.59
N LEU A 30 4.34 -37.48 -40.81
CA LEU A 30 3.45 -37.54 -41.96
C LEU A 30 3.04 -38.97 -42.28
N ILE A 31 3.94 -39.94 -42.05
CA ILE A 31 3.59 -41.34 -42.30
C ILE A 31 2.82 -42.04 -41.17
N ARG A 32 2.93 -41.61 -39.90
CA ARG A 32 2.26 -42.36 -38.85
C ARG A 32 0.76 -42.15 -38.83
N LEU A 33 0.25 -41.17 -39.53
CA LEU A 33 -1.18 -41.00 -39.59
C LEU A 33 -1.80 -41.69 -40.80
N SER A 34 -1.05 -42.53 -41.48
CA SER A 34 -1.62 -43.22 -42.62
C SER A 34 -1.17 -44.65 -42.44
N SER A 35 -2.14 -45.52 -42.20
CA SER A 35 -1.89 -46.93 -41.98
C SER A 35 -1.60 -47.59 -43.32
N ASP A 36 -2.63 -47.76 -44.15
CA ASP A 36 -2.43 -48.45 -45.41
C ASP A 36 -1.65 -47.52 -46.32
N LEU A 37 -0.41 -47.90 -46.58
CA LEU A 37 0.53 -47.18 -47.41
C LEU A 37 0.97 -48.13 -48.51
N GLY A 38 1.19 -47.58 -49.69
CA GLY A 38 1.67 -48.37 -50.80
C GLY A 38 2.80 -47.64 -51.46
N GLU A 39 3.54 -48.38 -52.29
CA GLU A 39 4.69 -47.83 -52.98
C GLU A 39 4.88 -48.60 -54.27
N GLU A 40 4.72 -47.90 -55.39
CA GLU A 40 4.83 -48.47 -56.73
C GLU A 40 6.08 -47.85 -57.35
N ARG A 41 7.10 -48.67 -57.56
CA ARG A 41 8.34 -48.14 -58.08
C ARG A 41 8.82 -48.72 -59.40
N ILE A 42 9.63 -47.93 -60.08
CA ILE A 42 10.22 -48.30 -61.35
C ILE A 42 11.72 -48.03 -61.25
N ALA A 43 12.52 -48.88 -61.87
CA ALA A 43 13.98 -48.82 -61.75
C ALA A 43 14.48 -47.65 -62.59
N ASN A 44 14.82 -46.49 -61.93
CA ASN A 44 15.24 -45.18 -62.48
C ASN A 44 14.16 -44.09 -62.42
N PRO A 45 12.88 -44.35 -62.83
CA PRO A 45 11.85 -43.32 -62.65
C PRO A 45 11.54 -42.96 -61.22
N ARG A 46 10.57 -42.07 -61.04
CA ARG A 46 10.31 -41.44 -59.76
C ARG A 46 9.37 -42.33 -58.96
N GLN A 47 9.52 -42.29 -57.64
CA GLN A 47 8.59 -43.05 -56.79
C GLN A 47 7.20 -42.43 -56.79
N GLN A 48 6.19 -43.30 -56.73
CA GLN A 48 4.79 -42.91 -56.54
C GLN A 48 4.25 -43.76 -55.41
N LEU A 51 3.23 -39.48 -50.37
CA LEU A 51 2.63 -38.15 -50.30
C LEU A 51 3.64 -37.12 -50.77
N LEU A 52 3.17 -35.88 -50.92
CA LEU A 52 4.04 -34.74 -51.14
C LEU A 52 3.59 -33.62 -50.20
N PHE A 53 4.53 -32.74 -49.88
CA PHE A 53 4.25 -31.75 -48.84
C PHE A 53 5.17 -30.54 -48.93
N ARG A 54 4.67 -29.42 -48.40
CA ARG A 54 5.32 -28.11 -48.43
C ARG A 54 5.24 -27.47 -47.05
N ILE A 55 6.38 -27.02 -46.53
CA ILE A 55 6.43 -26.32 -45.24
C ILE A 55 5.99 -24.87 -45.46
N GLU A 56 4.96 -24.43 -44.72
CA GLU A 56 4.49 -23.07 -44.90
C GLU A 56 4.71 -22.10 -43.74
N GLU A 57 4.72 -22.55 -42.49
CA GLU A 57 5.05 -21.64 -41.37
C GLU A 57 5.71 -22.49 -40.29
N THR A 58 7.00 -22.25 -40.03
CA THR A 58 7.87 -23.13 -39.24
C THR A 58 8.36 -22.64 -37.88
N ARG A 59 8.23 -21.35 -37.53
CA ARG A 59 8.81 -20.97 -36.24
C ARG A 59 7.99 -21.50 -35.06
N ASN A 60 6.68 -21.68 -35.24
CA ASN A 60 5.80 -22.13 -34.18
C ASN A 60 5.06 -23.36 -34.70
N GLU A 61 5.10 -24.45 -33.94
CA GLU A 61 4.44 -25.65 -34.43
C GLU A 61 4.98 -25.76 -35.86
N LEU A 62 4.10 -25.68 -36.85
CA LEU A 62 4.51 -25.75 -38.26
C LEU A 62 3.37 -26.02 -39.22
N TYR A 63 2.72 -24.98 -39.74
CA TYR A 63 1.65 -25.24 -40.69
C TYR A 63 2.24 -25.77 -42.00
N LEU A 64 1.50 -26.69 -42.63
CA LEU A 64 2.02 -27.46 -43.77
C LEU A 64 0.85 -27.90 -44.64
N LEU A 65 1.02 -27.76 -45.96
CA LEU A 65 0.06 -28.22 -46.97
C LEU A 65 0.47 -29.58 -47.53
N VAL A 66 -0.42 -30.57 -47.42
CA VAL A 66 -0.14 -31.96 -47.83
C VAL A 66 -0.98 -32.31 -49.04
N GLN A 67 -0.33 -32.95 -50.01
CA GLN A 67 -0.97 -33.52 -51.18
C GLN A 67 -0.92 -34.99 -50.73
N SER A 68 -1.86 -35.83 -51.13
CA SER A 68 -1.82 -37.20 -50.65
C SER A 68 -2.74 -38.12 -51.45
N HIS A 69 -2.44 -39.42 -51.39
CA HIS A 69 -3.31 -40.47 -51.91
C HIS A 69 -4.23 -41.09 -50.86
N SER A 70 -3.74 -41.38 -49.65
CA SER A 70 -4.52 -42.07 -48.61
C SER A 70 -5.05 -41.06 -47.62
N PRO A 71 -6.28 -41.23 -47.12
CA PRO A 71 -6.87 -40.17 -46.27
C PRO A 71 -6.28 -40.06 -44.88
N LEU A 72 -5.94 -38.81 -44.51
CA LEU A 72 -5.46 -38.42 -43.19
C LEU A 72 -6.64 -38.07 -42.27
N ARG A 73 -6.55 -38.49 -41.00
CA ARG A 73 -7.38 -38.15 -39.84
C ARG A 73 -6.56 -37.66 -38.64
N VAL A 74 -7.02 -36.61 -37.96
CA VAL A 74 -6.22 -36.01 -36.90
C VAL A 74 -5.79 -37.06 -35.87
N ASP A 75 -4.58 -36.89 -35.34
CA ASP A 75 -3.97 -37.75 -34.33
C ASP A 75 -3.71 -36.96 -33.04
N ARG A 76 -2.93 -37.55 -32.13
CA ARG A 76 -2.69 -36.89 -30.85
C ARG A 76 -2.00 -35.58 -31.13
N LEU A 77 -2.41 -34.52 -30.46
CA LEU A 77 -1.75 -33.26 -30.65
C LEU A 77 -1.88 -32.78 -32.09
N GLY A 78 -2.92 -33.23 -32.79
CA GLY A 78 -3.15 -32.75 -34.12
C GLY A 78 -4.05 -31.54 -34.08
N PRO A 79 -4.73 -31.27 -35.18
CA PRO A 79 -5.78 -30.25 -35.18
C PRO A 79 -6.95 -30.67 -34.31
N GLY A 80 -7.81 -29.71 -34.00
CA GLY A 80 -8.98 -30.11 -33.26
C GLY A 80 -10.09 -30.62 -34.15
N TYR A 81 -9.76 -30.85 -35.43
CA TYR A 81 -10.69 -31.30 -36.45
C TYR A 81 -9.91 -32.21 -37.38
N HIS A 82 -10.64 -33.00 -38.18
CA HIS A 82 -10.00 -33.96 -39.06
C HIS A 82 -8.96 -33.35 -40.00
N GLN A 85 -8.22 -28.54 -42.63
CA GLN A 85 -9.14 -28.72 -43.75
C GLN A 85 -8.70 -29.84 -44.66
N MET A 86 -9.68 -30.50 -45.26
CA MET A 86 -9.49 -31.57 -46.23
C MET A 86 -10.47 -31.50 -47.40
N ARG A 87 -9.92 -31.63 -48.59
CA ARG A 87 -10.66 -31.75 -49.84
C ARG A 87 -9.97 -32.77 -50.71
N ASN A 88 -10.78 -33.47 -51.50
CA ASN A 88 -10.28 -34.44 -52.44
C ASN A 88 -10.42 -33.75 -53.78
N LEU A 89 -9.39 -33.78 -54.59
CA LEU A 89 -9.44 -33.03 -55.83
C LEU A 89 -9.03 -33.97 -56.95
N ASP A 90 -9.64 -33.80 -58.10
CA ASP A 90 -9.13 -34.50 -59.24
C ASP A 90 -8.84 -33.42 -60.27
N PRO A 91 -7.63 -33.34 -60.78
CA PRO A 91 -7.29 -32.34 -61.81
C PRO A 91 -7.90 -32.66 -63.16
N LEU A 96 -7.54 -29.04 -66.82
CA LEU A 96 -6.39 -28.14 -66.86
C LEU A 96 -5.98 -27.95 -68.31
N ASP A 97 -6.64 -27.00 -69.01
CA ASP A 97 -6.52 -26.79 -70.45
C ASP A 97 -5.19 -26.16 -70.84
N LYS A 98 -4.53 -26.78 -71.82
CA LYS A 98 -3.28 -26.25 -72.35
C LYS A 98 -3.47 -24.91 -73.05
N GLY A 99 -2.46 -24.06 -72.91
CA GLY A 99 -2.41 -22.72 -73.41
C GLY A 99 -2.83 -21.71 -72.37
N SER A 100 -3.67 -22.13 -71.43
CA SER A 100 -4.12 -21.30 -70.33
C SER A 100 -3.03 -21.20 -69.27
N ARG A 101 -2.91 -20.03 -68.64
CA ARG A 101 -1.96 -19.85 -67.55
C ARG A 101 -2.66 -20.15 -66.21
N VAL A 102 -1.93 -20.69 -65.26
CA VAL A 102 -2.44 -21.02 -63.95
C VAL A 102 -1.27 -20.86 -63.00
N ARG A 103 -1.56 -20.49 -61.75
CA ARG A 103 -0.54 -20.28 -60.73
C ARG A 103 0.24 -21.56 -60.42
N TYR A 104 1.54 -21.42 -60.24
CA TYR A 104 2.40 -22.55 -59.90
C TYR A 104 2.86 -22.36 -58.47
N ARG A 105 3.99 -22.98 -58.12
CA ARG A 105 4.59 -22.89 -56.77
C ARG A 105 5.50 -24.07 -56.55
N ILE A 106 6.43 -23.97 -55.61
CA ILE A 106 7.28 -25.14 -55.37
C ILE A 106 8.63 -24.97 -54.70
N VAL A 107 9.01 -26.00 -53.95
CA VAL A 107 10.30 -26.12 -53.29
C VAL A 107 11.01 -27.37 -53.81
N ALA A 108 12.30 -27.21 -54.14
CA ALA A 108 13.14 -28.26 -54.71
C ALA A 108 14.60 -28.00 -54.31
N SER A 109 15.49 -28.90 -54.68
CA SER A 109 16.93 -28.77 -54.37
C SER A 109 17.82 -28.89 -55.60
N PRO A 110 18.10 -27.80 -56.30
CA PRO A 110 19.01 -27.90 -57.44
C PRO A 110 20.38 -28.39 -57.03
N THR A 111 20.90 -29.32 -57.82
CA THR A 111 22.16 -29.96 -57.50
C THR A 111 22.93 -30.25 -58.77
N LYS A 112 24.17 -30.69 -58.52
CA LYS A 112 25.17 -31.14 -59.50
C LYS A 112 25.97 -32.28 -58.81
N ARG A 113 25.89 -33.52 -59.31
CA ARG A 113 26.58 -34.61 -58.65
C ARG A 113 27.92 -34.81 -59.34
N LEU A 114 28.98 -34.92 -58.56
CA LEU A 114 30.31 -35.04 -59.16
C LEU A 114 31.30 -35.70 -58.23
N GLY A 115 32.23 -36.43 -58.84
CA GLY A 115 33.22 -37.16 -58.09
C GLY A 115 33.77 -36.30 -56.96
N ARG A 116 33.82 -36.87 -55.77
CA ARG A 116 34.22 -36.20 -54.55
C ARG A 116 35.57 -36.76 -54.11
N SER A 117 36.48 -35.86 -53.74
CA SER A 117 37.73 -36.30 -53.14
C SER A 117 37.45 -37.14 -51.89
N GLU A 118 38.40 -38.03 -51.56
CA GLU A 118 38.30 -38.97 -50.42
C GLU A 118 36.96 -39.69 -50.38
N THR A 121 30.55 -40.55 -54.58
CA THR A 121 29.83 -39.52 -55.32
C THR A 121 29.25 -38.47 -54.39
N GLN A 122 28.98 -37.30 -54.97
CA GLN A 122 28.54 -36.17 -54.17
C GLN A 122 27.38 -35.45 -54.85
N ARG A 123 26.36 -35.16 -54.04
CA ARG A 123 25.22 -34.40 -54.49
C ARG A 123 25.80 -33.04 -54.18
N LEU A 124 25.21 -31.96 -54.66
CA LEU A 124 25.82 -30.67 -54.36
C LEU A 124 24.90 -29.55 -54.79
N THR A 137 27.60 -21.07 -64.23
CA THR A 137 26.37 -20.43 -64.71
C THR A 137 25.19 -20.74 -63.79
N TRP A 138 24.97 -22.03 -63.48
CA TRP A 138 25.80 -23.13 -63.98
C TRP A 138 24.95 -24.29 -64.48
N LEU A 140 24.08 -22.44 -56.87
CA LEU A 140 24.89 -21.24 -57.06
C LEU A 140 24.09 -20.02 -57.51
N ARG A 141 24.38 -19.49 -58.69
CA ARG A 141 23.70 -18.32 -59.22
C ARG A 141 22.22 -18.54 -59.49
N GLY A 142 21.57 -17.53 -60.06
CA GLY A 142 20.16 -17.61 -60.37
C GLY A 142 19.84 -17.93 -61.81
N ALA A 143 20.83 -18.38 -62.59
CA ALA A 143 20.53 -18.71 -63.97
C ALA A 143 20.60 -20.19 -64.31
N ALA A 144 21.49 -20.96 -63.68
CA ALA A 144 21.48 -22.40 -63.89
C ALA A 144 20.49 -23.10 -62.99
N ALA A 145 19.97 -22.39 -61.99
CA ALA A 145 18.81 -22.88 -61.25
C ALA A 145 17.56 -22.75 -62.10
N GLU A 146 17.49 -21.65 -62.86
CA GLU A 146 16.43 -21.55 -63.85
C GLU A 146 16.62 -22.57 -64.97
N GLU A 147 17.86 -22.77 -65.43
CA GLU A 147 18.09 -23.83 -66.40
C GLU A 147 17.70 -25.19 -65.84
N TRP A 148 18.24 -25.56 -64.69
CA TRP A 148 17.87 -26.78 -63.96
C TRP A 148 16.38 -27.06 -63.85
N TRP A 149 15.62 -26.05 -63.45
CA TRP A 149 14.18 -26.17 -63.26
C TRP A 149 13.40 -26.40 -64.55
N HIS A 150 13.64 -25.56 -65.55
CA HIS A 150 12.92 -25.69 -66.82
C HIS A 150 13.35 -27.00 -67.48
N SER A 151 14.51 -27.52 -67.09
CA SER A 151 14.89 -28.88 -67.44
C SER A 151 13.96 -29.87 -66.74
N ARG A 152 13.68 -29.64 -65.46
CA ARG A 152 12.78 -30.49 -64.70
C ARG A 152 11.39 -30.56 -65.33
N ALA A 153 10.81 -29.40 -65.66
CA ALA A 153 9.48 -29.38 -66.27
C ALA A 153 9.49 -29.90 -67.69
N ALA A 154 10.49 -29.55 -68.48
CA ALA A 154 10.68 -30.12 -69.82
C ALA A 154 9.44 -29.80 -70.67
N ALA A 155 8.84 -30.78 -71.37
CA ALA A 155 7.69 -30.59 -72.25
C ALA A 155 6.37 -30.41 -71.50
N ASN A 156 6.38 -30.58 -70.18
CA ASN A 156 5.17 -30.46 -69.37
C ASN A 156 4.55 -29.09 -69.34
N GLY A 157 4.79 -28.35 -68.28
CA GLY A 157 4.28 -27.01 -68.13
C GLY A 157 5.40 -26.00 -68.11
N LEU A 158 5.28 -25.01 -68.98
CA LEU A 158 6.28 -23.98 -69.05
C LEU A 158 6.06 -23.00 -67.93
N GLU A 159 7.16 -22.62 -67.27
CA GLU A 159 7.04 -21.84 -66.05
C GLU A 159 8.34 -21.08 -65.81
N LEU A 160 8.28 -20.20 -64.82
CA LEU A 160 9.43 -19.41 -64.37
C LEU A 160 9.67 -19.84 -62.93
N LEU A 161 10.92 -20.17 -62.59
CA LEU A 161 11.24 -20.63 -61.24
C LEU A 161 11.98 -19.65 -60.34
N SER A 162 11.34 -19.23 -59.26
CA SER A 162 11.97 -18.31 -58.32
C SER A 162 13.32 -18.90 -57.95
N THR A 163 14.39 -18.16 -58.26
CA THR A 163 15.74 -18.64 -57.99
C THR A 163 16.28 -18.31 -56.59
N TYR A 164 16.62 -19.36 -55.84
CA TYR A 164 17.18 -19.21 -54.51
C TYR A 164 18.62 -19.61 -54.71
N ALA A 165 19.54 -19.36 -53.76
CA ALA A 165 20.89 -19.82 -54.04
C ALA A 165 21.64 -19.87 -52.72
N GLN A 166 21.07 -20.62 -51.78
CA GLN A 166 21.66 -20.77 -50.46
C GLN A 166 21.74 -22.24 -50.05
N ASP A 169 18.86 -26.16 -44.58
CA ASP A 169 18.08 -26.82 -43.55
C ASP A 169 18.93 -27.98 -43.06
N ASP A 170 18.94 -28.19 -41.75
CA ASP A 170 19.74 -29.27 -41.20
C ASP A 170 18.82 -30.30 -40.56
N VAL A 171 19.33 -31.52 -40.50
CA VAL A 171 18.56 -32.64 -39.96
C VAL A 171 19.54 -33.65 -39.40
N ARG A 172 19.07 -34.38 -38.38
CA ARG A 172 19.85 -35.44 -37.79
C ARG A 172 18.88 -36.54 -37.37
N ASP A 173 19.43 -37.72 -37.17
CA ASP A 173 18.63 -38.85 -36.77
C ASP A 173 18.18 -38.69 -35.32
N PRO A 174 16.98 -39.15 -34.98
CA PRO A 174 16.54 -39.03 -33.58
C PRO A 174 17.04 -40.17 -32.71
N GLY A 175 18.02 -40.91 -33.21
CA GLY A 175 18.63 -42.02 -32.51
C GLY A 175 18.04 -43.36 -32.85
N THR A 176 16.86 -43.38 -33.48
CA THR A 176 16.22 -44.63 -33.85
C THR A 176 17.09 -45.40 -34.83
N ALA A 177 17.21 -46.70 -34.61
CA ALA A 177 18.01 -47.53 -35.51
C ALA A 177 17.38 -47.57 -36.91
N ASP A 178 18.24 -47.61 -37.92
CA ASP A 178 17.90 -47.63 -39.34
C ASP A 178 17.07 -46.41 -39.77
N ARG A 179 17.15 -45.33 -38.99
CA ARG A 179 16.41 -44.10 -39.27
C ARG A 179 17.27 -42.90 -39.71
N SER A 180 17.94 -43.03 -40.86
CA SER A 180 18.77 -41.97 -41.45
C SER A 180 19.97 -41.75 -40.53
N ARG A 181 20.46 -40.50 -40.52
CA ARG A 181 21.65 -40.08 -39.76
C ARG A 181 21.74 -38.55 -39.57
N LYS A 182 22.57 -37.87 -40.37
CA LYS A 182 22.71 -36.42 -40.23
C LYS A 182 23.18 -35.85 -41.55
N ILE A 183 22.60 -34.72 -41.95
CA ILE A 183 22.95 -34.07 -43.21
C ILE A 183 22.90 -32.54 -43.14
N ARG A 184 22.71 -31.92 -44.29
CA ARG A 184 22.65 -30.46 -44.40
C ARG A 184 21.50 -30.06 -45.33
N HIS A 185 21.82 -29.82 -46.60
CA HIS A 185 20.86 -29.45 -47.65
C HIS A 185 20.64 -27.96 -47.94
N PRO A 186 19.86 -27.73 -48.99
CA PRO A 186 19.48 -26.40 -49.52
C PRO A 186 18.27 -26.46 -50.45
N ALA A 187 17.16 -25.86 -50.04
CA ALA A 187 15.95 -25.79 -50.85
C ALA A 187 15.91 -24.50 -51.68
N VAL A 188 15.05 -24.48 -52.71
CA VAL A 188 14.68 -23.30 -53.50
C VAL A 188 13.18 -23.34 -53.78
N ARG A 189 12.55 -22.19 -53.57
CA ARG A 189 11.13 -22.00 -53.83
C ARG A 189 11.02 -21.33 -55.20
N PHE A 190 9.97 -21.67 -55.93
CA PHE A 190 9.73 -21.13 -57.28
C PHE A 190 8.25 -20.76 -57.50
N ASP A 191 7.94 -19.75 -58.35
CA ASP A 191 6.55 -19.26 -58.42
C ASP A 191 6.13 -18.47 -59.70
N GLY A 192 4.79 -18.53 -60.02
CA GLY A 192 3.95 -17.77 -61.00
C GLY A 192 2.79 -18.52 -61.68
N GLU A 193 2.58 -18.35 -62.98
CA GLU A 193 1.53 -19.04 -63.72
C GLU A 193 2.34 -19.88 -64.70
N ALA A 194 1.91 -21.12 -64.91
CA ALA A 194 2.68 -21.98 -65.81
C ALA A 194 1.90 -22.66 -66.92
N VAL A 195 1.91 -22.05 -68.11
CA VAL A 195 1.24 -22.69 -69.22
C VAL A 195 1.85 -24.06 -69.40
N ILE A 196 0.95 -25.01 -69.46
CA ILE A 196 1.26 -26.41 -69.64
C ILE A 196 1.13 -26.74 -71.12
N SER A 197 2.04 -27.60 -71.57
CA SER A 197 2.11 -28.04 -72.95
C SER A 197 1.70 -29.49 -73.12
N ASP A 198 1.57 -30.21 -72.02
CA ASP A 198 1.18 -31.60 -71.99
C ASP A 198 0.47 -31.63 -70.66
N VAL A 199 -0.80 -32.01 -70.64
CA VAL A 199 -1.51 -31.95 -69.35
C VAL A 199 -1.28 -33.20 -68.53
N ASP A 200 -1.54 -34.36 -69.10
CA ASP A 200 -1.40 -35.59 -68.35
C ASP A 200 0.00 -35.72 -67.80
N ALA A 201 1.00 -35.19 -68.51
CA ALA A 201 2.39 -35.30 -68.09
C ALA A 201 2.84 -34.25 -67.07
N VAL A 202 2.31 -33.03 -67.12
CA VAL A 202 2.60 -32.09 -66.04
C VAL A 202 1.87 -32.51 -64.77
N ARG A 203 0.66 -33.04 -64.93
CA ARG A 203 -0.08 -33.58 -63.80
C ARG A 203 0.63 -34.79 -63.26
N HIS A 204 1.17 -35.59 -64.17
CA HIS A 204 2.05 -36.67 -63.81
C HIS A 204 3.20 -36.13 -62.97
N ALA A 205 3.74 -34.97 -63.36
CA ALA A 205 4.85 -34.36 -62.61
C ALA A 205 4.34 -33.83 -61.27
N VAL A 206 3.09 -33.36 -61.24
CA VAL A 206 2.51 -32.81 -60.01
C VAL A 206 2.36 -33.93 -58.99
N LEU A 207 1.98 -35.12 -59.45
CA LEU A 207 1.75 -36.24 -58.56
C LEU A 207 3.06 -36.91 -58.19
N ASN A 208 4.02 -36.95 -59.11
CA ASN A 208 5.29 -37.61 -58.80
C ASN A 208 6.17 -36.69 -57.96
N GLY A 209 6.18 -35.39 -58.26
CA GLY A 209 7.09 -34.53 -57.54
C GLY A 209 8.30 -34.12 -58.37
N ILE A 210 8.81 -32.92 -58.11
CA ILE A 210 9.92 -32.35 -58.87
C ILE A 210 11.06 -32.12 -57.91
N GLY A 211 12.17 -32.80 -58.16
CA GLY A 211 13.42 -32.70 -57.45
C GLY A 211 13.55 -33.78 -56.39
N ARG A 212 14.77 -33.96 -55.91
CA ARG A 212 15.05 -34.94 -54.88
C ARG A 212 14.59 -34.42 -53.53
N GLY A 213 14.71 -35.27 -52.52
CA GLY A 213 14.32 -34.96 -51.15
C GLY A 213 12.86 -34.62 -50.95
N LYS A 214 11.98 -35.26 -51.72
CA LYS A 214 10.54 -35.00 -51.56
C LYS A 214 10.09 -35.29 -50.14
N SER A 215 10.78 -36.22 -49.46
CA SER A 215 10.37 -36.64 -48.13
C SER A 215 10.84 -35.67 -47.06
N TYR A 216 11.59 -34.64 -47.45
CA TYR A 216 12.19 -33.67 -46.55
C TYR A 216 11.73 -32.25 -46.89
N GLY A 217 10.55 -32.13 -47.50
CA GLY A 217 9.94 -30.85 -47.79
C GLY A 217 9.78 -30.57 -49.28
N CYS A 218 10.60 -31.18 -50.12
CA CYS A 218 10.59 -30.81 -51.52
C CYS A 218 9.55 -31.57 -52.36
N GLY A 219 9.53 -31.24 -53.65
CA GLY A 219 8.70 -31.91 -54.63
C GLY A 219 7.39 -31.25 -55.03
N LEU A 220 6.58 -30.82 -54.06
CA LEU A 220 5.21 -30.39 -54.34
C LEU A 220 5.11 -29.13 -55.19
N LEU A 221 4.48 -29.25 -56.37
CA LEU A 221 4.16 -28.12 -57.25
C LEU A 221 2.69 -27.77 -57.09
N SER A 222 2.36 -26.54 -56.68
CA SER A 222 0.96 -26.16 -56.55
C SER A 222 0.49 -25.18 -57.64
N LEU A 223 -0.65 -25.49 -58.29
CA LEU A 223 -1.31 -24.70 -59.35
C LEU A 223 -2.70 -24.20 -58.94
N ALA A 224 -3.13 -23.07 -59.56
CA ALA A 224 -4.40 -22.37 -59.33
C ALA A 224 -4.82 -21.61 -60.59
N LEU A 225 -6.11 -21.48 -60.89
CA LEU A 225 -6.48 -20.75 -62.10
C LEU A 225 -6.19 -19.25 -62.04
N ILE A 226 -5.78 -18.66 -63.18
CA ILE A 226 -5.38 -17.24 -63.26
C ILE A 226 -6.48 -16.17 -63.22
N PRO B 17 20.46 -34.88 84.15
CA PRO B 17 19.48 -33.86 83.77
C PRO B 17 19.95 -33.00 82.61
N PRO B 18 19.03 -32.61 81.74
CA PRO B 18 19.39 -31.82 80.57
C PRO B 18 19.76 -30.41 80.98
N SER B 19 20.86 -29.91 80.43
CA SER B 19 21.33 -28.57 80.74
C SER B 19 22.12 -28.05 79.56
N PHE B 20 22.00 -26.74 79.36
CA PHE B 20 22.65 -26.05 78.29
C PHE B 20 22.97 -24.68 78.86
N ASP B 21 24.16 -24.16 78.56
CA ASP B 21 24.54 -22.85 79.06
C ASP B 21 24.97 -21.94 77.93
N VAL B 22 24.35 -20.76 77.84
CA VAL B 22 24.71 -19.81 76.81
C VAL B 22 26.17 -19.42 76.99
N THR B 23 26.57 -19.25 78.25
CA THR B 23 27.93 -18.86 78.57
C THR B 23 28.99 -19.88 78.14
N ILE B 24 28.72 -21.16 78.37
CA ILE B 24 29.70 -22.19 78.02
C ILE B 24 29.45 -23.04 76.76
N ALA B 25 28.20 -23.39 76.49
CA ALA B 25 27.89 -24.20 75.31
C ALA B 25 28.12 -23.44 74.02
N PRO B 26 28.52 -24.15 72.97
CA PRO B 26 28.77 -23.52 71.68
C PRO B 26 27.58 -23.39 70.75
N TRP B 27 27.23 -22.14 70.44
CA TRP B 27 26.15 -21.84 69.53
C TRP B 27 26.51 -20.65 68.66
N LEU B 28 27.16 -19.65 69.24
CA LEU B 28 27.51 -18.46 68.47
C LEU B 28 28.63 -18.75 67.48
N ILE B 29 28.32 -18.66 66.19
CA ILE B 29 29.35 -18.74 65.18
C ILE B 29 30.25 -17.52 65.35
N ALA B 30 31.55 -17.74 65.26
CA ALA B 30 32.52 -16.67 65.48
C ALA B 30 33.57 -16.69 64.40
N ARG B 31 33.85 -15.50 63.86
CA ARG B 31 34.85 -15.27 62.82
C ARG B 31 36.01 -14.49 63.43
N SER B 32 37.22 -14.95 63.14
CA SER B 32 38.44 -14.38 63.69
C SER B 32 38.95 -13.20 62.88
N ARG B 33 39.87 -12.45 63.49
CA ARG B 33 40.49 -11.32 62.80
C ARG B 33 41.33 -11.78 61.62
N ASP B 34 41.95 -12.94 61.74
CA ASP B 34 42.91 -13.48 60.78
C ASP B 34 42.33 -14.61 59.94
N VAL B 35 43.01 -14.89 58.84
CA VAL B 35 42.75 -16.08 58.03
C VAL B 35 41.40 -15.97 57.33
N LEU B 36 40.35 -15.77 58.11
CA LEU B 36 38.97 -15.74 57.61
C LEU B 36 38.59 -17.09 57.02
N ALA B 37 39.00 -18.16 57.72
CA ALA B 37 38.72 -19.54 57.37
C ALA B 37 38.32 -20.33 58.62
N ALA B 38 37.29 -21.16 58.48
CA ALA B 38 36.76 -22.00 59.55
C ALA B 38 36.28 -21.27 60.79
N PRO B 39 35.10 -20.65 60.74
CA PRO B 39 34.55 -19.99 61.92
C PRO B 39 34.11 -21.03 62.93
N GLU B 40 34.46 -20.82 64.18
CA GLU B 40 34.14 -21.84 65.17
C GLU B 40 32.95 -21.38 66.02
N MET B 41 32.12 -22.34 66.46
CA MET B 41 31.03 -21.93 67.33
C MET B 41 31.54 -21.92 68.77
N LEU B 42 31.17 -20.89 69.52
CA LEU B 42 31.61 -20.68 70.89
C LEU B 42 30.41 -20.30 71.74
N GLY B 43 30.58 -20.33 73.06
CA GLY B 43 29.56 -19.79 73.93
C GLY B 43 29.58 -18.27 74.05
N LEU B 44 28.56 -17.75 74.75
CA LEU B 44 28.45 -16.31 75.01
C LEU B 44 29.56 -15.74 75.87
N ARG B 45 30.00 -16.52 76.85
CA ARG B 45 31.07 -16.09 77.74
C ARG B 45 32.41 -15.98 76.99
N ASP B 46 32.68 -16.97 76.15
CA ASP B 46 33.92 -17.01 75.37
C ASP B 46 33.94 -15.86 74.38
N VAL B 47 32.85 -15.63 73.64
CA VAL B 47 32.83 -14.47 72.75
C VAL B 47 33.07 -13.20 73.55
N LEU B 48 32.53 -13.13 74.75
CA LEU B 48 32.63 -11.89 75.49
C LEU B 48 34.09 -11.59 75.83
N ILE B 49 34.77 -12.64 76.29
CA ILE B 49 36.18 -12.62 76.68
C ILE B 49 37.21 -12.41 75.57
N ARG B 50 36.94 -13.00 74.41
CA ARG B 50 37.83 -12.96 73.25
C ARG B 50 37.37 -11.96 72.20
N SER B 51 36.64 -10.94 72.61
CA SER B 51 36.09 -10.02 71.64
C SER B 51 37.06 -9.29 70.71
N HIS B 52 38.16 -8.73 71.18
CA HIS B 52 39.04 -8.05 70.23
C HIS B 52 39.67 -8.99 69.21
N GLU B 53 39.72 -10.26 69.56
CA GLU B 53 40.23 -11.32 68.70
C GLU B 53 39.38 -11.63 67.45
N LEU B 54 38.06 -11.52 67.60
CA LEU B 54 37.13 -11.93 66.57
C LEU B 54 36.58 -10.70 65.87
N SER B 55 36.36 -10.80 64.56
CA SER B 55 35.81 -9.62 63.92
C SER B 55 34.34 -9.52 64.27
N ASP B 56 33.63 -10.64 64.21
CA ASP B 56 32.21 -10.60 64.50
C ASP B 56 31.69 -12.00 64.82
N VAL B 57 30.52 -12.02 65.43
CA VAL B 57 29.74 -13.22 65.72
C VAL B 57 28.44 -13.13 64.94
N GLU B 58 28.09 -14.22 64.28
CA GLU B 58 26.99 -14.24 63.33
C GLU B 58 25.95 -15.27 63.71
N ILE B 59 24.70 -14.90 63.47
CA ILE B 59 23.54 -15.78 63.59
C ILE B 59 22.82 -15.86 62.26
N PRO B 60 22.48 -17.06 61.78
CA PRO B 60 21.82 -17.17 60.47
C PRO B 60 20.48 -16.48 60.36
N LEU B 61 19.74 -16.32 61.47
CA LEU B 61 18.43 -15.69 61.42
C LEU B 61 18.53 -14.22 61.76
N PRO B 62 18.25 -13.32 60.83
CA PRO B 62 18.30 -11.90 61.13
C PRO B 62 17.39 -11.50 62.29
N PRO B 63 16.22 -12.12 62.49
CA PRO B 63 15.52 -11.85 63.76
C PRO B 63 16.33 -12.28 64.97
N GLY B 64 16.90 -13.48 64.92
CA GLY B 64 17.72 -13.95 66.01
C GLY B 64 18.87 -13.00 66.29
N ALA B 65 19.50 -12.50 65.25
CA ALA B 65 20.57 -11.54 65.48
C ALA B 65 20.02 -10.20 65.94
N ALA B 66 18.83 -9.81 65.48
CA ALA B 66 18.28 -8.51 65.90
C ALA B 66 18.00 -8.47 67.39
N VAL B 67 17.56 -9.58 67.99
CA VAL B 67 17.41 -9.55 69.43
C VAL B 67 18.76 -9.81 70.08
N LEU B 68 19.61 -10.57 69.39
CA LEU B 68 20.90 -10.95 69.94
C LEU B 68 21.74 -9.73 70.22
N TRP B 69 21.83 -8.83 69.24
CA TRP B 69 22.67 -7.67 69.44
C TRP B 69 22.10 -6.73 70.50
N ARG B 70 20.81 -6.88 70.75
CA ARG B 70 20.10 -6.18 71.81
C ARG B 70 20.50 -6.71 73.18
N ILE B 71 20.59 -8.04 73.33
CA ILE B 71 20.97 -8.67 74.59
C ILE B 71 22.47 -8.51 74.84
N LEU B 72 23.29 -8.78 73.82
CA LEU B 72 24.73 -8.55 73.94
C LEU B 72 25.04 -7.10 74.25
N ALA B 73 24.20 -6.18 73.79
CA ALA B 73 24.41 -4.80 74.17
C ALA B 73 24.04 -4.55 75.62
N LEU B 74 23.32 -5.47 76.25
CA LEU B 74 22.96 -5.29 77.65
C LEU B 74 23.92 -6.03 78.57
N ILE B 75 24.84 -6.81 78.04
CA ILE B 75 25.77 -7.52 78.93
C ILE B 75 27.12 -6.83 78.93
N THR B 76 27.96 -7.09 77.92
CA THR B 76 29.24 -6.40 77.82
C THR B 76 29.04 -4.92 78.01
N ALA B 77 28.08 -4.42 77.24
CA ALA B 77 27.71 -3.01 77.21
C ALA B 77 27.30 -2.55 78.58
N ARG B 78 26.32 -3.21 79.20
CA ARG B 78 25.95 -2.74 80.52
C ARG B 78 27.14 -2.52 81.44
N ILE B 79 28.05 -3.49 81.51
CA ILE B 79 29.22 -3.34 82.38
C ILE B 79 30.01 -2.11 81.98
N THR B 80 30.16 -1.92 80.66
CA THR B 80 30.88 -0.76 80.12
C THR B 80 30.03 0.50 80.13
N GLY B 81 28.72 0.36 79.93
CA GLY B 81 27.85 1.53 79.97
C GLY B 81 27.61 2.10 81.35
N LEU B 82 27.69 1.28 82.38
CA LEU B 82 27.64 1.61 83.79
C LEU B 82 26.25 1.90 84.36
N ASP B 83 25.22 2.09 83.55
CA ASP B 83 23.89 2.27 84.12
C ASP B 83 23.87 3.45 85.10
N GLN B 84 24.60 4.52 84.81
CA GLN B 84 24.58 5.64 85.77
C GLN B 84 25.28 6.94 85.38
N PRO B 85 24.54 7.81 84.61
CA PRO B 85 25.22 9.07 84.29
C PRO B 85 24.56 10.18 85.13
N PRO B 86 24.92 10.28 86.40
CA PRO B 86 24.31 11.28 87.29
C PRO B 86 25.16 12.53 87.34
N ASN B 87 24.60 13.74 87.26
CA ASN B 87 25.36 14.98 87.35
C ASN B 87 26.46 14.96 86.30
N LYS B 88 27.44 15.87 86.40
CA LYS B 88 28.63 15.87 85.54
C LYS B 88 28.32 15.87 84.04
N ASN B 89 27.31 16.68 83.62
CA ASN B 89 27.00 16.53 82.20
C ASN B 89 26.79 15.11 81.73
N PRO B 90 25.77 14.42 82.23
CA PRO B 90 25.69 12.97 82.00
C PRO B 90 26.18 12.45 80.66
N LYS B 91 25.67 13.05 79.57
CA LYS B 91 26.06 12.60 78.23
C LYS B 91 27.56 12.77 78.01
N ARG B 92 28.11 13.84 78.56
CA ARG B 92 29.53 14.09 78.41
C ARG B 92 30.37 13.07 79.18
N LYS B 93 30.00 12.78 80.41
CA LYS B 93 30.81 11.82 81.15
C LYS B 93 30.65 10.38 80.67
N TRP B 94 29.47 9.98 80.21
CA TRP B 94 29.36 8.63 79.67
C TRP B 94 30.22 8.55 78.42
N GLN B 95 30.21 9.61 77.60
CA GLN B 95 31.09 9.60 76.45
C GLN B 95 32.55 9.65 76.88
N ALA B 96 32.84 10.12 78.10
CA ALA B 96 34.22 10.12 78.60
C ALA B 96 34.66 8.72 79.00
N ARG B 97 33.86 8.03 79.82
CA ARG B 97 34.13 6.62 80.13
C ARG B 97 34.16 5.79 78.86
N ARG B 98 33.25 6.10 77.96
CA ARG B 98 33.20 5.48 76.64
C ARG B 98 34.52 5.63 75.92
N SER B 99 35.07 6.84 75.90
CA SER B 99 36.36 7.01 75.25
C SER B 99 37.47 6.27 75.97
N GLN B 100 37.35 6.16 77.29
CA GLN B 100 38.31 5.46 78.14
C GLN B 100 38.39 3.95 77.89
N ILE B 101 37.25 3.29 77.75
CA ILE B 101 37.19 1.86 77.47
C ILE B 101 37.41 1.61 75.97
N LEU B 102 36.90 2.50 75.12
CA LEU B 102 37.21 2.40 73.71
C LEU B 102 38.70 2.55 73.49
N SER B 103 39.37 3.33 74.34
CA SER B 103 40.81 3.46 74.17
C SER B 103 41.56 2.22 74.64
N LYS B 104 41.05 1.55 75.67
CA LYS B 104 41.69 0.33 76.18
C LYS B 104 41.69 -0.71 75.07
N GLY B 105 40.59 -0.78 74.33
CA GLY B 105 40.47 -1.72 73.23
C GLY B 105 40.04 -3.11 73.66
N ARG B 106 39.80 -3.30 74.94
CA ARG B 106 39.35 -4.60 75.39
C ARG B 106 38.73 -4.59 76.78
N LEU B 107 37.89 -5.59 77.05
CA LEU B 107 37.27 -5.78 78.36
C LEU B 107 37.95 -6.84 79.23
N ASP B 108 38.30 -6.47 80.47
CA ASP B 108 38.97 -7.34 81.43
C ASP B 108 38.07 -8.53 81.75
N PRO B 109 38.53 -9.77 81.58
CA PRO B 109 37.64 -10.95 81.76
C PRO B 109 37.08 -11.07 83.15
N GLU B 110 37.79 -10.53 84.15
CA GLU B 110 37.36 -10.63 85.52
C GLU B 110 36.07 -9.88 85.78
N ALA B 111 35.83 -8.77 85.09
CA ALA B 111 34.56 -8.08 85.23
C ALA B 111 33.43 -8.82 84.53
N VAL B 112 33.75 -9.63 83.51
CA VAL B 112 32.75 -10.49 82.89
C VAL B 112 32.32 -11.61 83.83
N ASP B 113 33.30 -12.34 84.36
CA ASP B 113 32.98 -13.45 85.24
C ASP B 113 32.19 -12.94 86.43
N ALA B 114 32.51 -11.73 86.88
CA ALA B 114 31.77 -11.19 88.00
C ALA B 114 30.31 -11.04 87.62
N TYR B 115 30.03 -10.51 86.44
CA TYR B 115 28.65 -10.34 85.99
C TYR B 115 27.98 -11.71 85.86
N PHE B 116 28.70 -12.63 85.24
CA PHE B 116 28.24 -13.99 85.03
C PHE B 116 28.11 -14.62 86.40
N ALA B 117 29.02 -14.25 87.28
CA ALA B 117 29.07 -14.77 88.63
C ALA B 117 27.80 -14.46 89.40
N ASP B 118 27.24 -13.26 89.20
CA ASP B 118 26.04 -12.89 89.92
C ASP B 118 24.86 -13.82 89.58
N TYR B 119 24.71 -14.16 88.31
CA TYR B 119 23.64 -15.04 87.86
C TYR B 119 24.16 -16.25 87.10
N SER B 120 25.32 -16.76 87.50
CA SER B 120 25.93 -17.87 86.77
C SER B 120 25.04 -19.11 86.72
N GLU B 121 24.40 -19.43 87.84
CA GLU B 121 23.55 -20.60 87.88
C GLU B 121 22.15 -20.38 87.30
N ARG B 122 21.86 -19.15 86.87
CA ARG B 122 20.57 -18.83 86.28
C ARG B 122 20.46 -18.81 84.74
N PHE B 123 21.53 -19.08 84.00
CA PHE B 123 21.48 -19.03 82.53
C PHE B 123 21.01 -20.27 81.76
N ASP B 124 21.50 -21.46 82.12
CA ASP B 124 21.13 -22.71 81.45
C ASP B 124 19.63 -22.74 81.18
N LEU B 125 19.27 -22.42 79.94
CA LEU B 125 17.87 -22.35 79.58
C LEU B 125 16.99 -23.48 80.11
N PHE B 126 17.49 -24.70 80.09
CA PHE B 126 16.66 -25.83 80.55
C PHE B 126 16.47 -25.85 82.06
N HIS B 127 16.47 -24.71 82.73
CA HIS B 127 16.40 -24.72 84.19
C HIS B 127 15.04 -25.23 84.65
N PRO B 128 14.98 -25.97 85.76
CA PRO B 128 13.66 -26.42 86.24
C PRO B 128 12.82 -25.23 86.66
N GLU B 129 13.53 -24.22 87.15
CA GLU B 129 12.96 -22.96 87.55
C GLU B 129 13.90 -21.93 86.92
N ARG B 130 13.38 -20.75 86.60
CA ARG B 130 14.21 -19.72 86.01
C ARG B 130 14.89 -20.04 84.68
N PRO B 131 14.14 -20.73 83.72
CA PRO B 131 14.84 -20.96 82.45
C PRO B 131 15.06 -19.64 81.69
N TRP B 132 16.10 -19.63 80.86
CA TRP B 132 16.50 -18.47 80.06
C TRP B 132 15.42 -17.86 79.20
N LEU B 133 14.96 -16.67 79.58
CA LEU B 133 13.97 -15.97 78.78
C LEU B 133 12.71 -16.80 78.66
N GLN B 134 12.36 -17.51 79.71
CA GLN B 134 11.22 -18.40 79.67
C GLN B 134 10.44 -18.35 80.96
N ASP B 135 9.27 -18.98 80.94
CA ASP B 135 8.45 -19.12 82.12
C ASP B 135 8.35 -20.61 82.41
N PRO B 136 8.88 -21.07 83.54
CA PRO B 136 8.89 -22.51 83.83
C PRO B 136 7.54 -23.08 84.26
N ARG B 137 6.72 -22.26 84.90
CA ARG B 137 5.41 -22.67 85.35
C ARG B 137 4.52 -23.03 84.18
N LEU B 138 4.75 -22.37 83.06
CA LEU B 138 3.92 -22.51 81.88
C LEU B 138 3.59 -23.94 81.51
N ARG B 139 4.51 -24.86 81.74
CA ARG B 139 4.30 -26.25 81.35
C ARG B 139 3.09 -26.88 82.01
N GLU B 140 2.89 -26.64 83.30
CA GLU B 140 1.76 -27.22 84.01
C GLU B 140 0.36 -26.82 83.57
N GLU B 141 0.14 -25.54 83.30
CA GLU B 141 -1.21 -25.09 82.92
C GLU B 141 -1.64 -25.09 81.45
N CYS B 142 -0.77 -25.41 80.51
CA CYS B 142 -1.20 -25.40 79.11
C CYS B 142 -1.43 -26.83 78.63
N PRO B 143 -2.65 -27.20 78.26
CA PRO B 143 -2.81 -28.59 77.81
C PRO B 143 -2.12 -29.02 76.52
N LYS B 144 -2.17 -28.20 75.47
CA LYS B 144 -1.59 -28.54 74.20
C LYS B 144 -0.24 -27.85 74.06
N THR B 145 0.79 -28.61 73.74
CA THR B 145 2.07 -27.99 73.43
C THR B 145 1.97 -27.38 72.05
N SER B 146 2.50 -26.16 71.91
CA SER B 146 2.53 -25.55 70.59
C SER B 146 3.34 -26.41 69.63
N GLY B 147 4.40 -27.04 70.13
CA GLY B 147 5.26 -27.81 69.27
C GLY B 147 6.43 -26.99 68.77
N VAL B 148 7.50 -27.68 68.40
CA VAL B 148 8.65 -26.99 67.84
C VAL B 148 8.28 -26.31 66.53
N ASN B 149 7.42 -26.95 65.74
CA ASN B 149 7.08 -26.39 64.44
C ASN B 149 6.35 -25.06 64.59
N LYS B 150 5.58 -24.88 65.65
CA LYS B 150 4.95 -23.59 65.86
C LYS B 150 5.93 -22.55 66.38
N LEU B 151 7.00 -22.97 67.02
CA LEU B 151 7.99 -22.03 67.51
C LEU B 151 8.97 -21.60 66.42
N ALA B 152 9.58 -22.57 65.75
CA ALA B 152 10.66 -22.30 64.81
C ALA B 152 10.19 -21.62 63.54
N TRP B 153 10.98 -20.67 63.07
CA TRP B 153 10.70 -19.98 61.82
C TRP B 153 11.18 -20.79 60.62
N GLY B 154 10.55 -20.53 59.48
CA GLY B 154 10.70 -21.36 58.31
C GLY B 154 10.11 -22.74 58.48
N ARG B 155 9.46 -22.96 59.61
CA ARG B 155 8.83 -24.23 59.92
C ARG B 155 7.31 -24.09 59.91
N THR B 156 6.65 -25.04 59.26
CA THR B 156 5.20 -25.05 59.14
C THR B 156 4.44 -25.34 60.43
N ALA B 157 3.43 -24.51 60.68
CA ALA B 157 2.58 -24.59 61.87
C ALA B 157 1.42 -25.55 61.65
N GLY B 158 0.48 -25.57 62.58
CA GLY B 158 -0.65 -26.47 62.45
C GLY B 158 -1.53 -26.21 61.24
N GLU B 159 -1.85 -24.94 60.97
CA GLU B 159 -2.70 -24.63 59.83
C GLU B 159 -1.91 -24.35 58.54
N ASN B 160 -0.61 -24.13 58.68
CA ASN B 160 0.23 -23.87 57.53
C ASN B 160 0.32 -25.07 56.62
N GLN B 161 0.38 -24.81 55.32
CA GLN B 161 0.49 -25.87 54.31
C GLN B 161 1.90 -26.45 54.30
N VAL B 162 2.05 -27.61 53.66
CA VAL B 162 3.31 -28.35 53.66
C VAL B 162 4.29 -28.06 52.52
N TRP B 163 4.03 -27.02 51.75
CA TRP B 163 4.90 -26.71 50.61
C TRP B 163 6.38 -26.36 50.76
N LEU B 164 6.77 -25.56 51.75
CA LEU B 164 8.17 -25.14 51.82
C LEU B 164 9.05 -25.48 53.02
N GLY B 165 10.36 -25.35 52.79
CA GLY B 165 11.40 -25.59 53.77
C GLY B 165 11.45 -27.01 54.33
N GLY B 166 11.22 -27.97 53.46
CA GLY B 166 11.20 -29.34 53.87
C GLY B 166 9.75 -29.43 54.24
N HIS B 167 9.19 -30.62 54.26
CA HIS B 167 7.79 -30.72 54.60
C HIS B 167 7.62 -31.34 55.97
N HIS B 168 7.04 -30.58 56.88
CA HIS B 168 6.81 -31.04 58.23
C HIS B 168 5.32 -31.26 58.33
N HIS B 169 4.91 -32.49 58.57
CA HIS B 169 3.49 -32.82 58.65
C HIS B 169 2.97 -32.70 60.06
N ASP B 170 3.84 -32.29 60.98
CA ASP B 170 3.45 -32.18 62.37
C ASP B 170 3.26 -33.53 63.02
N LEU B 171 3.75 -34.60 62.39
CA LEU B 171 3.76 -35.94 62.94
C LEU B 171 5.21 -36.42 62.94
N ASP B 172 5.72 -36.74 64.12
CA ASP B 172 7.13 -37.02 64.35
C ASP B 172 7.98 -35.85 63.86
N PRO B 173 7.89 -34.66 64.45
CA PRO B 173 8.73 -33.57 63.95
C PRO B 173 10.17 -33.73 64.42
N HIS B 174 11.10 -33.46 63.51
CA HIS B 174 12.51 -33.59 63.82
C HIS B 174 12.95 -32.48 64.77
N PRO B 175 13.52 -32.80 65.92
CA PRO B 175 13.85 -31.78 66.93
C PRO B 175 14.97 -30.84 66.53
N LEU B 176 14.82 -29.60 66.96
CA LEU B 176 15.79 -28.56 66.73
C LEU B 176 17.02 -28.85 67.57
N ASP B 177 18.18 -28.48 67.07
CA ASP B 177 19.40 -28.67 67.83
C ASP B 177 19.22 -27.69 68.96
N SER B 178 19.84 -27.93 70.10
CA SER B 178 19.67 -27.02 71.22
C SER B 178 20.18 -25.65 70.84
N ALA B 179 21.31 -25.61 70.14
CA ALA B 179 21.86 -24.33 69.73
C ALA B 179 20.84 -23.68 68.80
N GLU B 180 20.27 -24.48 67.91
CA GLU B 180 19.28 -24.02 66.97
C GLU B 180 18.06 -23.54 67.71
N ALA B 181 17.70 -24.26 68.77
CA ALA B 181 16.52 -23.91 69.55
C ALA B 181 16.71 -22.54 70.14
N VAL B 182 17.92 -22.25 70.57
CA VAL B 182 18.18 -20.95 71.17
C VAL B 182 17.92 -19.82 70.20
N TRP B 183 18.32 -19.99 68.94
CA TRP B 183 18.12 -18.93 67.97
C TRP B 183 16.65 -18.63 67.77
N HIS B 184 15.85 -19.68 67.64
CA HIS B 184 14.43 -19.53 67.42
C HIS B 184 13.69 -18.90 68.60
N LEU B 185 14.07 -19.30 69.80
CA LEU B 185 13.42 -18.80 70.99
C LEU B 185 13.62 -17.31 71.07
N LEU B 186 14.81 -16.88 70.71
CA LEU B 186 15.14 -15.47 70.76
C LEU B 186 14.39 -14.68 69.69
N ALA B 187 14.21 -15.28 68.50
CA ALA B 187 13.49 -14.62 67.44
C ALA B 187 12.03 -14.45 67.81
N THR B 188 11.40 -15.53 68.28
CA THR B 188 10.01 -15.46 68.66
C THR B 188 9.81 -14.48 69.80
N LEU B 189 10.82 -14.32 70.65
CA LEU B 189 10.69 -13.30 71.68
C LEU B 189 10.77 -11.92 71.07
N GLY B 190 11.51 -11.75 69.98
CA GLY B 190 11.45 -10.50 69.26
C GLY B 190 10.19 -10.52 68.42
N TYR B 191 10.32 -10.94 67.18
CA TYR B 191 9.19 -11.06 66.29
C TYR B 191 8.37 -12.25 66.76
N GLY B 192 7.05 -12.14 66.69
CA GLY B 192 6.17 -13.20 67.12
C GLY B 192 4.78 -12.93 66.58
N PRO B 193 4.11 -13.98 66.14
CA PRO B 193 2.77 -13.83 65.58
C PRO B 193 1.79 -13.32 66.63
N SER B 194 0.68 -12.76 66.16
CA SER B 194 -0.32 -12.16 67.03
C SER B 194 -1.67 -12.80 66.77
N GLY B 195 -2.39 -13.09 67.85
CA GLY B 195 -3.70 -13.70 67.77
C GLY B 195 -3.68 -15.22 67.79
N MET B 196 -4.48 -15.80 68.67
CA MET B 196 -4.77 -17.23 68.68
C MET B 196 -3.57 -18.13 68.84
N CYS B 197 -2.70 -17.84 69.80
CA CYS B 197 -1.79 -18.91 70.19
C CYS B 197 -2.50 -19.87 71.13
N THR B 198 -1.80 -20.90 71.61
CA THR B 198 -2.47 -21.87 72.49
C THR B 198 -2.68 -21.27 73.88
N ALA B 199 -3.93 -21.27 74.35
CA ALA B 199 -4.30 -20.69 75.64
C ALA B 199 -3.76 -21.47 76.83
N ARG B 200 -3.25 -20.76 77.84
CA ARG B 200 -2.96 -21.40 79.12
C ARG B 200 -3.76 -20.68 80.20
N VAL B 201 -4.47 -21.44 81.02
CA VAL B 201 -5.23 -20.88 82.14
C VAL B 201 -4.33 -20.44 83.28
N VAL B 202 -4.69 -19.31 83.88
CA VAL B 202 -4.01 -18.77 85.06
C VAL B 202 -5.09 -18.42 86.07
N ARG B 203 -5.40 -19.34 86.98
CA ARG B 203 -6.47 -19.08 87.95
C ARG B 203 -7.80 -18.74 87.26
N GLY B 204 -8.18 -19.53 86.26
CA GLY B 204 -9.45 -19.28 85.61
C GLY B 204 -9.43 -18.46 84.33
N ARG B 205 -8.28 -17.90 83.94
CA ARG B 205 -8.22 -17.05 82.77
C ARG B 205 -7.63 -17.75 81.55
N SER B 206 -8.44 -17.92 80.49
CA SER B 206 -8.01 -18.55 79.24
C SER B 206 -8.32 -17.66 78.04
N GLU B 207 -7.28 -17.18 77.35
CA GLU B 207 -7.44 -16.34 76.15
C GLU B 207 -6.42 -16.62 75.05
N ARG B 208 -6.74 -17.54 74.15
CA ARG B 208 -5.75 -17.91 73.13
C ARG B 208 -5.16 -16.70 72.41
N ASN B 209 -5.78 -15.52 72.54
CA ASN B 209 -5.30 -14.36 71.81
C ASN B 209 -3.93 -13.95 72.34
N VAL B 210 -3.12 -13.37 71.46
CA VAL B 210 -1.76 -12.94 71.78
C VAL B 210 -1.43 -11.69 70.96
N THR B 211 -0.75 -10.74 71.57
CA THR B 211 -0.35 -9.56 70.82
C THR B 211 1.00 -9.80 70.14
N ALA B 212 1.32 -8.97 69.17
CA ALA B 212 2.55 -9.11 68.37
C ALA B 212 3.80 -8.68 69.14
N GLY B 213 4.94 -9.10 68.61
CA GLY B 213 6.24 -8.73 69.13
C GLY B 213 6.52 -7.25 69.05
N PRO B 214 7.50 -6.78 69.84
CA PRO B 214 7.72 -5.33 69.92
C PRO B 214 8.35 -4.72 68.69
N LEU B 215 9.21 -5.43 67.99
CA LEU B 215 9.88 -4.91 66.82
C LEU B 215 9.33 -5.47 65.52
N ARG B 216 8.17 -6.11 65.58
CA ARG B 216 7.66 -6.92 64.48
C ARG B 216 7.51 -6.09 63.21
N GLY B 217 8.15 -6.59 62.14
CA GLY B 217 8.09 -5.99 60.82
C GLY B 217 8.95 -4.76 60.66
N THR B 218 10.08 -4.72 61.36
CA THR B 218 10.99 -3.58 61.35
C THR B 218 12.41 -4.01 61.05
N VAL B 219 13.22 -3.03 60.68
CA VAL B 219 14.64 -3.16 60.38
C VAL B 219 15.43 -2.57 61.53
N SER B 220 16.21 -3.41 62.22
CA SER B 220 17.10 -2.92 63.27
C SER B 220 18.47 -2.59 62.70
N TYR B 221 19.01 -1.43 63.11
CA TYR B 221 20.28 -0.91 62.59
C TYR B 221 21.36 -0.98 63.66
N HIS B 222 22.31 -1.89 63.50
CA HIS B 222 23.43 -2.07 64.40
C HIS B 222 24.76 -1.67 63.77
N PRO B 223 25.44 -0.64 64.29
CA PRO B 223 26.73 -0.28 63.71
C PRO B 223 27.76 -1.34 64.03
N LEU B 224 28.67 -1.55 63.08
CA LEU B 224 29.76 -2.50 63.16
C LEU B 224 31.10 -1.80 63.12
N GLY B 225 32.14 -2.55 63.43
CA GLY B 225 33.49 -2.06 63.30
C GLY B 225 34.42 -3.10 62.73
N ARG B 226 35.71 -2.92 63.05
CA ARG B 226 36.75 -3.85 62.68
C ARG B 226 36.82 -5.03 63.63
N THR B 227 36.49 -4.85 64.91
CA THR B 227 36.54 -6.00 65.79
C THR B 227 35.25 -6.04 66.58
N LEU B 228 35.03 -7.14 67.30
CA LEU B 228 33.80 -7.31 68.07
C LEU B 228 33.63 -6.25 69.12
N PHE B 229 34.68 -6.06 69.91
CA PHE B 229 34.62 -5.22 71.08
C PHE B 229 34.11 -3.84 70.69
N GLU B 230 34.61 -3.33 69.56
CA GLU B 230 34.22 -2.02 69.08
C GLU B 230 32.72 -1.96 68.91
N SER B 231 32.15 -2.96 68.26
CA SER B 231 30.73 -2.89 67.96
C SER B 231 29.95 -2.93 69.25
N LEU B 232 30.31 -3.85 70.14
CA LEU B 232 29.58 -3.97 71.39
C LEU B 232 29.55 -2.66 72.18
N ILE B 233 30.69 -1.96 72.18
CA ILE B 233 30.82 -0.68 72.85
C ILE B 233 29.92 0.35 72.14
N LEU B 234 30.08 0.46 70.83
CA LEU B 234 29.28 1.39 70.04
C LEU B 234 27.82 0.98 69.88
N ASN B 235 27.44 -0.20 70.36
CA ASN B 235 26.04 -0.60 70.21
C ASN B 235 25.09 -0.17 71.33
N ILE B 236 25.53 0.43 72.43
CA ILE B 236 24.55 0.75 73.48
C ILE B 236 23.88 2.13 73.41
N PRO B 237 22.55 2.18 73.29
CA PRO B 237 21.95 3.50 73.28
C PRO B 237 22.41 4.19 74.54
N TYR B 238 22.54 5.49 74.47
CA TYR B 238 22.95 6.16 75.68
C TYR B 238 21.77 6.11 76.62
N PRO B 239 21.89 5.50 77.79
CA PRO B 239 20.76 5.54 78.72
C PRO B 239 20.66 6.91 79.36
N GLY B 240 19.51 7.53 79.19
CA GLY B 240 19.23 8.73 79.92
C GLY B 240 19.15 8.44 81.41
N THR B 241 19.35 9.48 82.20
CA THR B 241 19.26 9.32 83.64
C THR B 241 17.82 8.98 84.02
N GLY B 242 17.65 7.94 84.82
CA GLY B 242 16.32 7.49 85.18
C GLY B 242 16.41 6.30 86.12
N ALA B 243 15.28 5.61 86.28
CA ALA B 243 15.26 4.52 87.23
C ALA B 243 16.18 3.39 86.82
N ALA B 244 16.86 2.81 87.79
CA ALA B 244 17.71 1.66 87.54
C ALA B 244 16.86 0.52 87.00
N ASP B 245 17.39 -0.17 86.01
CA ASP B 245 16.62 -1.15 85.27
C ASP B 245 17.35 -2.47 85.26
N LEU B 246 16.65 -3.51 84.85
CA LEU B 246 17.26 -4.81 84.76
C LEU B 246 16.52 -5.54 83.66
N ALA B 247 17.07 -6.66 83.24
CA ALA B 247 16.53 -7.41 82.12
C ALA B 247 15.49 -8.42 82.60
N PHE B 248 14.91 -9.15 81.64
CA PHE B 248 14.00 -10.23 81.96
C PHE B 248 14.71 -11.32 82.76
N TRP B 249 15.97 -11.56 82.43
CA TRP B 249 16.71 -12.56 83.18
C TRP B 249 17.36 -11.97 84.44
N GLU B 250 17.30 -10.64 84.57
CA GLU B 250 17.84 -9.97 85.75
C GLU B 250 16.70 -9.70 86.74
N GLN B 251 15.49 -10.11 86.39
CA GLN B 251 14.34 -9.91 87.25
C GLN B 251 14.50 -10.81 88.47
N PRO B 252 14.26 -10.21 89.70
CA PRO B 252 14.42 -11.12 90.85
C PRO B 252 13.40 -12.27 90.89
N GLU B 253 12.16 -11.96 90.56
CA GLU B 253 11.09 -12.95 90.57
C GLU B 253 10.17 -12.80 89.36
N LEU B 254 9.39 -13.83 89.06
CA LEU B 254 8.47 -13.83 87.92
C LEU B 254 7.38 -12.76 87.99
N ASN B 255 7.07 -12.18 86.85
CA ASN B 255 6.07 -11.10 86.72
C ASN B 255 4.60 -11.37 87.03
N ASP B 256 4.12 -12.51 86.56
CA ASP B 256 2.72 -12.95 86.69
C ASP B 256 2.05 -12.39 85.44
N PRO B 257 1.03 -13.16 84.88
CA PRO B 257 0.43 -12.59 83.66
C PRO B 257 -0.36 -11.32 83.87
N LEU B 258 -1.17 -11.30 84.92
CA LEU B 258 -2.02 -10.14 85.21
C LEU B 258 -1.26 -8.95 85.73
N GLY B 259 -1.84 -7.76 85.57
CA GLY B 259 -1.21 -6.54 86.02
C GLY B 259 -0.53 -5.79 84.90
N LEU B 260 0.06 -4.70 85.28
CA LEU B 260 0.70 -3.77 84.35
C LEU B 260 2.13 -4.18 84.03
N PRO B 261 2.52 -4.18 82.75
CA PRO B 261 3.95 -4.26 82.41
C PRO B 261 4.63 -2.98 82.85
N GLU B 262 5.33 -2.99 83.97
CA GLU B 262 5.88 -1.77 84.53
C GLU B 262 6.90 -1.10 83.61
N GLU B 263 6.91 0.23 83.66
CA GLU B 263 7.78 1.02 82.82
C GLU B 263 9.22 0.86 83.30
N SER B 264 10.18 1.30 82.50
CA SER B 264 11.59 1.13 82.89
C SER B 264 12.42 2.18 82.18
N ALA B 265 12.80 3.24 82.91
CA ALA B 265 13.60 4.28 82.27
C ALA B 265 14.98 3.78 81.89
N GLY B 266 15.48 2.75 82.55
CA GLY B 266 16.77 2.20 82.22
C GLY B 266 16.80 1.66 80.80
N LEU B 267 18.03 1.41 80.35
CA LEU B 267 18.25 0.94 78.98
C LEU B 267 17.64 -0.42 78.73
N ALA B 268 17.46 -1.24 79.76
CA ALA B 268 16.78 -2.52 79.55
C ALA B 268 15.34 -2.30 79.18
N GLY B 269 14.80 -1.14 79.51
CA GLY B 269 13.49 -0.75 79.08
C GLY B 269 13.63 -0.04 77.75
N ILE B 270 14.85 0.38 77.37
CA ILE B 270 15.05 0.93 76.04
C ILE B 270 15.71 -0.08 75.10
N LEU B 271 16.10 -1.25 75.59
CA LEU B 271 16.40 -2.34 74.70
C LEU B 271 15.21 -3.26 74.50
N ARG B 272 14.05 -2.85 74.97
CA ARG B 272 12.86 -3.66 74.79
C ARG B 272 13.10 -5.06 75.30
N LEU B 273 13.73 -5.11 76.47
CA LEU B 273 14.09 -6.35 77.15
C LEU B 273 13.54 -6.43 78.55
N ASP B 274 12.71 -5.46 78.94
CA ASP B 274 12.12 -5.60 80.32
C ASP B 274 11.10 -6.68 80.41
N HIS B 275 10.39 -6.96 79.34
CA HIS B 275 9.36 -8.00 79.38
C HIS B 275 8.95 -8.29 77.95
N PHE B 276 8.61 -9.53 77.70
CA PHE B 276 8.18 -9.83 76.35
C PHE B 276 6.68 -10.05 76.32
N ARG B 277 6.11 -9.67 75.19
CA ARG B 277 4.71 -9.95 74.91
C ARG B 277 4.49 -11.42 74.66
N HIS B 278 5.53 -12.13 74.26
CA HIS B 278 5.45 -13.56 74.00
C HIS B 278 6.16 -14.34 75.09
N ALA B 279 5.63 -15.49 75.45
CA ALA B 279 6.21 -16.29 76.51
C ALA B 279 6.45 -17.71 76.03
N VAL B 280 7.68 -18.12 76.03
CA VAL B 280 8.03 -19.40 75.44
C VAL B 280 8.56 -20.34 76.51
N LEU B 281 8.26 -21.62 76.37
CA LEU B 281 8.89 -22.62 77.22
C LEU B 281 9.24 -23.79 76.33
N LEU B 282 10.48 -24.22 76.39
CA LEU B 282 10.99 -25.26 75.50
C LEU B 282 11.24 -26.53 76.28
N HIS B 283 10.54 -27.58 75.94
CA HIS B 283 10.74 -28.87 76.56
C HIS B 283 12.01 -29.54 76.04
N PRO B 284 12.92 -29.93 76.91
CA PRO B 284 14.21 -30.45 76.47
C PRO B 284 14.17 -31.92 76.12
N SER B 285 15.14 -32.33 75.32
CA SER B 285 15.39 -33.74 75.13
C SER B 285 16.22 -34.26 76.30
N PRO B 286 16.16 -35.58 76.59
CA PRO B 286 16.83 -36.10 77.79
C PRO B 286 18.32 -35.81 77.85
N ASP B 287 19.01 -35.87 76.72
CA ASP B 287 20.42 -35.52 76.67
C ASP B 287 20.65 -34.02 76.73
N GLY B 288 19.66 -33.22 76.38
CA GLY B 288 19.87 -31.81 76.18
C GLY B 288 20.37 -31.44 74.81
N SER B 289 20.40 -32.38 73.86
CA SER B 289 20.88 -32.08 72.52
C SER B 289 19.85 -31.35 71.68
N HIS B 290 18.58 -31.49 71.99
CA HIS B 290 17.54 -30.94 71.14
C HIS B 290 16.36 -30.53 71.99
N VAL B 291 15.49 -29.72 71.40
CA VAL B 291 14.17 -29.44 71.95
C VAL B 291 13.17 -30.33 71.23
N VAL B 292 12.21 -30.87 71.99
CA VAL B 292 11.21 -31.79 71.45
C VAL B 292 9.84 -31.12 71.35
N ASP B 293 9.40 -30.47 72.41
CA ASP B 293 8.13 -29.75 72.40
C ASP B 293 8.35 -28.31 72.79
N ALA B 294 7.42 -27.45 72.41
CA ALA B 294 7.54 -26.03 72.73
C ALA B 294 6.17 -25.47 73.04
N TRP B 295 6.16 -24.48 73.94
CA TRP B 295 4.94 -23.79 74.34
C TRP B 295 5.10 -22.31 74.06
N VAL B 296 4.38 -21.77 73.09
CA VAL B 296 4.41 -20.34 72.82
C VAL B 296 3.08 -19.76 73.28
N THR B 297 3.11 -18.83 74.24
CA THR B 297 1.86 -18.29 74.76
C THR B 297 2.12 -16.93 75.39
N TRP B 298 1.05 -16.16 75.52
CA TRP B 298 1.12 -14.83 76.11
C TRP B 298 1.57 -14.83 77.56
N ALA B 299 2.29 -13.77 77.93
CA ALA B 299 2.64 -13.43 79.29
C ALA B 299 1.91 -12.23 79.85
N TRP B 300 1.23 -11.45 79.02
CA TRP B 300 0.52 -10.27 79.48
C TRP B 300 -0.75 -10.07 78.69
N ARG B 301 -1.80 -9.74 79.40
CA ARG B 301 -3.08 -9.39 78.83
C ARG B 301 -3.19 -7.90 78.54
N GLU B 302 -2.59 -7.07 79.38
CA GLU B 302 -2.68 -5.62 79.22
C GLU B 302 -1.41 -5.08 78.62
N ARG B 303 -1.52 -4.45 77.48
CA ARG B 303 -0.38 -3.84 76.83
C ARG B 303 -0.05 -2.49 77.46
N ASN B 304 1.22 -2.17 77.48
CA ASN B 304 1.77 -0.94 78.07
C ASN B 304 2.62 -0.26 77.01
N ILE B 305 2.62 1.07 77.03
CA ILE B 305 3.41 1.85 76.09
C ILE B 305 4.87 1.74 76.51
N SER B 306 5.70 1.43 75.57
CA SER B 306 7.06 1.30 76.04
C SER B 306 7.66 2.69 76.01
N PRO B 307 8.26 3.14 77.09
CA PRO B 307 8.73 4.53 77.09
C PRO B 307 9.94 4.74 76.18
N GLU B 308 9.95 5.90 75.52
CA GLU B 308 11.04 6.34 74.64
C GLU B 308 11.19 5.46 73.42
N LEU B 309 11.41 6.08 72.28
CA LEU B 309 11.62 5.36 71.04
C LEU B 309 12.91 4.53 71.05
N ASP B 310 12.83 3.37 70.43
CA ASP B 310 13.94 2.45 70.24
C ASP B 310 15.03 3.09 69.40
N PRO B 311 16.27 3.17 69.88
CA PRO B 311 17.34 3.73 69.06
C PRO B 311 17.51 3.08 67.70
N TYR B 312 17.48 1.76 67.64
CA TYR B 312 17.87 1.07 66.42
C TYR B 312 16.93 1.37 65.25
N LEU B 313 15.63 1.34 65.49
CA LEU B 313 14.73 1.41 64.35
C LEU B 313 14.62 2.83 63.81
N ILE B 314 14.24 2.93 62.53
CA ILE B 314 13.95 4.21 61.90
C ILE B 314 12.46 4.45 62.06
N TYR B 315 12.11 5.60 62.63
CA TYR B 315 10.74 5.98 62.93
C TYR B 315 10.12 6.86 61.86
N GLN B 316 8.81 7.06 62.02
CA GLN B 316 8.05 7.86 61.08
C GLN B 316 6.78 8.35 61.75
N THR B 317 6.45 9.60 61.46
CA THR B 317 5.24 10.20 61.98
C THR B 317 4.25 10.26 60.84
N SER B 318 2.99 9.98 61.11
CA SER B 318 1.97 10.00 60.06
C SER B 318 0.81 10.88 60.47
N LYS B 319 0.11 11.46 59.50
CA LYS B 319 -1.00 12.32 59.84
C LYS B 319 -1.73 11.66 61.01
N GLU B 320 -2.31 12.49 61.88
CA GLU B 320 -2.79 12.25 63.24
C GLU B 320 -1.65 12.38 64.26
N GLY B 321 -0.39 12.41 63.83
CA GLY B 321 0.78 12.64 64.66
C GLY B 321 1.32 11.40 65.34
N ARG B 322 0.73 10.25 65.08
CA ARG B 322 1.15 8.98 65.67
C ARG B 322 2.52 8.59 65.11
N VAL B 323 3.37 8.07 65.99
CA VAL B 323 4.76 7.72 65.66
C VAL B 323 4.91 6.22 65.66
N TYR B 324 5.33 5.67 64.53
CA TYR B 324 5.50 4.24 64.30
C TYR B 324 6.78 3.94 63.54
N PRO B 325 7.41 2.80 63.82
CA PRO B 325 8.62 2.42 63.08
C PRO B 325 8.35 2.08 61.63
N ARG B 326 9.23 2.55 60.76
CA ARG B 326 9.07 2.32 59.34
C ARG B 326 9.19 0.85 59.00
N PRO B 327 8.19 0.25 58.38
CA PRO B 327 8.20 -1.20 58.15
C PRO B 327 9.27 -1.60 57.17
N ALA B 328 9.79 -2.79 57.35
CA ALA B 328 10.73 -3.33 56.38
C ALA B 328 10.01 -3.53 55.07
N GLU B 329 10.75 -3.43 53.97
CA GLU B 329 10.19 -3.65 52.65
C GLU B 329 11.12 -4.59 51.92
N ALA B 330 10.62 -5.75 51.52
CA ALA B 330 11.45 -6.66 50.76
C ALA B 330 11.85 -6.14 49.40
N GLU B 331 11.17 -5.12 48.86
CA GLU B 331 11.63 -4.53 47.62
C GLU B 331 12.97 -3.82 47.75
N ARG B 332 13.27 -3.25 48.92
CA ARG B 332 14.57 -2.61 49.08
C ARG B 332 15.66 -3.64 49.26
N ALA B 333 15.29 -4.86 49.62
CA ALA B 333 16.22 -5.96 49.71
C ALA B 333 16.54 -6.57 48.36
N ILE B 334 15.84 -6.16 47.32
CA ILE B 334 16.15 -6.66 45.99
C ILE B 334 17.55 -6.16 45.62
N TRP B 335 17.84 -4.91 45.98
CA TRP B 335 19.16 -4.35 45.72
C TRP B 335 19.83 -4.70 47.00
N ARG B 336 20.74 -5.67 46.95
CA ARG B 336 21.46 -6.13 48.13
C ARG B 336 22.18 -5.03 48.91
N ASP B 337 21.99 -5.04 50.22
CA ASP B 337 22.61 -4.09 51.11
C ASP B 337 22.34 -2.59 50.90
N LEU B 338 21.12 -2.22 50.53
CA LEU B 338 20.87 -0.79 50.42
C LEU B 338 20.71 -0.04 51.73
N ASP B 339 20.15 -0.67 52.76
CA ASP B 339 19.96 0.06 54.02
C ASP B 339 21.25 0.38 54.74
N ALA B 340 22.29 -0.43 54.58
CA ALA B 340 23.48 -0.13 55.33
C ALA B 340 24.17 1.11 54.80
N LEU B 341 23.70 1.62 53.69
CA LEU B 341 24.24 2.84 53.12
C LEU B 341 23.64 4.04 53.88
N LEU B 342 22.94 3.74 54.97
CA LEU B 342 22.29 4.71 55.84
C LEU B 342 23.31 5.68 56.40
N HIS B 343 24.52 5.20 56.63
CA HIS B 343 25.58 6.02 57.19
C HIS B 343 25.94 7.21 56.31
N TYR B 344 25.88 7.06 54.99
CA TYR B 344 26.26 8.15 54.12
C TYR B 344 25.26 9.29 54.04
N GLY B 345 24.19 9.26 54.84
CA GLY B 345 23.25 10.35 54.81
C GLY B 345 23.77 11.61 55.44
N ASN B 349 17.62 13.25 56.58
CA ASN B 349 16.54 13.71 57.43
C ASN B 349 16.51 12.94 58.75
N TYR B 350 15.49 12.10 58.89
CA TYR B 350 15.33 11.28 60.08
C TYR B 350 16.37 10.15 60.13
N ARG B 351 17.01 9.95 61.28
CA ARG B 351 18.09 8.99 61.42
C ARG B 351 17.97 8.32 62.78
N PRO B 352 18.27 7.02 62.90
CA PRO B 352 18.18 6.37 64.20
C PRO B 352 19.10 7.06 65.19
N THR B 353 18.62 7.12 66.43
CA THR B 353 19.35 7.81 67.49
C THR B 353 20.63 7.11 67.93
N ILE B 354 20.65 5.78 68.03
CA ILE B 354 21.93 5.16 68.38
C ILE B 354 23.01 5.50 67.40
N LEU B 355 22.73 5.39 66.11
CA LEU B 355 23.71 5.78 65.12
C LEU B 355 24.02 7.26 65.25
N ASP B 356 23.04 8.05 65.65
CA ASP B 356 23.25 9.48 65.59
C ASP B 356 23.98 9.97 66.82
N ASN B 357 24.19 9.10 67.79
CA ASN B 357 24.95 9.44 68.97
C ASN B 357 26.39 8.95 68.83
N CYS B 358 26.57 7.75 68.31
CA CYS B 358 27.86 7.07 68.29
C CYS B 358 28.63 7.25 67.00
N THR B 359 27.95 7.40 65.89
CA THR B 359 28.63 7.53 64.61
C THR B 359 29.16 8.93 64.39
N PRO B 360 28.54 10.01 64.90
CA PRO B 360 28.99 11.32 64.44
C PRO B 360 30.26 11.80 65.13
N LEU B 361 30.57 13.07 64.96
CA LEU B 361 31.77 13.68 65.50
C LEU B 361 31.62 14.36 66.86
N ALA B 362 30.42 14.60 67.35
CA ALA B 362 30.29 15.13 68.71
C ALA B 362 30.73 14.13 69.76
N GLN B 363 30.46 12.84 69.52
CA GLN B 363 30.83 11.76 70.41
C GLN B 363 32.23 11.95 71.06
N VAL B 364 33.16 11.03 70.82
CA VAL B 364 34.49 11.15 71.42
C VAL B 364 35.66 10.37 70.78
N PRO B 365 35.36 9.14 70.20
CA PRO B 365 36.54 8.45 69.62
C PRO B 365 37.32 9.34 68.64
N GLN B 366 38.52 8.95 68.22
CA GLN B 366 39.22 9.84 67.30
C GLN B 366 39.12 9.36 65.84
N GLU B 367 39.65 8.19 65.54
CA GLU B 367 39.71 7.64 64.19
C GLU B 367 38.70 6.54 63.96
N VAL B 368 38.26 5.90 65.03
CA VAL B 368 37.33 4.77 65.01
C VAL B 368 36.24 4.99 63.98
N LEU B 369 35.70 6.20 63.93
CA LEU B 369 34.56 6.45 63.07
C LEU B 369 34.91 6.23 61.61
N ASP B 370 36.20 6.29 61.26
CA ASP B 370 36.57 6.14 59.87
C ASP B 370 36.32 4.73 59.38
N SER B 371 36.50 3.73 60.23
CA SER B 371 36.37 2.38 59.75
C SER B 371 35.14 1.65 60.28
N LEU B 372 34.24 2.33 60.98
CA LEU B 372 33.00 1.68 61.36
C LEU B 372 32.15 1.49 60.11
N ARG B 373 31.35 0.43 60.11
CA ARG B 373 30.47 0.13 59.00
C ARG B 373 29.20 -0.48 59.55
N LEU B 374 28.09 -0.07 58.98
CA LEU B 374 26.75 -0.35 59.48
C LEU B 374 26.19 -1.67 58.96
N ARG B 375 25.40 -2.34 59.80
CA ARG B 375 24.69 -3.54 59.39
C ARG B 375 23.26 -3.48 59.89
N ALA B 376 22.33 -3.99 59.08
CA ALA B 376 20.91 -3.96 59.40
C ALA B 376 20.27 -5.33 59.23
N PHE B 377 19.37 -5.66 60.15
CA PHE B 377 18.57 -6.89 60.10
C PHE B 377 17.12 -6.50 59.91
N GLY B 378 16.54 -6.85 58.77
CA GLY B 378 15.16 -6.49 58.54
C GLY B 378 14.29 -7.70 58.29
N PHE B 379 13.14 -7.75 58.96
CA PHE B 379 12.17 -8.81 58.73
C PHE B 379 10.83 -8.27 58.26
N ASP B 380 10.69 -8.11 56.95
CA ASP B 380 9.45 -7.63 56.37
C ASP B 380 8.37 -8.70 56.50
N GLN B 381 7.26 -8.31 57.09
CA GLN B 381 6.17 -9.23 57.39
C GLN B 381 4.93 -8.42 57.71
N ASP B 382 3.81 -9.13 57.82
CA ASP B 382 2.58 -8.50 58.24
C ASP B 382 2.69 -8.21 59.73
N GLY B 383 2.00 -7.18 60.19
CA GLY B 383 1.96 -7.05 61.63
C GLY B 383 1.15 -8.13 62.32
N GLN B 384 0.42 -8.92 61.56
CA GLN B 384 -0.36 -10.06 62.04
C GLN B 384 0.48 -11.32 62.04
N ALA B 385 -0.02 -12.40 61.45
CA ALA B 385 0.79 -13.61 61.37
C ALA B 385 1.42 -13.90 60.01
N ARG B 386 1.15 -13.11 58.97
CA ARG B 386 1.79 -13.41 57.70
C ARG B 386 3.21 -12.86 57.70
N ASP B 387 4.09 -13.52 56.95
CA ASP B 387 5.47 -13.10 56.85
C ASP B 387 5.97 -13.28 55.43
N LYS B 388 6.87 -12.39 55.02
CA LYS B 388 7.27 -12.39 53.62
C LYS B 388 8.76 -12.57 53.40
N GLN B 389 9.60 -11.81 54.08
CA GLN B 389 11.01 -11.81 53.69
C GLN B 389 11.88 -11.25 54.79
N TRP B 390 13.08 -11.80 54.99
CA TRP B 390 14.03 -11.18 55.88
C TRP B 390 15.39 -10.99 55.19
N PHE B 391 16.24 -10.12 55.71
CA PHE B 391 17.48 -9.90 54.99
C PHE B 391 18.44 -9.21 55.93
N THR B 392 19.72 -9.56 55.81
CA THR B 392 20.78 -8.82 56.50
C THR B 392 21.46 -7.91 55.49
N ALA B 393 22.23 -6.94 55.99
CA ALA B 393 22.80 -5.94 55.08
C ALA B 393 23.95 -5.20 55.76
N THR B 394 25.18 -5.65 55.53
CA THR B 394 26.36 -4.87 55.89
C THR B 394 26.78 -3.98 54.73
N THR B 395 27.25 -2.78 55.05
CA THR B 395 27.66 -1.86 54.00
C THR B 395 28.85 -2.43 53.23
N PRO B 396 28.96 -2.17 51.94
CA PRO B 396 30.08 -2.72 51.18
C PRO B 396 31.39 -2.07 51.61
N ALA B 397 32.44 -2.87 51.74
CA ALA B 397 33.68 -2.23 52.15
C ALA B 397 34.37 -1.55 50.99
N VAL B 398 33.91 -1.84 49.78
CA VAL B 398 34.47 -1.18 48.62
C VAL B 398 34.17 0.31 48.60
N LEU B 399 33.05 0.77 49.18
CA LEU B 399 32.76 2.19 48.96
C LEU B 399 33.73 3.08 49.71
N ARG B 400 34.05 2.74 50.95
CA ARG B 400 35.04 3.52 51.70
C ARG B 400 36.46 3.19 51.28
N TRP B 401 36.70 1.97 50.78
CA TRP B 401 38.07 1.60 50.45
C TRP B 401 38.46 2.24 49.13
N LEU B 402 37.48 2.42 48.23
CA LEU B 402 37.72 3.14 46.99
C LEU B 402 38.10 4.58 47.29
N ALA B 403 37.70 5.10 48.45
CA ALA B 403 38.10 6.43 48.88
C ALA B 403 39.56 6.51 49.31
N ASP B 404 40.12 5.42 49.83
CA ASP B 404 41.49 5.43 50.34
C ASP B 404 42.51 4.91 49.34
N ARG B 405 42.07 4.42 48.19
CA ARG B 405 43.04 3.95 47.23
C ARG B 405 43.88 5.16 46.83
N GLU B 406 43.19 6.26 46.55
CA GLU B 406 43.83 7.53 46.15
C GLU B 406 44.65 8.28 47.22
N THR B 407 44.10 8.38 48.42
CA THR B 407 44.73 9.11 49.53
C THR B 407 44.89 10.61 49.29
N ASP B 408 43.87 11.26 48.75
CA ASP B 408 43.98 12.70 48.59
C ASP B 408 42.78 13.33 49.28
N ASP B 409 42.91 14.62 49.62
CA ASP B 409 41.85 15.31 50.34
C ASP B 409 40.69 15.62 49.41
N ASN B 410 40.95 15.85 48.12
CA ASN B 410 39.89 16.34 47.26
C ASN B 410 39.23 15.29 46.39
N GLU B 411 39.96 14.48 45.62
CA GLU B 411 39.23 13.53 44.80
C GLU B 411 38.45 12.59 45.71
N ASN B 412 38.97 12.34 46.92
CA ASN B 412 38.28 11.58 47.96
C ASN B 412 37.01 12.26 48.48
N ALA B 413 37.08 13.52 48.89
CA ALA B 413 35.87 14.13 49.42
C ALA B 413 34.82 14.23 48.34
N ARG B 414 35.27 14.23 47.09
CA ARG B 414 34.44 14.26 45.92
C ARG B 414 33.82 12.89 45.66
N ILE B 415 34.59 11.81 45.89
CA ILE B 415 34.04 10.46 45.84
C ILE B 415 32.96 10.28 46.90
N VAL B 416 33.28 10.67 48.12
CA VAL B 416 32.33 10.53 49.21
C VAL B 416 31.12 11.39 48.91
N ARG B 417 31.35 12.59 48.40
CA ARG B 417 30.25 13.47 48.09
C ARG B 417 29.39 12.85 47.01
N ARG B 418 30.02 12.25 46.01
CA ARG B 418 29.28 11.61 44.93
C ARG B 418 28.41 10.49 45.45
N ILE B 419 29.02 9.61 46.23
CA ILE B 419 28.34 8.44 46.77
C ILE B 419 27.17 8.87 47.66
N THR B 420 27.38 9.86 48.51
CA THR B 420 26.30 10.30 49.36
C THR B 420 25.22 10.88 48.47
N LEU B 421 25.65 11.60 47.45
CA LEU B 421 24.71 12.20 46.54
C LEU B 421 23.93 11.15 45.76
N ALA B 422 24.61 10.08 45.35
CA ALA B 422 23.95 9.04 44.58
C ALA B 422 22.86 8.39 45.40
N ARG B 423 23.18 8.08 46.65
CA ARG B 423 22.23 7.45 47.55
C ARG B 423 21.00 8.32 47.79
N LYS B 424 21.21 9.63 47.94
CA LYS B 424 20.11 10.53 48.17
C LYS B 424 19.13 10.57 47.00
N ALA B 425 19.66 10.60 45.77
CA ALA B 425 18.85 10.61 44.57
C ALA B 425 18.06 9.31 44.44
N ALA B 426 18.73 8.17 44.68
CA ALA B 426 18.03 6.91 44.53
C ALA B 426 16.86 6.78 45.50
N GLU B 427 17.03 7.25 46.73
CA GLU B 427 15.96 7.10 47.70
C GLU B 427 14.85 8.11 47.45
N ALA B 428 15.19 9.37 47.19
CA ALA B 428 14.15 10.37 46.98
C ALA B 428 13.26 9.94 45.83
N LEU B 429 13.85 9.45 44.75
CA LEU B 429 13.00 8.99 43.68
C LEU B 429 12.41 7.63 43.95
N GLY B 430 12.94 6.88 44.89
CA GLY B 430 12.24 5.70 45.33
C GLY B 430 10.93 6.01 46.03
N ARG B 431 10.92 7.05 46.87
CA ARG B 431 9.64 7.37 47.49
C ARG B 431 8.70 8.10 46.54
N ARG B 432 9.28 8.92 45.67
CA ARG B 432 8.53 9.62 44.66
C ARG B 432 7.85 8.58 43.76
N LEU B 433 8.57 7.51 43.40
CA LEU B 433 7.98 6.49 42.55
C LEU B 433 6.99 5.61 43.28
N GLU B 434 7.21 5.33 44.57
CA GLU B 434 6.20 4.60 45.35
C GLU B 434 4.89 5.38 45.37
N LYS B 435 4.97 6.62 45.84
CA LYS B 435 3.79 7.48 45.91
C LYS B 435 3.19 7.74 44.53
N ALA B 436 4.01 7.71 43.49
CA ALA B 436 3.51 7.88 42.13
C ALA B 436 2.61 6.72 41.74
N CYS B 437 3.14 5.52 41.86
CA CYS B 437 2.38 4.32 41.53
C CYS B 437 1.19 4.18 42.44
N LYS B 438 1.38 4.44 43.72
CA LYS B 438 0.28 4.31 44.66
C LYS B 438 -0.85 5.29 44.37
N GLU B 439 -0.51 6.54 44.11
CA GLU B 439 -1.52 7.54 43.79
C GLU B 439 -2.21 7.28 42.47
N ALA B 440 -1.45 6.90 41.46
CA ALA B 440 -2.01 6.60 40.15
C ALA B 440 -2.93 5.39 40.16
N TRP B 441 -2.54 4.34 40.86
CA TRP B 441 -3.39 3.16 40.92
C TRP B 441 -4.71 3.44 41.59
N LYS B 442 -4.69 4.21 42.67
CA LYS B 442 -5.94 4.52 43.35
C LYS B 442 -6.83 5.38 42.45
N GLU B 443 -6.22 6.36 41.81
CA GLU B 443 -6.93 7.27 40.94
C GLU B 443 -7.49 6.64 39.65
N SER B 444 -6.72 5.74 39.05
CA SER B 444 -7.09 5.12 37.79
C SER B 444 -8.34 4.28 37.95
N ASN B 445 -8.49 3.64 39.10
CA ASN B 445 -9.69 2.87 39.37
C ASN B 445 -10.77 3.68 40.08
N SER B 446 -10.45 4.88 40.55
CA SER B 446 -11.43 5.74 41.22
C SER B 446 -12.13 5.01 42.37
N GLY B 463 -1.45 -0.91 46.48
CA GLY B 463 -1.71 -1.28 45.10
C GLY B 463 -0.70 -2.18 44.46
N PRO B 464 -1.14 -3.01 43.51
CA PRO B 464 -0.21 -3.92 42.84
C PRO B 464 0.78 -3.21 41.92
N TRP B 465 0.51 -1.97 41.52
CA TRP B 465 1.47 -1.27 40.69
C TRP B 465 2.72 -0.91 41.48
N VAL B 466 2.58 -0.75 42.79
CA VAL B 466 3.70 -0.37 43.63
C VAL B 466 4.71 -1.49 43.76
N GLN B 467 4.24 -2.73 43.82
CA GLN B 467 5.16 -3.84 44.01
C GLN B 467 6.09 -4.00 42.83
N HIS B 468 5.53 -4.11 41.63
CA HIS B 468 6.38 -4.23 40.46
C HIS B 468 7.12 -2.94 40.19
N GLY B 469 6.53 -1.82 40.54
CA GLY B 469 7.24 -0.56 40.37
C GLY B 469 8.53 -0.53 41.17
N MET B 470 8.45 -0.88 42.45
CA MET B 470 9.64 -0.89 43.28
C MET B 470 10.60 -2.00 42.88
N SER B 471 10.09 -3.18 42.53
CA SER B 471 10.97 -4.26 42.11
C SER B 471 11.77 -3.85 40.88
N ARG B 472 11.09 -3.39 39.86
CA ARG B 472 11.80 -2.93 38.70
C ARG B 472 12.71 -1.77 39.08
N TYR B 473 12.26 -0.91 39.99
CA TYR B 473 13.03 0.28 40.28
C TYR B 473 14.38 -0.11 40.83
N TRP B 474 14.42 -0.81 41.97
CA TRP B 474 15.73 -1.13 42.53
C TRP B 474 16.54 -2.05 41.63
N ALA B 475 15.89 -2.96 40.90
CA ALA B 475 16.68 -3.80 40.00
C ALA B 475 17.39 -2.98 38.92
N LYS B 476 16.74 -1.95 38.37
CA LYS B 476 17.42 -1.10 37.40
C LYS B 476 18.27 -0.02 38.02
N ALA B 477 17.97 0.35 39.26
CA ALA B 477 18.64 1.45 39.91
C ALA B 477 19.93 1.04 40.57
N GLU B 478 20.12 -0.26 40.73
CA GLU B 478 21.33 -0.87 41.33
C GLU B 478 22.63 -0.76 40.51
N PRO B 479 22.59 -1.08 39.22
CA PRO B 479 23.77 -0.92 38.38
C PRO B 479 24.06 0.52 38.05
N VAL B 480 23.05 1.38 37.90
CA VAL B 480 23.34 2.78 37.63
C VAL B 480 24.02 3.42 38.81
N PHE B 481 23.65 3.04 40.03
CA PHE B 481 24.39 3.54 41.20
C PHE B 481 25.83 3.09 41.11
N TRP B 482 26.08 1.79 40.93
CA TRP B 482 27.47 1.35 40.85
C TRP B 482 28.20 1.94 39.66
N ASN B 483 27.49 2.43 38.66
CA ASN B 483 28.18 3.12 37.57
C ASN B 483 28.47 4.56 37.94
N ILE B 484 27.64 5.16 38.79
CA ILE B 484 27.90 6.52 39.23
C ILE B 484 29.05 6.55 40.21
N VAL B 485 29.20 5.52 41.03
CA VAL B 485 30.29 5.54 41.99
C VAL B 485 31.63 5.37 41.27
N TYR B 486 31.72 4.42 40.35
CA TYR B 486 32.98 4.18 39.67
C TYR B 486 33.25 5.23 38.64
N ASP B 487 32.20 6.00 38.34
CA ASP B 487 32.25 7.05 37.34
C ASP B 487 32.22 6.44 35.96
N ARG B 488 31.89 5.16 35.91
CA ARG B 488 31.78 4.41 34.67
C ARG B 488 30.64 5.13 34.01
N PRO B 489 30.47 4.92 32.65
CA PRO B 489 29.37 5.69 32.07
C PRO B 489 28.02 4.98 32.06
N ALA B 490 27.12 5.56 32.84
CA ALA B 490 25.72 5.16 32.99
C ALA B 490 24.78 6.14 32.32
N GLN B 491 23.77 5.63 31.64
CA GLN B 491 22.86 6.54 30.97
C GLN B 491 22.27 7.48 31.99
N GLY B 492 22.12 8.73 31.59
CA GLY B 492 21.59 9.75 32.49
C GLY B 492 22.69 10.32 33.34
N TYR B 493 23.92 9.86 33.12
CA TYR B 493 25.05 10.36 33.89
C TYR B 493 26.27 10.59 33.02
N THR B 494 27.03 11.62 33.37
CA THR B 494 28.26 11.93 32.63
C THR B 494 29.36 11.80 33.65
N PRO B 495 30.41 10.96 33.31
CA PRO B 495 31.44 10.84 34.37
C PRO B 495 32.05 12.19 34.74
N GLY B 496 32.29 12.37 36.04
CA GLY B 496 32.88 13.58 36.57
C GLY B 496 31.91 14.70 36.91
N MET B 497 30.61 14.46 36.74
CA MET B 497 29.59 15.47 37.05
C MET B 497 29.60 15.67 38.56
N ALA B 498 29.23 16.87 39.04
CA ALA B 498 29.26 17.11 40.48
C ALA B 498 28.29 16.22 41.25
N GLY B 499 27.19 15.81 40.66
CA GLY B 499 26.22 15.02 41.38
C GLY B 499 25.68 13.82 40.62
N PRO B 500 24.53 13.29 41.06
CA PRO B 500 23.97 12.13 40.36
C PRO B 500 23.58 12.43 38.93
N GLY B 501 23.19 13.66 38.61
CA GLY B 501 22.97 14.02 37.22
C GLY B 501 21.71 13.51 36.58
N ASN B 502 20.65 13.29 37.34
CA ASN B 502 19.43 12.82 36.70
C ASN B 502 19.53 11.37 36.28
N ALA B 503 20.58 10.68 36.71
CA ALA B 503 20.75 9.29 36.35
C ALA B 503 19.64 8.47 36.93
N PHE B 504 19.33 8.75 38.18
CA PHE B 504 18.27 8.08 38.91
C PHE B 504 16.85 8.37 38.45
N ASN B 505 16.61 9.63 38.08
CA ASN B 505 15.30 10.07 37.60
C ASN B 505 14.89 9.35 36.31
N LEU B 506 15.89 8.94 35.55
CA LEU B 506 15.64 8.18 34.33
C LEU B 506 15.22 6.75 34.62
N VAL B 507 15.88 6.10 35.57
CA VAL B 507 15.53 4.72 35.91
C VAL B 507 14.13 4.64 36.48
N ALA B 508 13.78 5.59 37.32
CA ALA B 508 12.45 5.58 37.89
C ALA B 508 11.42 5.72 36.80
N LEU B 509 11.67 6.59 35.84
CA LEU B 509 10.71 6.78 34.76
C LEU B 509 10.59 5.54 33.91
N ALA B 510 11.68 4.82 33.70
CA ALA B 510 11.61 3.60 32.90
C ALA B 510 10.90 2.48 33.64
N ALA B 511 11.11 2.35 34.95
CA ALA B 511 10.36 1.35 35.70
C ALA B 511 8.88 1.69 35.78
N TYR B 512 8.56 2.95 36.06
CA TYR B 512 7.17 3.38 36.11
C TYR B 512 6.49 3.16 34.77
N ASP B 513 7.14 3.54 33.67
CA ASP B 513 6.55 3.35 32.35
C ASP B 513 6.53 1.89 31.94
N GLU B 514 7.37 1.08 32.55
CA GLU B 514 7.36 -0.36 32.34
C GLU B 514 6.13 -0.98 32.97
N VAL B 515 5.73 -0.45 34.13
CA VAL B 515 4.62 -0.99 34.91
C VAL B 515 3.29 -0.51 34.39
N THR B 516 3.12 0.80 34.28
CA THR B 516 1.86 1.37 33.84
C THR B 516 1.68 1.27 32.33
N GLY B 517 2.64 0.68 31.65
CA GLY B 517 2.67 0.60 30.22
C GLY B 517 1.40 0.08 29.57
N PRO B 518 0.99 -1.16 29.85
CA PRO B 518 -0.20 -1.70 29.18
C PRO B 518 -1.52 -0.96 29.46
N TYR B 519 -1.62 -0.19 30.53
CA TYR B 519 -2.83 0.52 30.94
C TYR B 519 -2.84 2.00 30.60
N CYS B 520 -1.80 2.52 29.96
CA CYS B 520 -1.95 3.87 29.50
C CYS B 520 -2.72 3.96 28.18
N GLU B 521 -3.51 2.94 27.83
CA GLU B 521 -4.21 2.91 26.54
C GLU B 521 -5.42 3.83 26.53
N ARG B 522 -6.36 3.62 27.44
CA ARG B 522 -7.57 4.45 27.46
C ARG B 522 -7.22 5.88 27.78
N PRO B 523 -7.90 6.85 27.18
CA PRO B 523 -7.51 8.24 27.45
C PRO B 523 -7.74 8.76 28.86
N ARG B 524 -8.79 8.28 29.54
CA ARG B 524 -9.12 8.66 30.92
C ARG B 524 -8.07 8.22 31.95
N VAL B 525 -7.62 6.98 31.83
CA VAL B 525 -6.56 6.35 32.62
C VAL B 525 -5.22 6.86 32.18
N ALA B 526 -5.06 7.12 30.89
CA ALA B 526 -3.80 7.67 30.43
C ALA B 526 -3.60 9.06 31.01
N LYS B 527 -4.67 9.85 31.12
CA LYS B 527 -4.54 11.17 31.72
C LYS B 527 -4.09 11.09 33.17
N VAL B 528 -4.65 10.15 33.94
CA VAL B 528 -4.23 9.99 35.33
C VAL B 528 -2.77 9.57 35.40
N VAL B 529 -2.41 8.56 34.62
CA VAL B 529 -1.06 8.01 34.66
C VAL B 529 -0.05 9.08 34.26
N GLU B 530 -0.43 9.96 33.35
CA GLU B 530 0.48 11.00 32.93
C GLU B 530 0.61 12.05 34.02
N ARG B 531 -0.49 12.36 34.69
CA ARG B 531 -0.40 13.35 35.74
C ARG B 531 0.59 12.86 36.77
N HIS B 532 0.63 11.56 37.03
CA HIS B 532 1.55 11.11 38.06
C HIS B 532 2.92 10.72 37.58
N ARG B 533 3.12 10.44 36.30
CA ARG B 533 4.51 10.26 35.91
C ARG B 533 5.21 11.59 35.84
N SER B 534 4.46 12.66 35.53
CA SER B 534 5.06 13.97 35.44
C SER B 534 5.74 14.39 36.74
N THR B 535 5.35 13.82 37.88
CA THR B 535 5.94 14.25 39.13
C THR B 535 7.36 13.74 39.27
N LEU B 536 7.68 12.61 38.64
CA LEU B 536 9.02 12.01 38.65
C LEU B 536 10.00 12.74 37.76
N PHE B 537 9.56 13.78 37.04
CA PHE B 537 10.44 14.53 36.17
C PHE B 537 11.43 15.38 36.94
N SER B 538 11.14 15.75 38.17
CA SER B 538 12.03 16.59 38.95
C SER B 538 12.40 17.87 38.22
N THR C 2 19.94 -42.25 29.62
CA THR C 2 19.03 -42.14 28.48
C THR C 2 17.99 -41.07 28.78
N PHE C 3 17.99 -40.03 27.96
CA PHE C 3 17.13 -38.86 28.12
C PHE C 3 16.32 -38.68 26.85
N VAL C 4 15.02 -38.79 26.97
CA VAL C 4 14.12 -38.54 25.85
C VAL C 4 13.62 -37.11 25.95
N ASP C 5 13.99 -36.23 25.01
CA ASP C 5 13.47 -34.88 25.10
C ASP C 5 12.66 -34.56 23.86
N ILE C 6 11.70 -33.62 24.02
CA ILE C 6 10.80 -33.39 22.91
C ILE C 6 10.58 -31.88 22.75
N HIS C 7 10.73 -31.40 21.53
CA HIS C 7 10.53 -30.00 21.18
C HIS C 7 9.29 -29.89 20.29
N ALA C 8 8.46 -28.90 20.55
CA ALA C 8 7.28 -28.66 19.73
C ALA C 8 7.25 -27.19 19.39
N ILE C 9 6.89 -26.87 18.16
CA ILE C 9 6.65 -25.48 17.79
C ILE C 9 5.16 -25.31 17.61
N GLN C 10 4.44 -25.12 18.70
CA GLN C 10 3.00 -24.99 18.66
C GLN C 10 2.55 -23.55 18.68
N THR C 11 1.74 -23.14 17.73
CA THR C 11 1.27 -21.78 17.70
C THR C 11 -0.12 -21.67 18.32
N LEU C 12 -0.42 -20.47 18.81
CA LEU C 12 -1.66 -20.22 19.47
C LEU C 12 -2.26 -18.92 18.96
N PRO C 13 -3.48 -18.96 18.52
CA PRO C 13 -4.20 -17.76 18.13
C PRO C 13 -4.44 -16.88 19.34
N TYR C 14 -5.15 -15.80 19.10
CA TYR C 14 -5.52 -14.85 20.12
C TYR C 14 -6.03 -15.48 21.39
N SER C 15 -5.23 -15.42 22.45
CA SER C 15 -5.56 -16.12 23.68
C SER C 15 -4.80 -15.49 24.83
N ASN C 16 -5.14 -15.93 26.04
CA ASN C 16 -4.50 -15.47 27.26
C ASN C 16 -4.43 -16.68 28.16
N ILE C 17 -3.52 -17.60 27.86
CA ILE C 17 -3.49 -18.86 28.55
C ILE C 17 -3.07 -18.71 30.01
N ASN C 18 -2.07 -17.91 30.27
CA ASN C 18 -1.60 -17.64 31.62
C ASN C 18 -1.64 -16.14 31.88
N ARG C 19 -1.82 -15.74 33.14
CA ARG C 19 -1.76 -14.32 33.35
C ARG C 19 -1.14 -14.05 34.70
N ASP C 20 -0.77 -12.79 34.87
CA ASP C 20 0.04 -12.33 35.97
C ASP C 20 -0.86 -12.22 37.18
N ASP C 21 -0.37 -11.61 38.25
CA ASP C 21 -1.28 -11.21 39.30
C ASP C 21 -2.26 -10.17 38.79
N LEU C 22 -1.88 -9.42 37.76
CA LEU C 22 -2.83 -8.61 37.03
C LEU C 22 -3.39 -9.47 35.88
N GLY C 23 -3.99 -8.84 34.89
CA GLY C 23 -4.58 -9.61 33.83
C GLY C 23 -3.65 -9.98 32.69
N SER C 24 -2.52 -9.31 32.59
CA SER C 24 -1.69 -9.47 31.42
C SER C 24 -1.00 -10.83 31.44
N PRO C 25 -0.68 -11.37 30.27
CA PRO C 25 -0.02 -12.67 30.22
C PRO C 25 1.44 -12.60 30.60
N LYS C 26 2.00 -13.77 30.87
CA LYS C 26 3.37 -13.85 31.34
C LYS C 26 4.35 -13.65 30.20
N THR C 27 5.45 -12.95 30.49
CA THR C 27 6.43 -12.68 29.46
C THR C 27 7.85 -12.83 29.98
N VAL C 28 8.69 -13.49 29.19
CA VAL C 28 10.14 -13.46 29.31
C VAL C 28 10.67 -12.30 28.49
N VAL C 29 11.69 -11.63 28.97
CA VAL C 29 12.45 -10.69 28.16
C VAL C 29 13.72 -11.41 27.71
N TYR C 30 13.75 -11.91 26.48
CA TYR C 30 14.81 -12.81 26.04
C TYR C 30 15.29 -12.46 24.65
N GLY C 31 16.60 -12.35 24.50
CA GLY C 31 17.17 -11.88 23.28
C GLY C 31 16.95 -10.41 23.10
N GLY C 32 16.72 -9.70 24.19
CA GLY C 32 16.44 -8.29 24.13
C GLY C 32 15.02 -7.94 23.75
N LYS C 33 14.24 -8.89 23.28
CA LYS C 33 12.86 -8.63 22.88
C LYS C 33 11.92 -9.37 23.80
N GLU C 34 11.05 -8.62 24.49
CA GLU C 34 10.01 -9.23 25.30
C GLU C 34 9.17 -10.18 24.48
N ARG C 35 8.76 -11.27 25.11
CA ARG C 35 7.97 -12.29 24.45
C ARG C 35 7.08 -13.02 25.45
N THR C 36 5.82 -13.19 25.08
CA THR C 36 4.88 -13.85 25.98
C THR C 36 5.31 -15.29 26.22
N ARG C 37 4.90 -15.84 27.35
CA ARG C 37 5.27 -17.20 27.72
C ARG C 37 4.10 -17.87 28.41
N VAL C 38 4.15 -19.19 28.40
CA VAL C 38 3.21 -20.02 29.14
C VAL C 38 4.01 -20.78 30.18
N SER C 39 3.77 -20.45 31.43
CA SER C 39 4.67 -20.90 32.47
C SER C 39 4.72 -22.41 32.52
N SER C 40 5.82 -22.92 33.06
CA SER C 40 6.05 -24.36 33.06
C SER C 40 5.03 -25.10 33.93
N GLN C 41 4.78 -24.61 35.14
CA GLN C 41 3.87 -25.33 36.03
C GLN C 41 2.46 -25.39 35.48
N SER C 42 2.03 -24.36 34.77
CA SER C 42 0.65 -24.35 34.30
C SER C 42 0.49 -25.41 33.24
N TRP C 43 1.42 -25.40 32.31
CA TRP C 43 1.48 -26.39 31.26
C TRP C 43 1.69 -27.78 31.86
N LYS C 44 2.54 -27.90 32.86
CA LYS C 44 2.77 -29.21 33.44
C LYS C 44 1.51 -29.74 34.10
N ARG C 45 0.82 -28.89 34.86
CA ARG C 45 -0.43 -29.33 35.45
C ARG C 45 -1.40 -29.89 34.45
N ALA C 46 -1.60 -29.21 33.33
CA ALA C 46 -2.49 -29.80 32.35
C ALA C 46 -2.00 -31.12 31.79
N VAL C 47 -0.70 -31.25 31.57
CA VAL C 47 -0.20 -32.53 31.07
C VAL C 47 -0.35 -33.63 32.09
N ARG C 48 -0.05 -33.34 33.35
CA ARG C 48 -0.15 -34.35 34.38
C ARG C 48 -1.60 -34.77 34.58
N HIS C 49 -2.51 -33.81 34.64
CA HIS C 49 -3.92 -34.15 34.76
C HIS C 49 -4.37 -35.01 33.60
N GLU C 50 -3.87 -34.72 32.40
CA GLU C 50 -4.29 -35.48 31.25
C GLU C 50 -3.73 -36.89 31.28
N VAL C 51 -2.47 -37.04 31.70
CA VAL C 51 -1.86 -38.37 31.79
C VAL C 51 -2.58 -39.19 32.83
N GLU C 52 -2.85 -38.62 33.99
CA GLU C 52 -3.52 -39.37 35.02
C GLU C 52 -4.94 -39.70 34.60
N ALA C 53 -5.57 -38.86 33.79
CA ALA C 53 -6.92 -39.20 33.36
C ALA C 53 -6.91 -40.33 32.34
N ARG C 54 -6.00 -40.29 31.36
CA ARG C 54 -5.97 -41.37 30.39
C ARG C 54 -5.42 -42.65 30.99
N LEU C 55 -4.44 -42.55 31.87
CA LEU C 55 -3.86 -43.74 32.50
C LEU C 55 -4.75 -44.34 33.57
N GLY C 56 -5.91 -43.74 33.86
CA GLY C 56 -6.78 -44.32 34.87
C GLY C 56 -6.33 -44.19 36.31
N ASN C 164 3.10 -46.04 41.54
CA ASN C 164 2.58 -44.71 41.34
C ASN C 164 3.38 -43.97 40.31
N VAL C 165 2.99 -44.19 39.06
CA VAL C 165 3.74 -43.63 37.96
C VAL C 165 3.57 -42.12 37.87
N SER C 166 2.51 -41.56 38.43
CA SER C 166 2.37 -40.13 38.36
C SER C 166 3.28 -39.47 39.36
N VAL C 167 3.57 -40.14 40.49
CA VAL C 167 4.58 -39.67 41.41
C VAL C 167 5.97 -40.02 40.93
N ASN C 168 6.07 -40.86 39.92
CA ASN C 168 7.41 -41.11 39.42
C ASN C 168 7.76 -40.25 38.22
N LEU C 169 6.96 -40.29 37.15
CA LEU C 169 7.24 -39.46 35.98
C LEU C 169 7.22 -37.99 36.40
N PHE C 170 6.19 -37.64 37.17
CA PHE C 170 5.98 -36.30 37.70
C PHE C 170 6.42 -36.53 39.13
N GLY C 171 7.11 -35.59 39.74
CA GLY C 171 7.65 -35.86 41.05
C GLY C 171 6.78 -36.22 42.24
N ARG C 172 5.69 -35.52 42.49
CA ARG C 172 4.86 -35.89 43.63
C ARG C 172 3.47 -35.38 43.49
N MET C 173 2.56 -36.00 44.23
CA MET C 173 1.19 -35.53 44.17
C MET C 173 1.09 -34.27 44.99
N LEU C 174 0.36 -33.29 44.47
CA LEU C 174 0.30 -31.99 45.16
C LEU C 174 -0.45 -32.13 46.48
N ALA C 175 -1.50 -32.95 46.50
CA ALA C 175 -2.40 -33.05 47.65
C ALA C 175 -2.04 -34.19 48.57
N GLU C 176 -1.00 -34.94 48.26
CA GLU C 176 -0.51 -36.04 49.08
C GLU C 176 0.76 -35.61 49.78
N LEU C 177 1.00 -36.23 50.85
CA LEU C 177 2.16 -35.94 51.65
C LEU C 177 3.38 -36.54 50.97
N PRO C 178 4.56 -35.96 51.18
CA PRO C 178 5.74 -36.43 50.46
C PRO C 178 6.07 -37.88 50.75
N SER C 179 6.30 -38.65 49.69
CA SER C 179 6.61 -40.06 49.85
C SER C 179 8.07 -40.33 49.51
N THR C 180 8.96 -39.50 50.04
CA THR C 180 10.41 -39.62 49.86
C THR C 180 10.90 -39.51 48.43
N GLU C 181 10.01 -39.32 47.45
CA GLU C 181 10.39 -39.05 46.07
C GLU C 181 9.62 -37.82 45.62
N VAL C 182 10.18 -36.65 45.90
CA VAL C 182 9.56 -35.40 45.48
C VAL C 182 10.01 -35.01 44.07
N ASP C 183 11.15 -35.53 43.66
CA ASP C 183 11.69 -35.26 42.34
C ASP C 183 10.87 -36.04 41.32
N GLY C 184 10.59 -35.42 40.20
CA GLY C 184 9.79 -36.06 39.17
C GLY C 184 10.62 -36.51 37.99
N ALA C 185 11.89 -36.13 37.99
CA ALA C 185 12.80 -36.50 36.91
C ALA C 185 12.47 -35.76 35.62
N VAL C 186 11.17 -35.62 35.34
CA VAL C 186 10.71 -34.94 34.15
C VAL C 186 11.04 -33.48 34.34
N GLN C 187 11.52 -32.82 33.30
CA GLN C 187 11.85 -31.42 33.41
C GLN C 187 11.03 -30.67 32.39
N PHE C 188 10.31 -29.63 32.81
CA PHE C 188 9.50 -28.88 31.87
C PHE C 188 10.04 -27.48 31.75
N ALA C 189 10.44 -27.10 30.56
CA ALA C 189 10.95 -25.77 30.34
C ALA C 189 9.74 -24.88 30.21
N HIS C 190 9.93 -23.58 30.39
CA HIS C 190 8.80 -22.67 30.25
C HIS C 190 8.65 -22.34 28.79
N ALA C 191 7.47 -22.53 28.22
CA ALA C 191 7.22 -22.18 26.84
C ALA C 191 7.28 -20.68 26.59
N PHE C 192 7.94 -20.28 25.52
CA PHE C 192 8.09 -18.88 25.16
C PHE C 192 7.99 -18.71 23.67
N THR C 193 7.54 -17.54 23.24
CA THR C 193 7.29 -17.28 21.83
C THR C 193 8.56 -17.19 21.01
N VAL C 194 8.50 -17.67 19.76
CA VAL C 194 9.64 -17.61 18.85
C VAL C 194 10.02 -16.16 18.60
N HIS C 195 9.05 -15.27 18.55
CA HIS C 195 9.21 -13.87 18.20
C HIS C 195 8.83 -12.98 19.37
N GLY C 196 9.18 -11.70 19.27
CA GLY C 196 8.75 -10.73 20.27
C GLY C 196 7.29 -10.36 20.08
N THR C 197 6.56 -10.23 21.18
CA THR C 197 5.12 -10.02 21.13
C THR C 197 4.69 -8.84 22.00
N THR C 198 3.98 -7.89 21.41
CA THR C 198 3.36 -6.82 22.19
C THR C 198 1.99 -7.27 22.71
N VAL C 199 1.72 -6.94 23.96
CA VAL C 199 0.47 -7.27 24.65
C VAL C 199 -0.70 -6.54 24.03
N GLU C 200 -1.72 -7.29 23.61
CA GLU C 200 -2.84 -6.73 22.86
C GLU C 200 -4.06 -6.54 23.77
N VAL C 201 -4.40 -5.29 24.03
CA VAL C 201 -5.52 -5.00 24.90
C VAL C 201 -6.83 -5.19 24.14
N ASP C 202 -7.82 -5.79 24.79
CA ASP C 202 -9.14 -6.03 24.24
C ASP C 202 -10.14 -5.36 25.16
N PHE C 203 -10.67 -4.22 24.76
CA PHE C 203 -11.62 -3.51 25.57
C PHE C 203 -12.99 -4.17 25.41
N PHE C 204 -13.67 -4.45 26.53
CA PHE C 204 -14.95 -5.13 26.49
C PHE C 204 -15.92 -4.52 27.49
N THR C 205 -17.22 -4.68 27.23
CA THR C 205 -18.27 -4.20 28.12
C THR C 205 -19.40 -5.20 28.24
N ALA C 206 -19.70 -5.63 29.46
CA ALA C 206 -20.88 -6.44 29.72
C ALA C 206 -22.14 -5.60 29.70
N VAL C 207 -23.16 -6.11 29.01
CA VAL C 207 -24.40 -5.39 28.71
C VAL C 207 -25.44 -5.66 29.79
N ASP C 208 -26.10 -4.59 30.21
CA ASP C 208 -27.21 -4.64 31.15
C ASP C 208 -28.50 -4.91 30.39
N ASP C 209 -29.19 -5.98 30.76
CA ASP C 209 -30.33 -6.44 29.99
C ASP C 209 -31.56 -5.59 30.27
N ILE C 210 -31.78 -5.24 31.53
CA ILE C 210 -32.88 -4.37 31.93
C ILE C 210 -32.62 -2.92 31.51
N PRO C 211 -33.45 -2.34 30.68
CA PRO C 211 -33.19 -0.99 30.17
C PRO C 211 -33.92 0.12 30.92
N LYS C 212 -33.17 1.11 31.40
CA LYS C 212 -33.75 2.29 32.00
C LYS C 212 -34.22 3.29 30.96
N GLU C 213 -34.75 4.44 31.42
CA GLU C 213 -35.09 5.51 30.49
C GLU C 213 -33.72 6.09 30.13
N ASN C 214 -32.85 5.23 29.65
CA ASN C 214 -31.49 5.55 29.31
C ASN C 214 -30.99 4.43 28.43
N ASP C 215 -30.07 4.74 27.54
CA ASP C 215 -29.63 3.71 26.63
C ASP C 215 -28.14 3.55 26.82
N HIS C 216 -27.68 2.30 26.91
CA HIS C 216 -26.28 1.94 26.86
C HIS C 216 -25.47 2.25 28.11
N GLY C 217 -26.09 2.64 29.21
CA GLY C 217 -25.32 2.72 30.43
C GLY C 217 -24.85 1.31 30.72
N SER C 218 -23.82 0.88 29.99
CA SER C 218 -23.42 -0.52 29.92
C SER C 218 -23.12 -1.08 31.30
N GLY C 219 -23.32 -2.39 31.44
CA GLY C 219 -23.20 -3.02 32.74
C GLY C 219 -21.81 -2.93 33.32
N HIS C 220 -20.78 -3.11 32.52
CA HIS C 220 -19.42 -3.14 33.06
C HIS C 220 -18.43 -2.91 31.95
N MET C 221 -17.69 -1.82 32.01
CA MET C 221 -16.58 -1.55 31.11
C MET C 221 -15.28 -2.06 31.68
N ASN C 222 -14.44 -2.64 30.85
CA ASN C 222 -13.13 -3.12 31.30
C ASN C 222 -12.27 -3.41 30.09
N ALA C 223 -11.03 -3.84 30.32
CA ALA C 223 -10.15 -4.19 29.21
C ALA C 223 -9.25 -5.32 29.64
N GLY C 224 -9.22 -6.42 28.90
CA GLY C 224 -8.37 -7.56 29.23
C GLY C 224 -7.31 -7.84 28.19
N GLN C 225 -6.14 -8.30 28.64
CA GLN C 225 -5.05 -8.46 27.70
C GLN C 225 -5.00 -9.87 27.15
N PHE C 226 -4.60 -9.96 25.90
CA PHE C 226 -4.46 -11.23 25.21
C PHE C 226 -3.26 -11.08 24.30
N SER C 227 -2.87 -12.18 23.68
CA SER C 227 -1.75 -12.16 22.76
C SER C 227 -1.77 -13.47 21.99
N ALA C 228 -1.05 -13.49 20.89
CA ALA C 228 -1.00 -14.67 20.06
C ALA C 228 0.42 -14.83 19.56
N GLY C 229 0.81 -16.06 19.29
CA GLY C 229 2.14 -16.25 18.79
C GLY C 229 2.44 -17.72 18.65
N THR C 230 3.65 -18.00 18.21
CA THR C 230 4.13 -19.37 18.07
C THR C 230 5.08 -19.73 19.19
N PHE C 231 4.59 -20.47 20.18
CA PHE C 231 5.44 -20.78 21.31
C PHE C 231 6.32 -21.94 20.92
N TYR C 232 7.56 -21.91 21.41
CA TYR C 232 8.52 -22.98 21.22
C TYR C 232 8.53 -23.75 22.53
N ARG C 233 7.85 -24.90 22.58
CA ARG C 233 7.82 -25.71 23.79
C ARG C 233 8.96 -26.72 23.87
N TYR C 234 9.21 -27.26 25.07
CA TYR C 234 10.27 -28.23 25.26
C TYR C 234 10.20 -28.95 26.60
N ALA C 235 10.54 -30.25 26.61
CA ALA C 235 10.49 -31.06 27.82
C ALA C 235 11.58 -32.13 27.78
N ASN C 236 11.82 -32.72 28.93
CA ASN C 236 12.81 -33.75 29.08
C ASN C 236 12.30 -34.90 29.93
N VAL C 237 12.76 -36.10 29.67
CA VAL C 237 12.40 -37.27 30.47
C VAL C 237 13.65 -38.08 30.82
N ASN C 238 13.95 -38.17 32.11
CA ASN C 238 15.09 -38.93 32.61
C ASN C 238 14.69 -40.38 32.67
N LEU C 239 15.00 -41.10 31.61
CA LEU C 239 14.47 -42.43 31.46
C LEU C 239 15.06 -43.42 32.45
N ASP C 240 16.38 -43.37 32.66
CA ASP C 240 17.04 -44.36 33.48
C ASP C 240 16.57 -44.33 34.92
N ARG C 241 16.54 -43.15 35.53
CA ARG C 241 16.04 -43.04 36.88
C ARG C 241 14.57 -43.39 36.93
N LEU C 242 13.84 -43.16 35.85
CA LEU C 242 12.43 -43.51 35.85
C LEU C 242 12.28 -45.01 35.90
N VAL C 243 13.14 -45.74 35.19
CA VAL C 243 13.14 -47.20 35.26
C VAL C 243 13.60 -47.69 36.63
N GLU C 244 14.63 -47.06 37.18
CA GLU C 244 15.14 -47.50 38.48
C GLU C 244 14.17 -47.24 39.60
N ASN C 245 13.32 -46.22 39.47
CA ASN C 245 12.38 -45.89 40.52
C ASN C 245 11.06 -46.59 40.32
N THR C 246 10.59 -46.65 39.09
CA THR C 246 9.32 -47.32 38.83
C THR C 246 9.47 -48.82 38.99
N GLY C 247 10.62 -49.36 38.65
CA GLY C 247 10.78 -50.79 38.75
C GLY C 247 10.62 -51.44 37.39
N ASP C 248 9.38 -51.75 37.06
CA ASP C 248 9.08 -52.40 35.79
C ASP C 248 9.35 -51.48 34.62
N ALA C 249 10.13 -51.97 33.67
CA ALA C 249 10.39 -51.20 32.47
C ALA C 249 9.15 -51.05 31.61
N GLN C 250 8.14 -51.90 31.82
CA GLN C 250 6.95 -51.85 30.99
C GLN C 250 6.00 -50.74 31.41
N THR C 251 5.79 -50.60 32.70
CA THR C 251 4.89 -49.55 33.17
C THR C 251 5.55 -48.26 32.76
N ALA C 252 6.86 -48.21 32.92
CA ALA C 252 7.61 -47.02 32.57
C ALA C 252 7.46 -46.80 31.08
N ARG C 253 7.50 -47.88 30.31
CA ARG C 253 7.37 -47.75 28.88
C ARG C 253 6.02 -47.21 28.47
N THR C 254 4.95 -47.70 29.07
CA THR C 254 3.63 -47.19 28.74
C THR C 254 3.51 -45.76 29.20
N ALA C 255 4.01 -45.50 30.41
CA ALA C 255 3.93 -44.16 30.98
C ALA C 255 4.69 -43.15 30.16
N VAL C 256 5.87 -43.50 29.68
CA VAL C 256 6.63 -42.57 28.88
C VAL C 256 5.91 -42.26 27.57
N ALA C 257 5.34 -43.28 26.95
CA ALA C 257 4.64 -43.07 25.69
C ALA C 257 3.42 -42.17 25.85
N GLU C 258 2.65 -42.42 26.90
CA GLU C 258 1.46 -41.63 27.19
C GLU C 258 1.80 -40.23 27.64
N PHE C 259 2.93 -40.07 28.29
CA PHE C 259 3.34 -38.72 28.66
C PHE C 259 3.66 -37.89 27.44
N LEU C 260 4.32 -38.47 26.45
CA LEU C 260 4.62 -37.70 25.23
C LEU C 260 3.34 -37.35 24.48
N ARG C 261 2.40 -38.29 24.39
CA ARG C 261 1.15 -37.97 23.73
C ARG C 261 0.40 -36.89 24.48
N ALA C 262 0.47 -36.88 25.81
CA ALA C 262 -0.18 -35.82 26.55
C ALA C 262 0.50 -34.49 26.29
N PHE C 263 1.82 -34.50 26.21
CA PHE C 263 2.54 -33.26 25.96
C PHE C 263 2.08 -32.65 24.64
N LEU C 264 1.83 -33.49 23.64
CA LEU C 264 1.38 -33.02 22.33
C LEU C 264 -0.07 -32.56 22.31
N SER C 265 -0.98 -33.40 22.80
CA SER C 265 -2.40 -33.18 22.57
C SER C 265 -2.99 -32.01 23.34
N THR C 266 -2.51 -31.74 24.53
CA THR C 266 -3.16 -30.81 25.42
C THR C 266 -2.79 -29.33 25.26
N VAL C 267 -3.68 -28.48 25.76
CA VAL C 267 -3.59 -27.02 25.77
C VAL C 267 -4.21 -26.61 27.10
N PRO C 268 -3.61 -25.64 27.79
CA PRO C 268 -4.11 -25.23 29.10
C PRO C 268 -5.51 -24.68 29.04
N SER C 269 -6.18 -24.71 30.18
CA SER C 269 -7.54 -24.20 30.26
C SER C 269 -7.41 -22.89 31.02
N GLY C 270 -7.35 -21.78 30.30
CA GLY C 270 -7.35 -20.50 30.94
C GLY C 270 -7.94 -19.49 30.01
N LYS C 271 -9.06 -18.86 30.35
CA LYS C 271 -9.76 -17.99 29.42
C LYS C 271 -10.05 -18.72 28.11
N GLN C 272 -10.16 -20.05 28.17
CA GLN C 272 -10.38 -20.85 26.98
C GLN C 272 -11.78 -20.72 26.44
N ASN C 273 -12.74 -20.45 27.29
CA ASN C 273 -14.10 -20.25 26.79
C ASN C 273 -14.25 -18.94 26.05
N ALA C 274 -13.50 -17.93 26.42
CA ALA C 274 -13.56 -16.71 25.64
C ALA C 274 -12.67 -16.74 24.42
N THR C 275 -11.65 -17.59 24.39
CA THR C 275 -10.78 -17.76 23.22
C THR C 275 -10.52 -19.23 23.04
N ALA C 276 -11.07 -19.82 21.99
CA ALA C 276 -10.85 -21.23 21.70
C ALA C 276 -9.45 -21.39 21.12
N ALA C 277 -8.49 -21.50 22.02
CA ALA C 277 -7.09 -21.64 21.68
C ALA C 277 -6.65 -23.09 21.47
N MET C 278 -7.58 -24.05 21.42
CA MET C 278 -7.26 -25.46 21.21
C MET C 278 -6.52 -25.61 19.90
N THR C 279 -5.31 -26.18 19.93
CA THR C 279 -4.49 -26.24 18.72
C THR C 279 -3.52 -27.41 18.84
N LEU C 280 -3.06 -27.90 17.67
CA LEU C 280 -1.99 -28.91 17.58
C LEU C 280 -0.67 -28.33 17.15
N PRO C 281 0.42 -28.85 17.70
CA PRO C 281 1.74 -28.35 17.32
C PRO C 281 2.06 -28.55 15.86
N ASP C 282 2.83 -27.61 15.31
CA ASP C 282 3.19 -27.69 13.91
C ASP C 282 4.37 -28.63 13.71
N LEU C 283 5.28 -28.67 14.67
CA LEU C 283 6.46 -29.52 14.61
C LEU C 283 6.73 -30.20 15.93
N VAL C 284 7.03 -31.49 15.90
CA VAL C 284 7.52 -32.15 17.09
C VAL C 284 8.79 -32.87 16.70
N HIS C 285 9.75 -32.89 17.61
CA HIS C 285 11.05 -33.50 17.33
C HIS C 285 11.48 -34.16 18.62
N ILE C 286 11.48 -35.48 18.63
CA ILE C 286 11.87 -36.29 19.79
C ILE C 286 13.24 -36.88 19.55
N ALA C 287 14.19 -36.55 20.42
CA ALA C 287 15.57 -36.99 20.25
C ALA C 287 16.03 -37.80 21.44
N VAL C 288 16.10 -39.11 21.30
CA VAL C 288 16.60 -39.97 22.36
C VAL C 288 18.12 -39.78 22.47
N ARG C 289 18.55 -38.99 23.46
CA ARG C 289 19.94 -38.64 23.69
C ARG C 289 20.54 -39.38 24.88
N PHE C 290 21.75 -39.90 24.73
CA PHE C 290 22.42 -40.54 25.85
C PHE C 290 23.41 -39.62 26.55
N ASP C 291 23.99 -38.65 25.85
CA ASP C 291 24.90 -37.73 26.51
C ASP C 291 24.17 -36.86 27.52
N ARG C 292 23.32 -35.93 27.07
CA ARG C 292 22.66 -35.03 28.00
C ARG C 292 21.49 -34.40 27.27
N PRO C 293 20.49 -33.92 27.99
CA PRO C 293 19.38 -33.21 27.34
C PRO C 293 19.79 -31.80 26.96
N ILE C 294 19.29 -31.33 25.81
CA ILE C 294 19.65 -30.02 25.30
C ILE C 294 18.38 -29.41 24.73
N SER C 295 18.16 -28.14 25.01
CA SER C 295 17.01 -27.43 24.47
C SER C 295 17.49 -26.54 23.34
N PHE C 296 16.69 -26.48 22.27
CA PHE C 296 16.99 -25.61 21.15
C PHE C 296 16.48 -24.21 21.36
N ALA C 297 16.40 -23.77 22.60
CA ALA C 297 15.89 -22.43 22.87
C ALA C 297 16.79 -21.36 22.26
N PRO C 298 18.11 -21.46 22.31
CA PRO C 298 18.93 -20.43 21.69
C PRO C 298 18.73 -20.25 20.19
N ALA C 299 18.04 -21.17 19.52
CA ALA C 299 17.72 -20.93 18.12
C ALA C 299 16.94 -19.64 17.96
N PHE C 300 16.17 -19.30 18.97
CA PHE C 300 15.33 -18.11 18.99
C PHE C 300 15.86 -17.04 19.91
N GLU C 301 17.17 -17.03 20.18
CA GLU C 301 17.69 -15.91 20.94
C GLU C 301 17.60 -14.64 20.14
N THR C 302 17.51 -14.73 18.84
CA THR C 302 17.20 -13.58 18.02
C THR C 302 15.78 -13.76 17.52
N ALA C 303 14.85 -12.98 18.06
CA ALA C 303 13.44 -13.10 17.70
C ALA C 303 13.25 -12.87 16.21
N LEU C 304 12.45 -13.71 15.57
CA LEU C 304 12.26 -13.52 14.14
C LEU C 304 11.40 -12.29 13.86
N TYR C 305 11.69 -11.63 12.74
CA TYR C 305 10.94 -10.49 12.25
C TYR C 305 9.61 -11.02 11.74
N GLY C 306 8.66 -10.14 11.49
CA GLY C 306 7.32 -10.54 11.09
C GLY C 306 6.90 -10.31 9.66
N SER C 307 5.59 -10.33 9.47
CA SER C 307 4.75 -10.05 8.31
C SER C 307 4.66 -11.19 7.32
N ASP C 308 5.37 -12.29 7.51
CA ASP C 308 5.26 -13.40 6.58
C ASP C 308 4.93 -14.68 7.33
N GLY C 309 4.59 -14.57 8.60
CA GLY C 309 4.47 -15.73 9.45
C GLY C 309 5.79 -16.17 10.02
N TYR C 310 5.69 -17.10 10.95
CA TYR C 310 6.83 -17.65 11.67
C TYR C 310 6.91 -19.15 11.72
N THR C 311 5.86 -19.89 11.37
CA THR C 311 5.95 -21.34 11.49
C THR C 311 7.07 -21.90 10.65
N LEU C 312 7.05 -21.62 9.35
CA LEU C 312 8.07 -22.19 8.47
C LEU C 312 9.46 -21.70 8.82
N ARG C 313 9.61 -20.40 9.07
CA ARG C 313 10.93 -19.86 9.33
C ARG C 313 11.48 -20.40 10.63
N ALA C 314 10.63 -20.54 11.64
CA ALA C 314 11.08 -21.14 12.88
C ALA C 314 11.44 -22.60 12.70
N CYS C 315 10.72 -23.30 11.83
CA CYS C 315 11.10 -24.67 11.53
C CYS C 315 12.51 -24.76 10.93
N GLN C 316 12.83 -24.00 9.87
CA GLN C 316 14.20 -24.17 9.38
C GLN C 316 15.23 -23.57 10.30
N GLU C 317 14.93 -22.50 11.04
CA GLU C 317 15.94 -22.00 11.97
C GLU C 317 16.28 -23.08 12.99
N LEU C 318 15.28 -23.73 13.54
CA LEU C 318 15.58 -24.81 14.46
C LEU C 318 16.34 -25.92 13.75
N ASN C 319 16.15 -26.04 12.42
CA ASN C 319 16.94 -27.01 11.68
C ASN C 319 18.40 -26.59 11.60
N ASN C 320 18.65 -25.28 11.47
CA ASN C 320 20.02 -24.77 11.45
C ASN C 320 20.69 -24.98 12.79
N TYR C 321 19.96 -24.73 13.87
CA TYR C 321 20.55 -24.98 15.17
C TYR C 321 20.82 -26.45 15.42
N ALA C 322 19.98 -27.33 14.89
CA ALA C 322 20.27 -28.73 15.08
C ALA C 322 21.47 -29.20 14.27
N GLU C 323 21.61 -28.72 13.03
CA GLU C 323 22.84 -29.00 12.30
C GLU C 323 24.06 -28.50 13.05
N ARG C 324 24.05 -27.29 13.61
CA ARG C 324 25.30 -26.81 14.18
C ARG C 324 25.66 -27.59 15.44
N LEU C 325 24.69 -27.75 16.34
CA LEU C 325 25.01 -28.50 17.55
C LEU C 325 25.38 -29.93 17.23
N ARG C 326 24.70 -30.53 16.26
CA ARG C 326 25.08 -31.89 15.86
C ARG C 326 26.48 -31.91 15.27
N GLU C 327 26.92 -30.82 14.69
CA GLU C 327 28.24 -30.74 14.10
C GLU C 327 29.33 -30.63 15.15
N VAL C 328 29.15 -29.76 16.13
CA VAL C 328 30.17 -29.60 17.17
C VAL C 328 30.29 -30.86 17.99
N TRP C 329 29.17 -31.47 18.36
CA TRP C 329 29.15 -32.69 19.15
C TRP C 329 28.40 -33.75 18.37
N PRO C 330 29.10 -34.54 17.56
CA PRO C 330 28.47 -35.70 16.93
C PRO C 330 28.18 -36.76 17.98
N ASP C 331 26.95 -37.25 17.98
CA ASP C 331 26.48 -38.15 19.01
C ASP C 331 25.74 -39.32 18.36
N ASP C 332 25.52 -40.34 19.18
CA ASP C 332 24.70 -41.51 18.87
C ASP C 332 23.22 -41.25 19.11
N ALA C 333 22.78 -40.01 19.04
CA ALA C 333 21.41 -39.69 19.36
C ALA C 333 20.46 -40.16 18.28
N ILE C 334 19.41 -40.87 18.67
CA ILE C 334 18.37 -41.30 17.75
C ILE C 334 17.35 -40.20 17.64
N ARG C 335 17.00 -39.82 16.43
CA ARG C 335 16.16 -38.65 16.24
C ARG C 335 15.08 -38.93 15.23
N GLY C 336 14.12 -38.02 15.18
CA GLY C 336 13.02 -38.09 14.25
C GLY C 336 12.01 -37.01 14.55
N TYR C 337 11.27 -36.58 13.54
CA TYR C 337 10.39 -35.45 13.69
C TYR C 337 9.19 -35.60 12.78
N ALA C 338 8.08 -35.00 13.19
CA ALA C 338 6.89 -35.01 12.36
C ALA C 338 6.38 -33.59 12.30
N THR C 339 5.93 -33.20 11.12
CA THR C 339 5.53 -31.83 10.87
C THR C 339 4.15 -31.80 10.20
N VAL C 340 3.49 -30.64 10.23
CA VAL C 340 2.28 -30.47 9.43
C VAL C 340 2.63 -29.86 8.08
N GLU C 341 3.94 -29.80 7.80
CA GLU C 341 4.45 -29.28 6.54
C GLU C 341 5.40 -30.25 5.82
N ASN C 342 5.13 -30.49 4.53
CA ASN C 342 5.91 -31.37 3.68
C ASN C 342 6.73 -30.61 2.67
N LYS C 343 6.71 -29.28 2.76
CA LYS C 343 7.28 -28.41 1.76
C LYS C 343 8.77 -28.26 1.95
N THR C 344 9.25 -28.39 3.19
CA THR C 344 10.63 -28.14 3.53
C THR C 344 11.21 -29.36 4.23
N ASP C 345 12.41 -29.74 3.84
CA ASP C 345 13.13 -30.83 4.49
C ASP C 345 14.03 -30.27 5.58
N LEU C 346 14.12 -31.01 6.69
CA LEU C 346 14.93 -30.63 7.84
C LEU C 346 15.79 -31.85 8.16
N ALA C 347 16.83 -32.10 7.38
CA ALA C 347 17.57 -33.34 7.52
C ALA C 347 18.27 -33.46 8.87
N ALA C 348 18.58 -32.35 9.51
CA ALA C 348 19.32 -32.36 10.76
C ALA C 348 18.51 -32.88 11.93
N LEU C 349 17.19 -32.85 11.83
CA LEU C 349 16.34 -33.31 12.91
C LEU C 349 16.11 -34.81 12.91
N GLY C 350 16.62 -35.50 11.90
CA GLY C 350 16.45 -36.94 11.82
C GLY C 350 15.42 -37.38 10.80
N GLU C 351 15.13 -38.67 10.77
CA GLU C 351 14.16 -39.20 9.83
C GLU C 351 12.76 -38.70 10.08
N ARG C 352 12.11 -38.27 9.00
CA ARG C 352 10.74 -37.77 9.10
C ARG C 352 9.76 -38.92 9.29
N TYR C 353 8.64 -38.64 9.93
CA TYR C 353 7.63 -39.63 10.18
C TYR C 353 6.30 -39.12 9.69
N ASP C 354 5.40 -40.04 9.36
CA ASP C 354 4.11 -39.66 8.84
C ASP C 354 3.24 -38.98 9.89
N SER C 355 3.42 -39.27 11.16
CA SER C 355 2.53 -38.67 12.12
C SER C 355 3.13 -38.57 13.49
N TYR C 356 2.39 -37.97 14.41
CA TYR C 356 2.88 -37.82 15.78
C TYR C 356 2.85 -39.13 16.54
N PRO C 357 1.75 -39.88 16.61
CA PRO C 357 1.78 -41.12 17.39
C PRO C 357 2.72 -42.17 16.81
N ALA C 358 2.86 -42.20 15.49
CA ALA C 358 3.86 -43.08 14.89
C ALA C 358 5.25 -42.68 15.33
N LEU C 359 5.50 -41.37 15.43
CA LEU C 359 6.79 -40.89 15.89
C LEU C 359 7.04 -41.27 17.34
N ILE C 360 6.08 -40.98 18.19
CA ILE C 360 6.19 -41.35 19.59
C ILE C 360 6.43 -42.84 19.73
N ASP C 361 5.77 -43.63 18.91
CA ASP C 361 5.99 -45.08 18.95
C ASP C 361 7.41 -45.44 18.57
N ALA C 362 7.94 -44.80 17.53
CA ALA C 362 9.30 -45.16 17.13
C ALA C 362 10.33 -44.72 18.15
N MET C 363 10.09 -43.62 18.86
CA MET C 363 11.08 -43.21 19.84
C MET C 363 10.96 -43.96 21.16
N VAL C 364 9.75 -44.33 21.56
CA VAL C 364 9.61 -45.23 22.70
C VAL C 364 10.24 -46.57 22.38
N ALA C 365 10.12 -47.01 21.14
CA ALA C 365 10.81 -48.22 20.72
C ALA C 365 12.31 -48.03 20.76
N ALA C 366 12.78 -46.84 20.40
CA ALA C 366 14.21 -46.58 20.42
C ALA C 366 14.77 -46.48 21.83
N ALA C 367 13.98 -46.13 22.84
CA ALA C 367 14.63 -46.04 24.14
C ALA C 367 14.94 -47.42 24.70
N PHE C 368 14.11 -48.40 24.40
CA PHE C 368 14.35 -49.75 24.92
C PHE C 368 14.58 -50.75 23.78
N THR D 2 -19.63 32.33 -45.31
CA THR D 2 -18.39 32.81 -44.76
C THR D 2 -17.42 31.68 -44.52
N PHE D 3 -17.87 30.46 -44.77
CA PHE D 3 -17.08 29.24 -44.64
C PHE D 3 -17.05 28.56 -45.98
N VAL D 4 -15.89 28.42 -46.58
CA VAL D 4 -15.79 27.65 -47.82
C VAL D 4 -15.13 26.34 -47.46
N ASP D 5 -15.84 25.24 -47.64
CA ASP D 5 -15.23 23.95 -47.39
C ASP D 5 -15.21 23.12 -48.66
N ILE D 6 -14.10 22.41 -48.85
CA ILE D 6 -13.86 21.66 -50.07
C ILE D 6 -13.59 20.22 -49.71
N HIS D 7 -14.34 19.32 -50.33
CA HIS D 7 -14.18 17.89 -50.17
C HIS D 7 -13.58 17.33 -51.44
N ALA D 8 -12.91 16.19 -51.35
CA ALA D 8 -12.23 15.65 -52.51
C ALA D 8 -11.96 14.17 -52.32
N ILE D 9 -12.26 13.37 -53.32
CA ILE D 9 -11.86 11.97 -53.33
C ILE D 9 -10.72 11.85 -54.34
N GLN D 10 -9.61 11.27 -53.91
CA GLN D 10 -8.42 11.19 -54.75
C GLN D 10 -7.66 9.89 -54.51
N THR D 11 -7.59 9.06 -55.53
CA THR D 11 -6.85 7.80 -55.47
C THR D 11 -5.37 8.02 -55.70
N LEU D 12 -4.54 7.28 -54.99
CA LEU D 12 -3.09 7.34 -55.13
C LEU D 12 -2.60 5.92 -55.31
N PRO D 13 -1.82 5.66 -56.34
CA PRO D 13 -1.39 4.29 -56.62
C PRO D 13 -0.02 3.92 -56.09
N TYR D 14 -0.02 3.09 -55.05
CA TYR D 14 1.23 2.62 -54.44
C TYR D 14 2.13 3.80 -54.29
N SER D 15 1.70 4.76 -53.50
CA SER D 15 2.46 5.98 -53.34
C SER D 15 3.43 6.02 -52.17
N ASN D 16 2.91 5.83 -50.96
CA ASN D 16 3.61 6.03 -49.69
C ASN D 16 4.22 7.43 -49.65
N ILE D 17 3.33 8.43 -49.76
CA ILE D 17 3.74 9.82 -49.88
C ILE D 17 4.23 10.36 -48.54
N ASN D 18 3.67 9.88 -47.45
CA ASN D 18 3.98 10.42 -46.13
C ASN D 18 4.29 9.30 -45.15
N ARG D 19 5.52 9.29 -44.65
CA ARG D 19 6.05 8.24 -43.81
C ARG D 19 6.13 8.66 -42.35
N ASP D 20 5.98 7.69 -41.47
CA ASP D 20 6.21 7.89 -40.04
C ASP D 20 7.70 7.94 -39.76
N ASP D 21 8.05 7.80 -38.49
CA ASP D 21 9.44 7.80 -38.07
C ASP D 21 10.19 6.54 -38.45
N LEU D 22 9.49 5.44 -38.73
CA LEU D 22 10.15 4.19 -39.09
C LEU D 22 10.01 3.85 -40.56
N GLY D 23 9.40 4.71 -41.34
CA GLY D 23 9.24 4.46 -42.76
C GLY D 23 7.90 3.93 -43.18
N SER D 24 7.06 3.53 -42.25
CA SER D 24 5.76 3.03 -42.65
C SER D 24 4.83 4.20 -42.89
N PRO D 25 3.91 4.09 -43.85
CA PRO D 25 2.92 5.14 -44.03
C PRO D 25 2.02 5.29 -42.81
N LYS D 26 1.67 6.52 -42.52
CA LYS D 26 0.86 6.82 -41.35
C LYS D 26 -0.55 6.29 -41.47
N THR D 27 -1.05 5.72 -40.38
CA THR D 27 -2.33 5.03 -40.38
C THR D 27 -3.23 5.51 -39.25
N VAL D 28 -4.54 5.51 -39.52
CA VAL D 28 -5.59 5.77 -38.54
C VAL D 28 -6.36 4.49 -38.35
N VAL D 29 -6.63 4.09 -37.12
CA VAL D 29 -7.54 2.96 -36.88
C VAL D 29 -8.90 3.60 -36.75
N TYR D 30 -9.58 3.82 -37.87
CA TYR D 30 -10.84 4.57 -37.89
C TYR D 30 -11.99 3.70 -38.32
N GLY D 31 -13.05 3.72 -37.52
CA GLY D 31 -14.14 2.83 -37.78
C GLY D 31 -13.81 1.44 -37.41
N GLY D 32 -12.77 1.25 -36.62
CA GLY D 32 -12.34 -0.05 -36.20
C GLY D 32 -11.38 -0.68 -37.16
N LYS D 33 -11.16 -0.08 -38.33
CA LYS D 33 -10.30 -0.66 -39.35
C LYS D 33 -9.18 0.30 -39.69
N GLU D 34 -7.97 -0.23 -39.78
CA GLU D 34 -6.80 0.57 -40.09
C GLU D 34 -6.87 1.12 -41.51
N ARG D 35 -6.60 2.40 -41.65
CA ARG D 35 -6.67 3.12 -42.90
C ARG D 35 -5.47 4.03 -43.03
N THR D 36 -4.66 3.87 -44.07
CA THR D 36 -3.51 4.74 -44.22
C THR D 36 -3.95 6.18 -44.42
N ARG D 37 -3.15 7.11 -43.92
CA ARG D 37 -3.48 8.53 -43.93
C ARG D 37 -2.28 9.33 -44.35
N VAL D 38 -2.54 10.48 -44.95
CA VAL D 38 -1.53 11.49 -45.21
C VAL D 38 -1.74 12.63 -44.25
N SER D 39 -0.73 12.93 -43.45
CA SER D 39 -0.89 13.93 -42.42
C SER D 39 -1.21 15.29 -43.03
N SER D 40 -1.94 16.09 -42.26
CA SER D 40 -2.39 17.38 -42.78
C SER D 40 -1.24 18.34 -42.94
N GLN D 41 -0.26 18.29 -42.03
CA GLN D 41 0.83 19.24 -42.16
C GLN D 41 1.61 19.02 -43.44
N SER D 42 1.69 17.79 -43.93
CA SER D 42 2.42 17.55 -45.17
C SER D 42 1.71 18.15 -46.37
N TRP D 43 0.45 17.79 -46.57
CA TRP D 43 -0.27 18.34 -47.70
C TRP D 43 -0.41 19.85 -47.56
N LYS D 44 -0.47 20.35 -46.33
CA LYS D 44 -0.50 21.79 -46.10
C LYS D 44 0.81 22.44 -46.52
N ARG D 45 1.92 21.77 -46.27
CA ARG D 45 3.20 22.31 -46.73
C ARG D 45 3.26 22.33 -48.25
N ALA D 46 2.80 21.26 -48.88
CA ALA D 46 2.78 21.25 -50.34
C ALA D 46 1.87 22.34 -50.88
N VAL D 47 0.79 22.63 -50.16
CA VAL D 47 -0.11 23.68 -50.63
C VAL D 47 0.52 25.03 -50.45
N ARG D 48 1.20 25.26 -49.34
CA ARG D 48 1.77 26.58 -49.15
C ARG D 48 2.93 26.82 -50.09
N HIS D 49 3.69 25.79 -50.45
CA HIS D 49 4.75 26.04 -51.41
C HIS D 49 4.23 26.26 -52.81
N GLU D 50 3.18 25.55 -53.21
CA GLU D 50 2.64 25.86 -54.51
C GLU D 50 1.96 27.23 -54.53
N VAL D 51 1.31 27.63 -53.44
CA VAL D 51 0.68 28.95 -53.41
C VAL D 51 1.72 30.05 -53.43
N GLU D 52 2.76 29.92 -52.64
CA GLU D 52 3.82 30.93 -52.68
C GLU D 52 4.48 30.97 -54.05
N ALA D 53 4.67 29.81 -54.68
CA ALA D 53 5.32 29.81 -55.98
C ALA D 53 4.43 30.38 -57.07
N ARG D 54 3.12 30.24 -56.95
CA ARG D 54 2.22 30.74 -57.97
C ARG D 54 1.80 32.17 -57.75
N LEU D 55 1.65 32.59 -56.51
CA LEU D 55 1.28 33.95 -56.16
C LEU D 55 2.50 34.85 -56.00
N GLY D 56 3.71 34.28 -56.10
CA GLY D 56 4.97 35.00 -56.11
C GLY D 56 5.58 35.39 -54.78
N ASP D 57 4.83 35.54 -53.72
CA ASP D 57 5.44 35.95 -52.46
C ASP D 57 5.68 34.76 -51.57
N LYS D 58 6.92 34.65 -51.09
CA LYS D 58 7.32 33.51 -50.27
C LYS D 58 7.67 33.90 -48.85
N ALA D 59 7.19 33.11 -47.91
CA ALA D 59 7.49 33.22 -46.50
C ALA D 59 8.44 32.11 -46.10
N VAL D 60 9.18 32.36 -45.04
CA VAL D 60 10.28 31.51 -44.67
C VAL D 60 10.15 31.14 -43.21
N ARG D 61 10.00 29.84 -42.97
CA ARG D 61 9.95 29.25 -41.64
C ARG D 61 11.35 28.73 -41.38
N THR D 62 12.10 29.41 -40.53
CA THR D 62 13.50 29.08 -40.37
C THR D 62 13.88 29.20 -38.92
N ARG D 63 14.80 28.33 -38.52
CA ARG D 63 15.34 28.32 -37.17
C ARG D 63 16.66 29.04 -37.15
N ARG D 64 17.09 29.54 -38.29
CA ARG D 64 18.36 30.26 -38.34
C ARG D 64 18.26 31.58 -39.05
N ILE D 65 17.53 32.50 -38.43
CA ILE D 65 17.36 33.84 -38.95
C ILE D 65 18.64 34.67 -38.88
N ILE D 66 19.42 34.47 -37.82
CA ILE D 66 20.61 35.28 -37.61
C ILE D 66 21.58 35.14 -38.77
N SER D 67 21.79 33.91 -39.23
CA SER D 67 22.71 33.69 -40.34
C SER D 67 22.23 34.38 -41.61
N GLU D 68 20.93 34.40 -41.85
CA GLU D 68 20.42 35.01 -43.07
C GLU D 68 20.54 36.53 -43.01
N ILE D 69 20.23 37.11 -41.85
CA ILE D 69 20.45 38.54 -41.69
C ILE D 69 21.92 38.83 -41.85
N ALA D 70 22.78 37.92 -41.42
CA ALA D 70 24.21 38.10 -41.62
C ALA D 70 24.61 38.14 -43.10
N LYS D 71 24.00 37.31 -43.97
CA LYS D 71 24.38 37.49 -45.37
C LYS D 71 23.91 38.84 -45.91
N ARG D 72 22.71 39.30 -45.50
CA ARG D 72 22.32 40.62 -46.02
C ARG D 72 23.21 41.73 -45.48
N LEU D 73 23.56 41.70 -44.20
CA LEU D 73 24.46 42.76 -43.75
C LEU D 73 25.83 42.63 -44.38
N ARG D 74 26.29 41.41 -44.68
CA ARG D 74 27.57 41.26 -45.35
C ARG D 74 27.55 41.77 -46.78
N GLU D 75 26.42 41.61 -47.48
CA GLU D 75 26.30 42.22 -48.81
C GLU D 75 26.08 43.73 -48.75
N ARG D 76 25.71 44.29 -47.60
CA ARG D 76 25.62 45.74 -47.45
C ARG D 76 26.95 46.42 -47.16
N GLY D 77 28.03 45.66 -47.05
CA GLY D 77 29.33 46.23 -46.82
C GLY D 77 29.87 46.06 -45.43
N TRP D 78 29.18 45.33 -44.57
CA TRP D 78 29.63 45.09 -43.22
C TRP D 78 30.73 44.04 -43.20
N ASP D 79 31.61 44.14 -42.22
CA ASP D 79 32.57 43.06 -42.01
C ASP D 79 31.83 41.85 -41.46
N ALA D 80 32.40 40.67 -41.65
CA ALA D 80 31.71 39.45 -41.24
C ALA D 80 31.43 39.47 -39.76
N ASP D 81 32.39 39.93 -38.96
CA ASP D 81 32.19 39.96 -37.52
C ASP D 81 31.16 40.99 -37.13
N LEU D 82 31.13 42.14 -37.81
CA LEU D 82 30.08 43.10 -37.50
C LEU D 82 28.73 42.63 -38.00
N ALA D 83 28.71 41.85 -39.08
CA ALA D 83 27.43 41.35 -39.54
C ALA D 83 26.86 40.35 -38.55
N ASP D 84 27.72 39.51 -37.98
CA ASP D 84 27.27 38.55 -36.98
C ASP D 84 26.84 39.26 -35.70
N ALA D 85 27.59 40.25 -35.27
CA ALA D 85 27.19 40.98 -34.06
C ALA D 85 25.93 41.79 -34.28
N GLY D 86 25.74 42.31 -35.48
CA GLY D 86 24.53 43.06 -35.76
C GLY D 86 23.30 42.19 -35.83
N ALA D 87 23.43 41.00 -36.43
CA ALA D 87 22.28 40.11 -36.42
C ALA D 87 21.99 39.58 -35.02
N ARG D 88 23.02 39.41 -34.20
CA ARG D 88 22.73 39.04 -32.82
C ARG D 88 22.01 40.16 -32.12
N GLN D 89 22.33 41.41 -32.49
CA GLN D 89 21.62 42.52 -31.88
C GLN D 89 20.17 42.53 -32.32
N VAL D 90 19.89 42.05 -33.54
CA VAL D 90 18.51 42.04 -34.01
C VAL D 90 17.66 41.14 -33.14
N VAL D 91 18.16 39.95 -32.81
CA VAL D 91 17.35 39.05 -31.99
C VAL D 91 17.50 39.33 -30.51
N LEU D 92 18.54 40.05 -30.12
CA LEU D 92 18.78 40.41 -28.73
C LEU D 92 17.93 41.58 -28.26
N SER D 93 17.50 42.43 -29.18
CA SER D 93 16.81 43.65 -28.85
C SER D 93 15.30 43.48 -28.68
N VAL D 94 14.77 42.27 -28.83
CA VAL D 94 13.32 42.09 -28.82
C VAL D 94 12.90 40.97 -27.87
N GLY D 95 11.66 41.02 -27.41
CA GLY D 95 11.18 40.07 -26.44
C GLY D 95 11.19 40.58 -25.01
N LYS D 96 10.41 39.92 -24.16
CA LYS D 96 10.29 40.25 -22.75
C LYS D 96 11.63 40.14 -22.02
N LYS D 97 12.20 38.94 -22.02
CA LYS D 97 13.47 38.66 -21.36
C LYS D 97 14.59 39.38 -22.08
N SER D 98 15.83 39.03 -21.77
CA SER D 98 16.97 39.70 -22.39
C SER D 98 16.90 39.65 -23.90
N GLY D 99 16.60 38.49 -24.46
CA GLY D 99 16.51 38.37 -25.89
C GLY D 99 15.87 37.05 -26.29
N ILE D 100 15.69 36.88 -27.60
CA ILE D 100 15.17 35.61 -28.07
C ILE D 100 16.21 34.56 -27.72
N LYS D 101 15.78 33.49 -27.07
CA LYS D 101 16.75 32.51 -26.62
C LYS D 101 17.36 31.79 -27.81
N LEU D 102 18.65 31.50 -27.69
CA LEU D 102 19.41 30.88 -28.75
C LEU D 102 19.87 29.50 -28.34
N GLU D 103 19.92 28.63 -29.33
CA GLU D 103 20.45 27.29 -29.18
C GLU D 103 21.95 27.35 -28.90
N LYS D 104 22.48 26.26 -28.37
CA LYS D 104 23.88 26.18 -27.98
C LYS D 104 24.74 26.49 -29.19
N GLU D 105 25.81 27.26 -28.97
CA GLU D 105 26.60 27.71 -30.10
C GLU D 105 27.36 26.59 -30.80
N LYS D 106 27.24 26.61 -32.10
CA LYS D 106 27.89 25.72 -33.05
C LYS D 106 29.14 26.40 -33.58
N ASP D 107 30.19 25.61 -33.79
CA ASP D 107 31.44 26.13 -34.30
C ASP D 107 31.29 26.74 -35.70
N SER D 108 31.91 27.90 -35.91
CA SER D 108 31.98 28.56 -37.21
C SER D 108 30.64 29.07 -37.74
N GLU D 109 29.53 28.81 -37.06
CA GLU D 109 28.25 29.27 -37.59
C GLU D 109 27.44 29.99 -36.52
N ALA D 110 26.64 30.94 -36.97
CA ALA D 110 25.77 31.70 -36.09
C ALA D 110 24.74 30.79 -35.44
N PRO D 111 24.42 31.01 -34.17
CA PRO D 111 23.52 30.11 -33.47
C PRO D 111 22.09 30.25 -33.96
N ALA D 112 21.40 29.12 -33.98
CA ALA D 112 20.01 29.08 -34.35
C ALA D 112 19.14 29.48 -33.17
N THR D 113 18.06 30.17 -33.47
CA THR D 113 17.09 30.53 -32.44
C THR D 113 16.41 29.27 -31.97
N SER D 114 15.92 29.28 -30.74
CA SER D 114 15.25 28.11 -30.20
C SER D 114 13.94 27.83 -30.92
N VAL D 115 13.22 28.87 -31.33
CA VAL D 115 11.91 28.69 -31.97
C VAL D 115 12.01 29.07 -33.45
N LEU D 116 11.16 28.43 -34.26
CA LEU D 116 11.09 28.68 -35.70
C LEU D 116 10.37 29.97 -36.07
N PHE D 117 11.10 30.94 -36.59
CA PHE D 117 10.50 32.17 -37.09
C PHE D 117 9.78 31.87 -38.39
N TYR D 118 8.74 32.63 -38.69
CA TYR D 118 7.93 32.43 -39.89
C TYR D 118 7.59 33.79 -40.47
N LEU D 119 8.43 34.30 -41.35
CA LEU D 119 8.21 35.66 -41.84
C LEU D 119 8.56 35.74 -43.31
N PRO D 120 7.94 36.66 -44.04
CA PRO D 120 8.25 36.80 -45.46
C PRO D 120 9.69 37.23 -45.67
N VAL D 121 10.17 36.99 -46.88
CA VAL D 121 11.56 37.30 -47.22
C VAL D 121 11.86 38.80 -47.20
N PRO D 122 11.07 39.65 -47.85
CA PRO D 122 11.40 41.07 -47.77
C PRO D 122 11.38 41.63 -46.36
N ALA D 123 10.61 41.03 -45.45
CA ALA D 123 10.68 41.49 -44.06
C ALA D 123 12.03 41.18 -43.42
N ILE D 124 12.63 40.05 -43.76
CA ILE D 124 13.96 39.76 -43.25
C ILE D 124 14.95 40.79 -43.77
N ASP D 125 14.81 41.18 -45.04
CA ASP D 125 15.69 42.21 -45.55
C ASP D 125 15.48 43.55 -44.85
N GLU D 126 14.24 43.85 -44.48
CA GLU D 126 14.01 45.09 -43.73
C GLU D 126 14.63 45.02 -42.35
N LEU D 127 14.62 43.85 -41.72
CA LEU D 127 15.34 43.72 -40.47
C LEU D 127 16.82 43.99 -40.67
N ALA D 128 17.36 43.57 -41.81
CA ALA D 128 18.74 43.90 -42.10
C ALA D 128 18.95 45.41 -42.22
N ALA D 129 18.00 46.11 -42.83
CA ALA D 129 18.14 47.56 -42.93
C ALA D 129 18.07 48.24 -41.56
N ILE D 130 17.22 47.74 -40.66
CA ILE D 130 17.15 48.32 -39.33
C ILE D 130 18.44 48.10 -38.59
N ALA D 131 19.01 46.91 -38.69
CA ALA D 131 20.32 46.72 -38.08
C ALA D 131 21.38 47.51 -38.80
N ASP D 132 21.11 47.96 -40.02
CA ASP D 132 22.14 48.65 -40.78
C ASP D 132 22.27 50.12 -40.38
N GLU D 133 21.16 50.79 -40.18
CA GLU D 133 21.19 52.20 -39.86
C GLU D 133 21.98 52.48 -38.60
N HIS D 134 21.90 51.58 -37.64
CA HIS D 134 22.55 51.72 -36.33
C HIS D 134 23.90 51.01 -36.31
N ARG D 135 24.71 51.22 -37.34
CA ARG D 135 25.97 50.48 -37.44
C ARG D 135 26.98 50.86 -36.38
N ASP D 136 27.07 52.14 -36.03
CA ASP D 136 28.07 52.56 -35.04
C ASP D 136 27.72 52.08 -33.64
N ALA D 137 26.45 52.14 -33.27
CA ALA D 137 26.03 51.65 -31.97
C ALA D 137 26.28 50.15 -31.87
N VAL D 138 26.06 49.43 -32.97
CA VAL D 138 26.37 48.01 -32.99
C VAL D 138 27.87 47.79 -32.86
N ALA D 139 28.67 48.64 -33.50
CA ALA D 139 30.11 48.48 -33.36
C ALA D 139 30.58 48.72 -31.93
N LYS D 140 29.92 49.64 -31.23
CA LYS D 140 30.29 49.88 -29.84
C LYS D 140 29.85 48.74 -28.95
N GLU D 141 28.70 48.16 -29.21
CA GLU D 141 28.28 47.05 -28.36
C GLU D 141 28.97 45.77 -28.72
N ALA D 142 29.53 45.68 -29.93
CA ALA D 142 30.28 44.51 -30.32
C ALA D 142 31.59 44.41 -29.54
N ALA D 143 32.09 45.54 -29.04
CA ALA D 143 33.31 45.49 -28.25
C ALA D 143 33.10 45.02 -26.81
N LYS D 144 31.90 45.20 -26.25
CA LYS D 144 31.58 44.79 -24.89
C LYS D 144 31.46 43.27 -24.78
N LYS D 145 31.60 42.75 -23.56
CA LYS D 145 31.54 41.31 -23.38
C LYS D 145 30.13 40.77 -23.53
N THR D 146 29.14 41.46 -22.97
CA THR D 146 27.74 41.06 -23.02
C THR D 146 26.88 42.18 -23.59
N PRO D 147 26.83 42.33 -24.90
CA PRO D 147 26.09 43.45 -25.48
C PRO D 147 24.60 43.30 -25.25
N LYS D 148 23.93 44.45 -25.09
CA LYS D 148 22.50 44.53 -24.88
C LYS D 148 21.77 44.96 -26.16
N GLY D 149 20.46 44.73 -26.15
CA GLY D 149 19.63 45.09 -27.27
C GLY D 149 19.46 46.59 -27.50
N ILE D 150 20.31 47.12 -28.37
CA ILE D 150 20.33 48.55 -28.64
C ILE D 150 19.26 48.96 -29.65
N LEU D 151 18.98 48.11 -30.63
CA LEU D 151 18.05 48.47 -31.68
C LEU D 151 16.65 48.74 -31.11
N PRO D 152 15.88 49.59 -31.78
CA PRO D 152 14.54 49.89 -31.28
C PRO D 152 13.69 48.64 -31.34
N ALA D 153 12.94 48.38 -30.28
CA ALA D 153 12.14 47.17 -30.28
C ALA D 153 10.88 47.35 -31.11
N ASP D 154 10.35 48.56 -31.16
CA ASP D 154 9.09 48.77 -31.83
C ASP D 154 9.22 48.55 -33.34
N ARG D 155 10.28 49.06 -33.95
CA ARG D 155 10.46 48.89 -35.38
C ARG D 155 10.67 47.42 -35.74
N ILE D 156 11.43 46.71 -34.94
CA ILE D 156 11.65 45.30 -35.24
C ILE D 156 10.36 44.53 -35.07
N THR D 157 9.63 44.79 -33.99
CA THR D 157 8.36 44.10 -33.81
C THR D 157 7.39 44.42 -34.95
N GLU D 158 7.45 45.64 -35.49
CA GLU D 158 6.59 45.96 -36.63
C GLU D 158 7.01 45.23 -37.88
N VAL D 159 8.30 44.94 -38.03
CA VAL D 159 8.73 44.15 -39.17
C VAL D 159 8.34 42.69 -39.00
N LEU D 160 8.50 42.15 -37.79
CA LEU D 160 8.10 40.78 -37.52
C LEU D 160 6.59 40.57 -37.57
N LYS D 161 5.78 41.61 -37.57
CA LYS D 161 4.35 41.43 -37.71
C LYS D 161 3.89 41.32 -39.16
N SER D 162 4.75 41.58 -40.13
CA SER D 162 4.34 41.55 -41.52
C SER D 162 3.86 40.16 -41.92
N ARG D 163 2.79 40.13 -42.69
CA ARG D 163 2.12 38.89 -43.03
C ARG D 163 2.28 38.58 -44.51
N ASN D 164 2.67 37.35 -44.79
CA ASN D 164 2.57 36.81 -46.13
C ASN D 164 1.17 36.24 -46.31
N VAL D 165 0.85 35.92 -47.56
CA VAL D 165 -0.38 35.21 -47.89
C VAL D 165 -0.44 33.89 -47.13
N SER D 166 0.70 33.21 -47.00
CA SER D 166 0.72 31.96 -46.25
C SER D 166 0.50 32.20 -44.78
N VAL D 167 1.01 33.31 -44.26
CA VAL D 167 0.75 33.65 -42.87
C VAL D 167 -0.71 34.04 -42.68
N ASN D 168 -1.26 34.78 -43.63
CA ASN D 168 -2.66 35.13 -43.57
C ASN D 168 -3.55 33.91 -43.62
N LEU D 169 -3.10 32.89 -44.33
CA LEU D 169 -3.94 31.75 -44.63
C LEU D 169 -3.82 30.66 -43.58
N PHE D 170 -2.60 30.34 -43.16
CA PHE D 170 -2.38 29.26 -42.23
C PHE D 170 -2.01 29.72 -40.83
N GLY D 171 -1.75 31.00 -40.63
CA GLY D 171 -1.43 31.47 -39.29
C GLY D 171 -0.02 31.13 -38.87
N ARG D 172 0.41 31.77 -37.79
CA ARG D 172 1.74 31.55 -37.25
C ARG D 172 1.65 31.59 -35.74
N MET D 173 2.72 31.15 -35.09
CA MET D 173 2.81 31.19 -33.64
C MET D 173 4.24 31.53 -33.26
N LEU D 174 4.36 32.47 -32.35
CA LEU D 174 5.63 32.87 -31.78
C LEU D 174 5.34 32.93 -30.29
N ALA D 175 6.06 32.19 -29.47
CA ALA D 175 5.77 32.26 -28.04
C ALA D 175 6.40 33.49 -27.38
N GLU D 176 7.61 33.88 -27.77
CA GLU D 176 8.21 35.06 -27.15
C GLU D 176 7.56 36.35 -27.59
N LEU D 177 6.93 36.39 -28.76
CA LEU D 177 6.31 37.60 -29.26
C LEU D 177 4.86 37.29 -29.60
N PRO D 178 4.00 37.24 -28.58
CA PRO D 178 2.58 36.97 -28.84
C PRO D 178 1.88 38.04 -29.63
N SER D 179 2.51 39.19 -29.85
CA SER D 179 1.90 40.21 -30.69
C SER D 179 1.90 39.82 -32.15
N THR D 180 2.82 38.95 -32.56
CA THR D 180 2.98 38.54 -33.95
C THR D 180 2.11 37.36 -34.33
N GLU D 181 1.53 36.66 -33.37
CA GLU D 181 0.74 35.48 -33.66
C GLU D 181 -0.48 35.85 -34.50
N VAL D 182 -0.74 35.05 -35.53
CA VAL D 182 -1.83 35.26 -36.46
C VAL D 182 -2.71 34.02 -36.44
N ASP D 183 -4.01 34.21 -36.30
CA ASP D 183 -4.94 33.09 -36.33
C ASP D 183 -5.06 32.54 -37.73
N GLY D 184 -4.94 31.22 -37.87
CA GLY D 184 -5.07 30.62 -39.18
C GLY D 184 -6.50 30.70 -39.68
N ALA D 185 -6.64 30.84 -41.00
CA ALA D 185 -7.95 30.87 -41.62
C ALA D 185 -8.32 29.57 -42.31
N VAL D 186 -7.52 28.52 -42.17
CA VAL D 186 -7.72 27.28 -42.91
C VAL D 186 -7.65 26.10 -41.97
N GLN D 187 -8.66 25.23 -42.02
CA GLN D 187 -8.61 23.95 -41.32
C GLN D 187 -8.32 22.84 -42.31
N PHE D 188 -7.23 22.12 -42.12
CA PHE D 188 -6.81 21.12 -43.09
C PHE D 188 -6.89 19.74 -42.43
N ALA D 189 -7.82 18.90 -42.86
CA ALA D 189 -7.95 17.57 -42.26
C ALA D 189 -6.92 16.57 -42.79
N HIS D 190 -6.65 15.56 -41.96
CA HIS D 190 -5.82 14.42 -42.32
C HIS D 190 -6.52 13.52 -43.34
N ALA D 191 -5.97 13.46 -44.53
CA ALA D 191 -6.50 12.65 -45.61
C ALA D 191 -6.35 11.17 -45.32
N PHE D 192 -7.45 10.47 -45.05
CA PHE D 192 -7.41 9.04 -44.81
C PHE D 192 -8.10 8.29 -45.94
N THR D 193 -7.88 6.98 -46.01
CA THR D 193 -8.49 6.17 -47.05
C THR D 193 -9.94 5.88 -46.74
N VAL D 194 -10.74 5.78 -47.79
CA VAL D 194 -12.11 5.36 -47.63
C VAL D 194 -12.18 3.92 -47.16
N HIS D 195 -11.28 3.08 -47.63
CA HIS D 195 -11.28 1.65 -47.35
C HIS D 195 -10.11 1.25 -46.47
N GLY D 196 -10.24 0.10 -45.81
CA GLY D 196 -9.16 -0.39 -44.99
C GLY D 196 -7.99 -0.88 -45.81
N THR D 197 -6.78 -0.53 -45.39
CA THR D 197 -5.57 -0.83 -46.15
C THR D 197 -4.53 -1.48 -45.26
N THR D 198 -4.06 -2.64 -45.65
CA THR D 198 -2.92 -3.25 -44.97
C THR D 198 -1.64 -2.75 -45.62
N VAL D 199 -0.64 -2.47 -44.79
CA VAL D 199 0.60 -1.90 -45.29
C VAL D 199 1.30 -2.97 -46.11
N GLU D 200 1.65 -2.62 -47.35
CA GLU D 200 2.28 -3.56 -48.27
C GLU D 200 3.78 -3.36 -48.27
N VAL D 201 4.53 -4.41 -47.97
CA VAL D 201 5.98 -4.33 -47.85
C VAL D 201 6.65 -4.76 -49.15
N ASP D 202 7.53 -3.91 -49.68
CA ASP D 202 8.28 -4.22 -50.89
C ASP D 202 9.71 -4.51 -50.45
N PHE D 203 10.16 -5.75 -50.55
CA PHE D 203 11.54 -6.09 -50.26
C PHE D 203 12.41 -5.67 -51.44
N PHE D 204 13.39 -4.80 -51.21
CA PHE D 204 14.27 -4.35 -52.27
C PHE D 204 15.75 -4.47 -51.94
N THR D 205 16.57 -4.60 -52.99
CA THR D 205 18.02 -4.71 -52.87
C THR D 205 18.74 -3.86 -53.91
N ALA D 206 19.76 -3.12 -53.45
CA ALA D 206 20.70 -2.42 -54.32
C ALA D 206 21.84 -3.33 -54.74
N VAL D 207 22.09 -3.40 -56.05
CA VAL D 207 23.08 -4.30 -56.62
C VAL D 207 24.42 -3.59 -56.74
N ASP D 208 25.48 -4.26 -56.30
CA ASP D 208 26.84 -3.74 -56.46
C ASP D 208 27.34 -3.90 -57.89
N ASP D 209 28.12 -2.92 -58.33
CA ASP D 209 28.55 -2.87 -59.72
C ASP D 209 29.97 -3.38 -59.95
N ILE D 210 30.77 -3.54 -58.91
CA ILE D 210 32.10 -4.16 -59.02
C ILE D 210 31.99 -5.58 -58.47
N PRO D 211 32.05 -6.60 -59.31
CA PRO D 211 31.85 -7.97 -58.82
C PRO D 211 33.06 -8.58 -58.13
N LYS D 212 32.78 -9.57 -57.28
CA LYS D 212 33.77 -10.44 -56.67
C LYS D 212 33.46 -11.87 -57.06
N GLU D 213 34.47 -12.72 -57.07
CA GLU D 213 34.26 -14.11 -57.47
C GLU D 213 33.33 -14.88 -56.53
N ASN D 214 32.48 -15.68 -57.17
CA ASN D 214 31.49 -16.54 -56.56
C ASN D 214 30.48 -15.77 -55.70
N ASP D 215 29.91 -14.75 -56.33
CA ASP D 215 28.95 -13.88 -55.67
C ASP D 215 28.36 -12.98 -56.73
N HIS D 216 27.03 -12.88 -56.88
CA HIS D 216 26.56 -11.74 -57.68
C HIS D 216 26.78 -10.47 -56.90
N GLY D 217 26.86 -10.55 -55.57
CA GLY D 217 27.23 -9.32 -54.91
C GLY D 217 26.17 -8.25 -55.01
N SER D 218 25.01 -8.51 -54.42
CA SER D 218 24.07 -7.45 -54.19
C SER D 218 24.55 -6.64 -52.99
N GLY D 219 24.53 -5.33 -53.14
CA GLY D 219 25.15 -4.42 -52.20
C GLY D 219 24.36 -4.21 -50.94
N HIS D 220 23.04 -4.15 -51.05
CA HIS D 220 22.27 -3.71 -49.90
C HIS D 220 20.89 -4.35 -49.97
N MET D 221 20.28 -4.54 -48.82
CA MET D 221 18.95 -5.12 -48.73
C MET D 221 18.13 -4.31 -47.73
N ASN D 222 16.83 -4.23 -47.99
CA ASN D 222 15.89 -3.49 -47.15
C ASN D 222 14.44 -3.75 -47.56
N ALA D 223 13.52 -3.44 -46.66
CA ALA D 223 12.09 -3.63 -46.89
C ALA D 223 11.43 -2.27 -46.78
N GLY D 224 11.02 -1.70 -47.90
CA GLY D 224 10.32 -0.43 -47.92
C GLY D 224 8.83 -0.64 -48.09
N GLN D 225 8.05 -0.10 -47.17
CA GLN D 225 6.62 -0.36 -47.14
C GLN D 225 5.83 0.77 -47.77
N PHE D 226 5.02 0.45 -48.75
CA PHE D 226 4.17 1.41 -49.44
C PHE D 226 2.72 0.94 -49.36
N SER D 227 1.83 1.78 -49.85
CA SER D 227 0.40 1.52 -49.82
C SER D 227 -0.29 2.34 -50.89
N ALA D 228 -1.54 1.99 -51.18
CA ALA D 228 -2.34 2.68 -52.19
C ALA D 228 -3.79 2.76 -51.74
N GLY D 229 -4.54 3.67 -52.34
CA GLY D 229 -5.95 3.72 -52.03
C GLY D 229 -6.58 5.04 -52.42
N THR D 230 -7.88 5.12 -52.20
CA THR D 230 -8.68 6.30 -52.51
C THR D 230 -8.86 7.14 -51.25
N PHE D 231 -8.10 8.21 -51.13
CA PHE D 231 -8.17 9.05 -49.95
C PHE D 231 -9.36 9.99 -49.99
N TYR D 232 -9.91 10.27 -48.81
CA TYR D 232 -10.88 11.33 -48.62
C TYR D 232 -10.16 12.55 -48.08
N ARG D 233 -10.43 13.72 -48.64
CA ARG D 233 -9.72 14.93 -48.26
C ARG D 233 -10.73 16.04 -47.97
N TYR D 234 -10.43 16.87 -46.98
CA TYR D 234 -11.35 17.91 -46.58
C TYR D 234 -10.59 19.12 -46.08
N ALA D 235 -11.15 20.31 -46.30
CA ALA D 235 -10.49 21.51 -45.81
C ALA D 235 -11.48 22.65 -45.71
N ASN D 236 -11.24 23.56 -44.77
CA ASN D 236 -12.07 24.72 -44.54
C ASN D 236 -11.29 25.99 -44.79
N VAL D 237 -12.01 27.04 -45.12
CA VAL D 237 -11.48 28.38 -45.23
C VAL D 237 -12.47 29.32 -44.56
N ASN D 238 -12.07 29.91 -43.45
CA ASN D 238 -12.90 30.85 -42.70
C ASN D 238 -12.75 32.22 -43.35
N LEU D 239 -13.72 32.60 -44.17
CA LEU D 239 -13.59 33.85 -44.89
C LEU D 239 -13.54 35.04 -43.96
N ASP D 240 -14.25 35.01 -42.84
CA ASP D 240 -14.16 36.16 -41.96
C ASP D 240 -12.74 36.36 -41.43
N ARG D 241 -12.05 35.29 -41.07
CA ARG D 241 -10.67 35.47 -40.62
C ARG D 241 -9.71 35.78 -41.74
N LEU D 242 -9.92 35.25 -42.93
CA LEU D 242 -8.97 35.58 -43.99
C LEU D 242 -9.13 37.02 -44.43
N VAL D 243 -10.37 37.51 -44.47
CA VAL D 243 -10.62 38.91 -44.73
C VAL D 243 -10.10 39.76 -43.60
N GLU D 244 -10.18 39.28 -42.37
CA GLU D 244 -9.63 40.04 -41.26
C GLU D 244 -8.12 40.10 -41.33
N ASN D 245 -7.47 39.03 -41.78
CA ASN D 245 -6.02 39.01 -41.83
C ASN D 245 -5.47 39.87 -42.96
N THR D 246 -5.89 39.61 -44.20
CA THR D 246 -5.41 40.44 -45.30
C THR D 246 -5.93 41.86 -45.22
N GLY D 247 -7.10 42.04 -44.63
CA GLY D 247 -7.73 43.35 -44.54
C GLY D 247 -8.68 43.62 -45.69
N ASP D 248 -8.17 43.63 -46.91
CA ASP D 248 -9.02 43.89 -48.08
C ASP D 248 -9.64 42.60 -48.60
N ALA D 249 -10.89 42.69 -49.06
CA ALA D 249 -11.55 41.51 -49.57
C ALA D 249 -11.02 41.05 -50.92
N GLN D 250 -10.39 41.92 -51.70
CA GLN D 250 -9.85 41.47 -52.98
C GLN D 250 -8.64 40.55 -52.85
N THR D 251 -7.70 40.85 -51.94
CA THR D 251 -6.62 39.90 -51.74
C THR D 251 -7.09 38.63 -51.07
N ALA D 252 -8.11 38.72 -50.23
CA ALA D 252 -8.67 37.49 -49.69
C ALA D 252 -9.31 36.66 -50.78
N ARG D 253 -9.91 37.31 -51.78
CA ARG D 253 -10.55 36.56 -52.85
C ARG D 253 -9.51 35.79 -53.66
N THR D 254 -8.41 36.46 -54.01
CA THR D 254 -7.34 35.77 -54.72
C THR D 254 -6.72 34.68 -53.86
N ALA D 255 -6.59 34.94 -52.56
CA ALA D 255 -6.02 33.93 -51.67
C ALA D 255 -6.90 32.70 -51.59
N VAL D 256 -8.21 32.87 -51.57
CA VAL D 256 -9.10 31.72 -51.48
C VAL D 256 -9.09 30.93 -52.77
N ALA D 257 -9.22 31.62 -53.90
CA ALA D 257 -9.23 30.89 -55.17
C ALA D 257 -7.92 30.16 -55.38
N GLU D 258 -6.83 30.85 -55.02
CA GLU D 258 -5.49 30.29 -55.11
C GLU D 258 -5.34 29.08 -54.20
N PHE D 259 -5.89 29.15 -52.99
CA PHE D 259 -5.82 28.03 -52.07
C PHE D 259 -6.58 26.83 -52.59
N LEU D 260 -7.80 27.03 -53.07
CA LEU D 260 -8.59 25.91 -53.54
C LEU D 260 -7.91 25.22 -54.71
N ARG D 261 -7.35 26.01 -55.62
CA ARG D 261 -6.64 25.41 -56.73
C ARG D 261 -5.40 24.65 -56.28
N ALA D 262 -4.68 25.19 -55.29
CA ALA D 262 -3.55 24.46 -54.75
C ALA D 262 -4.00 23.18 -54.08
N PHE D 263 -5.13 23.21 -53.41
CA PHE D 263 -5.65 22.03 -52.73
C PHE D 263 -5.92 20.92 -53.72
N LEU D 264 -6.34 21.27 -54.93
CA LEU D 264 -6.66 20.25 -55.93
C LEU D 264 -5.43 19.79 -56.68
N SER D 265 -4.51 20.70 -56.97
CA SER D 265 -3.38 20.43 -57.84
C SER D 265 -2.22 19.73 -57.15
N THR D 266 -1.92 20.07 -55.91
CA THR D 266 -0.68 19.64 -55.28
C THR D 266 -0.76 18.23 -54.69
N VAL D 267 0.41 17.64 -54.49
CA VAL D 267 0.53 16.32 -53.86
C VAL D 267 1.71 16.36 -52.86
N PRO D 268 1.71 15.40 -51.85
CA PRO D 268 2.82 15.53 -50.89
C PRO D 268 4.24 15.46 -51.42
N SER D 269 4.54 14.63 -52.41
CA SER D 269 5.90 14.57 -52.93
C SER D 269 6.94 13.81 -52.12
N GLY D 270 6.52 12.88 -51.29
CA GLY D 270 7.45 12.09 -50.53
C GLY D 270 7.61 10.78 -51.25
N LYS D 271 8.83 10.40 -51.59
CA LYS D 271 9.05 9.15 -52.30
C LYS D 271 8.33 9.09 -53.65
N GLN D 272 8.37 10.19 -54.40
CA GLN D 272 7.77 10.28 -55.71
C GLN D 272 8.71 10.03 -56.85
N ASN D 273 10.01 10.03 -56.59
CA ASN D 273 10.91 9.65 -57.66
C ASN D 273 10.84 8.15 -57.81
N ALA D 274 10.77 7.44 -56.69
CA ALA D 274 10.66 5.99 -56.72
C ALA D 274 9.28 5.55 -57.18
N THR D 275 8.25 6.37 -56.94
CA THR D 275 6.89 6.05 -57.36
C THR D 275 6.21 7.34 -57.78
N ALA D 276 5.73 7.39 -59.02
CA ALA D 276 5.08 8.60 -59.52
C ALA D 276 3.64 8.59 -59.02
N ALA D 277 3.39 9.26 -57.92
CA ALA D 277 2.06 9.31 -57.35
C ALA D 277 1.23 10.51 -57.81
N MET D 278 1.69 11.27 -58.78
CA MET D 278 0.92 12.42 -59.24
C MET D 278 -0.44 11.99 -59.77
N THR D 279 -1.48 12.63 -59.27
CA THR D 279 -2.85 12.29 -59.65
C THR D 279 -3.79 13.45 -59.36
N LEU D 280 -4.81 13.60 -60.20
CA LEU D 280 -5.89 14.54 -59.95
C LEU D 280 -7.02 13.89 -59.17
N PRO D 281 -7.66 14.64 -58.30
CA PRO D 281 -8.75 14.06 -57.52
C PRO D 281 -9.88 13.57 -58.40
N ASP D 282 -10.46 12.45 -58.00
CA ASP D 282 -11.54 11.85 -58.75
C ASP D 282 -12.81 12.65 -58.63
N LEU D 283 -13.04 13.29 -57.49
CA LEU D 283 -14.23 14.10 -57.33
C LEU D 283 -13.93 15.26 -56.40
N VAL D 284 -14.51 16.41 -56.69
CA VAL D 284 -14.35 17.56 -55.83
C VAL D 284 -15.71 18.19 -55.58
N HIS D 285 -15.93 18.65 -54.37
CA HIS D 285 -17.22 19.21 -53.96
C HIS D 285 -16.99 20.41 -53.07
N ILE D 286 -17.14 21.60 -53.64
CA ILE D 286 -17.02 22.84 -52.90
C ILE D 286 -18.39 23.31 -52.44
N ALA D 287 -18.53 23.48 -51.12
CA ALA D 287 -19.74 24.06 -50.57
C ALA D 287 -19.36 25.39 -49.94
N VAL D 288 -20.24 26.38 -50.09
CA VAL D 288 -20.08 27.69 -49.47
C VAL D 288 -21.14 27.78 -48.39
N ARG D 289 -20.77 27.45 -47.17
CA ARG D 289 -21.71 27.45 -46.07
C ARG D 289 -21.58 28.68 -45.20
N PHE D 290 -22.70 29.14 -44.66
CA PHE D 290 -22.69 30.31 -43.81
C PHE D 290 -22.76 30.00 -42.32
N ASP D 291 -23.42 28.91 -41.92
CA ASP D 291 -23.50 28.65 -40.49
C ASP D 291 -22.25 28.00 -39.90
N ARG D 292 -21.78 26.89 -40.49
CA ARG D 292 -20.67 26.13 -39.93
C ARG D 292 -20.17 25.13 -40.96
N PRO D 293 -18.88 24.83 -40.97
CA PRO D 293 -18.38 23.79 -41.86
C PRO D 293 -18.65 22.39 -41.37
N ILE D 294 -18.87 21.48 -42.32
CA ILE D 294 -19.21 20.09 -42.01
C ILE D 294 -18.39 19.17 -42.88
N SER D 295 -17.53 18.37 -42.28
CA SER D 295 -16.78 17.40 -43.03
C SER D 295 -17.65 16.17 -43.21
N PHE D 296 -17.50 15.50 -44.35
CA PHE D 296 -18.20 14.26 -44.62
C PHE D 296 -17.41 13.04 -44.23
N ALA D 297 -16.50 13.18 -43.29
CA ALA D 297 -15.70 12.04 -42.89
C ALA D 297 -16.51 10.93 -42.22
N PRO D 298 -17.55 11.22 -41.46
CA PRO D 298 -18.38 10.12 -40.96
C PRO D 298 -18.97 9.28 -42.06
N ALA D 299 -19.10 9.80 -43.26
CA ALA D 299 -19.66 9.00 -44.34
C ALA D 299 -18.82 7.77 -44.59
N PHE D 300 -17.51 7.87 -44.38
CA PHE D 300 -16.62 6.76 -44.66
C PHE D 300 -16.10 6.12 -43.39
N GLU D 301 -16.83 6.25 -42.29
CA GLU D 301 -16.40 5.57 -41.08
C GLU D 301 -16.60 4.06 -41.21
N THR D 302 -17.68 3.62 -41.82
CA THR D 302 -17.88 2.22 -42.20
C THR D 302 -17.01 1.93 -43.41
N ALA D 303 -15.93 1.20 -43.21
CA ALA D 303 -14.99 0.94 -44.31
C ALA D 303 -15.66 0.17 -45.43
N LEU D 304 -15.24 0.46 -46.66
CA LEU D 304 -15.77 -0.25 -47.81
C LEU D 304 -15.18 -1.66 -47.86
N TYR D 305 -16.02 -2.63 -48.24
CA TYR D 305 -15.59 -4.04 -48.32
C TYR D 305 -14.55 -4.41 -49.37
N GLY D 306 -14.73 -3.99 -50.62
CA GLY D 306 -13.66 -4.18 -51.58
C GLY D 306 -13.99 -5.04 -52.79
N SER D 307 -12.93 -5.62 -53.34
CA SER D 307 -12.96 -6.49 -54.52
C SER D 307 -13.34 -5.72 -55.78
N ASP D 308 -13.99 -4.57 -55.63
CA ASP D 308 -14.38 -3.75 -56.76
C ASP D 308 -13.89 -2.33 -56.59
N GLY D 309 -13.80 -1.59 -57.69
CA GLY D 309 -13.29 -0.24 -57.65
C GLY D 309 -14.02 0.66 -56.66
N TYR D 310 -13.25 1.20 -55.73
CA TYR D 310 -13.79 2.03 -54.66
C TYR D 310 -14.19 3.42 -55.10
N THR D 311 -13.77 3.87 -56.27
CA THR D 311 -14.06 5.24 -56.67
C THR D 311 -15.56 5.47 -56.83
N LEU D 312 -16.24 4.61 -57.58
CA LEU D 312 -17.66 4.82 -57.81
C LEU D 312 -18.45 4.72 -56.52
N ARG D 313 -18.11 3.78 -55.66
CA ARG D 313 -18.83 3.63 -54.42
C ARG D 313 -18.50 4.75 -53.45
N ALA D 314 -17.29 5.28 -53.48
CA ALA D 314 -16.95 6.39 -52.61
C ALA D 314 -17.67 7.66 -53.04
N CYS D 315 -17.74 7.90 -54.34
CA CYS D 315 -18.46 9.08 -54.81
C CYS D 315 -19.94 8.96 -54.52
N GLN D 316 -20.50 7.76 -54.71
CA GLN D 316 -21.91 7.58 -54.46
C GLN D 316 -22.23 7.65 -52.98
N GLU D 317 -21.31 7.20 -52.14
CA GLU D 317 -21.53 7.24 -50.70
C GLU D 317 -21.41 8.66 -50.17
N LEU D 318 -20.43 9.41 -50.66
CA LEU D 318 -20.36 10.81 -50.31
C LEU D 318 -21.60 11.55 -50.80
N ASN D 319 -22.17 11.10 -51.91
CA ASN D 319 -23.41 11.70 -52.37
C ASN D 319 -24.55 11.42 -51.40
N ASN D 320 -24.72 10.17 -50.99
CA ASN D 320 -25.81 9.87 -50.09
C ASN D 320 -25.66 10.57 -48.76
N TYR D 321 -24.44 10.68 -48.26
CA TYR D 321 -24.28 11.39 -47.00
C TYR D 321 -24.51 12.87 -47.14
N ALA D 322 -24.14 13.45 -48.29
CA ALA D 322 -24.42 14.87 -48.49
C ALA D 322 -25.91 15.12 -48.60
N GLU D 323 -26.64 14.21 -49.22
CA GLU D 323 -28.09 14.33 -49.31
C GLU D 323 -28.72 14.22 -47.95
N ARG D 324 -28.31 13.21 -47.20
CA ARG D 324 -28.85 12.99 -45.86
C ARG D 324 -28.57 14.17 -44.95
N LEU D 325 -27.38 14.75 -45.05
CA LEU D 325 -27.12 15.91 -44.20
C LEU D 325 -27.87 17.15 -44.64
N ARG D 326 -28.06 17.36 -45.94
CA ARG D 326 -28.86 18.52 -46.31
C ARG D 326 -30.29 18.36 -45.87
N GLU D 327 -30.78 17.13 -45.80
CA GLU D 327 -32.14 16.99 -45.27
C GLU D 327 -32.17 17.16 -43.76
N VAL D 328 -31.19 16.60 -43.05
CA VAL D 328 -31.18 16.65 -41.59
C VAL D 328 -30.84 18.03 -41.08
N TRP D 329 -29.89 18.71 -41.71
CA TRP D 329 -29.45 20.04 -41.32
C TRP D 329 -29.73 21.02 -42.45
N PRO D 330 -30.91 21.63 -42.48
CA PRO D 330 -31.26 22.49 -43.61
C PRO D 330 -30.44 23.75 -43.62
N ASP D 331 -30.09 24.19 -44.83
CA ASP D 331 -29.22 25.34 -45.00
C ASP D 331 -29.38 25.89 -46.41
N ASP D 332 -29.02 27.16 -46.56
CA ASP D 332 -28.97 27.85 -47.83
C ASP D 332 -27.59 27.86 -48.45
N ALA D 333 -26.73 26.91 -48.11
CA ALA D 333 -25.37 26.96 -48.59
C ALA D 333 -25.28 26.68 -50.08
N ILE D 334 -24.51 27.52 -50.77
CA ILE D 334 -24.26 27.36 -52.20
C ILE D 334 -23.32 26.21 -52.44
N ARG D 335 -23.83 25.14 -53.05
CA ARG D 335 -23.07 23.93 -53.27
C ARG D 335 -22.60 23.86 -54.71
N GLY D 336 -21.83 22.82 -55.02
CA GLY D 336 -21.33 22.64 -56.36
C GLY D 336 -20.22 21.62 -56.39
N TYR D 337 -20.16 20.85 -57.48
CA TYR D 337 -19.20 19.77 -57.57
C TYR D 337 -18.71 19.61 -58.99
N ALA D 338 -17.64 18.84 -59.12
CA ALA D 338 -17.05 18.52 -60.41
C ALA D 338 -16.46 17.13 -60.31
N THR D 339 -16.76 16.28 -61.28
CA THR D 339 -16.38 14.89 -61.21
C THR D 339 -15.80 14.42 -62.53
N VAL D 340 -14.94 13.41 -62.47
CA VAL D 340 -14.48 12.71 -63.64
C VAL D 340 -15.50 11.69 -64.13
N GLU D 341 -16.06 10.88 -63.25
CA GLU D 341 -17.00 9.86 -63.71
C GLU D 341 -18.30 10.51 -64.15
N ASN D 342 -18.89 9.96 -65.20
CA ASN D 342 -20.17 10.41 -65.69
C ASN D 342 -21.24 9.33 -65.52
N LYS D 343 -20.88 8.23 -64.85
CA LYS D 343 -21.80 7.12 -64.65
C LYS D 343 -22.95 7.49 -63.71
N THR D 344 -22.79 8.54 -62.91
CA THR D 344 -23.84 8.94 -61.98
C THR D 344 -23.99 10.45 -62.03
N ASP D 345 -25.20 10.93 -61.73
CA ASP D 345 -25.48 12.36 -61.70
C ASP D 345 -25.09 13.00 -60.37
N LEU D 346 -25.16 12.25 -59.27
CA LEU D 346 -24.84 12.75 -57.94
C LEU D 346 -25.64 14.03 -57.72
N ALA D 347 -26.93 13.88 -57.45
CA ALA D 347 -27.79 15.05 -57.43
C ALA D 347 -27.59 15.93 -56.22
N ALA D 348 -27.24 15.35 -55.08
CA ALA D 348 -27.15 16.13 -53.86
C ALA D 348 -25.96 17.06 -53.82
N LEU D 349 -24.92 16.82 -54.61
CA LEU D 349 -23.76 17.68 -54.49
C LEU D 349 -23.92 19.01 -55.19
N GLY D 350 -25.14 19.43 -55.50
CA GLY D 350 -25.39 20.73 -56.08
C GLY D 350 -25.25 20.78 -57.59
N GLU D 351 -24.99 21.98 -58.09
CA GLU D 351 -24.84 22.20 -59.52
C GLU D 351 -23.53 21.63 -60.02
N ARG D 352 -23.58 20.88 -61.12
CA ARG D 352 -22.36 20.28 -61.64
C ARG D 352 -21.66 21.26 -62.56
N TYR D 353 -20.33 21.29 -62.47
CA TYR D 353 -19.50 22.12 -63.33
C TYR D 353 -18.54 21.26 -64.11
N ASP D 354 -18.24 21.68 -65.33
CA ASP D 354 -17.49 20.83 -66.24
C ASP D 354 -16.04 20.67 -65.82
N SER D 355 -15.49 21.62 -65.09
CA SER D 355 -14.06 21.62 -64.83
C SER D 355 -13.78 22.15 -63.44
N TYR D 356 -12.62 21.77 -62.91
CA TYR D 356 -12.25 22.25 -61.59
C TYR D 356 -12.07 23.76 -61.54
N PRO D 357 -11.36 24.40 -62.47
CA PRO D 357 -11.29 25.87 -62.42
C PRO D 357 -12.64 26.55 -62.57
N ALA D 358 -13.55 26.00 -63.37
CA ALA D 358 -14.87 26.58 -63.46
C ALA D 358 -15.61 26.47 -62.14
N LEU D 359 -15.45 25.34 -61.45
CA LEU D 359 -16.08 25.17 -60.14
C LEU D 359 -15.50 26.13 -59.12
N ILE D 360 -14.18 26.25 -59.08
CA ILE D 360 -13.55 27.14 -58.12
C ILE D 360 -13.97 28.57 -58.39
N ASP D 361 -13.99 28.98 -59.65
CA ASP D 361 -14.38 30.34 -59.95
C ASP D 361 -15.83 30.59 -59.62
N ALA D 362 -16.69 29.58 -59.80
CA ALA D 362 -18.10 29.79 -59.50
C ALA D 362 -18.36 29.87 -58.01
N MET D 363 -17.70 29.03 -57.21
CA MET D 363 -17.95 29.09 -55.78
C MET D 363 -17.25 30.24 -55.09
N VAL D 364 -16.07 30.61 -55.57
CA VAL D 364 -15.43 31.79 -55.02
C VAL D 364 -16.20 33.04 -55.40
N ALA D 365 -16.70 33.09 -56.64
CA ALA D 365 -17.52 34.23 -57.00
C ALA D 365 -18.83 34.22 -56.24
N ALA D 366 -19.29 33.05 -55.82
CA ALA D 366 -20.49 32.95 -55.00
C ALA D 366 -20.25 33.35 -53.56
N ALA D 367 -19.00 33.46 -53.13
CA ALA D 367 -18.75 33.88 -51.76
C ALA D 367 -18.22 35.30 -51.64
N PHE D 368 -17.52 35.82 -52.62
CA PHE D 368 -17.15 37.22 -52.43
C PHE D 368 -18.00 38.09 -53.32
N THR E 2 -40.41 18.07 -17.03
CA THR E 2 -39.64 19.13 -16.43
C THR E 2 -38.16 18.90 -16.60
N PHE E 3 -37.82 17.76 -17.18
CA PHE E 3 -36.44 17.36 -17.46
C PHE E 3 -36.34 17.14 -18.96
N VAL E 4 -35.50 17.91 -19.63
CA VAL E 4 -35.26 17.66 -21.04
C VAL E 4 -33.87 17.06 -21.15
N ASP E 5 -33.77 15.83 -21.61
CA ASP E 5 -32.45 15.24 -21.80
C ASP E 5 -32.24 14.90 -23.25
N ILE E 6 -31.02 15.13 -23.71
CA ILE E 6 -30.67 14.98 -25.10
C ILE E 6 -29.49 14.04 -25.22
N HIS E 7 -29.66 13.02 -26.04
CA HIS E 7 -28.62 12.04 -26.33
C HIS E 7 -28.14 12.28 -27.75
N ALA E 8 -26.91 11.86 -28.03
CA ALA E 8 -26.35 12.14 -29.34
C ALA E 8 -25.19 11.20 -29.62
N ILE E 9 -25.16 10.61 -30.80
CA ILE E 9 -24.01 9.85 -31.26
C ILE E 9 -23.33 10.70 -32.32
N GLN E 10 -22.03 10.94 -32.14
CA GLN E 10 -21.28 11.81 -33.05
C GLN E 10 -19.87 11.31 -33.25
N THR E 11 -19.53 10.95 -34.48
CA THR E 11 -18.19 10.50 -34.83
C THR E 11 -17.27 11.69 -35.08
N LEU E 12 -16.02 11.55 -34.66
CA LEU E 12 -15.00 12.57 -34.86
C LEU E 12 -13.80 11.89 -35.50
N PRO E 13 -13.30 12.41 -36.61
CA PRO E 13 -12.21 11.75 -37.30
C PRO E 13 -10.82 12.26 -37.00
N TYR E 14 -10.06 11.46 -36.25
CA TYR E 14 -8.70 11.80 -35.89
C TYR E 14 -8.73 13.25 -35.47
N SER E 15 -9.42 13.52 -34.37
CA SER E 15 -9.57 14.88 -33.89
C SER E 15 -8.57 15.31 -32.82
N ASN E 16 -8.56 14.60 -31.70
CA ASN E 16 -7.84 14.96 -30.47
C ASN E 16 -8.25 16.37 -30.04
N ILE E 17 -9.54 16.54 -29.79
CA ILE E 17 -10.12 17.84 -29.51
C ILE E 17 -9.76 18.30 -28.11
N ASN E 18 -9.62 17.38 -27.17
CA ASN E 18 -9.41 17.72 -25.78
C ASN E 18 -8.26 16.91 -25.19
N ARG E 19 -7.20 17.62 -24.80
CA ARG E 19 -5.96 17.03 -24.34
C ARG E 19 -5.81 17.11 -22.83
N ASP E 20 -5.11 16.13 -22.28
CA ASP E 20 -4.72 16.16 -20.88
C ASP E 20 -3.55 17.12 -20.67
N ASP E 21 -2.91 16.99 -19.53
CA ASP E 21 -1.76 17.82 -19.22
C ASP E 21 -0.51 17.48 -20.00
N LEU E 22 -0.42 16.27 -20.55
CA LEU E 22 0.75 15.87 -21.31
C LEU E 22 0.49 15.80 -22.80
N GLY E 23 -0.69 16.17 -23.26
CA GLY E 23 -0.98 16.18 -24.67
C GLY E 23 -1.77 14.97 -25.16
N SER E 24 -1.93 13.96 -24.34
CA SER E 24 -2.70 12.82 -24.80
C SER E 24 -4.18 13.11 -24.62
N PRO E 25 -5.03 12.61 -25.51
CA PRO E 25 -6.47 12.77 -25.31
C PRO E 25 -6.94 12.05 -24.07
N LYS E 26 -7.90 12.66 -23.39
CA LYS E 26 -8.40 12.13 -22.13
C LYS E 26 -9.17 10.83 -22.34
N THR E 27 -8.93 9.88 -21.45
CA THR E 27 -9.48 8.54 -21.58
C THR E 27 -10.18 8.07 -20.31
N VAL E 28 -11.23 7.28 -20.49
CA VAL E 28 -11.95 6.58 -19.41
C VAL E 28 -11.70 5.10 -19.58
N VAL E 29 -11.36 4.40 -18.51
CA VAL E 29 -11.28 2.94 -18.57
C VAL E 29 -12.68 2.48 -18.18
N TYR E 30 -13.60 2.41 -19.14
CA TYR E 30 -15.01 2.14 -18.86
C TYR E 30 -15.45 0.84 -19.48
N GLY E 31 -16.07 0.00 -18.65
CA GLY E 31 -16.40 -1.31 -19.10
C GLY E 31 -15.20 -2.19 -19.19
N GLY E 32 -14.12 -1.79 -18.55
CA GLY E 32 -12.90 -2.53 -18.58
C GLY E 32 -12.02 -2.19 -19.73
N LYS E 33 -12.50 -1.37 -20.67
CA LYS E 33 -11.74 -1.05 -21.86
C LYS E 33 -11.57 0.46 -21.96
N GLU E 34 -10.35 0.88 -22.27
CA GLU E 34 -10.04 2.30 -22.40
C GLU E 34 -10.77 2.92 -23.57
N ARG E 35 -11.38 4.07 -23.33
CA ARG E 35 -12.17 4.79 -24.32
C ARG E 35 -11.87 6.26 -24.22
N THR E 36 -11.40 6.87 -25.29
CA THR E 36 -11.10 8.30 -25.25
C THR E 36 -12.37 9.10 -24.98
N ARG E 37 -12.21 10.21 -24.26
CA ARG E 37 -13.34 11.02 -23.84
C ARG E 37 -13.02 12.48 -24.05
N VAL E 38 -14.07 13.25 -24.26
CA VAL E 38 -13.99 14.71 -24.26
C VAL E 38 -14.62 15.22 -22.99
N SER E 39 -13.85 15.94 -22.20
CA SER E 39 -14.34 16.38 -20.90
C SER E 39 -15.56 17.27 -21.06
N SER E 40 -16.41 17.23 -20.05
CA SER E 40 -17.66 17.97 -20.12
C SER E 40 -17.42 19.45 -20.05
N GLN E 41 -16.45 19.89 -19.26
CA GLN E 41 -16.23 21.32 -19.15
C GLN E 41 -15.82 21.93 -20.49
N SER E 42 -15.12 21.17 -21.33
CA SER E 42 -14.72 21.72 -22.61
C SER E 42 -15.91 21.92 -23.54
N TRP E 43 -16.69 20.86 -23.76
CA TRP E 43 -17.84 21.02 -24.64
C TRP E 43 -18.83 22.00 -24.03
N LYS E 44 -18.89 22.08 -22.71
CA LYS E 44 -19.74 23.08 -22.05
C LYS E 44 -19.25 24.49 -22.33
N ARG E 45 -17.94 24.68 -22.35
CA ARG E 45 -17.42 26.00 -22.71
C ARG E 45 -17.75 26.34 -24.14
N ALA E 46 -17.59 25.39 -25.05
CA ALA E 46 -17.96 25.65 -26.43
C ALA E 46 -19.43 25.95 -26.57
N VAL E 47 -20.26 25.32 -25.74
CA VAL E 47 -21.68 25.57 -25.81
C VAL E 47 -22.00 26.95 -25.27
N ARG E 48 -21.37 27.35 -24.17
CA ARG E 48 -21.70 28.65 -23.64
C ARG E 48 -21.20 29.76 -24.53
N HIS E 49 -20.09 29.58 -25.22
CA HIS E 49 -19.67 30.65 -26.12
C HIS E 49 -20.54 30.73 -27.35
N GLU E 50 -20.98 29.60 -27.89
CA GLU E 50 -21.89 29.72 -29.00
C GLU E 50 -23.25 30.29 -28.57
N VAL E 51 -23.72 29.94 -27.37
CA VAL E 51 -25.00 30.49 -26.91
C VAL E 51 -24.89 31.97 -26.66
N GLU E 52 -23.83 32.41 -26.00
CA GLU E 52 -23.66 33.84 -25.80
C GLU E 52 -23.52 34.57 -27.13
N ALA E 53 -22.82 33.97 -28.08
CA ALA E 53 -22.64 34.65 -29.36
C ALA E 53 -23.92 34.70 -30.18
N ARG E 54 -24.79 33.71 -30.02
CA ARG E 54 -26.02 33.67 -30.79
C ARG E 54 -27.16 34.40 -30.13
N LEU E 55 -27.23 34.38 -28.81
CA LEU E 55 -28.27 35.06 -28.04
C LEU E 55 -27.85 36.48 -27.69
N GLY E 56 -26.63 36.88 -28.02
CA GLY E 56 -26.12 38.23 -27.89
C GLY E 56 -25.58 38.67 -26.54
N ASP E 57 -25.98 38.07 -25.44
CA ASP E 57 -25.48 38.53 -24.15
C ASP E 57 -24.35 37.65 -23.68
N LYS E 58 -23.23 38.28 -23.32
CA LYS E 58 -22.03 37.56 -22.92
C LYS E 58 -21.68 37.80 -21.47
N ALA E 59 -21.32 36.74 -20.79
CA ALA E 59 -20.83 36.74 -19.42
C ALA E 59 -19.34 36.47 -19.44
N VAL E 60 -18.68 36.93 -18.40
CA VAL E 60 -17.24 36.96 -18.37
C VAL E 60 -16.76 36.33 -17.07
N ARG E 61 -16.02 35.23 -17.23
CA ARG E 61 -15.38 34.51 -16.14
C ARG E 61 -13.94 35.00 -16.14
N THR E 62 -13.59 35.82 -15.17
CA THR E 62 -12.30 36.46 -15.19
C THR E 62 -11.73 36.51 -13.80
N ARG E 63 -10.43 36.37 -13.72
CA ARG E 63 -9.70 36.60 -12.49
C ARG E 63 -9.24 38.05 -12.37
N ARG E 64 -9.35 38.84 -13.42
CA ARG E 64 -8.85 40.22 -13.41
C ARG E 64 -10.01 41.20 -13.56
N ILE E 65 -10.85 41.28 -12.54
CA ILE E 65 -11.97 42.21 -12.63
C ILE E 65 -11.52 43.63 -12.34
N ILE E 66 -10.54 43.80 -11.47
CA ILE E 66 -10.09 45.13 -11.09
C ILE E 66 -9.54 45.88 -12.30
N SER E 67 -8.74 45.21 -13.11
CA SER E 67 -8.19 45.86 -14.29
C SER E 67 -9.27 46.30 -15.26
N GLU E 68 -10.31 45.51 -15.42
CA GLU E 68 -11.37 45.85 -16.36
C GLU E 68 -12.19 47.02 -15.85
N ILE E 69 -12.50 47.02 -14.56
CA ILE E 69 -13.17 48.18 -13.98
C ILE E 69 -12.28 49.40 -14.13
N ALA E 70 -10.97 49.20 -14.04
CA ALA E 70 -10.05 50.32 -14.26
C ALA E 70 -10.13 50.88 -15.68
N LYS E 71 -10.29 50.06 -16.72
CA LYS E 71 -10.46 50.71 -18.02
C LYS E 71 -11.77 51.49 -18.10
N ARG E 72 -12.85 50.97 -17.50
CA ARG E 72 -14.08 51.76 -17.56
C ARG E 72 -13.95 53.05 -16.78
N LEU E 73 -13.37 53.02 -15.59
CA LEU E 73 -13.24 54.29 -14.89
C LEU E 73 -12.27 55.22 -15.61
N ARG E 74 -11.25 54.68 -16.28
CA ARG E 74 -10.36 55.55 -17.04
C ARG E 74 -11.03 56.17 -18.25
N GLU E 75 -11.95 55.46 -18.90
CA GLU E 75 -12.73 56.08 -19.96
C GLU E 75 -13.81 57.03 -19.45
N ARG E 76 -14.15 56.98 -18.16
CA ARG E 76 -15.08 57.94 -17.58
C ARG E 76 -14.42 59.25 -17.17
N GLY E 77 -13.11 59.38 -17.36
CA GLY E 77 -12.43 60.61 -17.04
C GLY E 77 -11.58 60.58 -15.79
N TRP E 78 -11.44 59.42 -15.16
CA TRP E 78 -10.64 59.28 -13.97
C TRP E 78 -9.16 59.24 -14.35
N ASP E 79 -8.32 59.69 -13.42
CA ASP E 79 -6.90 59.49 -13.60
C ASP E 79 -6.59 58.02 -13.40
N ALA E 80 -5.46 57.57 -13.98
CA ALA E 80 -5.16 56.15 -13.92
C ALA E 80 -5.02 55.68 -12.49
N ASP E 81 -4.38 56.50 -11.64
CA ASP E 81 -4.21 56.11 -10.25
C ASP E 81 -5.53 56.11 -9.50
N LEU E 82 -6.41 57.06 -9.81
CA LEU E 82 -7.71 57.02 -9.16
C LEU E 82 -8.56 55.90 -9.71
N ALA E 83 -8.36 55.52 -10.96
CA ALA E 83 -9.12 54.40 -11.48
C ALA E 83 -8.71 53.11 -10.80
N ASP E 84 -7.41 52.95 -10.58
CA ASP E 84 -6.92 51.76 -9.88
C ASP E 84 -7.37 51.75 -8.43
N ALA E 85 -7.30 52.89 -7.75
CA ALA E 85 -7.76 52.91 -6.38
C ALA E 85 -9.25 52.72 -6.26
N GLY E 86 -10.01 53.21 -7.23
CA GLY E 86 -11.45 53.02 -7.20
C GLY E 86 -11.86 51.58 -7.46
N ALA E 87 -11.18 50.92 -8.40
CA ALA E 87 -11.48 49.51 -8.59
C ALA E 87 -11.05 48.67 -7.41
N ARG E 88 -9.97 49.06 -6.72
CA ARG E 88 -9.64 48.33 -5.52
C ARG E 88 -10.70 48.55 -4.47
N GLN E 89 -11.31 49.74 -4.46
CA GLN E 89 -12.38 49.97 -3.51
C GLN E 89 -13.59 49.11 -3.84
N VAL E 90 -13.79 48.81 -5.13
CA VAL E 90 -14.94 47.98 -5.50
C VAL E 90 -14.81 46.61 -4.89
N VAL E 91 -13.64 46.00 -4.98
CA VAL E 91 -13.49 44.66 -4.42
C VAL E 91 -13.19 44.67 -2.94
N LEU E 92 -12.76 45.80 -2.41
CA LEU E 92 -12.47 45.95 -0.98
C LEU E 92 -13.71 46.16 -0.14
N SER E 93 -14.77 46.68 -0.74
CA SER E 93 -15.97 47.05 -0.01
C SER E 93 -16.95 45.90 0.19
N VAL E 94 -16.64 44.70 -0.29
CA VAL E 94 -17.63 43.62 -0.26
C VAL E 94 -17.03 42.35 0.34
N GLY E 95 -17.89 41.48 0.87
CA GLY E 95 -17.44 40.28 1.52
C GLY E 95 -17.40 40.39 3.04
N LYS E 96 -17.37 39.22 3.68
CA LYS E 96 -17.33 39.12 5.14
C LYS E 96 -16.08 39.77 5.72
N LYS E 97 -14.91 39.27 5.32
CA LYS E 97 -13.63 39.77 5.79
C LYS E 97 -13.39 41.17 5.26
N SER E 98 -12.17 41.68 5.39
CA SER E 98 -11.88 43.04 4.94
C SER E 98 -12.26 43.23 3.48
N GLY E 99 -11.92 42.30 2.62
CA GLY E 99 -12.25 42.44 1.22
C GLY E 99 -12.02 41.13 0.48
N ILE E 100 -12.36 41.14 -0.80
CA ILE E 100 -12.08 39.96 -1.61
C ILE E 100 -10.58 39.81 -1.65
N LYS E 101 -10.08 38.65 -1.26
CA LYS E 101 -8.66 38.53 -1.25
C LYS E 101 -8.10 38.71 -2.64
N LEU E 102 -6.86 39.17 -2.69
CA LEU E 102 -6.16 39.42 -3.93
C LEU E 102 -4.87 38.63 -3.98
N GLU E 103 -4.53 38.21 -5.19
CA GLU E 103 -3.27 37.55 -5.48
C GLU E 103 -2.12 38.54 -5.28
N LYS E 104 -0.91 37.98 -5.18
CA LYS E 104 0.29 38.76 -4.92
C LYS E 104 0.42 39.81 -5.99
N GLU E 105 0.82 41.00 -5.59
CA GLU E 105 0.88 42.08 -6.57
C GLU E 105 1.97 41.89 -7.61
N LYS E 106 1.54 42.09 -8.86
CA LYS E 106 2.36 42.04 -10.07
C LYS E 106 2.76 43.46 -10.44
N ASP E 107 3.97 43.61 -10.93
CA ASP E 107 4.48 44.91 -11.33
C ASP E 107 3.66 45.52 -12.46
N SER E 108 3.36 46.82 -12.35
CA SER E 108 2.70 47.59 -13.40
C SER E 108 1.25 47.18 -13.67
N GLU E 109 0.74 46.15 -13.04
CA GLU E 109 -0.63 45.74 -13.33
C GLU E 109 -1.43 45.52 -12.05
N ALA E 110 -2.72 45.78 -12.14
CA ALA E 110 -3.62 45.60 -11.02
C ALA E 110 -3.70 44.13 -10.62
N PRO E 111 -3.76 43.85 -9.33
CA PRO E 111 -3.73 42.45 -8.88
C PRO E 111 -5.01 41.72 -9.22
N ALA E 112 -4.83 40.44 -9.55
CA ALA E 112 -5.95 39.57 -9.83
C ALA E 112 -6.57 39.06 -8.54
N THR E 113 -7.88 38.93 -8.55
CA THR E 113 -8.58 38.36 -7.41
C THR E 113 -8.20 36.89 -7.30
N SER E 114 -8.28 36.35 -6.10
CA SER E 114 -7.95 34.95 -5.91
C SER E 114 -8.94 34.02 -6.60
N VAL E 115 -10.21 34.38 -6.64
CA VAL E 115 -11.22 33.52 -7.23
C VAL E 115 -11.75 34.14 -8.52
N LEU E 116 -12.20 33.28 -9.44
CA LEU E 116 -12.74 33.70 -10.72
C LEU E 116 -14.17 34.24 -10.66
N PHE E 117 -14.33 35.52 -10.91
CA PHE E 117 -15.66 36.12 -10.97
C PHE E 117 -16.34 35.68 -12.25
N TYR E 118 -17.65 35.62 -12.25
CA TYR E 118 -18.42 35.17 -13.40
C TYR E 118 -19.66 36.04 -13.52
N LEU E 119 -19.55 37.15 -14.26
CA LEU E 119 -20.65 38.08 -14.30
C LEU E 119 -20.80 38.65 -15.69
N PRO E 120 -22.00 39.07 -16.07
CA PRO E 120 -22.20 39.64 -17.41
C PRO E 120 -21.43 40.95 -17.55
N VAL E 121 -21.21 41.32 -18.80
CA VAL E 121 -20.43 42.52 -19.11
C VAL E 121 -21.12 43.80 -18.66
N PRO E 122 -22.40 44.04 -18.97
CA PRO E 122 -23.00 45.28 -18.48
C PRO E 122 -23.02 45.40 -16.98
N ALA E 123 -23.00 44.29 -16.24
CA ALA E 123 -22.91 44.40 -14.79
C ALA E 123 -21.55 44.93 -14.34
N ILE E 124 -20.48 44.56 -15.05
CA ILE E 124 -19.18 45.12 -14.73
C ILE E 124 -19.19 46.62 -14.97
N ASP E 125 -19.85 47.06 -16.04
CA ASP E 125 -19.93 48.50 -16.28
C ASP E 125 -20.74 49.19 -15.20
N GLU E 126 -21.77 48.53 -14.67
CA GLU E 126 -22.53 49.15 -13.57
C GLU E 126 -21.69 49.23 -12.31
N LEU E 127 -20.83 48.25 -12.07
CA LEU E 127 -19.90 48.39 -10.96
C LEU E 127 -19.01 49.59 -11.15
N ALA E 128 -18.61 49.86 -12.39
CA ALA E 128 -17.84 51.07 -12.64
C ALA E 128 -18.64 52.32 -12.32
N ALA E 129 -19.93 52.32 -12.64
CA ALA E 129 -20.73 53.50 -12.30
C ALA E 129 -20.88 53.69 -10.79
N ILE E 130 -21.00 52.59 -10.04
CA ILE E 130 -21.09 52.71 -8.60
C ILE E 130 -19.79 53.25 -8.02
N ALA E 131 -18.67 52.78 -8.52
CA ALA E 131 -17.42 53.37 -8.07
C ALA E 131 -17.27 54.79 -8.57
N ASP E 132 -18.04 55.18 -9.58
CA ASP E 132 -17.88 56.50 -10.15
C ASP E 132 -18.58 57.59 -9.33
N GLU E 133 -19.81 57.32 -8.91
CA GLU E 133 -20.59 58.29 -8.14
C GLU E 133 -19.90 58.75 -6.84
N HIS E 134 -19.10 57.88 -6.27
CA HIS E 134 -18.38 58.15 -5.02
C HIS E 134 -16.93 58.52 -5.28
N ARG E 135 -16.69 59.39 -6.25
CA ARG E 135 -15.31 59.69 -6.63
C ARG E 135 -14.53 60.44 -5.57
N ASP E 136 -15.17 61.36 -4.85
CA ASP E 136 -14.43 62.13 -3.85
C ASP E 136 -14.07 61.28 -2.63
N ALA E 137 -14.98 60.43 -2.19
CA ALA E 137 -14.67 59.54 -1.08
C ALA E 137 -13.55 58.59 -1.45
N VAL E 138 -13.53 58.13 -2.70
CA VAL E 138 -12.44 57.31 -3.17
C VAL E 138 -11.14 58.10 -3.20
N ALA E 139 -11.21 59.36 -3.59
CA ALA E 139 -9.99 60.17 -3.60
C ALA E 139 -9.44 60.37 -2.20
N LYS E 140 -10.34 60.48 -1.21
CA LYS E 140 -9.88 60.64 0.16
C LYS E 140 -9.29 59.34 0.70
N GLU E 141 -9.86 58.21 0.34
CA GLU E 141 -9.30 56.95 0.84
C GLU E 141 -8.08 56.55 0.06
N ALA E 142 -7.89 57.08 -1.15
CA ALA E 142 -6.70 56.79 -1.91
C ALA E 142 -5.47 57.42 -1.27
N ALA E 143 -5.67 58.49 -0.48
CA ALA E 143 -4.52 59.10 0.19
C ALA E 143 -4.05 58.34 1.42
N LYS E 144 -4.93 57.58 2.07
CA LYS E 144 -4.60 56.80 3.26
C LYS E 144 -3.73 55.60 2.91
N LYS E 145 -3.02 55.08 3.91
CA LYS E 145 -2.13 53.95 3.65
C LYS E 145 -2.90 52.66 3.41
N THR E 146 -3.92 52.40 4.23
CA THR E 146 -4.75 51.20 4.14
C THR E 146 -6.22 51.57 3.98
N PRO E 147 -6.67 51.89 2.77
CA PRO E 147 -8.05 52.34 2.61
C PRO E 147 -9.03 51.21 2.86
N LYS E 148 -10.19 51.58 3.40
CA LYS E 148 -11.27 50.66 3.70
C LYS E 148 -12.38 50.74 2.67
N GLY E 149 -13.23 49.71 2.68
CA GLY E 149 -14.35 49.65 1.77
C GLY E 149 -15.45 50.67 2.01
N ILE E 150 -15.35 51.78 1.30
CA ILE E 150 -16.27 52.90 1.47
C ILE E 150 -17.57 52.69 0.70
N LEU E 151 -17.50 52.07 -0.47
CA LEU E 151 -18.68 51.93 -1.31
C LEU E 151 -19.75 51.11 -0.62
N PRO E 152 -21.01 51.35 -0.95
CA PRO E 152 -22.09 50.58 -0.31
C PRO E 152 -21.97 49.13 -0.70
N ALA E 153 -22.12 48.24 0.27
CA ALA E 153 -21.98 46.84 -0.04
C ALA E 153 -23.23 46.30 -0.71
N ASP E 154 -24.39 46.85 -0.35
CA ASP E 154 -25.63 46.30 -0.87
C ASP E 154 -25.77 46.53 -2.36
N ARG E 155 -25.42 47.72 -2.85
CA ARG E 155 -25.52 47.98 -4.29
C ARG E 155 -24.57 47.11 -5.07
N ILE E 156 -23.35 46.93 -4.58
CA ILE E 156 -22.39 46.11 -5.29
C ILE E 156 -22.85 44.67 -5.29
N THR E 157 -23.31 44.17 -4.15
CA THR E 157 -23.79 42.80 -4.12
C THR E 157 -25.00 42.62 -5.03
N GLU E 158 -25.82 43.65 -5.20
CA GLU E 158 -26.94 43.54 -6.12
C GLU E 158 -26.47 43.53 -7.57
N VAL E 159 -25.36 44.19 -7.88
CA VAL E 159 -24.84 44.11 -9.23
C VAL E 159 -24.20 42.75 -9.47
N LEU E 160 -23.46 42.24 -8.50
CA LEU E 160 -22.85 40.93 -8.64
C LEU E 160 -23.85 39.78 -8.66
N LYS E 161 -25.10 40.02 -8.29
CA LYS E 161 -26.10 38.97 -8.40
C LYS E 161 -26.74 38.87 -9.78
N SER E 162 -26.48 39.82 -10.68
CA SER E 162 -27.11 39.79 -12.00
C SER E 162 -26.72 38.54 -12.77
N ARG E 163 -27.68 37.96 -13.46
CA ARG E 163 -27.50 36.68 -14.11
C ARG E 163 -27.56 36.84 -15.62
N ASN E 164 -26.57 36.26 -16.28
CA ASN E 164 -26.65 36.05 -17.71
C ASN E 164 -27.39 34.76 -17.97
N VAL E 165 -27.74 34.56 -19.24
CA VAL E 165 -28.31 33.29 -19.70
C VAL E 165 -27.36 32.14 -19.37
N SER E 166 -26.05 32.37 -19.52
CA SER E 166 -25.10 31.32 -19.19
C SER E 166 -25.05 31.07 -17.70
N VAL E 167 -25.22 32.12 -16.90
CA VAL E 167 -25.29 31.93 -15.46
C VAL E 167 -26.58 31.22 -15.08
N ASN E 168 -27.68 31.59 -15.74
CA ASN E 168 -28.93 30.90 -15.48
C ASN E 168 -28.87 29.45 -15.86
N LEU E 169 -28.07 29.13 -16.86
CA LEU E 169 -28.07 27.81 -17.46
C LEU E 169 -27.07 26.89 -16.77
N PHE E 170 -25.86 27.38 -16.55
CA PHE E 170 -24.80 26.55 -16.01
C PHE E 170 -24.48 26.85 -14.56
N GLY E 171 -25.01 27.92 -13.98
CA GLY E 171 -24.74 28.22 -12.60
C GLY E 171 -23.36 28.81 -12.37
N ARG E 172 -23.18 29.36 -11.18
CA ARG E 172 -21.91 29.96 -10.81
C ARG E 172 -21.64 29.64 -9.36
N MET E 173 -20.42 29.89 -8.93
CA MET E 173 -20.03 29.71 -7.54
C MET E 173 -19.07 30.81 -7.16
N LEU E 174 -19.31 31.42 -6.01
CA LEU E 174 -18.42 32.42 -5.44
C LEU E 174 -18.35 32.17 -3.95
N ALA E 175 -17.19 31.76 -3.45
CA ALA E 175 -17.11 31.35 -2.06
C ALA E 175 -17.23 32.53 -1.10
N GLU E 176 -16.66 33.68 -1.42
CA GLU E 176 -16.77 34.81 -0.51
C GLU E 176 -18.16 35.42 -0.50
N LEU E 177 -18.93 35.26 -1.57
CA LEU E 177 -20.28 35.83 -1.64
C LEU E 177 -21.24 34.71 -1.97
N PRO E 178 -21.62 33.92 -0.97
CA PRO E 178 -22.59 32.84 -1.21
C PRO E 178 -23.96 33.32 -1.60
N SER E 179 -24.24 34.61 -1.50
CA SER E 179 -25.53 35.12 -1.95
C SER E 179 -25.63 35.13 -3.47
N THR E 180 -24.50 35.17 -4.16
CA THR E 180 -24.48 35.24 -5.62
C THR E 180 -24.48 33.88 -6.30
N GLU E 181 -24.27 32.81 -5.55
CA GLU E 181 -24.22 31.48 -6.15
C GLU E 181 -25.56 31.10 -6.76
N VAL E 182 -25.51 30.56 -7.96
CA VAL E 182 -26.69 30.17 -8.72
C VAL E 182 -26.57 28.68 -9.03
N ASP E 183 -27.65 27.95 -8.78
CA ASP E 183 -27.66 26.53 -9.08
C ASP E 183 -27.75 26.32 -10.57
N GLY E 184 -26.89 25.47 -11.12
CA GLY E 184 -26.94 25.19 -12.54
C GLY E 184 -28.18 24.41 -12.91
N ALA E 185 -28.69 24.67 -14.10
CA ALA E 185 -29.84 23.95 -14.62
C ALA E 185 -29.49 22.90 -15.65
N VAL E 186 -28.21 22.63 -15.87
CA VAL E 186 -27.78 21.73 -16.94
C VAL E 186 -26.77 20.73 -16.41
N GLN E 187 -27.01 19.45 -16.66
CA GLN E 187 -26.02 18.41 -16.39
C GLN E 187 -25.37 17.98 -17.69
N PHE E 188 -24.07 18.13 -17.78
CA PHE E 188 -23.37 17.86 -19.03
C PHE E 188 -22.42 16.69 -18.82
N ALA E 189 -22.70 15.54 -19.42
CA ALA E 189 -21.85 14.37 -19.26
C ALA E 189 -20.59 14.41 -20.11
N HIS E 190 -19.57 13.70 -19.64
CA HIS E 190 -18.33 13.48 -20.38
C HIS E 190 -18.54 12.56 -21.58
N ALA E 191 -18.38 13.11 -22.78
CA ALA E 191 -18.54 12.37 -24.02
C ALA E 191 -17.45 11.34 -24.20
N PHE E 192 -17.78 10.06 -24.08
CA PHE E 192 -16.82 8.98 -24.29
C PHE E 192 -17.15 8.21 -25.55
N THR E 193 -16.20 7.40 -26.02
CA THR E 193 -16.42 6.61 -27.23
C THR E 193 -17.25 5.39 -26.94
N VAL E 194 -18.05 5.01 -27.93
CA VAL E 194 -18.78 3.76 -27.82
C VAL E 194 -17.84 2.57 -27.80
N HIS E 195 -16.75 2.64 -28.56
CA HIS E 195 -15.82 1.54 -28.73
C HIS E 195 -14.47 1.84 -28.08
N GLY E 196 -13.71 0.80 -27.78
CA GLY E 196 -12.40 0.99 -27.22
C GLY E 196 -11.41 1.56 -28.22
N THR E 197 -10.62 2.52 -27.78
CA THR E 197 -9.71 3.25 -28.65
C THR E 197 -8.31 3.28 -28.06
N THR E 198 -7.34 2.82 -28.82
CA THR E 198 -5.95 2.99 -28.41
C THR E 198 -5.44 4.32 -28.95
N VAL E 199 -4.65 5.00 -28.14
CA VAL E 199 -4.06 6.28 -28.52
C VAL E 199 -3.13 6.10 -29.71
N GLU E 200 -3.30 6.94 -30.70
CA GLU E 200 -2.56 6.86 -31.96
C GLU E 200 -1.45 7.89 -32.04
N VAL E 201 -0.20 7.44 -31.94
CA VAL E 201 0.94 8.34 -31.97
C VAL E 201 1.24 8.77 -33.40
N ASP E 202 1.38 10.07 -33.62
CA ASP E 202 1.68 10.67 -34.91
C ASP E 202 3.01 11.40 -34.78
N PHE E 203 4.10 10.79 -35.27
CA PHE E 203 5.38 11.47 -35.32
C PHE E 203 5.39 12.56 -36.37
N PHE E 204 5.94 13.73 -36.04
CA PHE E 204 5.96 14.82 -37.00
C PHE E 204 7.22 15.65 -36.86
N THR E 205 7.65 16.25 -37.97
CA THR E 205 8.81 17.14 -38.01
C THR E 205 8.49 18.50 -38.65
N ALA E 206 9.26 19.52 -38.25
CA ALA E 206 9.13 20.89 -38.74
C ALA E 206 10.34 21.25 -39.59
N VAL E 207 10.10 21.41 -40.89
CA VAL E 207 11.12 21.63 -41.90
C VAL E 207 11.76 23.01 -41.73
N ASP E 208 13.09 23.04 -41.78
CA ASP E 208 13.81 24.30 -41.82
C ASP E 208 14.05 24.70 -43.28
N ASP E 209 13.54 25.87 -43.66
CA ASP E 209 13.40 26.20 -45.07
C ASP E 209 14.73 26.61 -45.72
N ILE E 210 15.56 27.40 -45.05
CA ILE E 210 16.82 27.75 -45.70
C ILE E 210 17.82 26.61 -45.48
N PRO E 211 18.37 26.02 -46.52
CA PRO E 211 19.25 24.88 -46.30
C PRO E 211 20.72 25.22 -46.15
N LYS E 212 21.36 24.65 -45.13
CA LYS E 212 22.78 24.87 -44.90
C LYS E 212 23.58 23.60 -45.23
N GLU E 213 24.68 23.75 -45.97
CA GLU E 213 25.50 22.61 -46.35
C GLU E 213 25.88 21.74 -45.17
N ASN E 214 25.97 20.43 -45.43
CA ASN E 214 26.25 19.39 -44.43
C ASN E 214 25.17 19.24 -43.36
N ASP E 215 23.93 19.51 -43.72
CA ASP E 215 22.83 19.38 -42.77
C ASP E 215 21.55 19.37 -43.58
N HIS E 216 20.75 18.34 -43.41
CA HIS E 216 19.40 18.36 -43.91
C HIS E 216 18.39 18.18 -42.79
N GLY E 217 18.84 18.23 -41.55
CA GLY E 217 17.97 17.87 -40.46
C GLY E 217 16.81 18.84 -40.33
N SER E 218 15.71 18.31 -39.82
CA SER E 218 14.51 19.08 -39.62
C SER E 218 14.73 20.15 -38.57
N GLY E 219 13.97 21.24 -38.69
CA GLY E 219 14.05 22.28 -37.70
C GLY E 219 13.43 21.89 -36.38
N HIS E 220 12.63 20.84 -36.36
CA HIS E 220 12.01 20.41 -35.12
C HIS E 220 11.51 18.98 -35.34
N MET E 221 11.39 18.25 -34.24
CA MET E 221 10.89 16.88 -34.31
C MET E 221 10.11 16.60 -33.05
N ASN E 222 9.00 15.88 -33.18
CA ASN E 222 8.17 15.52 -32.04
C ASN E 222 7.26 14.36 -32.42
N ALA E 223 6.24 14.12 -31.62
CA ALA E 223 5.30 13.06 -31.92
C ALA E 223 3.96 13.28 -31.23
N GLY E 224 3.12 14.18 -31.74
CA GLY E 224 1.84 14.39 -31.09
C GLY E 224 0.98 13.15 -31.06
N GLN E 225 -0.08 13.20 -30.27
CA GLN E 225 -1.00 12.08 -30.13
C GLN E 225 -2.38 12.45 -30.64
N PHE E 226 -3.07 11.50 -31.27
CA PHE E 226 -4.42 11.75 -31.78
C PHE E 226 -5.31 10.52 -31.65
N SER E 227 -6.62 10.72 -31.81
CA SER E 227 -7.54 9.58 -31.78
C SER E 227 -8.82 9.94 -32.50
N ALA E 228 -9.61 8.91 -32.82
CA ALA E 228 -10.88 9.09 -33.52
C ALA E 228 -11.91 8.11 -32.99
N GLY E 229 -13.18 8.40 -33.24
CA GLY E 229 -14.20 7.46 -32.85
C GLY E 229 -15.58 8.08 -32.79
N THR E 230 -16.55 7.24 -32.48
CA THR E 230 -17.95 7.65 -32.37
C THR E 230 -18.29 7.89 -30.91
N PHE E 231 -18.36 9.15 -30.51
CA PHE E 231 -18.63 9.49 -29.13
C PHE E 231 -20.11 9.41 -28.82
N TYR E 232 -20.41 9.02 -27.59
CA TYR E 232 -21.75 9.13 -27.03
C TYR E 232 -21.82 10.37 -26.17
N ARG E 233 -22.87 11.16 -26.34
CA ARG E 233 -23.01 12.43 -25.65
C ARG E 233 -24.37 12.53 -24.99
N TYR E 234 -24.42 13.14 -23.82
CA TYR E 234 -25.66 13.22 -23.06
C TYR E 234 -25.70 14.51 -22.27
N ALA E 235 -26.91 15.04 -22.08
CA ALA E 235 -27.02 16.27 -21.29
C ALA E 235 -28.45 16.43 -20.80
N ASN E 236 -28.59 17.06 -19.64
CA ASN E 236 -29.88 17.33 -19.03
C ASN E 236 -30.12 18.82 -18.93
N VAL E 237 -31.39 19.17 -18.88
CA VAL E 237 -31.84 20.52 -18.60
C VAL E 237 -33.00 20.43 -17.63
N ASN E 238 -32.79 20.91 -16.42
CA ASN E 238 -33.82 20.90 -15.38
C ASN E 238 -34.69 22.13 -15.58
N LEU E 239 -35.85 21.93 -16.19
CA LEU E 239 -36.71 23.06 -16.51
C LEU E 239 -37.17 23.79 -15.27
N ASP E 240 -37.41 23.09 -14.17
CA ASP E 240 -37.84 23.81 -12.99
C ASP E 240 -36.77 24.79 -12.51
N ARG E 241 -35.50 24.38 -12.53
CA ARG E 241 -34.47 25.33 -12.13
C ARG E 241 -34.21 26.41 -13.14
N LEU E 242 -34.33 26.12 -14.43
CA LEU E 242 -34.07 27.18 -15.39
C LEU E 242 -35.18 28.22 -15.36
N VAL E 243 -36.41 27.76 -15.19
CA VAL E 243 -37.53 28.67 -15.00
C VAL E 243 -37.38 29.42 -13.69
N GLU E 244 -36.85 28.77 -12.66
CA GLU E 244 -36.64 29.47 -11.41
C GLU E 244 -35.55 30.53 -11.54
N ASN E 245 -34.52 30.26 -12.33
CA ASN E 245 -33.42 31.20 -12.47
C ASN E 245 -33.82 32.41 -13.32
N THR E 246 -34.27 32.18 -14.54
CA THR E 246 -34.67 33.32 -15.37
C THR E 246 -35.92 33.99 -14.84
N GLY E 247 -36.77 33.25 -14.15
CA GLY E 247 -38.02 33.77 -13.64
C GLY E 247 -39.17 33.57 -14.58
N ASP E 248 -39.09 34.14 -15.79
CA ASP E 248 -40.17 34.01 -16.77
C ASP E 248 -39.98 32.76 -17.62
N ALA E 249 -41.08 32.08 -17.95
CA ALA E 249 -40.99 30.89 -18.76
C ALA E 249 -40.61 31.16 -20.22
N GLN E 250 -40.87 32.37 -20.73
CA GLN E 250 -40.49 32.64 -22.11
C GLN E 250 -38.99 32.74 -22.33
N THR E 251 -38.25 33.40 -21.43
CA THR E 251 -36.80 33.37 -21.59
C THR E 251 -36.22 32.00 -21.31
N ALA E 252 -36.84 31.23 -20.42
CA ALA E 252 -36.38 29.87 -20.26
C ALA E 252 -36.61 29.05 -21.51
N ARG E 253 -37.70 29.33 -22.23
CA ARG E 253 -37.97 28.57 -23.43
C ARG E 253 -36.92 28.85 -24.49
N THR E 254 -36.58 30.12 -24.69
CA THR E 254 -35.52 30.45 -25.64
C THR E 254 -34.19 29.91 -25.18
N ALA E 255 -33.93 29.93 -23.88
CA ALA E 255 -32.67 29.40 -23.37
C ALA E 255 -32.56 27.90 -23.62
N VAL E 256 -33.66 27.16 -23.46
CA VAL E 256 -33.59 25.72 -23.68
C VAL E 256 -33.40 25.40 -25.14
N ALA E 257 -34.20 26.03 -26.01
CA ALA E 257 -34.07 25.74 -27.44
C ALA E 257 -32.69 26.12 -27.93
N GLU E 258 -32.18 27.25 -27.46
CA GLU E 258 -30.85 27.67 -27.85
C GLU E 258 -29.79 26.74 -27.30
N PHE E 259 -29.97 26.25 -26.09
CA PHE E 259 -29.01 25.29 -25.54
C PHE E 259 -28.97 24.02 -26.36
N LEU E 260 -30.12 23.46 -26.67
CA LEU E 260 -30.14 22.21 -27.42
C LEU E 260 -29.49 22.39 -28.79
N ARG E 261 -29.77 23.50 -29.45
CA ARG E 261 -29.13 23.75 -30.73
C ARG E 261 -27.63 23.92 -30.59
N ALA E 262 -27.18 24.59 -29.54
CA ALA E 262 -25.75 24.69 -29.30
C ALA E 262 -25.14 23.34 -29.03
N PHE E 263 -25.86 22.48 -28.32
CA PHE E 263 -25.36 21.16 -28.00
C PHE E 263 -25.12 20.35 -29.27
N LEU E 264 -25.94 20.57 -30.28
CA LEU E 264 -25.79 19.81 -31.52
C LEU E 264 -24.77 20.43 -32.44
N SER E 265 -24.70 21.74 -32.49
CA SER E 265 -23.89 22.46 -33.46
C SER E 265 -22.42 22.57 -33.09
N THR E 266 -22.11 22.78 -31.83
CA THR E 266 -20.76 23.15 -31.43
C THR E 266 -19.82 21.96 -31.29
N VAL E 267 -18.52 22.26 -31.41
CA VAL E 267 -17.39 21.35 -31.30
C VAL E 267 -16.32 22.08 -30.49
N PRO E 268 -15.66 21.43 -29.53
CA PRO E 268 -14.74 22.13 -28.62
C PRO E 268 -13.59 22.92 -29.23
N SER E 269 -13.25 22.64 -30.48
CA SER E 269 -12.12 23.32 -31.12
C SER E 269 -10.80 23.15 -30.39
N GLY E 270 -10.39 21.91 -30.21
CA GLY E 270 -9.06 21.65 -29.69
C GLY E 270 -8.21 21.13 -30.84
N LYS E 271 -7.07 21.75 -31.20
CA LYS E 271 -6.27 21.26 -32.32
C LYS E 271 -7.08 21.17 -33.61
N GLN E 272 -7.98 22.13 -33.83
CA GLN E 272 -8.82 22.05 -35.02
C GLN E 272 -8.18 22.54 -36.30
N ASN E 273 -7.16 23.39 -36.23
CA ASN E 273 -6.57 23.86 -37.48
C ASN E 273 -5.71 22.80 -38.12
N ALA E 274 -5.14 21.91 -37.34
CA ALA E 274 -4.39 20.82 -37.90
C ALA E 274 -5.27 19.61 -38.16
N THR E 275 -6.45 19.57 -37.55
CA THR E 275 -7.40 18.49 -37.79
C THR E 275 -8.80 19.08 -37.86
N ALA E 276 -9.34 19.17 -39.07
CA ALA E 276 -10.66 19.72 -39.28
C ALA E 276 -11.69 18.65 -38.94
N ALA E 277 -12.02 18.57 -37.66
CA ALA E 277 -12.96 17.57 -37.15
C ALA E 277 -14.32 18.19 -36.89
N MET E 278 -14.78 19.08 -37.76
CA MET E 278 -16.09 19.69 -37.61
C MET E 278 -17.15 18.75 -38.17
N THR E 279 -18.04 18.29 -37.29
CA THR E 279 -18.94 17.22 -37.69
C THR E 279 -20.28 17.39 -37.00
N LEU E 280 -21.35 16.99 -37.70
CA LEU E 280 -22.68 16.92 -37.11
C LEU E 280 -22.95 15.55 -36.51
N PRO E 281 -23.68 15.51 -35.41
CA PRO E 281 -23.96 14.23 -34.78
C PRO E 281 -24.72 13.30 -35.71
N ASP E 282 -24.37 12.02 -35.64
CA ASP E 282 -25.00 11.02 -36.47
C ASP E 282 -26.43 10.74 -36.04
N LEU E 283 -26.71 10.84 -34.75
CA LEU E 283 -28.06 10.63 -34.29
C LEU E 283 -28.32 11.48 -33.07
N VAL E 284 -29.54 12.00 -32.96
CA VAL E 284 -29.91 12.79 -31.79
C VAL E 284 -31.26 12.30 -31.30
N HIS E 285 -31.42 12.26 -29.99
CA HIS E 285 -32.62 11.75 -29.37
C HIS E 285 -32.99 12.60 -28.17
N ILE E 286 -33.96 13.48 -28.34
CA ILE E 286 -34.45 14.32 -27.26
C ILE E 286 -35.66 13.68 -26.61
N ALA E 287 -35.56 13.45 -25.30
CA ALA E 287 -36.69 12.98 -24.52
C ALA E 287 -37.08 14.08 -23.55
N VAL E 288 -38.37 14.25 -23.34
CA VAL E 288 -38.90 15.19 -22.36
C VAL E 288 -39.51 14.36 -21.26
N ARG E 289 -38.72 14.12 -20.21
CA ARG E 289 -39.17 13.29 -19.11
C ARG E 289 -39.61 14.11 -17.91
N PHE E 290 -40.61 13.61 -17.20
CA PHE E 290 -41.11 14.31 -16.04
C PHE E 290 -40.62 13.74 -14.72
N ASP E 291 -40.36 12.45 -14.62
CA ASP E 291 -39.91 11.92 -13.33
C ASP E 291 -38.44 12.16 -13.05
N ARG E 292 -37.55 11.76 -13.96
CA ARG E 292 -36.11 11.83 -13.72
C ARG E 292 -35.36 11.62 -15.04
N PRO E 293 -34.22 12.25 -15.21
CA PRO E 293 -33.41 12.01 -16.41
C PRO E 293 -32.64 10.70 -16.33
N ILE E 294 -32.48 10.07 -17.50
CA ILE E 294 -31.81 8.78 -17.61
C ILE E 294 -30.84 8.81 -18.77
N SER E 295 -29.55 8.68 -18.48
CA SER E 295 -28.58 8.60 -19.54
C SER E 295 -28.52 7.17 -20.03
N PHE E 296 -28.27 7.00 -21.32
CA PHE E 296 -28.11 5.69 -21.92
C PHE E 296 -26.66 5.25 -21.96
N ALA E 297 -25.83 5.76 -21.08
CA ALA E 297 -24.43 5.37 -21.08
C ALA E 297 -24.21 3.91 -20.73
N PRO E 298 -24.99 3.28 -19.86
CA PRO E 298 -24.83 1.84 -19.67
C PRO E 298 -25.01 1.05 -20.94
N ALA E 299 -25.72 1.58 -21.92
CA ALA E 299 -25.92 0.84 -23.15
C ALA E 299 -24.59 0.54 -23.82
N PHE E 300 -23.61 1.42 -23.67
CA PHE E 300 -22.33 1.24 -24.31
C PHE E 300 -21.23 0.88 -23.32
N GLU E 301 -21.60 0.29 -22.19
CA GLU E 301 -20.58 -0.17 -21.27
C GLU E 301 -19.83 -1.36 -21.85
N THR E 302 -20.52 -2.28 -22.50
CA THR E 302 -19.90 -3.36 -23.27
C THR E 302 -19.35 -2.77 -24.56
N ALA E 303 -18.05 -2.63 -24.66
CA ALA E 303 -17.45 -2.00 -25.83
C ALA E 303 -17.75 -2.77 -27.09
N LEU E 304 -17.91 -2.05 -28.21
CA LEU E 304 -18.14 -2.70 -29.49
C LEU E 304 -16.86 -3.33 -29.99
N TYR E 305 -16.98 -4.47 -30.67
CA TYR E 305 -15.82 -5.21 -31.14
C TYR E 305 -15.08 -4.47 -32.24
N GLY E 306 -15.74 -4.20 -33.35
CA GLY E 306 -15.05 -3.45 -34.37
C GLY E 306 -15.06 -4.07 -35.76
N SER E 307 -14.03 -3.69 -36.53
CA SER E 307 -13.81 -4.11 -37.91
C SER E 307 -14.87 -3.55 -38.85
N ASP E 308 -16.03 -3.17 -38.33
CA ASP E 308 -17.11 -2.62 -39.13
C ASP E 308 -17.56 -1.28 -38.56
N GLY E 309 -18.21 -0.49 -39.39
CA GLY E 309 -18.63 0.84 -38.98
C GLY E 309 -19.50 0.82 -37.73
N TYR E 310 -19.04 1.54 -36.72
CA TYR E 310 -19.69 1.59 -35.42
C TYR E 310 -20.95 2.41 -35.40
N THR E 311 -21.19 3.26 -36.39
CA THR E 311 -22.34 4.14 -36.34
C THR E 311 -23.65 3.36 -36.34
N LEU E 312 -23.81 2.43 -37.28
CA LEU E 312 -25.07 1.70 -37.36
C LEU E 312 -25.30 0.86 -36.11
N ARG E 313 -24.26 0.22 -35.60
CA ARG E 313 -24.41 -0.60 -34.41
C ARG E 313 -24.62 0.25 -33.16
N ALA E 314 -24.03 1.43 -33.11
CA ALA E 314 -24.25 2.30 -31.97
C ALA E 314 -25.66 2.84 -31.95
N CYS E 315 -26.19 3.22 -33.11
CA CYS E 315 -27.56 3.70 -33.17
C CYS E 315 -28.53 2.58 -32.84
N GLN E 316 -28.27 1.39 -33.35
CA GLN E 316 -29.16 0.27 -33.09
C GLN E 316 -29.08 -0.18 -31.64
N GLU E 317 -27.92 -0.06 -31.03
CA GLU E 317 -27.77 -0.45 -29.64
C GLU E 317 -28.41 0.56 -28.71
N LEU E 318 -28.26 1.84 -29.01
CA LEU E 318 -28.98 2.86 -28.25
C LEU E 318 -30.47 2.67 -28.42
N ASN E 319 -30.91 2.19 -29.58
CA ASN E 319 -32.31 1.90 -29.76
C ASN E 319 -32.77 0.76 -28.87
N ASN E 320 -32.03 -0.34 -28.85
CA ASN E 320 -32.45 -1.46 -28.02
C ASN E 320 -32.44 -1.11 -26.54
N TYR E 321 -31.48 -0.32 -26.11
CA TYR E 321 -31.48 0.06 -24.70
C TYR E 321 -32.61 1.03 -24.38
N ALA E 322 -32.96 1.91 -25.32
CA ALA E 322 -34.08 2.81 -25.06
C ALA E 322 -35.39 2.03 -25.00
N GLU E 323 -35.53 1.01 -25.83
CA GLU E 323 -36.70 0.16 -25.81
C GLU E 323 -36.80 -0.59 -24.50
N ARG E 324 -35.69 -1.20 -24.11
CA ARG E 324 -35.71 -1.99 -22.89
C ARG E 324 -35.93 -1.12 -21.66
N LEU E 325 -35.42 0.11 -21.65
CA LEU E 325 -35.73 0.97 -20.51
C LEU E 325 -37.16 1.46 -20.51
N ARG E 326 -37.75 1.75 -21.67
CA ARG E 326 -39.14 2.14 -21.63
C ARG E 326 -40.02 0.99 -21.18
N GLU E 327 -39.61 -0.25 -21.45
CA GLU E 327 -40.42 -1.33 -20.92
C GLU E 327 -40.19 -1.52 -19.42
N VAL E 328 -38.93 -1.43 -18.98
CA VAL E 328 -38.61 -1.67 -17.57
C VAL E 328 -39.07 -0.53 -16.68
N TRP E 329 -38.93 0.71 -17.14
CA TRP E 329 -39.33 1.90 -16.38
C TRP E 329 -40.41 2.64 -17.15
N PRO E 330 -41.68 2.32 -16.93
CA PRO E 330 -42.74 2.93 -17.72
C PRO E 330 -42.89 4.40 -17.41
N ASP E 331 -43.19 5.19 -18.44
CA ASP E 331 -43.27 6.62 -18.30
C ASP E 331 -44.07 7.19 -19.46
N ASP E 332 -44.62 8.39 -19.24
CA ASP E 332 -45.31 9.16 -20.25
C ASP E 332 -44.42 10.20 -20.92
N ALA E 333 -43.11 10.00 -20.93
CA ALA E 333 -42.24 11.03 -21.44
C ALA E 333 -42.35 11.17 -22.95
N ILE E 334 -42.45 12.42 -23.40
CA ILE E 334 -42.51 12.75 -24.81
C ILE E 334 -41.15 12.56 -25.46
N ARG E 335 -41.03 11.57 -26.32
CA ARG E 335 -39.77 11.22 -26.94
C ARG E 335 -39.72 11.75 -28.36
N GLY E 336 -38.57 11.56 -29.01
CA GLY E 336 -38.40 12.02 -30.37
C GLY E 336 -36.95 12.01 -30.79
N TYR E 337 -36.70 11.70 -32.05
CA TYR E 337 -35.33 11.55 -32.51
C TYR E 337 -35.20 12.03 -33.94
N ALA E 338 -33.96 12.20 -34.36
CA ALA E 338 -33.63 12.60 -35.72
C ALA E 338 -32.31 11.95 -36.07
N THR E 339 -32.25 11.32 -37.23
CA THR E 339 -31.09 10.54 -37.61
C THR E 339 -30.69 10.83 -39.05
N VAL E 340 -29.40 10.65 -39.33
CA VAL E 340 -28.91 10.67 -40.70
C VAL E 340 -29.18 9.34 -41.41
N GLU E 341 -28.89 8.21 -40.78
CA GLU E 341 -29.07 6.94 -41.47
C GLU E 341 -30.56 6.65 -41.63
N ASN E 342 -30.92 6.07 -42.76
CA ASN E 342 -32.28 5.65 -43.02
C ASN E 342 -32.38 4.13 -43.12
N LYS E 343 -31.28 3.44 -42.83
CA LYS E 343 -31.23 1.98 -42.92
C LYS E 343 -32.10 1.32 -41.86
N THR E 344 -32.44 2.03 -40.79
CA THR E 344 -33.25 1.45 -39.72
C THR E 344 -34.30 2.47 -39.30
N ASP E 345 -35.43 1.97 -38.80
CA ASP E 345 -36.50 2.81 -38.33
C ASP E 345 -36.29 3.29 -36.89
N LEU E 346 -35.62 2.49 -36.08
CA LEU E 346 -35.37 2.80 -34.67
C LEU E 346 -36.70 3.17 -34.03
N ALA E 347 -37.51 2.17 -33.74
CA ALA E 347 -38.87 2.44 -33.32
C ALA E 347 -38.98 2.99 -31.90
N ALA E 348 -38.08 2.58 -31.03
CA ALA E 348 -38.20 2.97 -29.63
C ALA E 348 -37.86 4.42 -29.37
N LEU E 349 -37.12 5.08 -30.27
CA LEU E 349 -36.74 6.45 -29.96
C LEU E 349 -37.85 7.46 -30.22
N GLY E 350 -39.10 7.01 -30.31
CA GLY E 350 -40.23 7.91 -30.45
C GLY E 350 -40.51 8.32 -31.88
N GLU E 351 -41.17 9.47 -32.02
CA GLU E 351 -41.54 10.00 -33.31
C GLU E 351 -40.33 10.54 -34.04
N ARG E 352 -40.16 10.17 -35.30
CA ARG E 352 -39.00 10.63 -36.05
C ARG E 352 -39.30 11.99 -36.67
N TYR E 353 -38.30 12.87 -36.65
CA TYR E 353 -38.39 14.18 -37.26
C TYR E 353 -37.32 14.33 -38.32
N ASP E 354 -37.64 15.08 -39.37
CA ASP E 354 -36.77 15.12 -40.54
C ASP E 354 -35.49 15.88 -40.27
N SER E 355 -35.48 16.79 -39.31
CA SER E 355 -34.34 17.68 -39.16
C SER E 355 -34.12 17.98 -37.69
N TYR E 356 -32.89 18.37 -37.36
CA TYR E 356 -32.58 18.70 -35.98
C TYR E 356 -33.36 19.92 -35.49
N PRO E 357 -33.45 21.02 -36.22
CA PRO E 357 -34.28 22.12 -35.73
C PRO E 357 -35.74 21.76 -35.60
N ALA E 358 -36.29 20.93 -36.47
CA ALA E 358 -37.67 20.50 -36.30
C ALA E 358 -37.83 19.68 -35.03
N LEU E 359 -36.85 18.83 -34.73
CA LEU E 359 -36.91 18.04 -33.50
C LEU E 359 -36.82 18.92 -32.28
N ILE E 360 -35.89 19.87 -32.28
CA ILE E 360 -35.73 20.73 -31.13
C ILE E 360 -36.99 21.56 -30.92
N ASP E 361 -37.55 22.08 -32.01
CA ASP E 361 -38.75 22.89 -31.86
C ASP E 361 -39.93 22.06 -31.38
N ALA E 362 -40.00 20.80 -31.81
CA ALA E 362 -41.11 19.96 -31.39
C ALA E 362 -41.00 19.57 -29.92
N MET E 363 -39.80 19.22 -29.46
CA MET E 363 -39.68 18.83 -28.07
C MET E 363 -39.68 20.00 -27.11
N VAL E 364 -39.14 21.14 -27.51
CA VAL E 364 -39.25 22.31 -26.66
C VAL E 364 -40.69 22.78 -26.61
N ALA E 365 -41.39 22.73 -27.74
CA ALA E 365 -42.80 23.10 -27.70
C ALA E 365 -43.60 22.08 -26.90
N ALA E 366 -43.12 20.85 -26.82
CA ALA E 366 -43.77 19.84 -26.00
C ALA E 366 -43.49 20.00 -24.53
N ALA E 367 -42.51 20.82 -24.15
CA ALA E 367 -42.25 21.03 -22.73
C ALA E 367 -42.69 22.39 -22.23
N PHE E 368 -42.96 23.36 -23.10
CA PHE E 368 -43.27 24.70 -22.60
C PHE E 368 -42.15 25.20 -21.67
N THR F 2 -40.64 -10.78 6.96
CA THR F 2 -40.59 -9.58 7.78
C THR F 2 -39.37 -8.75 7.45
N PHE F 3 -38.54 -9.26 6.55
CA PHE F 3 -37.33 -8.59 6.09
C PHE F 3 -37.46 -8.44 4.59
N VAL F 4 -37.48 -7.21 4.09
CA VAL F 4 -37.46 -7.00 2.65
C VAL F 4 -36.08 -6.51 2.30
N ASP F 5 -35.35 -7.26 1.50
CA ASP F 5 -34.04 -6.80 1.07
C ASP F 5 -34.01 -6.67 -0.43
N ILE F 6 -33.35 -5.62 -0.89
CA ILE F 6 -33.31 -5.26 -2.29
C ILE F 6 -31.88 -5.15 -2.74
N HIS F 7 -31.56 -5.88 -3.81
CA HIS F 7 -30.24 -5.86 -4.42
C HIS F 7 -30.35 -5.14 -5.75
N ALA F 8 -29.24 -4.58 -6.22
CA ALA F 8 -29.29 -3.79 -7.43
C ALA F 8 -27.92 -3.66 -8.03
N ILE F 9 -27.81 -3.88 -9.34
CA ILE F 9 -26.57 -3.60 -10.07
C ILE F 9 -26.84 -2.35 -10.89
N GLN F 10 -25.97 -1.35 -10.74
CA GLN F 10 -26.16 -0.07 -11.42
C GLN F 10 -24.85 0.53 -11.84
N THR F 11 -24.66 0.69 -13.14
CA THR F 11 -23.46 1.30 -13.70
C THR F 11 -23.56 2.82 -13.66
N LEU F 12 -22.44 3.48 -13.40
CA LEU F 12 -22.36 4.92 -13.37
C LEU F 12 -21.19 5.33 -14.25
N PRO F 13 -21.39 6.23 -15.19
CA PRO F 13 -20.33 6.58 -16.12
C PRO F 13 -19.53 7.82 -15.77
N TYR F 14 -18.29 7.61 -15.33
CA TYR F 14 -17.41 8.71 -14.99
C TYR F 14 -18.19 9.69 -14.16
N SER F 15 -18.66 9.22 -13.01
CA SER F 15 -19.49 10.04 -12.16
C SER F 15 -18.76 10.84 -11.08
N ASN F 16 -18.06 10.13 -10.21
CA ASN F 16 -17.47 10.67 -8.97
C ASN F 16 -18.54 11.37 -8.15
N ILE F 17 -19.56 10.59 -7.77
CA ILE F 17 -20.73 11.13 -7.10
C ILE F 17 -20.42 11.47 -5.65
N ASN F 18 -19.52 10.72 -5.03
CA ASN F 18 -19.26 10.89 -3.61
C ASN F 18 -17.76 10.96 -3.35
N ARG F 19 -17.31 12.11 -2.85
CA ARG F 19 -15.91 12.42 -2.66
C ARG F 19 -15.50 12.33 -1.20
N ASP F 20 -14.24 11.98 -0.98
CA ASP F 20 -13.63 12.02 0.34
C ASP F 20 -13.31 13.46 0.72
N ASP F 21 -12.48 13.60 1.74
CA ASP F 21 -12.07 14.91 2.20
C ASP F 21 -11.10 15.61 1.26
N LEU F 22 -10.41 14.88 0.39
CA LEU F 22 -9.47 15.49 -0.53
C LEU F 22 -9.96 15.52 -1.96
N GLY F 23 -11.19 15.09 -2.21
CA GLY F 23 -11.73 15.12 -3.54
C GLY F 23 -11.69 13.82 -4.29
N SER F 24 -10.99 12.82 -3.79
CA SER F 24 -10.97 11.55 -4.48
C SER F 24 -12.21 10.76 -4.13
N PRO F 25 -12.74 9.98 -5.07
CA PRO F 25 -13.87 9.12 -4.74
C PRO F 25 -13.49 8.08 -3.71
N LYS F 26 -14.43 7.78 -2.83
CA LYS F 26 -14.19 6.85 -1.75
C LYS F 26 -13.99 5.42 -2.25
N THR F 27 -13.02 4.73 -1.67
CA THR F 27 -12.63 3.41 -2.13
C THR F 27 -12.57 2.40 -0.99
N VAL F 28 -12.90 1.14 -1.31
CA VAL F 28 -12.76 -0.01 -0.43
C VAL F 28 -11.70 -0.91 -1.02
N VAL F 29 -10.75 -1.38 -0.22
CA VAL F 29 -9.81 -2.38 -0.69
C VAL F 29 -10.47 -3.70 -0.34
N TYR F 30 -11.34 -4.20 -1.22
CA TYR F 30 -12.17 -5.38 -0.93
C TYR F 30 -11.82 -6.53 -1.85
N GLY F 31 -11.58 -7.68 -1.25
CA GLY F 31 -11.12 -8.79 -2.02
C GLY F 31 -9.70 -8.62 -2.44
N GLY F 32 -8.99 -7.72 -1.78
CA GLY F 32 -7.61 -7.46 -2.10
C GLY F 32 -7.44 -6.43 -3.17
N LYS F 33 -8.52 -6.00 -3.81
CA LYS F 33 -8.44 -5.06 -4.91
C LYS F 33 -9.27 -3.82 -4.61
N GLU F 34 -8.69 -2.66 -4.86
CA GLU F 34 -9.37 -1.39 -4.61
C GLU F 34 -10.56 -1.22 -5.52
N ARG F 35 -11.69 -0.82 -4.93
CA ARG F 35 -12.95 -0.66 -5.62
C ARG F 35 -13.62 0.61 -5.13
N THR F 36 -13.90 1.53 -6.03
CA THR F 36 -14.55 2.77 -5.61
C THR F 36 -15.93 2.47 -5.04
N ARG F 37 -16.34 3.28 -4.06
CA ARG F 37 -17.58 3.05 -3.35
C ARG F 37 -18.30 4.37 -3.17
N VAL F 38 -19.62 4.29 -3.08
CA VAL F 38 -20.46 5.40 -2.69
C VAL F 38 -20.95 5.15 -1.28
N SER F 39 -20.65 6.06 -0.37
CA SER F 39 -20.98 5.85 1.02
C SER F 39 -22.48 5.72 1.20
N SER F 40 -22.86 4.96 2.22
CA SER F 40 -24.27 4.68 2.44
C SER F 40 -25.00 5.92 2.91
N GLN F 41 -24.30 6.75 3.68
CA GLN F 41 -24.89 7.97 4.22
C GLN F 41 -25.34 8.93 3.13
N SER F 42 -24.64 8.91 2.00
CA SER F 42 -24.99 9.78 0.90
C SER F 42 -26.21 9.30 0.15
N TRP F 43 -26.19 8.05 -0.31
CA TRP F 43 -27.35 7.55 -1.03
C TRP F 43 -28.56 7.52 -0.11
N LYS F 44 -28.35 7.31 1.18
CA LYS F 44 -29.45 7.38 2.15
C LYS F 44 -30.02 8.78 2.24
N ARG F 45 -29.18 9.79 2.19
CA ARG F 45 -29.69 11.15 2.17
C ARG F 45 -30.47 11.43 0.92
N ALA F 46 -29.98 10.98 -0.23
CA ALA F 46 -30.74 11.16 -1.46
C ALA F 46 -32.06 10.43 -1.40
N VAL F 47 -32.09 9.29 -0.72
CA VAL F 47 -33.34 8.55 -0.64
C VAL F 47 -34.30 9.25 0.30
N ARG F 48 -33.81 9.79 1.41
CA ARG F 48 -34.75 10.43 2.31
C ARG F 48 -35.28 11.72 1.73
N HIS F 49 -34.48 12.44 0.94
CA HIS F 49 -35.05 13.65 0.35
C HIS F 49 -36.03 13.34 -0.76
N GLU F 50 -35.79 12.31 -1.55
CA GLU F 50 -36.81 11.99 -2.52
C GLU F 50 -38.07 11.43 -1.87
N VAL F 51 -37.94 10.67 -0.77
CA VAL F 51 -39.12 10.15 -0.09
C VAL F 51 -39.90 11.27 0.55
N GLU F 52 -39.22 12.17 1.23
CA GLU F 52 -39.94 13.30 1.81
C GLU F 52 -40.59 14.15 0.74
N ALA F 53 -39.92 14.34 -0.39
CA ALA F 53 -40.51 15.16 -1.44
C ALA F 53 -41.68 14.48 -2.13
N ARG F 54 -41.69 13.16 -2.19
CA ARG F 54 -42.76 12.45 -2.87
C ARG F 54 -43.93 12.13 -1.94
N LEU F 55 -43.65 11.84 -0.68
CA LEU F 55 -44.67 11.53 0.31
C LEU F 55 -45.16 12.78 1.02
N GLY F 56 -44.56 13.94 0.73
CA GLY F 56 -44.99 15.24 1.19
C GLY F 56 -44.54 15.70 2.56
N ASP F 57 -44.22 14.81 3.48
CA ASP F 57 -43.83 15.27 4.81
C ASP F 57 -42.33 15.29 4.95
N LYS F 58 -41.80 16.43 5.39
CA LYS F 58 -40.36 16.62 5.49
C LYS F 58 -39.90 16.79 6.93
N ALA F 59 -38.82 16.13 7.26
CA ALA F 59 -38.14 16.23 8.53
C ALA F 59 -36.87 17.02 8.34
N VAL F 60 -36.41 17.62 9.43
CA VAL F 60 -35.34 18.59 9.37
C VAL F 60 -34.28 18.23 10.40
N ARG F 61 -33.09 17.94 9.89
CA ARG F 61 -31.91 17.66 10.69
C ARG F 61 -31.13 18.95 10.74
N THR F 62 -31.16 19.63 11.87
CA THR F 62 -30.60 20.96 11.93
C THR F 62 -29.88 21.13 13.26
N ARG F 63 -28.80 21.88 13.19
CA ARG F 63 -28.11 22.32 14.39
C ARG F 63 -28.64 23.66 14.88
N ARG F 64 -29.46 24.34 14.09
CA ARG F 64 -29.93 25.67 14.45
C ARG F 64 -31.44 25.67 14.66
N ILE F 65 -31.89 25.00 15.72
CA ILE F 65 -33.33 24.95 15.98
C ILE F 65 -33.80 26.25 16.61
N ILE F 66 -32.96 26.87 17.43
CA ILE F 66 -33.37 28.09 18.13
C ILE F 66 -33.70 29.19 17.15
N SER F 67 -32.88 29.37 16.12
CA SER F 67 -33.15 30.40 15.14
C SER F 67 -34.45 30.18 14.40
N GLU F 68 -34.77 28.93 14.10
CA GLU F 68 -36.00 28.65 13.36
C GLU F 68 -37.23 28.88 14.24
N ILE F 69 -37.16 28.45 15.50
CA ILE F 69 -38.25 28.77 16.41
C ILE F 69 -38.36 30.27 16.56
N ALA F 70 -37.25 30.98 16.50
CA ALA F 70 -37.30 32.43 16.53
C ALA F 70 -38.05 33.03 15.34
N LYS F 71 -37.89 32.50 14.12
CA LYS F 71 -38.72 33.08 13.07
C LYS F 71 -40.20 32.79 13.30
N ARG F 72 -40.55 31.61 13.79
CA ARG F 72 -41.98 31.39 14.03
C ARG F 72 -42.51 32.29 15.14
N LEU F 73 -41.77 32.45 16.23
CA LEU F 73 -42.30 33.35 17.25
C LEU F 73 -42.32 34.79 16.76
N ARG F 74 -41.39 35.18 15.89
CA ARG F 74 -41.42 36.53 15.34
C ARG F 74 -42.60 36.75 14.40
N GLU F 75 -42.99 35.73 13.65
CA GLU F 75 -44.21 35.85 12.85
C GLU F 75 -45.49 35.74 13.69
N ARG F 76 -45.41 35.26 14.92
CA ARG F 76 -46.57 35.25 15.81
C ARG F 76 -46.79 36.58 16.51
N GLY F 77 -45.94 37.58 16.29
CA GLY F 77 -46.12 38.88 16.89
C GLY F 77 -45.18 39.21 18.01
N TRP F 78 -44.21 38.34 18.30
CA TRP F 78 -43.24 38.57 19.34
C TRP F 78 -42.20 39.57 18.87
N ASP F 79 -41.63 40.30 19.82
CA ASP F 79 -40.49 41.13 19.49
C ASP F 79 -39.28 40.23 19.26
N ALA F 80 -38.31 40.73 18.51
CA ALA F 80 -37.18 39.88 18.15
C ALA F 80 -36.46 39.40 19.39
N ASP F 81 -36.29 40.28 20.38
CA ASP F 81 -35.59 39.88 21.59
C ASP F 81 -36.41 38.88 22.40
N LEU F 82 -37.72 39.04 22.43
CA LEU F 82 -38.53 38.05 23.12
C LEU F 82 -38.59 36.76 22.35
N ALA F 83 -38.49 36.82 21.03
CA ALA F 83 -38.50 35.58 20.26
C ALA F 83 -37.23 34.80 20.52
N ASP F 84 -36.10 35.50 20.62
CA ASP F 84 -34.83 34.83 20.92
C ASP F 84 -34.82 34.29 22.33
N ALA F 85 -35.33 35.05 23.30
CA ALA F 85 -35.36 34.54 24.65
C ALA F 85 -36.34 33.39 24.80
N GLY F 86 -37.44 33.41 24.07
CA GLY F 86 -38.38 32.32 24.14
C GLY F 86 -37.85 31.04 23.52
N ALA F 87 -37.15 31.16 22.40
CA ALA F 87 -36.55 29.95 21.84
C ALA F 87 -35.43 29.43 22.71
N ARG F 88 -34.70 30.32 23.39
CA ARG F 88 -33.73 29.80 24.33
C ARG F 88 -34.42 29.09 25.47
N GLN F 89 -35.59 29.56 25.85
CA GLN F 89 -36.33 28.85 26.89
C GLN F 89 -36.77 27.49 26.41
N VAL F 90 -37.04 27.35 25.11
CA VAL F 90 -37.47 26.05 24.61
C VAL F 90 -36.38 25.01 24.80
N VAL F 91 -35.14 25.37 24.46
CA VAL F 91 -34.07 24.39 24.62
C VAL F 91 -33.52 24.34 26.02
N LEU F 92 -33.77 25.37 26.83
CA LEU F 92 -33.31 25.43 28.20
C LEU F 92 -34.18 24.63 29.15
N SER F 93 -35.43 24.41 28.80
CA SER F 93 -36.40 23.77 29.68
C SER F 93 -36.37 22.24 29.62
N VAL F 94 -35.50 21.64 28.80
CA VAL F 94 -35.56 20.20 28.60
C VAL F 94 -34.19 19.56 28.77
N GLY F 95 -34.16 18.27 29.10
CA GLY F 95 -32.92 17.59 29.36
C GLY F 95 -32.62 17.44 30.85
N LYS F 96 -31.72 16.49 31.14
CA LYS F 96 -31.28 16.21 32.50
C LYS F 96 -30.62 17.41 33.15
N LYS F 97 -29.53 17.89 32.56
CA LYS F 97 -28.76 19.02 33.06
C LYS F 97 -29.58 20.29 32.92
N SER F 98 -28.95 21.43 33.10
CA SER F 98 -29.68 22.69 33.03
C SER F 98 -30.43 22.84 31.71
N GLY F 99 -29.79 22.52 30.60
CA GLY F 99 -30.45 22.64 29.32
C GLY F 99 -29.64 21.96 28.24
N ILE F 100 -30.19 21.94 27.03
CA ILE F 100 -29.45 21.40 25.91
C ILE F 100 -28.23 22.29 25.73
N LYS F 101 -27.06 21.68 25.67
CA LYS F 101 -25.86 22.50 25.60
C LYS F 101 -25.78 23.22 24.26
N LEU F 102 -25.30 24.45 24.31
CA LEU F 102 -25.21 25.29 23.14
C LEU F 102 -23.77 25.58 22.78
N GLU F 103 -23.54 25.70 21.49
CA GLU F 103 -22.27 26.10 20.94
C GLU F 103 -21.96 27.54 21.33
N LYS F 104 -20.68 27.90 21.23
CA LYS F 104 -20.22 29.21 21.62
C LYS F 104 -20.99 30.26 20.84
N GLU F 105 -21.36 31.35 21.51
CA GLU F 105 -22.22 32.33 20.87
C GLU F 105 -21.52 33.09 19.75
N LYS F 106 -22.25 33.15 18.63
CA LYS F 106 -21.89 33.86 17.42
C LYS F 106 -22.56 35.22 17.43
N ASP F 107 -21.85 36.22 16.92
CA ASP F 107 -22.39 37.57 16.87
C ASP F 107 -23.65 37.66 16.00
N SER F 108 -24.64 38.40 16.49
CA SER F 108 -25.87 38.70 15.74
C SER F 108 -26.76 37.51 15.46
N GLU F 109 -26.36 36.30 15.82
CA GLU F 109 -27.19 35.14 15.52
C GLU F 109 -27.36 34.24 16.74
N ALA F 110 -28.51 33.59 16.81
CA ALA F 110 -28.81 32.68 17.89
C ALA F 110 -27.86 31.49 17.87
N PRO F 111 -27.43 31.02 19.04
CA PRO F 111 -26.44 29.95 19.08
C PRO F 111 -27.01 28.62 18.63
N ALA F 112 -26.17 27.87 17.96
CA ALA F 112 -26.53 26.53 17.52
C ALA F 112 -26.38 25.54 18.66
N THR F 113 -27.27 24.57 18.70
CA THR F 113 -27.17 23.50 19.68
C THR F 113 -25.95 22.66 19.34
N SER F 114 -25.40 22.01 20.35
CA SER F 114 -24.24 21.17 20.12
C SER F 114 -24.56 19.95 19.26
N VAL F 115 -25.75 19.39 19.42
CA VAL F 115 -26.12 18.19 18.68
C VAL F 115 -27.19 18.50 17.65
N LEU F 116 -27.21 17.73 16.57
CA LEU F 116 -28.17 17.89 15.48
C LEU F 116 -29.56 17.34 15.79
N PHE F 117 -30.54 18.21 15.92
CA PHE F 117 -31.91 17.78 16.12
C PHE F 117 -32.44 17.24 14.81
N TYR F 118 -33.39 16.31 14.88
CA TYR F 118 -33.97 15.67 13.71
C TYR F 118 -35.46 15.52 13.93
N LEU F 119 -36.22 16.52 13.51
CA LEU F 119 -37.65 16.49 13.80
C LEU F 119 -38.44 17.03 12.64
N PRO F 120 -39.69 16.61 12.48
CA PRO F 120 -40.50 17.13 11.38
C PRO F 120 -40.77 18.61 11.54
N VAL F 121 -41.12 19.23 10.43
CA VAL F 121 -41.35 20.68 10.42
C VAL F 121 -42.56 21.09 11.25
N PRO F 122 -43.74 20.48 11.10
CA PRO F 122 -44.85 20.90 11.96
C PRO F 122 -44.59 20.73 13.43
N ALA F 123 -43.71 19.80 13.83
CA ALA F 123 -43.37 19.70 15.25
C ALA F 123 -42.59 20.91 15.73
N ILE F 124 -41.71 21.46 14.89
CA ILE F 124 -41.02 22.68 15.26
C ILE F 124 -42.01 23.82 15.44
N ASP F 125 -43.02 23.88 14.58
CA ASP F 125 -44.03 24.92 14.75
C ASP F 125 -44.82 24.72 16.04
N GLU F 126 -45.07 23.47 16.43
CA GLU F 126 -45.75 23.23 17.70
C GLU F 126 -44.89 23.64 18.88
N LEU F 127 -43.57 23.45 18.78
CA LEU F 127 -42.70 23.97 19.82
C LEU F 127 -42.83 25.48 19.91
N ALA F 128 -42.98 26.14 18.77
CA ALA F 128 -43.21 27.57 18.81
C ALA F 128 -44.52 27.91 19.52
N ALA F 129 -45.56 27.12 19.31
CA ALA F 129 -46.82 27.40 20.01
C ALA F 129 -46.69 27.18 21.52
N ILE F 130 -45.92 26.18 21.94
CA ILE F 130 -45.73 25.96 23.37
C ILE F 130 -44.96 27.11 23.98
N ALA F 131 -43.94 27.60 23.30
CA ALA F 131 -43.27 28.78 23.81
C ALA F 131 -44.16 30.01 23.72
N ASP F 132 -45.21 29.95 22.91
CA ASP F 132 -46.05 31.12 22.72
C ASP F 132 -47.05 31.31 23.85
N GLU F 133 -47.71 30.24 24.28
CA GLU F 133 -48.74 30.43 25.30
C GLU F 133 -48.19 30.88 26.64
N HIS F 134 -46.90 30.67 26.91
CA HIS F 134 -46.25 31.14 28.12
C HIS F 134 -45.46 32.42 27.88
N ARG F 135 -46.05 33.38 27.18
CA ARG F 135 -45.29 34.57 26.79
C ARG F 135 -44.92 35.46 27.97
N ASP F 136 -45.80 35.59 28.96
CA ASP F 136 -45.49 36.47 30.09
C ASP F 136 -44.42 35.89 30.98
N ALA F 137 -44.46 34.58 31.23
CA ALA F 137 -43.42 33.96 32.03
C ALA F 137 -42.08 34.07 31.33
N VAL F 138 -42.07 33.95 30.01
CA VAL F 138 -40.85 34.14 29.26
C VAL F 138 -40.38 35.58 29.37
N ALA F 139 -41.30 36.53 29.35
CA ALA F 139 -40.90 37.92 29.48
C ALA F 139 -40.29 38.20 30.85
N LYS F 140 -40.79 37.53 31.88
CA LYS F 140 -40.22 37.72 33.21
C LYS F 140 -38.86 37.07 33.32
N GLU F 141 -38.66 35.92 32.70
CA GLU F 141 -37.35 35.29 32.79
C GLU F 141 -36.36 35.93 31.85
N ALA F 142 -36.84 36.64 30.83
CA ALA F 142 -35.94 37.35 29.94
C ALA F 142 -35.27 38.50 30.64
N ALA F 143 -35.89 39.02 31.71
CA ALA F 143 -35.25 40.12 32.44
C ALA F 143 -34.14 39.67 33.38
N LYS F 144 -34.17 38.42 33.85
CA LYS F 144 -33.17 37.87 34.75
C LYS F 144 -31.86 37.62 34.03
N LYS F 145 -30.77 37.54 34.79
CA LYS F 145 -29.46 37.35 34.17
C LYS F 145 -29.29 35.94 33.64
N THR F 146 -29.71 34.93 34.42
CA THR F 146 -29.61 33.52 34.05
C THR F 146 -30.97 32.85 34.09
N PRO F 147 -31.78 32.99 33.07
CA PRO F 147 -33.13 32.44 33.12
C PRO F 147 -33.10 30.92 33.12
N LYS F 148 -34.08 30.34 33.81
CA LYS F 148 -34.25 28.90 33.92
C LYS F 148 -35.37 28.39 33.02
N GLY F 149 -35.36 27.08 32.81
CA GLY F 149 -36.38 26.45 31.99
C GLY F 149 -37.77 26.43 32.58
N ILE F 150 -38.56 27.44 32.21
CA ILE F 150 -39.90 27.61 32.74
C ILE F 150 -40.92 26.73 32.02
N LEU F 151 -40.75 26.53 30.72
CA LEU F 151 -41.75 25.78 29.97
C LEU F 151 -41.87 24.35 30.48
N PRO F 152 -43.05 23.75 30.31
CA PRO F 152 -43.23 22.37 30.79
C PRO F 152 -42.33 21.45 30.00
N ALA F 153 -41.67 20.54 30.70
CA ALA F 153 -40.76 19.66 29.99
C ALA F 153 -41.52 18.54 29.29
N ASP F 154 -42.64 18.12 29.86
CA ASP F 154 -43.35 16.99 29.30
C ASP F 154 -43.94 17.31 27.93
N ARG F 155 -44.52 18.50 27.81
CA ARG F 155 -45.12 18.94 26.55
C ARG F 155 -44.07 19.04 25.43
N ILE F 156 -42.90 19.57 25.77
CA ILE F 156 -41.84 19.72 24.79
C ILE F 156 -41.29 18.36 24.41
N THR F 157 -41.06 17.50 25.40
CA THR F 157 -40.56 16.18 25.08
C THR F 157 -41.56 15.39 24.24
N GLU F 158 -42.85 15.64 24.43
CA GLU F 158 -43.85 14.98 23.58
C GLU F 158 -43.83 15.51 22.17
N VAL F 159 -43.48 16.78 21.98
CA VAL F 159 -43.34 17.30 20.63
C VAL F 159 -42.07 16.77 19.97
N LEU F 160 -40.97 16.72 20.71
CA LEU F 160 -39.73 16.17 20.17
C LEU F 160 -39.80 14.68 19.90
N LYS F 161 -40.78 13.96 20.40
CA LYS F 161 -40.90 12.56 20.07
C LYS F 161 -41.64 12.29 18.76
N SER F 162 -42.25 13.31 18.15
CA SER F 162 -43.00 13.08 16.93
C SER F 162 -42.11 12.57 15.81
N ARG F 163 -42.64 11.61 15.06
CA ARG F 163 -41.86 10.90 14.06
C ARG F 163 -42.34 11.23 12.66
N ASN F 164 -41.41 11.58 11.80
CA ASN F 164 -41.67 11.61 10.37
C ASN F 164 -41.48 10.21 9.82
N VAL F 165 -41.91 10.04 8.56
CA VAL F 165 -41.66 8.82 7.82
C VAL F 165 -40.16 8.55 7.74
N SER F 166 -39.36 9.60 7.58
CA SER F 166 -37.91 9.42 7.55
C SER F 166 -37.38 9.01 8.89
N VAL F 167 -37.97 9.53 9.97
CA VAL F 167 -37.57 9.10 11.30
C VAL F 167 -38.01 7.68 11.55
N ASN F 168 -39.21 7.32 11.09
CA ASN F 168 -39.67 5.96 11.24
C ASN F 168 -38.79 4.99 10.46
N LEU F 169 -38.24 5.45 9.37
CA LEU F 169 -37.55 4.57 8.43
C LEU F 169 -36.07 4.45 8.75
N PHE F 170 -35.42 5.57 9.03
CA PHE F 170 -33.99 5.57 9.25
C PHE F 170 -33.60 5.77 10.70
N GLY F 171 -34.52 6.11 11.58
CA GLY F 171 -34.18 6.27 12.97
C GLY F 171 -33.47 7.57 13.26
N ARG F 172 -33.39 7.90 14.54
CA ARG F 172 -32.74 9.12 14.98
C ARG F 172 -32.00 8.83 16.26
N MET F 173 -31.14 9.75 16.66
CA MET F 173 -30.41 9.64 17.91
C MET F 173 -30.28 11.01 18.52
N LEU F 174 -30.57 11.11 19.81
CA LEU F 174 -30.40 12.34 20.58
C LEU F 174 -29.84 11.95 21.93
N ALA F 175 -28.61 12.33 22.21
CA ALA F 175 -27.96 11.85 23.43
C ALA F 175 -28.56 12.47 24.69
N GLU F 176 -28.92 13.75 24.66
CA GLU F 176 -29.50 14.34 25.85
C GLU F 176 -30.92 13.87 26.13
N LEU F 177 -31.65 13.43 25.12
CA LEU F 177 -33.02 12.98 25.28
C LEU F 177 -33.13 11.57 24.72
N PRO F 178 -32.69 10.57 25.49
CA PRO F 178 -32.79 9.19 25.03
C PRO F 178 -34.21 8.70 24.88
N SER F 179 -35.20 9.45 25.35
CA SER F 179 -36.59 9.04 25.15
C SER F 179 -37.01 9.22 23.70
N THR F 180 -36.37 10.12 22.97
CA THR F 180 -36.73 10.44 21.60
C THR F 180 -36.04 9.54 20.57
N GLU F 181 -35.05 8.77 20.97
CA GLU F 181 -34.33 7.94 20.02
C GLU F 181 -35.24 6.88 19.42
N VAL F 182 -35.13 6.71 18.11
CA VAL F 182 -35.95 5.77 17.36
C VAL F 182 -35.02 4.82 16.64
N ASP F 183 -35.31 3.52 16.75
CA ASP F 183 -34.51 2.52 16.07
C ASP F 183 -34.79 2.56 14.58
N GLY F 184 -33.73 2.59 13.77
CA GLY F 184 -33.94 2.60 12.34
C GLY F 184 -34.47 1.26 11.84
N ALA F 185 -35.29 1.32 10.80
CA ALA F 185 -35.83 0.12 10.20
C ALA F 185 -35.15 -0.25 8.89
N VAL F 186 -34.07 0.43 8.51
CA VAL F 186 -33.44 0.23 7.20
C VAL F 186 -31.95 0.08 7.37
N GLN F 187 -31.39 -0.97 6.79
CA GLN F 187 -29.94 -1.13 6.70
C GLN F 187 -29.48 -0.79 5.29
N PHE F 188 -28.62 0.19 5.15
CA PHE F 188 -28.23 0.66 3.84
C PHE F 188 -26.74 0.39 3.65
N ALA F 189 -26.38 -0.54 2.77
CA ALA F 189 -24.97 -0.86 2.55
C ALA F 189 -24.25 0.15 1.65
N HIS F 190 -22.93 0.22 1.84
CA HIS F 190 -22.04 1.00 0.98
C HIS F 190 -21.91 0.38 -0.40
N ALA F 191 -22.41 1.09 -1.41
CA ALA F 191 -22.36 0.64 -2.79
C ALA F 191 -20.94 0.64 -3.32
N PHE F 192 -20.37 -0.54 -3.54
CA PHE F 192 -19.03 -0.65 -4.11
C PHE F 192 -19.10 -1.24 -5.52
N THR F 193 -17.99 -1.11 -6.26
CA THR F 193 -17.94 -1.64 -7.61
C THR F 193 -17.74 -3.14 -7.62
N VAL F 194 -18.33 -3.78 -8.61
CA VAL F 194 -18.08 -5.19 -8.81
C VAL F 194 -16.63 -5.44 -9.18
N HIS F 195 -16.03 -4.55 -9.97
CA HIS F 195 -14.69 -4.71 -10.50
C HIS F 195 -13.72 -3.71 -9.88
N GLY F 196 -12.44 -4.02 -9.94
CA GLY F 196 -11.44 -3.11 -9.43
C GLY F 196 -11.28 -1.88 -10.30
N THR F 197 -11.19 -0.72 -9.66
CA THR F 197 -11.17 0.56 -10.36
C THR F 197 -10.00 1.41 -9.88
N THR F 198 -9.16 1.83 -10.80
CA THR F 198 -8.13 2.80 -10.46
C THR F 198 -8.71 4.20 -10.64
N VAL F 199 -8.33 5.11 -9.76
CA VAL F 199 -8.82 6.48 -9.78
C VAL F 199 -8.33 7.16 -11.05
N GLU F 200 -9.24 7.86 -11.73
CA GLU F 200 -8.98 8.45 -13.03
C GLU F 200 -8.75 9.94 -12.82
N VAL F 201 -7.50 10.39 -12.90
CA VAL F 201 -7.21 11.82 -12.77
C VAL F 201 -7.70 12.57 -13.99
N ASP F 202 -8.39 13.68 -13.78
CA ASP F 202 -8.92 14.51 -14.85
C ASP F 202 -8.32 15.91 -14.77
N PHE F 203 -7.31 16.17 -15.57
CA PHE F 203 -6.73 17.51 -15.63
C PHE F 203 -7.72 18.50 -16.22
N PHE F 204 -7.91 19.64 -15.56
CA PHE F 204 -8.84 20.64 -16.07
C PHE F 204 -8.33 22.04 -15.78
N THR F 205 -8.64 22.98 -16.68
CA THR F 205 -8.27 24.37 -16.52
C THR F 205 -9.51 25.24 -16.67
N ALA F 206 -9.55 26.34 -15.96
CA ALA F 206 -10.63 27.32 -16.09
C ALA F 206 -10.11 28.52 -16.86
N VAL F 207 -10.29 28.51 -18.19
CA VAL F 207 -9.69 29.55 -19.01
C VAL F 207 -10.23 30.92 -18.64
N ASP F 208 -9.33 31.88 -18.63
CA ASP F 208 -9.58 33.24 -18.20
C ASP F 208 -9.87 34.10 -19.42
N ASP F 209 -11.06 34.67 -19.47
CA ASP F 209 -11.35 35.67 -20.49
C ASP F 209 -10.58 36.95 -20.20
N ILE F 210 -10.78 37.94 -21.04
CA ILE F 210 -10.02 39.20 -21.01
C ILE F 210 -8.52 38.92 -21.02
N PRO F 211 -7.96 38.50 -22.15
CA PRO F 211 -6.53 38.17 -22.17
C PRO F 211 -5.71 39.44 -22.00
N LYS F 212 -4.58 39.32 -21.30
CA LYS F 212 -3.82 40.54 -21.03
C LYS F 212 -2.97 40.92 -22.24
N GLU F 213 -2.14 40.00 -22.74
CA GLU F 213 -1.21 40.32 -23.82
C GLU F 213 -1.27 39.24 -24.90
N ASN F 214 -2.46 38.75 -25.17
CA ASN F 214 -2.74 37.65 -26.10
C ASN F 214 -2.09 36.35 -25.63
N ASP F 215 -1.39 36.36 -24.50
CA ASP F 215 -0.86 35.10 -24.00
C ASP F 215 -2.02 34.21 -23.55
N HIS F 216 -1.89 32.93 -23.81
CA HIS F 216 -2.94 31.97 -23.53
C HIS F 216 -2.94 31.47 -22.10
N GLY F 217 -2.16 32.07 -21.20
CA GLY F 217 -2.11 31.57 -19.85
C GLY F 217 -3.48 31.56 -19.19
N SER F 218 -3.89 30.39 -18.72
CA SER F 218 -5.17 30.21 -18.08
C SER F 218 -5.24 30.94 -16.75
N GLY F 219 -6.47 31.10 -16.28
CA GLY F 219 -6.71 31.60 -14.96
C GLY F 219 -6.68 30.55 -13.89
N HIS F 220 -6.69 29.28 -14.27
CA HIS F 220 -6.73 28.24 -13.26
C HIS F 220 -6.27 26.92 -13.86
N MET F 221 -5.70 26.06 -13.02
CA MET F 221 -5.24 24.73 -13.42
C MET F 221 -5.41 23.77 -12.26
N ASN F 222 -6.01 22.62 -12.49
CA ASN F 222 -6.16 21.65 -11.42
C ASN F 222 -6.29 20.27 -12.03
N ALA F 223 -6.62 19.32 -11.16
CA ALA F 223 -6.81 17.94 -11.57
C ALA F 223 -7.79 17.31 -10.58
N GLY F 224 -9.04 17.17 -10.98
CA GLY F 224 -10.02 16.50 -10.16
C GLY F 224 -10.16 15.05 -10.59
N GLN F 225 -10.21 14.13 -9.62
CA GLN F 225 -10.21 12.72 -9.99
C GLN F 225 -11.61 12.13 -9.96
N PHE F 226 -11.98 11.43 -11.02
CA PHE F 226 -13.29 10.80 -11.20
C PHE F 226 -13.11 9.30 -11.37
N SER F 227 -14.23 8.59 -11.52
CA SER F 227 -14.19 7.15 -11.75
C SER F 227 -15.55 6.69 -12.25
N ALA F 228 -15.58 5.47 -12.79
CA ALA F 228 -16.80 4.87 -13.33
C ALA F 228 -16.84 3.40 -13.03
N GLY F 229 -18.03 2.81 -13.10
CA GLY F 229 -18.12 1.38 -12.91
C GLY F 229 -19.52 0.92 -12.59
N THR F 230 -19.66 -0.39 -12.46
CA THR F 230 -20.92 -1.04 -12.16
C THR F 230 -21.00 -1.33 -10.66
N PHE F 231 -21.73 -0.51 -9.92
CA PHE F 231 -21.83 -0.68 -8.49
C PHE F 231 -22.81 -1.76 -8.11
N TYR F 232 -22.51 -2.45 -7.02
CA TYR F 232 -23.46 -3.36 -6.37
C TYR F 232 -24.08 -2.62 -5.20
N ARG F 233 -25.39 -2.71 -5.06
CA ARG F 233 -26.13 -1.98 -4.04
C ARG F 233 -27.05 -2.91 -3.29
N TYR F 234 -27.19 -2.70 -1.99
CA TYR F 234 -27.99 -3.58 -1.17
C TYR F 234 -28.64 -2.81 -0.04
N ALA F 235 -29.83 -3.22 0.37
CA ALA F 235 -30.50 -2.55 1.47
C ALA F 235 -31.55 -3.46 2.08
N ASN F 236 -31.78 -3.27 3.37
CA ASN F 236 -32.77 -4.03 4.12
C ASN F 236 -33.85 -3.12 4.65
N VAL F 237 -35.00 -3.71 4.88
CA VAL F 237 -36.12 -3.05 5.56
C VAL F 237 -36.70 -4.05 6.54
N ASN F 238 -36.55 -3.76 7.82
CA ASN F 238 -37.08 -4.61 8.89
C ASN F 238 -38.55 -4.26 9.09
N LEU F 239 -39.44 -5.07 8.52
CA LEU F 239 -40.85 -4.75 8.59
C LEU F 239 -41.35 -4.73 10.01
N ASP F 240 -40.85 -5.59 10.89
CA ASP F 240 -41.34 -5.53 12.25
C ASP F 240 -41.04 -4.20 12.91
N ARG F 241 -39.84 -3.65 12.70
CA ARG F 241 -39.56 -2.34 13.28
C ARG F 241 -40.27 -1.20 12.58
N LEU F 242 -40.48 -1.29 11.27
CA LEU F 242 -41.17 -0.18 10.63
C LEU F 242 -42.64 -0.15 11.03
N VAL F 243 -43.23 -1.33 11.15
CA VAL F 243 -44.59 -1.43 11.66
C VAL F 243 -44.65 -1.01 13.11
N GLU F 244 -43.61 -1.30 13.88
CA GLU F 244 -43.60 -0.85 15.26
C GLU F 244 -43.46 0.65 15.36
N ASN F 245 -42.71 1.27 14.44
CA ASN F 245 -42.51 2.72 14.50
C ASN F 245 -43.74 3.48 14.06
N THR F 246 -44.24 3.22 12.85
CA THR F 246 -45.43 3.92 12.41
C THR F 246 -46.67 3.50 13.18
N GLY F 247 -46.67 2.28 13.69
CA GLY F 247 -47.82 1.76 14.41
C GLY F 247 -48.77 0.99 13.53
N ASP F 248 -49.34 1.67 12.53
CA ASP F 248 -50.29 1.03 11.62
C ASP F 248 -49.58 0.39 10.44
N ALA F 249 -50.06 -0.78 10.01
CA ALA F 249 -49.43 -1.46 8.90
C ALA F 249 -49.67 -0.77 7.56
N GLN F 250 -50.72 0.02 7.42
CA GLN F 250 -50.94 0.70 6.14
C GLN F 250 -49.92 1.80 5.86
N THR F 251 -49.56 2.62 6.86
CA THR F 251 -48.51 3.59 6.60
C THR F 251 -47.16 2.92 6.45
N ALA F 252 -46.93 1.81 7.13
CA ALA F 252 -45.70 1.08 6.88
C ALA F 252 -45.67 0.53 5.46
N ARG F 253 -46.81 0.13 4.93
CA ARG F 253 -46.83 -0.39 3.57
C ARG F 253 -46.47 0.68 2.56
N THR F 254 -47.05 1.86 2.71
CA THR F 254 -46.68 2.96 1.82
C THR F 254 -45.23 3.37 2.02
N ALA F 255 -44.76 3.34 3.26
CA ALA F 255 -43.36 3.69 3.51
C ALA F 255 -42.41 2.71 2.86
N VAL F 256 -42.73 1.42 2.87
CA VAL F 256 -41.83 0.45 2.26
C VAL F 256 -41.85 0.57 0.75
N ALA F 257 -43.03 0.66 0.15
CA ALA F 257 -43.08 0.77 -1.30
C ALA F 257 -42.40 2.04 -1.77
N GLU F 258 -42.62 3.13 -1.04
CA GLU F 258 -41.96 4.38 -1.39
C GLU F 258 -40.47 4.30 -1.19
N PHE F 259 -40.00 3.63 -0.15
CA PHE F 259 -38.58 3.47 0.05
C PHE F 259 -37.94 2.69 -1.10
N LEU F 260 -38.54 1.57 -1.48
CA LEU F 260 -37.95 0.78 -2.54
C LEU F 260 -37.88 1.55 -3.85
N ARG F 261 -38.94 2.30 -4.15
CA ARG F 261 -38.91 3.11 -5.35
C ARG F 261 -37.87 4.21 -5.27
N ALA F 262 -37.69 4.82 -4.10
CA ALA F 262 -36.64 5.80 -3.95
C ALA F 262 -35.27 5.17 -4.11
N PHE F 263 -35.12 3.94 -3.61
CA PHE F 263 -33.84 3.25 -3.71
C PHE F 263 -33.47 3.04 -5.16
N LEU F 264 -34.45 2.82 -6.02
CA LEU F 264 -34.16 2.56 -7.42
C LEU F 264 -33.98 3.85 -8.21
N SER F 265 -34.77 4.86 -7.90
CA SER F 265 -34.83 6.08 -8.69
C SER F 265 -33.72 7.07 -8.39
N THR F 266 -33.32 7.21 -7.14
CA THR F 266 -32.45 8.31 -6.75
C THR F 266 -30.96 8.05 -7.01
N VAL F 267 -30.21 9.14 -7.14
CA VAL F 267 -28.77 9.20 -7.35
C VAL F 267 -28.23 10.31 -6.44
N PRO F 268 -27.11 10.10 -5.75
CA PRO F 268 -26.66 11.07 -4.75
C PRO F 268 -26.42 12.51 -5.18
N SER F 269 -26.27 12.74 -6.49
CA SER F 269 -26.01 14.09 -6.99
C SER F 269 -24.74 14.72 -6.43
N GLY F 270 -23.64 13.99 -6.47
CA GLY F 270 -22.49 14.75 -6.05
C GLY F 270 -21.61 15.01 -7.24
N LYS F 271 -21.54 16.28 -7.64
CA LYS F 271 -20.86 16.64 -8.87
C LYS F 271 -21.56 16.01 -10.06
N GLN F 272 -22.82 16.39 -10.26
CA GLN F 272 -23.57 15.91 -11.41
C GLN F 272 -23.61 16.92 -12.53
N ASN F 273 -23.64 18.21 -12.22
CA ASN F 273 -23.66 19.18 -13.30
C ASN F 273 -22.39 19.15 -14.12
N ALA F 274 -21.35 18.55 -13.58
CA ALA F 274 -20.14 18.35 -14.37
C ALA F 274 -20.11 17.00 -15.04
N THR F 275 -20.69 15.97 -14.43
CA THR F 275 -20.80 14.64 -15.03
C THR F 275 -22.22 14.18 -14.81
N ALA F 276 -23.01 14.09 -15.87
CA ALA F 276 -24.41 13.74 -15.73
C ALA F 276 -24.51 12.23 -15.58
N ALA F 277 -24.56 11.76 -14.34
CA ALA F 277 -24.56 10.32 -14.08
C ALA F 277 -25.93 9.78 -13.70
N MET F 278 -27.01 10.41 -14.16
CA MET F 278 -28.32 9.89 -13.81
C MET F 278 -28.59 8.63 -14.61
N THR F 279 -28.74 7.53 -13.90
CA THR F 279 -28.84 6.21 -14.51
C THR F 279 -29.81 5.34 -13.72
N LEU F 280 -30.52 4.46 -14.43
CA LEU F 280 -31.33 3.43 -13.80
C LEU F 280 -30.54 2.15 -13.58
N PRO F 281 -30.81 1.45 -12.50
CA PRO F 281 -30.07 0.21 -12.23
C PRO F 281 -30.28 -0.81 -13.32
N ASP F 282 -29.21 -1.52 -13.63
CA ASP F 282 -29.26 -2.53 -14.67
C ASP F 282 -30.05 -3.74 -14.24
N LEU F 283 -30.02 -4.07 -12.96
CA LEU F 283 -30.79 -5.20 -12.48
C LEU F 283 -31.24 -4.95 -11.05
N VAL F 284 -32.45 -5.39 -10.73
CA VAL F 284 -32.93 -5.25 -9.36
C VAL F 284 -33.54 -6.58 -8.93
N HIS F 285 -33.31 -6.93 -7.67
CA HIS F 285 -33.76 -8.22 -7.15
C HIS F 285 -34.29 -8.02 -5.74
N ILE F 286 -35.60 -7.99 -5.59
CA ILE F 286 -36.23 -7.89 -4.29
C ILE F 286 -36.58 -9.26 -3.76
N ALA F 287 -36.07 -9.57 -2.58
CA ALA F 287 -36.44 -10.79 -1.89
C ALA F 287 -37.19 -10.40 -0.62
N VAL F 288 -38.22 -11.17 -0.28
CA VAL F 288 -38.98 -11.00 0.95
C VAL F 288 -38.65 -12.20 1.82
N ARG F 289 -37.67 -12.02 2.71
CA ARG F 289 -37.23 -13.10 3.56
C ARG F 289 -37.80 -13.00 4.96
N PHE F 290 -38.06 -14.14 5.57
CA PHE F 290 -38.61 -14.16 6.91
C PHE F 290 -37.58 -14.46 7.99
N ASP F 291 -36.56 -15.26 7.71
CA ASP F 291 -35.60 -15.56 8.76
C ASP F 291 -34.56 -14.46 9.00
N ARG F 292 -33.87 -14.01 7.95
CA ARG F 292 -32.78 -13.06 8.10
C ARG F 292 -32.40 -12.50 6.74
N PRO F 293 -31.98 -11.25 6.66
CA PRO F 293 -31.49 -10.70 5.41
C PRO F 293 -30.09 -11.15 5.04
N ILE F 294 -29.84 -11.32 3.75
CA ILE F 294 -28.57 -11.80 3.24
C ILE F 294 -28.13 -10.95 2.08
N SER F 295 -27.02 -10.24 2.23
CA SER F 295 -26.48 -9.48 1.13
C SER F 295 -25.67 -10.41 0.25
N PHE F 296 -25.68 -10.15 -1.04
CA PHE F 296 -24.88 -10.91 -2.00
C PHE F 296 -23.54 -10.27 -2.25
N ALA F 297 -23.03 -9.49 -1.32
CA ALA F 297 -21.74 -8.86 -1.54
C ALA F 297 -20.58 -9.84 -1.62
N PRO F 298 -20.58 -10.97 -0.90
CA PRO F 298 -19.51 -11.94 -1.13
C PRO F 298 -19.46 -12.43 -2.55
N ALA F 299 -20.55 -12.35 -3.30
CA ALA F 299 -20.51 -12.81 -4.67
C ALA F 299 -19.49 -12.05 -5.48
N PHE F 300 -19.27 -10.78 -5.15
CA PHE F 300 -18.35 -9.95 -5.91
C PHE F 300 -17.08 -9.67 -5.14
N GLU F 301 -16.72 -10.53 -4.20
CA GLU F 301 -15.46 -10.34 -3.51
C GLU F 301 -14.29 -10.63 -4.45
N THR F 302 -14.39 -11.65 -5.28
CA THR F 302 -13.43 -11.90 -6.35
C THR F 302 -13.70 -10.90 -7.47
N ALA F 303 -12.82 -9.91 -7.61
CA ALA F 303 -13.05 -8.86 -8.59
C ALA F 303 -13.08 -9.42 -10.01
N LEU F 304 -13.90 -8.81 -10.85
CA LEU F 304 -13.98 -9.23 -12.25
C LEU F 304 -12.74 -8.76 -12.99
N TYR F 305 -12.28 -9.57 -13.95
CA TYR F 305 -11.06 -9.26 -14.68
C TYR F 305 -11.22 -8.04 -15.59
N GLY F 306 -12.15 -8.10 -16.53
CA GLY F 306 -12.33 -6.93 -17.35
C GLY F 306 -12.29 -7.15 -18.85
N SER F 307 -11.93 -6.08 -19.55
CA SER F 307 -11.82 -6.00 -21.00
C SER F 307 -13.18 -6.14 -21.68
N ASP F 308 -14.16 -6.71 -20.99
CA ASP F 308 -15.50 -6.88 -21.53
C ASP F 308 -16.53 -6.30 -20.59
N GLY F 309 -17.71 -5.99 -21.12
CA GLY F 309 -18.75 -5.39 -20.33
C GLY F 309 -19.09 -6.17 -19.08
N TYR F 310 -18.97 -5.51 -17.93
CA TYR F 310 -19.18 -6.12 -16.63
C TYR F 310 -20.63 -6.35 -16.30
N THR F 311 -21.57 -5.72 -17.01
CA THR F 311 -22.97 -5.85 -16.64
C THR F 311 -23.46 -7.29 -16.76
N LEU F 312 -23.21 -7.92 -17.91
CA LEU F 312 -23.73 -9.26 -18.09
C LEU F 312 -23.09 -10.24 -17.13
N ARG F 313 -21.78 -10.10 -16.89
CA ARG F 313 -21.12 -11.00 -15.96
C ARG F 313 -21.52 -10.73 -14.53
N ALA F 314 -21.80 -9.48 -14.18
CA ALA F 314 -22.23 -9.18 -12.83
C ALA F 314 -23.63 -9.72 -12.57
N CYS F 315 -24.52 -9.59 -13.54
CA CYS F 315 -25.86 -10.14 -13.36
C CYS F 315 -25.82 -11.66 -13.30
N GLN F 316 -24.99 -12.27 -14.14
CA GLN F 316 -24.91 -13.71 -14.14
C GLN F 316 -24.24 -14.24 -12.88
N GLU F 317 -23.29 -13.48 -12.34
CA GLU F 317 -22.61 -13.90 -11.12
C GLU F 317 -23.52 -13.74 -9.91
N LEU F 318 -24.26 -12.65 -9.84
CA LEU F 318 -25.26 -12.51 -8.79
C LEU F 318 -26.30 -13.61 -8.90
N ASN F 319 -26.58 -14.05 -10.12
CA ASN F 319 -27.51 -15.16 -10.28
C ASN F 319 -26.93 -16.44 -9.70
N ASN F 320 -25.68 -16.76 -10.05
CA ASN F 320 -25.11 -18.00 -9.54
C ASN F 320 -24.99 -17.98 -8.02
N TYR F 321 -24.66 -16.83 -7.45
CA TYR F 321 -24.56 -16.79 -6.00
C TYR F 321 -25.93 -16.88 -5.34
N ALA F 322 -26.96 -16.32 -5.97
CA ALA F 322 -28.30 -16.45 -5.41
C ALA F 322 -28.77 -17.88 -5.48
N GLU F 323 -28.44 -18.59 -6.55
CA GLU F 323 -28.79 -19.99 -6.67
C GLU F 323 -28.09 -20.82 -5.63
N ARG F 324 -26.80 -20.61 -5.49
CA ARG F 324 -26.03 -21.39 -4.55
C ARG F 324 -26.45 -21.10 -3.12
N LEU F 325 -26.83 -19.87 -2.79
CA LEU F 325 -27.33 -19.63 -1.45
C LEU F 325 -28.70 -20.21 -1.21
N ARG F 326 -29.59 -20.20 -2.21
CA ARG F 326 -30.87 -20.84 -1.95
C ARG F 326 -30.71 -22.33 -1.79
N GLU F 327 -29.70 -22.92 -2.42
CA GLU F 327 -29.51 -24.35 -2.15
C GLU F 327 -28.87 -24.58 -0.79
N VAL F 328 -27.89 -23.76 -0.43
CA VAL F 328 -27.17 -23.96 0.83
C VAL F 328 -28.02 -23.58 2.03
N TRP F 329 -28.79 -22.50 1.93
CA TRP F 329 -29.64 -22.02 3.01
C TRP F 329 -31.10 -22.05 2.55
N PRO F 330 -31.79 -23.16 2.77
CA PRO F 330 -33.15 -23.28 2.25
C PRO F 330 -34.10 -22.36 2.97
N ASP F 331 -35.05 -21.81 2.22
CA ASP F 331 -35.98 -20.83 2.76
C ASP F 331 -37.20 -20.75 1.85
N ASP F 332 -38.30 -20.28 2.43
CA ASP F 332 -39.53 -19.99 1.71
C ASP F 332 -39.67 -18.54 1.31
N ALA F 333 -38.56 -17.82 1.17
CA ALA F 333 -38.67 -16.39 0.90
C ALA F 333 -39.19 -16.12 -0.50
N ILE F 334 -40.14 -15.19 -0.58
CA ILE F 334 -40.73 -14.77 -1.84
C ILE F 334 -39.74 -13.89 -2.60
N ARG F 335 -39.23 -14.40 -3.71
CA ARG F 335 -38.21 -13.71 -4.49
C ARG F 335 -38.84 -13.06 -5.70
N GLY F 336 -38.02 -12.33 -6.45
CA GLY F 336 -38.49 -11.66 -7.65
C GLY F 336 -37.49 -10.64 -8.14
N TYR F 337 -37.40 -10.50 -9.46
CA TYR F 337 -36.40 -9.63 -10.04
C TYR F 337 -36.93 -8.95 -11.27
N ALA F 338 -36.20 -7.93 -11.72
CA ALA F 338 -36.53 -7.20 -12.92
C ALA F 338 -35.21 -6.75 -13.53
N THR F 339 -35.05 -6.97 -14.83
CA THR F 339 -33.78 -6.71 -15.48
C THR F 339 -33.99 -6.00 -16.81
N VAL F 340 -32.99 -5.24 -17.21
CA VAL F 340 -32.95 -4.67 -18.55
C VAL F 340 -32.49 -5.70 -19.59
N GLU F 341 -31.43 -6.44 -19.31
CA GLU F 341 -30.94 -7.38 -20.32
C GLU F 341 -31.90 -8.54 -20.45
N ASN F 342 -32.07 -9.02 -21.67
CA ASN F 342 -32.89 -10.19 -21.95
C ASN F 342 -32.04 -11.34 -22.46
N LYS F 343 -30.72 -11.18 -22.44
CA LYS F 343 -29.81 -12.20 -22.95
C LYS F 343 -29.80 -13.44 -22.05
N THR F 344 -30.24 -13.32 -20.80
CA THR F 344 -30.25 -14.45 -19.89
C THR F 344 -31.57 -14.47 -19.14
N ASP F 345 -31.97 -15.67 -18.71
CA ASP F 345 -33.20 -15.83 -17.95
C ASP F 345 -33.01 -15.58 -16.46
N LEU F 346 -31.82 -15.86 -15.95
CA LEU F 346 -31.49 -15.70 -14.53
C LEU F 346 -32.57 -16.41 -13.72
N ALA F 347 -32.49 -17.73 -13.67
CA ALA F 347 -33.59 -18.50 -13.10
C ALA F 347 -33.67 -18.40 -11.58
N ALA F 348 -32.53 -18.25 -10.91
CA ALA F 348 -32.55 -18.29 -9.46
C ALA F 348 -33.14 -17.03 -8.84
N LEU F 349 -33.20 -15.92 -9.56
CA LEU F 349 -33.69 -14.72 -8.91
C LEU F 349 -35.21 -14.67 -8.80
N GLY F 350 -35.89 -15.79 -8.92
CA GLY F 350 -37.32 -15.85 -8.74
C GLY F 350 -38.12 -15.50 -9.97
N GLU F 351 -39.35 -15.08 -9.74
CA GLU F 351 -40.27 -14.71 -10.82
C GLU F 351 -39.86 -13.40 -11.44
N ARG F 352 -39.80 -13.35 -12.76
CA ARG F 352 -39.39 -12.12 -13.43
C ARG F 352 -40.61 -11.22 -13.62
N TYR F 353 -40.40 -9.93 -13.43
CA TYR F 353 -41.42 -8.91 -13.65
C TYR F 353 -40.96 -7.92 -14.69
N ASP F 354 -41.91 -7.42 -15.48
CA ASP F 354 -41.56 -6.62 -16.63
C ASP F 354 -41.00 -5.26 -16.26
N SER F 355 -41.34 -4.75 -15.09
CA SER F 355 -41.01 -3.36 -14.76
C SER F 355 -40.69 -3.25 -13.28
N TYR F 356 -39.93 -2.21 -12.95
CA TYR F 356 -39.58 -1.99 -11.55
C TYR F 356 -40.80 -1.69 -10.69
N PRO F 357 -41.73 -0.82 -11.09
CA PRO F 357 -42.92 -0.64 -10.25
C PRO F 357 -43.77 -1.89 -10.12
N ALA F 358 -43.86 -2.71 -11.15
CA ALA F 358 -44.58 -3.97 -11.02
C ALA F 358 -43.90 -4.89 -10.02
N LEU F 359 -42.57 -4.92 -10.03
CA LEU F 359 -41.84 -5.74 -9.07
C LEU F 359 -42.03 -5.23 -7.65
N ILE F 360 -41.92 -3.93 -7.46
CA ILE F 360 -42.09 -3.38 -6.13
C ILE F 360 -43.48 -3.64 -5.62
N ASP F 361 -44.48 -3.45 -6.46
CA ASP F 361 -45.85 -3.67 -6.02
C ASP F 361 -46.09 -5.14 -5.72
N ALA F 362 -45.47 -6.04 -6.47
CA ALA F 362 -45.68 -7.45 -6.22
C ALA F 362 -45.01 -7.91 -4.95
N MET F 363 -43.80 -7.44 -4.68
CA MET F 363 -43.13 -7.89 -3.46
C MET F 363 -43.64 -7.20 -2.21
N VAL F 364 -44.03 -5.94 -2.32
CA VAL F 364 -44.65 -5.29 -1.17
C VAL F 364 -46.01 -5.90 -0.89
N ALA F 365 -46.76 -6.21 -1.93
CA ALA F 365 -48.03 -6.88 -1.70
C ALA F 365 -47.82 -8.28 -1.17
N ALA F 366 -46.67 -8.89 -1.47
CA ALA F 366 -46.33 -10.20 -0.93
C ALA F 366 -45.88 -10.13 0.52
N ALA F 367 -45.59 -8.95 1.04
CA ALA F 367 -45.18 -8.86 2.43
C ALA F 367 -46.24 -8.24 3.33
N THR G 2 -17.60 -36.52 21.58
CA THR G 2 -18.12 -35.77 22.70
C THR G 2 -17.79 -34.29 22.55
N PHE G 3 -17.05 -33.95 21.51
CA PHE G 3 -16.65 -32.59 21.19
C PHE G 3 -17.18 -32.29 19.81
N VAL G 4 -18.05 -31.32 19.68
CA VAL G 4 -18.50 -30.89 18.36
C VAL G 4 -17.84 -29.55 18.09
N ASP G 5 -16.99 -29.48 17.07
CA ASP G 5 -16.39 -28.20 16.73
C ASP G 5 -16.78 -27.81 15.33
N ILE G 6 -17.03 -26.52 15.16
CA ILE G 6 -17.54 -25.99 13.91
C ILE G 6 -16.63 -24.89 13.45
N HIS G 7 -16.17 -25.01 12.20
CA HIS G 7 -15.33 -24.03 11.56
C HIS G 7 -16.16 -23.32 10.49
N ALA G 8 -15.77 -22.11 10.15
CA ALA G 8 -16.57 -21.33 9.21
C ALA G 8 -15.74 -20.23 8.59
N ILE G 9 -15.80 -20.08 7.29
CA ILE G 9 -15.22 -18.94 6.60
C ILE G 9 -16.37 -18.04 6.18
N GLN G 10 -16.30 -16.76 6.56
CA GLN G 10 -17.39 -15.83 6.29
C GLN G 10 -16.87 -14.44 5.99
N THR G 11 -17.11 -13.97 4.77
CA THR G 11 -16.72 -12.63 4.36
C THR G 11 -17.72 -11.60 4.83
N LEU G 12 -17.23 -10.43 5.21
CA LEU G 12 -18.05 -9.32 5.64
C LEU G 12 -17.63 -8.09 4.85
N PRO G 13 -18.54 -7.40 4.21
CA PRO G 13 -18.17 -6.27 3.37
C PRO G 13 -18.26 -4.91 4.02
N TYR G 14 -17.11 -4.31 4.30
CA TYR G 14 -17.11 -2.97 4.88
C TYR G 14 -18.08 -2.95 6.03
N SER G 15 -17.85 -3.82 7.02
CA SER G 15 -18.81 -3.92 8.10
C SER G 15 -18.52 -3.06 9.33
N ASN G 16 -17.39 -3.32 9.96
CA ASN G 16 -17.01 -2.69 11.21
C ASN G 16 -18.12 -3.06 12.17
N ILE G 17 -18.23 -4.35 12.47
CA ILE G 17 -19.30 -4.85 13.32
C ILE G 17 -18.96 -4.66 14.78
N ASN G 18 -17.68 -4.74 15.13
CA ASN G 18 -17.26 -4.70 16.52
C ASN G 18 -16.13 -3.71 16.71
N ARG G 19 -16.39 -2.68 17.50
CA ARG G 19 -15.48 -1.56 17.71
C ARG G 19 -14.79 -1.62 19.05
N ASP G 20 -13.58 -1.09 19.10
CA ASP G 20 -12.86 -0.90 20.35
C ASP G 20 -13.43 0.30 21.10
N ASP G 21 -12.67 0.76 22.08
CA ASP G 21 -13.08 1.91 22.88
C ASP G 21 -12.99 3.23 22.12
N LEU G 22 -12.20 3.30 21.05
CA LEU G 22 -12.07 4.53 20.30
C LEU G 22 -12.78 4.49 18.96
N GLY G 23 -13.49 3.42 18.66
CA GLY G 23 -14.22 3.33 17.41
C GLY G 23 -13.53 2.54 16.33
N SER G 24 -12.28 2.17 16.50
CA SER G 24 -11.63 1.40 15.47
C SER G 24 -12.00 -0.07 15.64
N PRO G 25 -12.12 -0.82 14.56
CA PRO G 25 -12.36 -2.25 14.69
C PRO G 25 -11.21 -2.95 15.35
N LYS G 26 -11.53 -3.96 16.16
CA LYS G 26 -10.53 -4.67 16.92
C LYS G 26 -9.62 -5.50 16.03
N THR G 27 -8.33 -5.47 16.34
CA THR G 27 -7.31 -6.09 15.51
C THR G 27 -6.39 -7.00 16.31
N VAL G 28 -5.94 -8.08 15.66
CA VAL G 28 -4.92 -8.99 16.18
C VAL G 28 -3.69 -8.83 15.31
N VAL G 29 -2.51 -8.71 15.90
CA VAL G 29 -1.27 -8.75 15.11
C VAL G 29 -0.89 -10.21 15.11
N TYR G 30 -1.43 -10.98 14.17
CA TYR G 30 -1.25 -12.43 14.15
C TYR G 30 -0.49 -12.89 12.94
N GLY G 31 0.55 -13.67 13.17
CA GLY G 31 1.42 -14.05 12.10
C GLY G 31 2.28 -12.91 11.68
N GLY G 32 2.40 -11.91 12.53
CA GLY G 32 3.21 -10.76 12.23
C GLY G 32 2.47 -9.70 11.48
N LYS G 33 1.25 -9.98 11.04
CA LYS G 33 0.48 -9.03 10.25
C LYS G 33 -0.84 -8.73 10.93
N GLU G 34 -1.19 -7.45 10.99
CA GLU G 34 -2.42 -7.01 11.61
C GLU G 34 -3.64 -7.51 10.85
N ARG G 35 -4.59 -8.06 11.58
CA ARG G 35 -5.81 -8.65 11.03
C ARG G 35 -6.98 -8.25 11.89
N THR G 36 -7.97 -7.58 11.31
CA THR G 36 -9.13 -7.19 12.09
C THR G 36 -9.87 -8.41 12.62
N ARG G 37 -10.45 -8.27 13.81
CA ARG G 37 -11.09 -9.39 14.49
C ARG G 37 -12.42 -8.92 15.06
N VAL G 38 -13.33 -9.86 15.18
CA VAL G 38 -14.57 -9.67 15.92
C VAL G 38 -14.48 -10.44 17.22
N SER G 39 -14.60 -9.74 18.33
CA SER G 39 -14.41 -10.37 19.62
C SER G 39 -15.42 -11.48 19.83
N SER G 40 -15.01 -12.47 20.61
CA SER G 40 -15.85 -13.64 20.81
C SER G 40 -17.08 -13.30 21.64
N GLN G 41 -16.92 -12.41 22.62
CA GLN G 41 -18.07 -12.10 23.45
C GLN G 41 -19.19 -11.45 22.64
N SER G 42 -18.85 -10.70 21.60
CA SER G 42 -19.89 -10.09 20.80
C SER G 42 -20.69 -11.11 20.01
N TRP G 43 -20.00 -11.93 19.22
CA TRP G 43 -20.72 -12.93 18.45
C TRP G 43 -21.41 -13.92 19.37
N LYS G 44 -20.84 -14.16 20.55
CA LYS G 44 -21.49 -15.01 21.54
C LYS G 44 -22.77 -14.38 22.05
N ARG G 45 -22.77 -13.06 22.25
CA ARG G 45 -24.01 -12.40 22.65
C ARG G 45 -25.05 -12.50 21.56
N ALA G 46 -24.65 -12.29 20.31
CA ALA G 46 -25.60 -12.42 19.22
C ALA G 46 -26.14 -13.84 19.13
N VAL G 47 -25.30 -14.81 19.46
CA VAL G 47 -25.76 -16.19 19.40
C VAL G 47 -26.72 -16.47 20.54
N ARG G 48 -26.44 -15.98 21.73
CA ARG G 48 -27.34 -16.28 22.81
C ARG G 48 -28.66 -15.57 22.66
N HIS G 49 -28.69 -14.39 22.06
CA HIS G 49 -29.99 -13.77 21.86
C HIS G 49 -30.79 -14.43 20.77
N GLU G 50 -30.13 -14.89 19.70
CA GLU G 50 -30.92 -15.62 18.73
C GLU G 50 -31.37 -16.97 19.26
N VAL G 51 -30.56 -17.64 20.08
CA VAL G 51 -30.98 -18.93 20.65
C VAL G 51 -32.13 -18.73 21.63
N GLU G 52 -32.02 -17.75 22.50
CA GLU G 52 -33.14 -17.50 23.40
C GLU G 52 -34.39 -17.11 22.64
N ALA G 53 -34.25 -16.33 21.58
CA ALA G 53 -35.43 -15.92 20.83
C ALA G 53 -36.05 -17.07 20.05
N ARG G 54 -35.25 -18.03 19.61
CA ARG G 54 -35.77 -19.12 18.81
C ARG G 54 -36.24 -20.30 19.66
N LEU G 55 -35.57 -20.55 20.79
CA LEU G 55 -35.93 -21.62 21.69
C LEU G 55 -36.93 -21.16 22.75
N GLY G 56 -37.25 -19.87 22.76
CA GLY G 56 -38.28 -19.28 23.60
C GLY G 56 -37.92 -18.90 25.03
N ASP G 57 -36.92 -19.51 25.64
CA ASP G 57 -36.63 -19.16 27.02
C ASP G 57 -35.47 -18.19 27.08
N LYS G 58 -35.70 -17.08 27.80
CA LYS G 58 -34.70 -16.02 27.89
C LYS G 58 -34.14 -15.85 29.29
N ALA G 59 -32.85 -15.68 29.37
CA ALA G 59 -32.11 -15.40 30.58
C ALA G 59 -31.68 -13.95 30.56
N VAL G 60 -31.48 -13.40 31.75
CA VAL G 60 -31.29 -11.98 31.91
C VAL G 60 -30.04 -11.75 32.74
N ARG G 61 -29.07 -11.08 32.12
CA ARG G 61 -27.83 -10.65 32.75
C ARG G 61 -28.04 -9.20 33.12
N THR G 62 -28.24 -8.93 34.40
CA THR G 62 -28.61 -7.60 34.81
C THR G 62 -27.90 -7.25 36.09
N ARG G 63 -27.55 -5.98 36.19
CA ARG G 63 -27.05 -5.43 37.42
C ARG G 63 -28.16 -4.88 38.29
N ARG G 64 -29.39 -4.78 37.77
CA ARG G 64 -30.49 -4.17 38.53
C ARG G 64 -31.57 -5.20 38.80
N ILE G 65 -31.26 -6.19 39.64
CA ILE G 65 -32.26 -7.21 39.94
C ILE G 65 -33.28 -6.69 40.94
N ILE G 66 -32.86 -5.83 41.86
CA ILE G 66 -33.76 -5.34 42.89
C ILE G 66 -34.91 -4.57 42.27
N SER G 67 -34.62 -3.71 41.30
CA SER G 67 -35.69 -2.95 40.67
C SER G 67 -36.70 -3.84 39.96
N GLU G 68 -36.23 -4.91 39.35
CA GLU G 68 -37.14 -5.78 38.61
C GLU G 68 -38.01 -6.58 39.57
N ILE G 69 -37.42 -7.07 40.66
CA ILE G 69 -38.23 -7.72 41.68
C ILE G 69 -39.22 -6.73 42.24
N ALA G 70 -38.83 -5.46 42.33
CA ALA G 70 -39.77 -4.45 42.77
C ALA G 70 -40.97 -4.28 41.84
N LYS G 71 -40.79 -4.35 40.51
CA LYS G 71 -42.01 -4.27 39.70
C LYS G 71 -42.88 -5.50 39.92
N ARG G 72 -42.30 -6.69 40.07
CA ARG G 72 -43.20 -7.82 40.32
C ARG G 72 -43.90 -7.72 41.66
N LEU G 73 -43.21 -7.31 42.71
CA LEU G 73 -43.94 -7.18 43.96
C LEU G 73 -44.97 -6.05 43.90
N ARG G 74 -44.69 -5.00 43.13
CA ARG G 74 -45.67 -3.94 42.99
C ARG G 74 -46.91 -4.38 42.21
N GLU G 75 -46.73 -5.25 41.22
CA GLU G 75 -47.90 -5.81 40.55
C GLU G 75 -48.61 -6.88 41.37
N ARG G 76 -47.98 -7.40 42.42
CA ARG G 76 -48.65 -8.33 43.33
C ARG G 76 -49.49 -7.64 44.39
N GLY G 77 -49.52 -6.31 44.42
CA GLY G 77 -50.32 -5.58 45.37
C GLY G 77 -49.56 -4.93 46.49
N TRP G 78 -48.24 -4.98 46.46
CA TRP G 78 -47.42 -4.36 47.49
C TRP G 78 -47.36 -2.85 47.27
N ASP G 79 -47.18 -2.12 48.36
CA ASP G 79 -46.90 -0.71 48.22
C ASP G 79 -45.49 -0.54 47.69
N ALA G 80 -45.23 0.61 47.06
CA ALA G 80 -43.94 0.79 46.42
C ALA G 80 -42.82 0.69 47.43
N ASP G 81 -43.02 1.26 48.62
CA ASP G 81 -41.97 1.20 49.64
C ASP G 81 -41.79 -0.20 50.17
N LEU G 82 -42.88 -0.96 50.31
CA LEU G 82 -42.72 -2.35 50.74
C LEU G 82 -42.13 -3.19 49.63
N ALA G 83 -42.39 -2.84 48.37
CA ALA G 83 -41.79 -3.61 47.30
C ALA G 83 -40.29 -3.40 47.26
N ASP G 84 -39.85 -2.16 47.49
CA ASP G 84 -38.43 -1.87 47.54
C ASP G 84 -37.77 -2.52 48.74
N ALA G 85 -38.40 -2.47 49.89
CA ALA G 85 -37.82 -3.11 51.06
C ALA G 85 -37.81 -4.62 50.93
N GLY G 86 -38.82 -5.19 50.28
CA GLY G 86 -38.82 -6.63 50.09
C GLY G 86 -37.78 -7.10 49.11
N ALA G 87 -37.56 -6.35 48.03
CA ALA G 87 -36.50 -6.74 47.12
C ALA G 87 -35.13 -6.54 47.75
N ARG G 88 -34.99 -5.54 48.63
CA ARG G 88 -33.72 -5.44 49.33
C ARG G 88 -33.55 -6.63 50.25
N GLN G 89 -34.64 -7.13 50.81
CA GLN G 89 -34.53 -8.31 51.64
C GLN G 89 -34.12 -9.52 50.83
N VAL G 90 -34.52 -9.57 49.55
CA VAL G 90 -34.16 -10.70 48.72
C VAL G 90 -32.65 -10.78 48.56
N VAL G 91 -32.00 -9.65 48.28
CA VAL G 91 -30.57 -9.69 48.09
C VAL G 91 -29.80 -9.61 49.40
N LEU G 92 -30.45 -9.17 50.47
CA LEU G 92 -29.84 -9.08 51.79
C LEU G 92 -29.79 -10.41 52.52
N SER G 93 -30.67 -11.33 52.17
CA SER G 93 -30.81 -12.59 52.88
C SER G 93 -29.86 -13.67 52.39
N VAL G 94 -29.01 -13.40 51.40
CA VAL G 94 -28.20 -14.45 50.80
C VAL G 94 -26.74 -14.05 50.73
N GLY G 95 -25.85 -15.04 50.66
CA GLY G 95 -24.43 -14.77 50.67
C GLY G 95 -23.78 -14.95 52.02
N LYS G 96 -22.45 -15.11 52.00
CA LYS G 96 -21.64 -15.27 53.20
C LYS G 96 -21.75 -14.07 54.14
N LYS G 97 -21.35 -12.91 53.66
CA LYS G 97 -21.37 -11.68 54.41
C LYS G 97 -22.81 -11.26 54.68
N SER G 98 -23.01 -10.03 55.14
CA SER G 98 -24.35 -9.57 55.46
C SER G 98 -25.29 -9.72 54.28
N GLY G 99 -24.86 -9.34 53.10
CA GLY G 99 -25.70 -9.45 51.93
C GLY G 99 -24.92 -9.22 50.66
N ILE G 100 -25.59 -9.37 49.53
CA ILE G 100 -24.94 -9.08 48.27
C ILE G 100 -24.62 -7.60 48.29
N LYS G 101 -23.37 -7.25 48.00
CA LYS G 101 -22.99 -5.86 48.10
C LYS G 101 -23.67 -5.04 47.02
N LEU G 102 -24.06 -3.83 47.39
CA LEU G 102 -24.78 -2.94 46.50
C LEU G 102 -23.95 -1.71 46.18
N GLU G 103 -24.13 -1.25 44.95
CA GLU G 103 -23.54 -0.01 44.49
C GLU G 103 -24.12 1.18 45.24
N LYS G 104 -23.41 2.29 45.19
CA LYS G 104 -23.79 3.49 45.91
C LYS G 104 -25.19 3.89 45.50
N GLU G 105 -26.00 4.32 46.47
CA GLU G 105 -27.38 4.59 46.17
C GLU G 105 -27.58 5.81 45.27
N LYS G 106 -28.42 5.59 44.26
CA LYS G 106 -28.85 6.55 43.27
C LYS G 106 -30.21 7.11 43.70
N ASP G 107 -30.40 8.39 43.46
CA ASP G 107 -31.65 9.05 43.82
C ASP G 107 -32.85 8.45 43.07
N SER G 108 -33.95 8.24 43.80
CA SER G 108 -35.22 7.80 43.23
C SER G 108 -35.22 6.38 42.68
N GLU G 109 -34.08 5.70 42.65
CA GLU G 109 -34.06 4.36 42.08
C GLU G 109 -33.36 3.37 43.00
N ALA G 110 -33.80 2.12 42.94
CA ALA G 110 -33.22 1.07 43.73
C ALA G 110 -31.78 0.82 43.33
N PRO G 111 -30.91 0.54 44.29
CA PRO G 111 -29.48 0.41 43.99
C PRO G 111 -29.19 -0.85 43.21
N ALA G 112 -28.24 -0.74 42.30
CA ALA G 112 -27.78 -1.87 41.53
C ALA G 112 -26.80 -2.70 42.34
N THR G 113 -26.86 -4.01 42.14
CA THR G 113 -25.91 -4.91 42.77
C THR G 113 -24.54 -4.66 42.16
N SER G 114 -23.50 -4.96 42.92
CA SER G 114 -22.16 -4.76 42.40
C SER G 114 -21.83 -5.72 41.26
N VAL G 115 -22.35 -6.93 41.30
CA VAL G 115 -22.03 -7.93 40.27
C VAL G 115 -23.28 -8.21 39.43
N LEU G 116 -23.04 -8.59 38.16
CA LEU G 116 -24.11 -8.91 37.22
C LEU G 116 -24.73 -10.28 37.43
N PHE G 117 -25.99 -10.30 37.85
CA PHE G 117 -26.71 -11.56 37.99
C PHE G 117 -27.07 -12.07 36.60
N TYR G 118 -27.19 -13.38 36.46
CA TYR G 118 -27.48 -14.01 35.18
C TYR G 118 -28.46 -15.14 35.41
N LEU G 119 -29.76 -14.84 35.34
CA LEU G 119 -30.73 -15.85 35.68
C LEU G 119 -31.93 -15.75 34.76
N PRO G 120 -32.64 -16.85 34.53
CA PRO G 120 -33.81 -16.81 33.67
C PRO G 120 -34.91 -15.93 34.26
N VAL G 121 -35.81 -15.50 33.38
CA VAL G 121 -36.88 -14.60 33.80
C VAL G 121 -37.87 -15.24 34.77
N PRO G 122 -38.39 -16.44 34.51
CA PRO G 122 -39.31 -17.00 35.51
C PRO G 122 -38.67 -17.24 36.86
N ALA G 123 -37.35 -17.41 36.93
CA ALA G 123 -36.73 -17.51 38.24
C ALA G 123 -36.77 -16.20 39.01
N ILE G 124 -36.64 -15.07 38.31
CA ILE G 124 -36.79 -13.79 38.98
C ILE G 124 -38.21 -13.65 39.53
N ASP G 125 -39.21 -14.10 38.77
CA ASP G 125 -40.56 -14.04 39.28
C ASP G 125 -40.74 -14.94 40.50
N GLU G 126 -40.06 -16.09 40.53
CA GLU G 126 -40.17 -16.94 41.71
C GLU G 126 -39.51 -16.29 42.91
N LEU G 127 -38.41 -15.55 42.70
CA LEU G 127 -37.86 -14.79 43.80
C LEU G 127 -38.87 -13.78 44.32
N ALA G 128 -39.65 -13.18 43.42
CA ALA G 128 -40.70 -12.30 43.87
C ALA G 128 -41.74 -13.04 44.72
N ALA G 129 -42.07 -14.27 44.34
CA ALA G 129 -43.04 -15.01 45.15
C ALA G 129 -42.48 -15.36 46.53
N ILE G 130 -41.18 -15.67 46.61
CA ILE G 130 -40.59 -15.96 47.91
C ILE G 130 -40.60 -14.72 48.78
N ALA G 131 -40.27 -13.58 48.21
CA ALA G 131 -40.38 -12.36 49.02
C ALA G 131 -41.83 -12.04 49.30
N ASP G 132 -42.77 -12.62 48.57
CA ASP G 132 -44.17 -12.27 48.76
C ASP G 132 -44.80 -13.00 49.94
N GLU G 133 -44.53 -14.29 50.06
CA GLU G 133 -45.10 -15.09 51.16
C GLU G 133 -44.77 -14.57 52.55
N HIS G 134 -43.62 -13.92 52.68
CA HIS G 134 -43.15 -13.38 53.95
C HIS G 134 -43.39 -11.88 54.04
N ARG G 135 -44.58 -11.43 53.67
CA ARG G 135 -44.84 -10.00 53.60
C ARG G 135 -44.85 -9.31 54.96
N ASP G 136 -45.38 -9.97 55.99
CA ASP G 136 -45.44 -9.33 57.30
C ASP G 136 -44.07 -9.21 57.95
N ALA G 137 -43.24 -10.25 57.82
CA ALA G 137 -41.89 -10.17 58.36
C ALA G 137 -41.10 -9.08 57.66
N VAL G 138 -41.32 -8.93 56.35
CA VAL G 138 -40.68 -7.84 55.62
C VAL G 138 -41.20 -6.50 56.11
N ALA G 139 -42.50 -6.41 56.41
CA ALA G 139 -43.02 -5.15 56.91
C ALA G 139 -42.43 -4.79 58.26
N LYS G 140 -42.16 -5.80 59.09
CA LYS G 140 -41.56 -5.53 60.39
C LYS G 140 -40.10 -5.13 60.24
N GLU G 141 -39.37 -5.73 59.32
CA GLU G 141 -37.98 -5.35 59.16
C GLU G 141 -37.84 -4.06 58.39
N ALA G 142 -38.87 -3.67 57.64
CA ALA G 142 -38.83 -2.40 56.94
C ALA G 142 -38.88 -1.24 57.92
N ALA G 143 -39.44 -1.46 59.11
CA ALA G 143 -39.48 -0.38 60.09
C ALA G 143 -38.15 -0.14 60.80
N LYS G 144 -37.30 -1.17 60.91
CA LYS G 144 -36.01 -1.07 61.57
C LYS G 144 -35.02 -0.26 60.74
N LYS G 145 -33.98 0.26 61.39
CA LYS G 145 -33.03 1.09 60.68
C LYS G 145 -32.13 0.26 59.76
N THR G 146 -31.65 -0.89 60.25
CA THR G 146 -30.79 -1.79 59.49
C THR G 146 -31.38 -3.18 59.41
N PRO G 147 -32.31 -3.42 58.51
CA PRO G 147 -32.97 -4.73 58.48
C PRO G 147 -32.01 -5.82 58.04
N LYS G 148 -32.23 -7.01 58.59
CA LYS G 148 -31.44 -8.20 58.29
C LYS G 148 -32.16 -9.14 57.34
N GLY G 149 -31.40 -10.06 56.77
CA GLY G 149 -31.95 -11.04 55.86
C GLY G 149 -32.85 -12.08 56.48
N ILE G 150 -34.15 -11.79 56.45
CA ILE G 150 -35.16 -12.63 57.07
C ILE G 150 -35.53 -13.82 56.19
N LEU G 151 -35.57 -13.63 54.87
CA LEU G 151 -36.01 -14.68 53.98
C LEU G 151 -35.12 -15.91 54.08
N PRO G 152 -35.66 -17.09 53.80
CA PRO G 152 -34.84 -18.30 53.88
C PRO G 152 -33.76 -18.24 52.81
N ALA G 153 -32.55 -18.60 53.21
CA ALA G 153 -31.47 -18.52 52.24
C ALA G 153 -31.51 -19.70 51.29
N ASP G 154 -31.97 -20.86 51.76
CA ASP G 154 -31.93 -22.05 50.95
C ASP G 154 -32.86 -21.95 49.75
N ARG G 155 -34.07 -21.44 50.00
CA ARG G 155 -35.06 -21.28 48.95
C ARG G 155 -34.60 -20.32 47.86
N ILE G 156 -33.97 -19.22 48.28
CA ILE G 156 -33.48 -18.24 47.32
C ILE G 156 -32.30 -18.80 46.56
N THR G 157 -31.38 -19.45 47.24
CA THR G 157 -30.25 -20.05 46.54
C THR G 157 -30.71 -21.11 45.56
N GLU G 158 -31.79 -21.83 45.87
CA GLU G 158 -32.31 -22.80 44.92
C GLU G 158 -32.94 -22.14 43.72
N VAL G 159 -33.50 -20.94 43.88
CA VAL G 159 -34.02 -20.23 42.72
C VAL G 159 -32.89 -19.68 41.88
N LEU G 160 -31.86 -19.12 42.52
CA LEU G 160 -30.71 -18.61 41.79
C LEU G 160 -29.89 -19.69 41.11
N LYS G 161 -30.08 -20.95 41.44
CA LYS G 161 -29.37 -22.01 40.74
C LYS G 161 -30.05 -22.44 39.44
N SER G 162 -31.27 -21.99 39.17
CA SER G 162 -31.98 -22.42 37.97
C SER G 162 -31.23 -22.02 36.72
N ARG G 163 -31.20 -22.92 35.75
CA ARG G 163 -30.39 -22.75 34.55
C ARG G 163 -31.27 -22.57 33.34
N ASN G 164 -30.97 -21.55 32.56
CA ASN G 164 -31.50 -21.43 31.21
C ASN G 164 -30.61 -22.23 30.27
N VAL G 165 -31.11 -22.41 29.06
CA VAL G 165 -30.32 -23.00 27.98
C VAL G 165 -29.05 -22.21 27.76
N SER G 166 -29.13 -20.87 27.86
CA SER G 166 -27.94 -20.06 27.69
C SER G 166 -26.99 -20.25 28.85
N VAL G 167 -27.51 -20.46 30.06
CA VAL G 167 -26.65 -20.75 31.19
C VAL G 167 -26.04 -22.13 31.05
N ASN G 168 -26.83 -23.08 30.57
CA ASN G 168 -26.29 -24.42 30.35
C ASN G 168 -25.21 -24.40 29.29
N LEU G 169 -25.32 -23.50 28.34
CA LEU G 169 -24.47 -23.52 27.16
C LEU G 169 -23.21 -22.70 27.36
N PHE G 170 -23.35 -21.50 27.91
CA PHE G 170 -22.23 -20.61 28.06
C PHE G 170 -21.73 -20.46 29.48
N GLY G 171 -22.45 -20.98 30.47
CA GLY G 171 -21.98 -20.90 31.84
C GLY G 171 -22.19 -19.53 32.44
N ARG G 172 -22.05 -19.47 33.75
CA ARG G 172 -22.22 -18.24 34.49
C ARG G 172 -21.19 -18.19 35.60
N MET G 173 -21.03 -17.02 36.20
CA MET G 173 -20.13 -16.86 37.32
C MET G 173 -20.76 -15.87 38.29
N LEU G 174 -20.75 -16.24 39.57
CA LEU G 174 -21.21 -15.36 40.64
C LEU G 174 -20.25 -15.54 41.81
N ALA G 175 -19.50 -14.48 42.13
CA ALA G 175 -18.45 -14.64 43.13
C ALA G 175 -19.01 -14.80 44.53
N GLU G 176 -20.08 -14.10 44.88
CA GLU G 176 -20.62 -14.26 46.22
C GLU G 176 -21.33 -15.59 46.43
N LEU G 177 -21.82 -16.21 45.36
CA LEU G 177 -22.54 -17.47 45.47
C LEU G 177 -21.88 -18.47 44.54
N PRO G 178 -20.76 -19.05 44.96
CA PRO G 178 -20.08 -20.05 44.14
C PRO G 178 -20.88 -21.31 43.93
N SER G 179 -21.98 -21.50 44.64
CA SER G 179 -22.81 -22.67 44.39
C SER G 179 -23.58 -22.56 43.08
N THR G 180 -23.80 -21.34 42.61
CA THR G 180 -24.57 -21.09 41.39
C THR G 180 -23.73 -21.11 40.12
N GLU G 181 -22.41 -21.09 40.24
CA GLU G 181 -21.56 -21.06 39.07
C GLU G 181 -21.73 -22.32 38.24
N VAL G 182 -21.83 -22.14 36.92
CA VAL G 182 -22.04 -23.23 35.98
C VAL G 182 -20.89 -23.19 34.98
N ASP G 183 -20.29 -24.34 34.73
CA ASP G 183 -19.21 -24.42 33.76
C ASP G 183 -19.78 -24.31 32.35
N GLY G 184 -19.18 -23.45 31.53
CA GLY G 184 -19.65 -23.32 30.18
C GLY G 184 -19.34 -24.54 29.35
N ALA G 185 -20.22 -24.85 28.42
CA ALA G 185 -20.01 -25.98 27.52
C ALA G 185 -19.57 -25.56 26.13
N VAL G 186 -19.26 -24.29 25.91
CA VAL G 186 -18.95 -23.79 24.57
C VAL G 186 -17.69 -22.94 24.61
N GLN G 187 -16.75 -23.24 23.72
CA GLN G 187 -15.58 -22.39 23.53
C GLN G 187 -15.75 -21.59 22.25
N PHE G 188 -15.75 -20.27 22.36
CA PHE G 188 -16.03 -19.43 21.21
C PHE G 188 -14.78 -18.62 20.88
N ALA G 189 -14.13 -18.91 19.75
CA ALA G 189 -12.92 -18.17 19.38
C ALA G 189 -13.21 -16.80 18.78
N HIS G 190 -12.22 -15.91 18.91
CA HIS G 190 -12.22 -14.61 18.26
C HIS G 190 -12.05 -14.72 16.76
N ALA G 191 -13.08 -14.34 16.02
CA ALA G 191 -13.07 -14.39 14.57
C ALA G 191 -12.11 -13.36 13.98
N PHE G 192 -11.00 -13.80 13.42
CA PHE G 192 -10.05 -12.91 12.77
C PHE G 192 -10.05 -13.12 11.27
N THR G 193 -9.45 -12.18 10.53
CA THR G 193 -9.40 -12.27 9.09
C THR G 193 -8.32 -13.24 8.65
N VAL G 194 -8.58 -13.91 7.54
CA VAL G 194 -7.56 -14.75 6.94
C VAL G 194 -6.39 -13.91 6.44
N HIS G 195 -6.67 -12.73 5.92
CA HIS G 195 -5.68 -11.86 5.30
C HIS G 195 -5.44 -10.61 6.12
N GLY G 196 -4.28 -9.98 5.91
CA GLY G 196 -3.98 -8.75 6.61
C GLY G 196 -4.83 -7.59 6.13
N THR G 197 -5.34 -6.79 7.06
CA THR G 197 -6.27 -5.72 6.75
C THR G 197 -5.80 -4.42 7.39
N THR G 198 -5.64 -3.38 6.59
CA THR G 198 -5.39 -2.06 7.14
C THR G 198 -6.74 -1.38 7.39
N VAL G 199 -6.80 -0.61 8.47
CA VAL G 199 -8.07 0.01 8.84
C VAL G 199 -8.42 1.14 7.89
N GLU G 200 -9.53 0.90 7.19
CA GLU G 200 -10.06 1.85 6.22
C GLU G 200 -10.79 3.00 6.93
N VAL G 201 -10.41 4.23 6.60
CA VAL G 201 -11.06 5.41 7.19
C VAL G 201 -12.09 6.03 6.24
N ASP G 202 -13.29 6.27 6.75
CA ASP G 202 -14.37 6.88 5.99
C ASP G 202 -14.62 8.23 6.61
N PHE G 203 -14.65 9.28 5.81
CA PHE G 203 -14.87 10.64 6.27
C PHE G 203 -16.28 11.11 5.94
N PHE G 204 -17.12 11.24 6.96
CA PHE G 204 -18.51 11.63 6.77
C PHE G 204 -18.84 12.98 7.39
N THR G 205 -19.81 13.67 6.80
CA THR G 205 -20.24 14.99 7.27
C THR G 205 -21.76 15.05 7.33
N ALA G 206 -22.31 15.12 8.54
CA ALA G 206 -23.75 15.29 8.73
C ALA G 206 -24.16 16.72 8.39
N VAL G 207 -25.08 16.85 7.44
CA VAL G 207 -25.41 18.11 6.79
C VAL G 207 -26.48 18.83 7.58
N ASP G 208 -26.35 20.15 7.71
CA ASP G 208 -27.35 20.95 8.38
C ASP G 208 -28.43 21.04 7.33
N ASP G 209 -29.66 21.20 7.75
CA ASP G 209 -30.78 21.15 6.81
C ASP G 209 -31.33 22.55 6.55
N ILE G 210 -31.42 23.40 7.56
CA ILE G 210 -31.87 24.76 7.26
C ILE G 210 -30.75 25.49 6.55
N PRO G 211 -31.01 26.20 5.46
CA PRO G 211 -29.91 26.85 4.77
C PRO G 211 -29.44 28.02 5.59
N LYS G 212 -28.12 28.19 5.66
CA LYS G 212 -27.64 29.39 6.30
C LYS G 212 -27.76 30.58 5.36
N GLU G 213 -27.93 31.74 5.97
CA GLU G 213 -28.12 32.94 5.18
C GLU G 213 -26.88 33.24 4.38
N ASN G 214 -25.71 32.95 4.96
CA ASN G 214 -24.46 33.31 4.34
C ASN G 214 -23.53 32.11 4.23
N ASP G 215 -23.11 31.53 5.33
CA ASP G 215 -22.10 30.49 5.24
C ASP G 215 -22.70 29.10 5.37
N HIS G 216 -22.64 28.35 4.28
CA HIS G 216 -23.19 26.99 4.30
C HIS G 216 -22.03 26.07 4.52
N GLY G 217 -22.11 25.27 5.57
CA GLY G 217 -21.13 24.27 5.86
C GLY G 217 -21.80 23.08 6.48
N SER G 218 -21.00 22.05 6.74
CA SER G 218 -21.55 20.85 7.31
C SER G 218 -21.97 21.13 8.74
N GLY G 219 -22.98 20.40 9.19
CA GLY G 219 -23.39 20.50 10.58
C GLY G 219 -22.39 19.87 11.51
N HIS G 220 -21.84 18.73 11.11
CA HIS G 220 -20.80 18.08 11.88
C HIS G 220 -19.98 17.23 10.94
N MET G 221 -18.70 17.11 11.20
CA MET G 221 -17.89 16.31 10.30
C MET G 221 -16.86 15.52 11.07
N ASN G 222 -16.72 14.25 10.71
CA ASN G 222 -15.83 13.37 11.45
C ASN G 222 -15.34 12.29 10.52
N ALA G 223 -14.69 11.27 11.06
CA ALA G 223 -14.27 10.12 10.28
C ALA G 223 -14.42 8.84 11.09
N GLY G 224 -15.21 7.89 10.60
CA GLY G 224 -15.38 6.61 11.27
C GLY G 224 -14.65 5.52 10.51
N GLN G 225 -13.98 4.66 11.27
CA GLN G 225 -13.18 3.58 10.70
C GLN G 225 -14.02 2.35 10.41
N PHE G 226 -13.77 1.74 9.26
CA PHE G 226 -14.44 0.54 8.82
C PHE G 226 -13.42 -0.38 8.19
N SER G 227 -13.81 -1.64 8.05
CA SER G 227 -12.94 -2.63 7.43
C SER G 227 -13.78 -3.76 6.88
N ALA G 228 -13.16 -4.58 6.03
CA ALA G 228 -13.83 -5.72 5.39
C ALA G 228 -12.87 -6.89 5.27
N GLY G 229 -13.43 -8.08 5.10
CA GLY G 229 -12.56 -9.22 4.86
C GLY G 229 -13.27 -10.53 5.12
N THR G 230 -12.52 -11.61 4.87
CA THR G 230 -13.01 -12.97 5.06
C THR G 230 -12.56 -13.50 6.40
N PHE G 231 -13.45 -13.52 7.37
CA PHE G 231 -13.11 -13.97 8.71
C PHE G 231 -13.10 -15.47 8.81
N TYR G 232 -12.20 -15.98 9.65
CA TYR G 232 -12.20 -17.37 10.06
C TYR G 232 -12.87 -17.46 11.42
N ARG G 233 -13.77 -18.42 11.59
CA ARG G 233 -14.55 -18.55 12.81
C ARG G 233 -14.50 -19.97 13.31
N TYR G 234 -14.46 -20.14 14.63
CA TYR G 234 -14.32 -21.47 15.21
C TYR G 234 -15.05 -21.53 16.54
N ALA G 235 -15.59 -22.70 16.87
CA ALA G 235 -16.27 -22.84 18.15
C ALA G 235 -16.37 -24.31 18.53
N ASN G 236 -16.37 -24.56 19.83
CA ASN G 236 -16.47 -25.90 20.38
C ASN G 236 -17.75 -26.03 21.19
N VAL G 237 -18.20 -27.27 21.31
CA VAL G 237 -19.29 -27.64 22.19
C VAL G 237 -18.90 -28.94 22.88
N ASN G 238 -18.68 -28.87 24.18
CA ASN G 238 -18.32 -30.03 24.99
C ASN G 238 -19.59 -30.76 25.35
N LEU G 239 -19.88 -31.84 24.63
CA LEU G 239 -21.12 -32.54 24.85
C LEU G 239 -21.22 -33.11 26.25
N ASP G 240 -20.11 -33.57 26.82
CA ASP G 240 -20.20 -34.11 28.16
C ASP G 240 -20.66 -33.04 29.15
N ARG G 241 -20.15 -31.83 29.05
CA ARG G 241 -20.62 -30.79 29.96
C ARG G 241 -22.02 -30.29 29.65
N LEU G 242 -22.41 -30.25 28.39
CA LEU G 242 -23.76 -29.78 28.11
C LEU G 242 -24.78 -30.80 28.56
N VAL G 243 -24.48 -32.07 28.39
CA VAL G 243 -25.33 -33.13 28.91
C VAL G 243 -25.32 -33.12 30.43
N GLU G 244 -24.18 -32.80 31.02
CA GLU G 244 -24.13 -32.71 32.47
C GLU G 244 -24.96 -31.53 32.99
N ASN G 245 -24.97 -30.43 32.25
CA ASN G 245 -25.70 -29.25 32.70
C ASN G 245 -27.21 -29.41 32.55
N THR G 246 -27.68 -29.71 31.34
CA THR G 246 -29.11 -29.90 31.18
C THR G 246 -29.62 -31.15 31.86
N GLY G 247 -28.75 -32.15 32.00
CA GLY G 247 -29.13 -33.41 32.61
C GLY G 247 -29.58 -34.44 31.58
N ASP G 248 -30.64 -34.14 30.85
CA ASP G 248 -31.15 -35.07 29.85
C ASP G 248 -30.47 -34.86 28.50
N ALA G 249 -30.21 -35.95 27.78
CA ALA G 249 -29.57 -35.83 26.49
C ALA G 249 -30.47 -35.24 25.41
N GLN G 250 -31.78 -35.32 25.55
CA GLN G 250 -32.64 -34.72 24.53
C GLN G 250 -32.63 -33.20 24.52
N THR G 251 -32.65 -32.55 25.68
CA THR G 251 -32.50 -31.10 25.66
C THR G 251 -31.11 -30.67 25.26
N ALA G 252 -30.10 -31.47 25.59
CA ALA G 252 -28.77 -31.15 25.08
C ALA G 252 -28.73 -31.27 23.58
N ARG G 253 -29.46 -32.21 23.01
CA ARG G 253 -29.44 -32.37 21.56
C ARG G 253 -30.05 -31.16 20.88
N THR G 254 -31.20 -30.70 21.38
CA THR G 254 -31.79 -29.50 20.82
C THR G 254 -30.92 -28.28 21.06
N ALA G 255 -30.27 -28.22 22.21
CA ALA G 255 -29.38 -27.09 22.48
C ALA G 255 -28.20 -27.06 21.54
N VAL G 256 -27.64 -28.22 21.20
CA VAL G 256 -26.49 -28.23 20.29
C VAL G 256 -26.91 -27.87 18.89
N ALA G 257 -27.99 -28.47 18.40
CA ALA G 257 -28.42 -28.17 17.04
C ALA G 257 -28.79 -26.70 16.92
N GLU G 258 -29.47 -26.19 17.93
CA GLU G 258 -29.83 -24.78 17.92
C GLU G 258 -28.61 -23.88 18.01
N PHE G 259 -27.62 -24.27 18.80
CA PHE G 259 -26.40 -23.49 18.87
C PHE G 259 -25.70 -23.42 17.52
N LEU G 260 -25.54 -24.56 16.87
CA LEU G 260 -24.83 -24.56 15.61
C LEU G 260 -25.55 -23.72 14.57
N ARG G 261 -26.87 -23.81 14.54
CA ARG G 261 -27.63 -22.98 13.61
C ARG G 261 -27.50 -21.50 13.95
N ALA G 262 -27.49 -21.16 15.24
CA ALA G 262 -27.27 -19.77 15.61
C ALA G 262 -25.88 -19.31 15.21
N PHE G 263 -24.90 -20.20 15.34
CA PHE G 263 -23.54 -19.85 14.98
C PHE G 263 -23.43 -19.49 13.51
N LEU G 264 -24.22 -20.14 12.67
CA LEU G 264 -24.16 -19.88 11.24
C LEU G 264 -25.01 -18.68 10.84
N SER G 265 -26.16 -18.52 11.47
CA SER G 265 -27.13 -17.52 11.06
C SER G 265 -26.84 -16.11 11.56
N THR G 266 -26.36 -15.97 12.78
CA THR G 266 -26.29 -14.67 13.43
C THR G 266 -25.06 -13.85 13.04
N VAL G 267 -25.20 -12.54 13.19
CA VAL G 267 -24.20 -11.50 12.92
C VAL G 267 -24.29 -10.50 14.08
N PRO G 268 -23.16 -10.04 14.63
CA PRO G 268 -23.20 -9.21 15.85
C PRO G 268 -24.02 -7.93 15.81
N SER G 269 -24.33 -7.42 14.63
CA SER G 269 -25.08 -6.17 14.51
C SER G 269 -24.39 -4.98 15.16
N GLY G 270 -23.36 -4.50 14.50
CA GLY G 270 -22.55 -3.35 14.88
C GLY G 270 -22.64 -2.30 13.81
N LYS G 271 -23.42 -1.25 13.99
CA LYS G 271 -23.60 -0.26 12.92
C LYS G 271 -24.16 -0.94 11.68
N GLN G 272 -25.01 -1.93 11.88
CA GLN G 272 -25.63 -2.62 10.77
C GLN G 272 -26.59 -1.72 10.04
N ASN G 273 -27.10 -0.70 10.71
CA ASN G 273 -27.99 0.21 10.04
C ASN G 273 -27.24 1.13 9.10
N ALA G 274 -25.93 1.13 9.15
CA ALA G 274 -25.15 1.93 8.25
C ALA G 274 -24.28 1.10 7.32
N THR G 275 -24.21 -0.21 7.50
CA THR G 275 -23.36 -1.01 6.63
C THR G 275 -24.07 -2.21 6.02
N ALA G 276 -25.09 -2.74 6.67
CA ALA G 276 -25.80 -3.92 6.17
C ALA G 276 -24.88 -5.09 5.90
N ALA G 277 -24.09 -5.47 6.88
CA ALA G 277 -23.11 -6.54 6.79
C ALA G 277 -23.70 -7.94 6.90
N MET G 278 -25.01 -8.11 6.81
CA MET G 278 -25.63 -9.43 6.90
C MET G 278 -25.17 -10.37 5.79
N THR G 279 -24.60 -11.51 6.17
CA THR G 279 -23.99 -12.43 5.22
C THR G 279 -24.00 -13.85 5.77
N LEU G 280 -24.14 -14.83 4.88
CA LEU G 280 -23.98 -16.23 5.24
C LEU G 280 -22.55 -16.69 5.05
N PRO G 281 -22.07 -17.57 5.91
CA PRO G 281 -20.70 -18.04 5.78
C PRO G 281 -20.46 -18.72 4.45
N ASP G 282 -19.27 -18.49 3.90
CA ASP G 282 -18.91 -19.07 2.62
C ASP G 282 -18.67 -20.56 2.73
N LEU G 283 -18.15 -21.01 3.87
CA LEU G 283 -17.93 -22.44 4.05
C LEU G 283 -18.11 -22.80 5.50
N VAL G 284 -18.67 -23.98 5.75
CA VAL G 284 -18.82 -24.45 7.12
C VAL G 284 -18.36 -25.89 7.18
N HIS G 285 -17.70 -26.24 8.28
CA HIS G 285 -17.12 -27.56 8.44
C HIS G 285 -17.32 -28.02 9.88
N ILE G 286 -18.30 -28.88 10.09
CA ILE G 286 -18.55 -29.46 11.40
C ILE G 286 -17.85 -30.80 11.54
N ALA G 287 -17.00 -30.91 12.56
CA ALA G 287 -16.37 -32.17 12.89
C ALA G 287 -16.90 -32.59 14.25
N VAL G 288 -17.12 -33.90 14.40
CA VAL G 288 -17.53 -34.49 15.67
C VAL G 288 -16.35 -35.31 16.16
N ARG G 289 -15.53 -34.71 17.00
CA ARG G 289 -14.33 -35.37 17.50
C ARG G 289 -14.52 -35.92 18.90
N PHE G 290 -13.88 -37.04 19.17
CA PHE G 290 -13.98 -37.65 20.48
C PHE G 290 -12.78 -37.39 21.37
N ASP G 291 -11.58 -37.25 20.83
CA ASP G 291 -10.43 -37.03 21.70
C ASP G 291 -10.29 -35.60 22.19
N ARG G 292 -10.28 -34.63 21.29
CA ARG G 292 -10.01 -33.23 21.65
C ARG G 292 -10.38 -32.33 20.48
N PRO G 293 -10.84 -31.13 20.74
CA PRO G 293 -11.11 -30.17 19.66
C PRO G 293 -9.84 -29.53 19.12
N ILE G 294 -9.84 -29.25 17.83
CA ILE G 294 -8.69 -28.66 17.14
C ILE G 294 -9.15 -27.54 16.24
N SER G 295 -8.72 -26.33 16.54
CA SER G 295 -9.04 -25.22 15.66
C SER G 295 -8.04 -25.20 14.52
N PHE G 296 -8.48 -24.79 13.35
CA PHE G 296 -7.63 -24.64 12.20
C PHE G 296 -7.06 -23.24 12.06
N ALA G 297 -6.96 -22.51 13.15
CA ALA G 297 -6.43 -21.16 13.06
C ALA G 297 -4.97 -21.11 12.65
N PRO G 298 -4.11 -22.05 13.02
CA PRO G 298 -2.76 -22.03 12.46
C PRO G 298 -2.72 -22.09 10.96
N ALA G 299 -3.77 -22.62 10.33
CA ALA G 299 -3.75 -22.68 8.88
C ALA G 299 -3.64 -21.30 8.27
N PHE G 300 -4.19 -20.29 8.93
CA PHE G 300 -4.17 -18.94 8.40
C PHE G 300 -3.22 -18.04 9.15
N GLU G 301 -2.20 -18.60 9.79
CA GLU G 301 -1.22 -17.76 10.45
C GLU G 301 -0.38 -17.03 9.41
N THR G 302 0.00 -17.70 8.33
CA THR G 302 0.64 -17.06 7.18
C THR G 302 -0.42 -16.29 6.41
N ALA G 303 -0.41 -14.97 6.51
CA ALA G 303 -1.45 -14.16 5.87
C ALA G 303 -1.44 -14.34 4.37
N LEU G 304 -2.62 -14.28 3.77
CA LEU G 304 -2.73 -14.38 2.31
C LEU G 304 -2.25 -13.09 1.67
N TYR G 305 -1.61 -13.21 0.51
CA TYR G 305 -1.04 -12.05 -0.18
C TYR G 305 -2.12 -11.10 -0.68
N GLY G 306 -2.99 -11.57 -1.56
CA GLY G 306 -4.04 -10.68 -2.01
C GLY G 306 -4.20 -10.55 -3.50
N SER G 307 -4.76 -9.40 -3.89
CA SER G 307 -5.04 -9.01 -5.27
C SER G 307 -6.13 -9.88 -5.89
N ASP G 308 -6.36 -11.06 -5.35
CA ASP G 308 -7.38 -11.96 -5.84
C ASP G 308 -8.31 -12.39 -4.73
N GLY G 309 -9.50 -12.85 -5.10
CA GLY G 309 -10.48 -13.23 -4.11
C GLY G 309 -9.98 -14.26 -3.12
N TYR G 310 -10.05 -13.89 -1.84
CA TYR G 310 -9.53 -14.71 -0.76
C TYR G 310 -10.41 -15.90 -0.44
N THR G 311 -11.67 -15.93 -0.89
CA THR G 311 -12.56 -17.01 -0.50
C THR G 311 -12.06 -18.36 -1.00
N LEU G 312 -11.75 -18.45 -2.29
CA LEU G 312 -11.34 -19.75 -2.83
C LEU G 312 -10.03 -20.22 -2.21
N ARG G 313 -9.09 -19.30 -2.00
CA ARG G 313 -7.82 -19.69 -1.40
C ARG G 313 -7.97 -20.01 0.07
N ALA G 314 -8.88 -19.35 0.77
CA ALA G 314 -9.10 -19.67 2.17
C ALA G 314 -9.75 -21.02 2.34
N CYS G 315 -10.72 -21.33 1.49
CA CYS G 315 -11.35 -22.64 1.57
C CYS G 315 -10.36 -23.74 1.19
N GLN G 316 -9.55 -23.49 0.18
CA GLN G 316 -8.58 -24.50 -0.24
C GLN G 316 -7.48 -24.67 0.80
N GLU G 317 -7.12 -23.59 1.49
CA GLU G 317 -6.08 -23.68 2.50
C GLU G 317 -6.58 -24.37 3.75
N LEU G 318 -7.81 -24.08 4.15
CA LEU G 318 -8.41 -24.82 5.24
C LEU G 318 -8.54 -26.28 4.89
N ASN G 319 -8.76 -26.57 3.60
CA ASN G 319 -8.79 -27.97 3.17
C ASN G 319 -7.44 -28.63 3.34
N ASN G 320 -6.38 -27.99 2.87
CA ASN G 320 -5.07 -28.61 2.98
C ASN G 320 -4.65 -28.79 4.43
N TYR G 321 -4.98 -27.83 5.28
CA TYR G 321 -4.62 -28.01 6.68
C TYR G 321 -5.45 -29.09 7.35
N ALA G 322 -6.72 -29.24 6.96
CA ALA G 322 -7.52 -30.31 7.53
C ALA G 322 -7.00 -31.67 7.08
N GLU G 323 -6.55 -31.77 5.83
CA GLU G 323 -5.97 -33.00 5.34
C GLU G 323 -4.69 -33.33 6.07
N ARG G 324 -3.82 -32.36 6.20
CA ARG G 324 -2.56 -32.61 6.84
C ARG G 324 -2.74 -32.93 8.32
N LEU G 325 -3.71 -32.33 9.00
CA LEU G 325 -3.93 -32.74 10.37
C LEU G 325 -4.56 -34.11 10.51
N ARG G 326 -5.45 -34.49 9.60
CA ARG G 326 -5.96 -35.85 9.72
C ARG G 326 -4.88 -36.86 9.45
N GLU G 327 -3.90 -36.53 8.63
CA GLU G 327 -2.81 -37.48 8.47
C GLU G 327 -1.89 -37.48 9.69
N VAL G 328 -1.57 -36.31 10.22
CA VAL G 328 -0.63 -36.20 11.33
C VAL G 328 -1.24 -36.70 12.64
N TRP G 329 -2.51 -36.41 12.88
CA TRP G 329 -3.21 -36.81 14.09
C TRP G 329 -4.38 -37.70 13.71
N PRO G 330 -4.17 -39.01 13.64
CA PRO G 330 -5.24 -39.89 13.16
C PRO G 330 -6.38 -39.98 14.17
N ASP G 331 -7.60 -40.06 13.65
CA ASP G 331 -8.78 -40.06 14.48
C ASP G 331 -9.94 -40.63 13.70
N ASP G 332 -10.94 -41.11 14.44
CA ASP G 332 -12.20 -41.58 13.90
C ASP G 332 -13.30 -40.52 13.93
N ALA G 333 -12.94 -39.26 13.94
CA ALA G 333 -13.96 -38.23 14.08
C ALA G 333 -14.83 -38.12 12.85
N ILE G 334 -16.15 -38.05 13.09
CA ILE G 334 -17.13 -37.90 12.03
C ILE G 334 -17.10 -36.47 11.49
N ARG G 335 -16.64 -36.30 10.26
CA ARG G 335 -16.47 -34.99 9.66
C ARG G 335 -17.62 -34.70 8.71
N GLY G 336 -17.61 -33.49 8.15
CA GLY G 336 -18.65 -33.09 7.23
C GLY G 336 -18.64 -31.60 6.99
N TYR G 337 -18.96 -31.20 5.77
CA TYR G 337 -18.87 -29.79 5.41
C TYR G 337 -19.96 -29.42 4.44
N ALA G 338 -20.14 -28.13 4.27
CA ALA G 338 -21.11 -27.57 3.34
C ALA G 338 -20.53 -26.27 2.82
N THR G 339 -20.55 -26.09 1.51
CA THR G 339 -19.91 -24.96 0.89
C THR G 339 -20.80 -24.33 -0.17
N VAL G 340 -20.61 -23.03 -0.39
CA VAL G 340 -21.22 -22.35 -1.52
C VAL G 340 -20.47 -22.61 -2.82
N GLU G 341 -19.16 -22.50 -2.83
CA GLU G 341 -18.42 -22.69 -4.07
C GLU G 341 -18.46 -24.15 -4.48
N ASN G 342 -18.55 -24.39 -5.78
CA ASN G 342 -18.51 -25.74 -6.33
C ASN G 342 -17.26 -25.93 -7.19
N LYS G 343 -16.37 -24.94 -7.19
CA LYS G 343 -15.16 -25.00 -8.01
C LYS G 343 -14.19 -26.07 -7.50
N THR G 344 -14.32 -26.50 -6.25
CA THR G 344 -13.43 -27.50 -5.69
C THR G 344 -14.24 -28.51 -4.90
N ASP G 345 -13.71 -29.73 -4.82
CA ASP G 345 -14.36 -30.80 -4.08
C ASP G 345 -14.04 -30.77 -2.59
N LEU G 346 -12.86 -30.27 -2.23
CA LEU G 346 -12.40 -30.20 -0.84
C LEU G 346 -12.59 -31.58 -0.22
N ALA G 347 -11.69 -32.50 -0.55
CA ALA G 347 -11.92 -33.88 -0.16
C ALA G 347 -11.71 -34.14 1.31
N ALA G 348 -10.80 -33.41 1.95
CA ALA G 348 -10.47 -33.71 3.33
C ALA G 348 -11.56 -33.30 4.32
N LEU G 349 -12.44 -32.39 3.95
CA LEU G 349 -13.42 -31.95 4.93
C LEU G 349 -14.57 -32.93 5.12
N GLY G 350 -14.40 -34.17 4.71
CA GLY G 350 -15.41 -35.20 4.94
C GLY G 350 -16.51 -35.24 3.90
N GLU G 351 -17.65 -35.79 4.30
CA GLU G 351 -18.79 -35.93 3.41
C GLU G 351 -19.45 -34.58 3.17
N ARG G 352 -19.72 -34.27 1.90
CA ARG G 352 -20.32 -32.98 1.60
C ARG G 352 -21.84 -33.07 1.73
N TYR G 353 -22.44 -32.02 2.27
CA TYR G 353 -23.89 -31.91 2.39
C TYR G 353 -24.39 -30.70 1.65
N ASP G 354 -25.59 -30.82 1.09
CA ASP G 354 -26.07 -29.79 0.19
C ASP G 354 -26.41 -28.49 0.91
N SER G 355 -26.73 -28.55 2.20
CA SER G 355 -27.27 -27.38 2.88
C SER G 355 -26.77 -27.35 4.30
N TYR G 356 -26.77 -26.15 4.88
CA TYR G 356 -26.33 -26.02 6.27
C TYR G 356 -27.24 -26.76 7.23
N PRO G 357 -28.57 -26.66 7.15
CA PRO G 357 -29.40 -27.46 8.06
C PRO G 357 -29.23 -28.96 7.87
N ALA G 358 -29.01 -29.43 6.65
CA ALA G 358 -28.75 -30.85 6.47
C ALA G 358 -27.45 -31.25 7.13
N LEU G 359 -26.44 -30.40 7.04
CA LEU G 359 -25.16 -30.70 7.69
C LEU G 359 -25.30 -30.71 9.20
N ILE G 360 -25.99 -29.72 9.76
CA ILE G 360 -26.15 -29.67 11.20
C ILE G 360 -26.94 -30.87 11.68
N ASP G 361 -28.00 -31.23 10.96
CA ASP G 361 -28.79 -32.37 11.40
C ASP G 361 -27.99 -33.66 11.29
N ALA G 362 -27.13 -33.77 10.27
CA ALA G 362 -26.36 -35.00 10.12
C ALA G 362 -25.29 -35.12 11.19
N MET G 363 -24.60 -34.03 11.53
CA MET G 363 -23.55 -34.15 12.52
C MET G 363 -24.09 -34.20 13.94
N VAL G 364 -25.20 -33.51 14.21
CA VAL G 364 -25.81 -33.65 15.53
C VAL G 364 -26.39 -35.05 15.70
N ALA G 365 -27.00 -35.58 14.64
CA ALA G 365 -27.48 -36.94 14.74
C ALA G 365 -26.34 -37.93 14.85
N ALA G 366 -25.17 -37.56 14.32
CA ALA G 366 -23.99 -38.40 14.46
C ALA G 366 -23.37 -38.32 15.85
N ALA G 367 -23.76 -37.35 16.66
CA ALA G 367 -23.20 -37.28 17.99
C ALA G 367 -24.18 -37.68 19.09
N THR H 2 7.54 22.00 -69.40
CA THR H 2 8.74 21.75 -68.63
C THR H 2 8.69 20.37 -68.00
N PHE H 3 7.56 19.70 -68.16
CA PHE H 3 7.35 18.36 -67.64
C PHE H 3 7.02 17.46 -68.83
N VAL H 4 7.85 16.46 -69.08
CA VAL H 4 7.53 15.49 -70.12
C VAL H 4 7.11 14.22 -69.42
N ASP H 5 5.87 13.80 -69.60
CA ASP H 5 5.46 12.54 -69.01
C ASP H 5 5.03 11.58 -70.09
N ILE H 6 5.40 10.32 -69.89
CA ILE H 6 5.19 9.28 -70.87
C ILE H 6 4.41 8.15 -70.24
N HIS H 7 3.30 7.78 -70.89
CA HIS H 7 2.47 6.68 -70.47
C HIS H 7 2.65 5.54 -71.46
N ALA H 8 2.39 4.32 -71.02
CA ALA H 8 2.64 3.18 -71.88
C ALA H 8 1.85 1.97 -71.41
N ILE H 9 1.17 1.29 -72.31
CA ILE H 9 0.55 0.01 -72.01
C ILE H 9 1.41 -1.05 -72.68
N GLN H 10 1.82 -2.05 -71.90
CA GLN H 10 2.72 -3.08 -72.40
C GLN H 10 2.41 -4.43 -71.78
N THR H 11 2.01 -5.40 -72.59
CA THR H 11 1.77 -6.74 -72.08
C THR H 11 3.17 -7.26 -71.84
N LEU H 12 3.36 -8.16 -70.88
CA LEU H 12 4.70 -8.65 -70.61
C LEU H 12 4.80 -10.16 -70.43
N PRO H 13 5.99 -10.73 -70.84
CA PRO H 13 6.09 -12.18 -70.63
C PRO H 13 6.34 -12.52 -69.17
N TYR H 14 6.07 -13.76 -68.79
CA TYR H 14 6.24 -14.22 -67.43
C TYR H 14 7.67 -14.16 -66.91
N SER H 15 8.65 -14.48 -67.75
CA SER H 15 10.05 -14.49 -67.30
C SER H 15 10.62 -13.14 -66.87
N ASN H 16 10.24 -12.07 -67.56
CA ASN H 16 10.75 -10.73 -67.26
C ASN H 16 10.32 -10.04 -65.96
N ILE H 17 9.30 -10.57 -65.30
CA ILE H 17 8.77 -10.02 -64.07
C ILE H 17 9.78 -10.05 -62.93
N ASN H 18 9.73 -9.02 -62.09
CA ASN H 18 10.60 -8.89 -60.94
C ASN H 18 10.08 -9.80 -59.83
N ARG H 19 10.97 -10.30 -58.99
CA ARG H 19 10.60 -11.16 -57.88
C ARG H 19 10.82 -10.50 -56.55
N ASP H 20 9.98 -10.87 -55.58
CA ASP H 20 10.16 -10.47 -54.20
C ASP H 20 11.28 -11.29 -53.56
N ASP H 21 11.34 -11.25 -52.24
CA ASP H 21 12.34 -11.99 -51.50
C ASP H 21 12.10 -13.48 -51.49
N LEU H 22 10.88 -13.94 -51.75
CA LEU H 22 10.58 -15.37 -51.74
C LEU H 22 10.37 -15.94 -53.12
N GLY H 23 10.55 -15.14 -54.16
CA GLY H 23 10.40 -15.62 -55.51
C GLY H 23 9.08 -15.31 -56.17
N SER H 24 8.11 -14.81 -55.43
CA SER H 24 6.84 -14.48 -56.05
C SER H 24 6.94 -13.11 -56.69
N PRO H 25 6.27 -12.89 -57.82
CA PRO H 25 6.24 -11.56 -58.40
C PRO H 25 5.57 -10.56 -57.48
N LYS H 26 6.09 -9.34 -57.49
CA LYS H 26 5.60 -8.31 -56.61
C LYS H 26 4.19 -7.86 -56.99
N THR H 27 3.35 -7.66 -55.99
CA THR H 27 1.94 -7.37 -56.20
C THR H 27 1.49 -6.15 -55.41
N VAL H 28 0.54 -5.41 -55.98
CA VAL H 28 -0.16 -4.30 -55.35
C VAL H 28 -1.60 -4.71 -55.17
N VAL H 29 -2.17 -4.49 -53.99
CA VAL H 29 -3.61 -4.70 -53.81
C VAL H 29 -4.21 -3.34 -54.13
N TYR H 30 -4.48 -3.06 -55.40
CA TYR H 30 -4.91 -1.74 -55.84
C TYR H 30 -6.31 -1.79 -56.41
N GLY H 31 -7.16 -0.89 -55.92
CA GLY H 31 -8.53 -0.94 -56.30
C GLY H 31 -9.24 -2.07 -55.64
N GLY H 32 -8.65 -2.63 -54.59
CA GLY H 32 -9.23 -3.74 -53.89
C GLY H 32 -8.85 -5.06 -54.47
N LYS H 33 -8.19 -5.08 -55.63
CA LYS H 33 -7.85 -6.32 -56.29
C LYS H 33 -6.35 -6.41 -56.50
N GLU H 34 -5.79 -7.57 -56.19
CA GLU H 34 -4.36 -7.80 -56.33
C GLU H 34 -3.93 -7.75 -57.79
N ARG H 35 -2.87 -7.01 -58.05
CA ARG H 35 -2.34 -6.80 -59.39
C ARG H 35 -0.83 -6.89 -59.35
N THR H 36 -0.25 -7.81 -60.12
CA THR H 36 1.20 -7.92 -60.10
C THR H 36 1.85 -6.65 -60.63
N ARG H 37 3.02 -6.32 -60.09
CA ARG H 37 3.70 -5.08 -60.42
C ARG H 37 5.17 -5.35 -60.64
N VAL H 38 5.78 -4.52 -61.46
CA VAL H 38 7.23 -4.47 -61.60
C VAL H 38 7.74 -3.23 -60.92
N SER H 39 8.62 -3.42 -59.96
CA SER H 39 9.09 -2.30 -59.16
C SER H 39 9.79 -1.28 -60.02
N SER H 40 9.72 -0.02 -59.60
CA SER H 40 10.27 1.05 -60.40
C SER H 40 11.77 1.00 -60.42
N GLN H 41 12.40 0.62 -59.31
CA GLN H 41 13.84 0.60 -59.30
C GLN H 41 14.39 -0.41 -60.31
N SER H 42 13.68 -1.49 -60.56
CA SER H 42 14.18 -2.46 -61.52
C SER H 42 14.15 -1.92 -62.94
N TRP H 43 12.99 -1.45 -63.39
CA TRP H 43 12.91 -0.92 -64.74
C TRP H 43 13.80 0.31 -64.88
N LYS H 44 13.98 1.06 -63.78
CA LYS H 44 14.88 2.20 -63.79
C LYS H 44 16.32 1.75 -63.97
N ARG H 45 16.70 0.64 -63.35
CA ARG H 45 18.03 0.11 -63.56
C ARG H 45 18.23 -0.34 -64.99
N ALA H 46 17.24 -1.01 -65.55
CA ALA H 46 17.33 -1.40 -66.95
C ALA H 46 17.43 -0.20 -67.87
N VAL H 47 16.76 0.89 -67.49
CA VAL H 47 16.81 2.08 -68.31
C VAL H 47 18.17 2.73 -68.20
N ARG H 48 18.72 2.79 -67.00
CA ARG H 48 20.01 3.46 -66.89
C ARG H 48 21.11 2.66 -67.54
N HIS H 49 21.03 1.33 -67.53
CA HIS H 49 22.07 0.60 -68.23
C HIS H 49 21.94 0.69 -69.73
N GLU H 50 20.73 0.70 -70.25
CA GLU H 50 20.64 0.90 -71.70
C GLU H 50 21.04 2.32 -72.09
N VAL H 51 20.74 3.32 -71.27
CA VAL H 51 21.13 4.69 -71.60
C VAL H 51 22.64 4.85 -71.53
N GLU H 52 23.26 4.32 -70.50
CA GLU H 52 24.72 4.39 -70.43
C GLU H 52 25.35 3.63 -71.57
N ALA H 53 24.78 2.49 -71.95
CA ALA H 53 25.37 1.73 -73.04
C ALA H 53 25.19 2.40 -74.39
N ARG H 54 24.11 3.13 -74.57
CA ARG H 54 23.85 3.77 -75.85
C ARG H 54 24.47 5.15 -75.97
N LEU H 55 24.53 5.90 -74.88
CA LEU H 55 25.12 7.22 -74.85
C LEU H 55 26.61 7.16 -74.53
N GLY H 56 27.14 5.98 -74.24
CA GLY H 56 28.56 5.72 -74.05
C GLY H 56 29.17 5.99 -72.69
N ASP H 57 28.60 6.86 -71.88
CA ASP H 57 29.22 7.14 -70.59
C ASP H 57 28.54 6.37 -69.49
N LYS H 58 29.35 5.65 -68.70
CA LYS H 58 28.82 4.80 -67.65
C LYS H 58 29.22 5.27 -66.26
N ALA H 59 28.27 5.24 -65.37
CA ALA H 59 28.43 5.53 -63.96
C ALA H 59 28.37 4.24 -63.18
N VAL H 60 28.99 4.25 -62.02
CA VAL H 60 29.22 3.05 -61.26
C VAL H 60 28.76 3.26 -59.83
N ARG H 61 27.77 2.47 -59.44
CA ARG H 61 27.22 2.44 -58.08
C ARG H 61 27.90 1.26 -57.42
N THR H 62 28.83 1.53 -56.53
CA THR H 62 29.64 0.47 -55.97
C THR H 62 29.87 0.72 -54.50
N ARG H 63 29.91 -0.35 -53.75
CA ARG H 63 30.33 -0.31 -52.37
C ARG H 63 31.82 -0.52 -52.23
N ARG H 64 32.52 -0.93 -53.29
CA ARG H 64 33.94 -1.23 -53.21
C ARG H 64 34.74 -0.26 -54.06
N ILE H 65 34.79 1.00 -53.64
CA ILE H 65 35.55 1.98 -54.40
C ILE H 65 37.04 1.84 -54.12
N ILE H 66 37.40 1.47 -52.90
CA ILE H 66 38.81 1.39 -52.53
C ILE H 66 39.53 0.36 -53.38
N SER H 67 38.91 -0.80 -53.57
CA SER H 67 39.55 -1.84 -54.38
C SER H 67 39.76 -1.40 -55.81
N GLU H 68 38.82 -0.64 -56.37
CA GLU H 68 38.95 -0.22 -57.76
C GLU H 68 40.04 0.84 -57.90
N ILE H 69 40.09 1.78 -56.96
CA ILE H 69 41.19 2.74 -56.97
C ILE H 69 42.50 1.99 -56.80
N ALA H 70 42.49 0.92 -56.03
CA ALA H 70 43.70 0.11 -55.90
C ALA H 70 44.14 -0.52 -57.22
N LYS H 71 43.22 -1.00 -58.08
CA LYS H 71 43.74 -1.48 -59.36
C LYS H 71 44.32 -0.36 -60.19
N ARG H 72 43.71 0.83 -60.17
CA ARG H 72 44.33 1.90 -60.96
C ARG H 72 45.68 2.32 -60.40
N LEU H 73 45.82 2.43 -59.09
CA LEU H 73 47.14 2.78 -58.59
C LEU H 73 48.15 1.66 -58.84
N ARG H 74 47.70 0.40 -58.82
CA ARG H 74 48.61 -0.70 -59.13
C ARG H 74 49.06 -0.70 -60.59
N GLU H 75 48.18 -0.32 -61.51
CA GLU H 75 48.61 -0.16 -62.90
C GLU H 75 49.43 1.09 -63.13
N ARG H 76 49.43 2.05 -62.21
CA ARG H 76 50.30 3.22 -62.32
C ARG H 76 51.71 2.97 -61.81
N GLY H 77 52.01 1.77 -61.33
CA GLY H 77 53.34 1.45 -60.87
C GLY H 77 53.51 1.38 -59.37
N TRP H 78 52.44 1.50 -58.61
CA TRP H 78 52.50 1.42 -57.16
C TRP H 78 52.63 -0.02 -56.72
N ASP H 79 53.26 -0.21 -55.58
CA ASP H 79 53.24 -1.54 -54.98
C ASP H 79 51.84 -1.81 -54.45
N ALA H 80 51.50 -3.10 -54.31
CA ALA H 80 50.14 -3.44 -53.90
C ALA H 80 49.81 -2.84 -52.54
N ASP H 81 50.77 -2.87 -51.62
CA ASP H 81 50.51 -2.33 -50.30
C ASP H 81 50.40 -0.82 -50.33
N LEU H 82 51.19 -0.16 -51.17
CA LEU H 82 51.02 1.28 -51.28
C LEU H 82 49.75 1.64 -52.02
N ALA H 83 49.32 0.78 -52.94
CA ALA H 83 48.06 1.07 -53.62
C ALA H 83 46.89 0.98 -52.66
N ASP H 84 46.93 -0.02 -51.78
CA ASP H 84 45.88 -0.16 -50.78
C ASP H 84 45.91 0.97 -49.78
N ALA H 85 47.10 1.36 -49.33
CA ALA H 85 47.17 2.47 -48.38
C ALA H 85 46.79 3.78 -49.04
N GLY H 86 47.10 3.96 -50.31
CA GLY H 86 46.71 5.18 -50.98
C GLY H 86 45.22 5.29 -51.22
N ALA H 87 44.58 4.17 -51.57
CA ALA H 87 43.13 4.22 -51.71
C ALA H 87 42.45 4.41 -50.37
N ARG H 88 43.03 3.87 -49.30
CA ARG H 88 42.45 4.17 -48.00
C ARG H 88 42.61 5.63 -47.69
N GLN H 89 43.69 6.24 -48.14
CA GLN H 89 43.85 7.67 -47.91
C GLN H 89 42.81 8.45 -48.70
N VAL H 90 42.40 7.93 -49.85
CA VAL H 90 41.40 8.65 -50.64
C VAL H 90 40.10 8.76 -49.87
N VAL H 91 39.66 7.67 -49.27
CA VAL H 91 38.39 7.73 -48.55
C VAL H 91 38.56 8.26 -47.13
N LEU H 92 39.78 8.26 -46.61
CA LEU H 92 40.06 8.76 -45.27
C LEU H 92 40.18 10.27 -45.22
N SER H 93 40.50 10.90 -46.33
CA SER H 93 40.76 12.33 -46.38
C SER H 93 39.50 13.18 -46.56
N VAL H 94 38.32 12.57 -46.64
CA VAL H 94 37.12 13.34 -46.98
C VAL H 94 36.00 13.06 -45.99
N GLY H 95 35.06 13.99 -45.87
CA GLY H 95 33.98 13.86 -44.91
C GLY H 95 34.21 14.62 -43.63
N LYS H 96 33.11 14.85 -42.90
CA LYS H 96 33.12 15.56 -41.63
C LYS H 96 33.98 14.86 -40.59
N LYS H 97 33.62 13.62 -40.26
CA LYS H 97 34.32 12.81 -39.27
C LYS H 97 35.70 12.44 -39.80
N SER H 98 36.36 11.51 -39.14
CA SER H 98 37.71 11.12 -39.54
C SER H 98 37.75 10.71 -41.00
N GLY H 99 36.80 9.89 -41.44
CA GLY H 99 36.79 9.45 -42.81
C GLY H 99 35.48 8.78 -43.14
N ILE H 100 35.34 8.40 -44.41
CA ILE H 100 34.15 7.66 -44.79
C ILE H 100 34.20 6.34 -44.05
N LYS H 101 33.11 6.02 -43.35
CA LYS H 101 33.03 4.78 -42.57
C LYS H 101 33.21 3.54 -43.44
N LEU H 102 33.99 2.59 -42.94
CA LEU H 102 34.23 1.37 -43.68
C LEU H 102 33.63 0.18 -42.96
N GLU H 103 33.17 -0.77 -43.75
CA GLU H 103 32.67 -2.04 -43.27
C GLU H 103 33.81 -2.84 -42.64
N LYS H 104 33.43 -3.85 -41.86
CA LYS H 104 34.40 -4.66 -41.13
C LYS H 104 35.36 -5.24 -42.13
N GLU H 105 36.62 -5.33 -41.74
CA GLU H 105 37.61 -5.79 -42.69
C GLU H 105 37.49 -7.28 -42.99
N LYS H 106 37.53 -7.55 -44.29
CA LYS H 106 37.50 -8.87 -44.90
C LYS H 106 38.93 -9.30 -45.20
N ASP H 107 39.21 -10.58 -45.02
CA ASP H 107 40.53 -11.12 -45.28
C ASP H 107 40.95 -10.97 -46.74
N SER H 108 42.19 -10.56 -46.96
CA SER H 108 42.79 -10.48 -48.30
C SER H 108 42.17 -9.44 -49.22
N GLU H 109 41.13 -8.74 -48.81
CA GLU H 109 40.51 -7.75 -49.69
C GLU H 109 40.29 -6.43 -48.98
N ALA H 110 40.36 -5.36 -49.75
CA ALA H 110 40.15 -4.02 -49.24
C ALA H 110 38.72 -3.87 -48.74
N PRO H 111 38.53 -3.15 -47.64
CA PRO H 111 37.19 -3.06 -47.05
C PRO H 111 36.26 -2.21 -47.89
N ALA H 112 35.00 -2.62 -47.91
CA ALA H 112 33.97 -1.89 -48.60
C ALA H 112 33.49 -0.72 -47.74
N THR H 113 33.17 0.37 -48.41
CA THR H 113 32.60 1.51 -47.72
C THR H 113 31.21 1.15 -47.24
N SER H 114 30.75 1.81 -46.19
CA SER H 114 29.43 1.51 -45.66
C SER H 114 28.33 1.92 -46.63
N VAL H 115 28.51 3.01 -47.36
CA VAL H 115 27.49 3.50 -48.26
C VAL H 115 27.92 3.31 -49.72
N LEU H 116 26.95 3.15 -50.61
CA LEU H 116 27.18 2.98 -52.03
C LEU H 116 27.53 4.26 -52.77
N PHE H 117 28.77 4.37 -53.24
CA PHE H 117 29.16 5.51 -54.05
C PHE H 117 28.54 5.37 -55.43
N TYR H 118 28.31 6.50 -56.09
CA TYR H 118 27.67 6.52 -57.40
C TYR H 118 28.36 7.57 -58.25
N LEU H 119 29.40 7.17 -58.97
CA LEU H 119 30.18 8.16 -59.70
C LEU H 119 30.61 7.60 -61.03
N PRO H 120 30.84 8.46 -62.03
CA PRO H 120 31.28 7.97 -63.33
C PRO H 120 32.65 7.34 -63.24
N VAL H 121 32.96 6.52 -64.24
CA VAL H 121 34.23 5.80 -64.26
C VAL H 121 35.43 6.72 -64.41
N PRO H 122 35.47 7.66 -65.36
CA PRO H 122 36.65 8.51 -65.42
C PRO H 122 36.88 9.33 -64.16
N ALA H 123 35.84 9.62 -63.39
CA ALA H 123 36.08 10.30 -62.11
C ALA H 123 36.82 9.42 -61.12
N ILE H 124 36.54 8.12 -61.11
CA ILE H 124 37.29 7.22 -60.26
C ILE H 124 38.76 7.22 -60.67
N ASP H 125 39.02 7.24 -61.98
CA ASP H 125 40.41 7.30 -62.41
C ASP H 125 41.08 8.61 -62.00
N GLU H 126 40.33 9.71 -61.99
CA GLU H 126 40.91 10.97 -61.53
C GLU H 126 41.21 10.92 -60.05
N LEU H 127 40.36 10.25 -59.27
CA LEU H 127 40.71 10.04 -57.86
C LEU H 127 42.01 9.28 -57.74
N ALA H 128 42.23 8.31 -58.62
CA ALA H 128 43.50 7.62 -58.61
C ALA H 128 44.65 8.56 -58.91
N ALA H 129 44.47 9.49 -59.84
CA ALA H 129 45.54 10.44 -60.12
C ALA H 129 45.83 11.36 -58.93
N ILE H 130 44.79 11.78 -58.22
CA ILE H 130 45.00 12.62 -57.05
C ILE H 130 45.75 11.87 -55.97
N ALA H 131 45.40 10.60 -55.75
CA ALA H 131 46.19 9.83 -54.81
C ALA H 131 47.57 9.55 -55.35
N ASP H 132 47.78 9.71 -56.65
CA ASP H 132 49.07 9.37 -57.23
C ASP H 132 50.10 10.48 -57.05
N GLU H 133 49.72 11.74 -57.27
CA GLU H 133 50.73 12.79 -57.18
C GLU H 133 51.26 12.99 -55.77
N HIS H 134 50.55 12.53 -54.74
CA HIS H 134 51.01 12.60 -53.36
C HIS H 134 51.56 11.26 -52.90
N ARG H 135 52.39 10.61 -53.71
CA ARG H 135 52.82 9.26 -53.38
C ARG H 135 53.76 9.21 -52.18
N ASP H 136 54.64 10.19 -52.01
CA ASP H 136 55.56 10.15 -50.88
C ASP H 136 54.88 10.42 -49.55
N ALA H 137 53.94 11.36 -49.54
CA ALA H 137 53.19 11.60 -48.31
C ALA H 137 52.38 10.39 -47.92
N VAL H 138 51.83 9.69 -48.91
CA VAL H 138 51.12 8.44 -48.65
C VAL H 138 52.08 7.40 -48.11
N ALA H 139 53.30 7.34 -48.65
CA ALA H 139 54.26 6.37 -48.15
C ALA H 139 54.63 6.65 -46.70
N LYS H 140 54.70 7.93 -46.34
CA LYS H 140 55.01 8.27 -44.95
C LYS H 140 53.86 7.94 -44.02
N GLU H 141 52.62 8.16 -44.47
CA GLU H 141 51.51 7.85 -43.60
C GLU H 141 51.20 6.37 -43.57
N ALA H 142 51.67 5.63 -44.58
CA ALA H 142 51.48 4.19 -44.58
C ALA H 142 52.32 3.53 -43.50
N ALA H 143 53.40 4.19 -43.07
CA ALA H 143 54.21 3.61 -42.00
C ALA H 143 53.62 3.80 -40.61
N LYS H 144 52.80 4.83 -40.40
CA LYS H 144 52.17 5.11 -39.11
C LYS H 144 51.07 4.10 -38.80
N LYS H 145 50.73 3.98 -37.53
CA LYS H 145 49.72 2.99 -37.15
C LYS H 145 48.31 3.44 -37.55
N THR H 146 47.98 4.71 -37.35
CA THR H 146 46.68 5.28 -37.70
C THR H 146 46.84 6.47 -38.63
N PRO H 147 47.01 6.24 -39.92
CA PRO H 147 47.25 7.36 -40.82
C PRO H 147 46.03 8.24 -40.96
N LYS H 148 46.26 9.53 -41.14
CA LYS H 148 45.24 10.54 -41.32
C LYS H 148 45.08 10.95 -42.77
N GLY H 149 43.96 11.61 -43.06
CA GLY H 149 43.67 12.08 -44.40
C GLY H 149 44.55 13.21 -44.89
N ILE H 150 45.62 12.84 -45.59
CA ILE H 150 46.61 13.79 -46.06
C ILE H 150 46.16 14.47 -47.35
N LEU H 151 45.47 13.75 -48.23
CA LEU H 151 45.12 14.31 -49.51
C LEU H 151 44.21 15.52 -49.37
N PRO H 152 44.25 16.45 -50.33
CA PRO H 152 43.40 17.64 -50.23
C PRO H 152 41.94 17.22 -50.30
N ALA H 153 41.13 17.78 -49.43
CA ALA H 153 39.73 17.40 -49.44
C ALA H 153 38.98 18.08 -50.58
N ASP H 154 39.39 19.28 -50.94
CA ASP H 154 38.64 20.03 -51.93
C ASP H 154 38.73 19.37 -53.31
N ARG H 155 39.93 18.93 -53.67
CA ARG H 155 40.15 18.28 -54.96
C ARG H 155 39.34 16.98 -55.08
N ILE H 156 39.29 16.21 -54.00
CA ILE H 156 38.56 14.95 -54.01
C ILE H 156 37.07 15.23 -54.06
N THR H 157 36.60 16.18 -53.25
CA THR H 157 35.18 16.50 -53.29
C THR H 157 34.78 17.03 -54.65
N GLU H 158 35.67 17.72 -55.35
CA GLU H 158 35.35 18.19 -56.70
C GLU H 158 35.29 17.04 -57.69
N VAL H 159 36.07 15.98 -57.47
CA VAL H 159 35.95 14.82 -58.33
C VAL H 159 34.68 14.04 -58.03
N LEU H 160 34.34 13.88 -56.76
CA LEU H 160 33.12 13.20 -56.39
C LEU H 160 31.86 13.95 -56.77
N LYS H 161 31.95 15.22 -57.13
CA LYS H 161 30.77 15.94 -57.59
C LYS H 161 30.48 15.75 -59.07
N SER H 162 31.38 15.13 -59.83
CA SER H 162 31.17 14.97 -61.26
C SER H 162 29.93 14.14 -61.55
N ARG H 163 29.17 14.57 -62.55
CA ARG H 163 27.89 13.97 -62.84
C ARG H 163 27.92 13.24 -64.17
N ASN H 164 27.43 12.01 -64.16
CA ASN H 164 27.10 11.31 -65.38
C ASN H 164 25.71 11.72 -65.80
N VAL H 165 25.37 11.33 -67.04
CA VAL H 165 24.00 11.48 -67.54
C VAL H 165 23.03 10.76 -66.63
N SER H 166 23.41 9.59 -66.11
CA SER H 166 22.54 8.86 -65.21
C SER H 166 22.40 9.58 -63.89
N VAL H 167 23.48 10.24 -63.44
CA VAL H 167 23.38 11.04 -62.22
C VAL H 167 22.54 12.27 -62.47
N ASN H 168 22.71 12.89 -63.62
CA ASN H 168 21.88 14.03 -63.96
C ASN H 168 20.42 13.67 -64.05
N LEU H 169 20.14 12.44 -64.45
CA LEU H 169 18.79 12.04 -64.77
C LEU H 169 18.06 11.47 -63.57
N PHE H 170 18.73 10.59 -62.82
CA PHE H 170 18.09 9.92 -61.70
C PHE H 170 18.55 10.42 -60.35
N GLY H 171 19.58 11.26 -60.28
CA GLY H 171 20.00 11.78 -59.00
C GLY H 171 20.79 10.77 -58.19
N ARG H 172 21.45 11.27 -57.16
CA ARG H 172 22.25 10.44 -56.29
C ARG H 172 22.08 10.94 -54.86
N MET H 173 22.53 10.14 -53.91
CA MET H 173 22.50 10.52 -52.51
C MET H 173 23.74 9.99 -51.85
N LEU H 174 24.40 10.84 -51.07
CA LEU H 174 25.55 10.46 -50.27
C LEU H 174 25.43 11.17 -48.93
N ALA H 175 25.23 10.41 -47.86
CA ALA H 175 24.93 11.03 -46.58
C ALA H 175 26.14 11.73 -45.98
N GLU H 176 27.34 11.16 -46.13
CA GLU H 176 28.51 11.82 -45.55
C GLU H 176 28.93 13.05 -46.34
N LEU H 177 28.59 13.14 -47.62
CA LEU H 177 28.96 14.28 -48.45
C LEU H 177 27.70 14.84 -49.07
N PRO H 178 26.95 15.63 -48.31
CA PRO H 178 25.73 16.24 -48.85
C PRO H 178 26.00 17.24 -49.96
N SER H 179 27.24 17.63 -50.19
CA SER H 179 27.54 18.53 -51.30
C SER H 179 27.41 17.83 -52.64
N THR H 180 27.55 16.50 -52.66
CA THR H 180 27.51 15.73 -53.89
C THR H 180 26.12 15.27 -54.29
N GLU H 181 25.14 15.41 -53.40
CA GLU H 181 23.80 14.95 -53.71
C GLU H 181 23.20 15.74 -54.86
N VAL H 182 22.56 15.03 -55.78
CA VAL H 182 21.97 15.60 -56.97
C VAL H 182 20.50 15.23 -56.98
N ASP H 183 19.64 16.22 -57.21
CA ASP H 183 18.21 15.97 -57.28
C ASP H 183 17.88 15.24 -58.57
N GLY H 184 17.11 14.17 -58.47
CA GLY H 184 16.73 13.44 -59.67
C GLY H 184 15.76 14.24 -60.51
N ALA H 185 15.86 14.07 -61.82
CA ALA H 185 14.95 14.73 -62.74
C ALA H 185 13.89 13.81 -63.30
N VAL H 186 13.77 12.59 -62.81
CA VAL H 186 12.87 11.59 -63.38
C VAL H 186 12.05 10.94 -62.27
N GLN H 187 10.74 10.91 -62.44
CA GLN H 187 9.86 10.14 -61.56
C GLN H 187 9.42 8.88 -62.26
N PHE H 188 9.75 7.72 -61.71
CA PHE H 188 9.48 6.46 -62.37
C PHE H 188 8.46 5.68 -61.55
N ALA H 189 7.24 5.52 -62.05
CA ALA H 189 6.22 4.79 -61.32
C ALA H 189 6.36 3.27 -61.41
N HIS H 190 5.82 2.60 -60.39
CA HIS H 190 5.72 1.15 -60.36
C HIS H 190 4.70 0.63 -61.37
N ALA H 191 5.17 -0.09 -62.37
CA ALA H 191 4.32 -0.65 -63.41
C ALA H 191 3.43 -1.76 -62.86
N PHE H 192 2.14 -1.51 -62.75
CA PHE H 192 1.18 -2.51 -62.30
C PHE H 192 0.28 -2.95 -63.45
N THR H 193 -0.43 -4.07 -63.25
CA THR H 193 -1.33 -4.57 -64.27
C THR H 193 -2.62 -3.81 -64.29
N VAL H 194 -3.18 -3.67 -65.49
CA VAL H 194 -4.50 -3.09 -65.60
C VAL H 194 -5.55 -3.97 -64.94
N HIS H 195 -5.40 -5.28 -65.04
CA HIS H 195 -6.37 -6.25 -64.55
C HIS H 195 -5.84 -7.03 -63.36
N GLY H 196 -6.75 -7.60 -62.58
CA GLY H 196 -6.33 -8.40 -61.45
C GLY H 196 -5.72 -9.73 -61.88
N THR H 197 -4.62 -10.09 -61.23
CA THR H 197 -3.84 -11.27 -61.61
C THR H 197 -3.59 -12.14 -60.40
N THR H 198 -3.96 -13.41 -60.43
CA THR H 198 -3.69 -14.23 -59.27
C THR H 198 -3.08 -15.56 -59.73
N SER H 227 3.70 -14.98 -63.72
CA SER H 227 2.46 -14.27 -64.01
C SER H 227 2.59 -13.53 -65.33
N ALA H 228 1.44 -13.10 -65.86
CA ALA H 228 1.39 -12.38 -67.14
C ALA H 228 0.33 -11.30 -67.08
N GLY H 229 0.43 -10.33 -67.97
CA GLY H 229 -0.62 -9.33 -68.03
C GLY H 229 -0.18 -8.08 -68.76
N THR H 230 -1.12 -7.16 -68.89
CA THR H 230 -0.90 -5.88 -69.57
C THR H 230 -0.60 -4.81 -68.53
N PHE H 231 0.67 -4.46 -68.40
CA PHE H 231 1.08 -3.48 -67.41
C PHE H 231 0.82 -2.05 -67.88
N TYR H 232 0.49 -1.18 -66.94
CA TYR H 232 0.45 0.25 -67.17
C TYR H 232 1.74 0.85 -66.64
N ARG H 233 2.37 1.72 -67.43
CA ARG H 233 3.67 2.28 -67.09
C ARG H 233 3.62 3.80 -67.23
N TYR H 234 4.31 4.50 -66.34
CA TYR H 234 4.28 5.94 -66.34
C TYR H 234 5.60 6.50 -65.85
N ALA H 235 5.99 7.66 -66.39
CA ALA H 235 7.23 8.26 -65.95
C ALA H 235 7.24 9.75 -66.27
N ASN H 236 7.94 10.52 -65.45
CA ASN H 236 8.07 11.96 -65.63
C ASN H 236 9.51 12.32 -65.86
N VAL H 237 9.70 13.45 -66.51
CA VAL H 237 10.99 14.08 -66.69
C VAL H 237 10.81 15.57 -66.44
N ASN H 238 11.41 16.07 -65.36
CA ASN H 238 11.35 17.48 -65.01
C ASN H 238 12.42 18.20 -65.80
N LEU H 239 12.02 18.86 -66.89
CA LEU H 239 13.00 19.51 -67.74
C LEU H 239 13.76 20.60 -67.01
N ASP H 240 13.11 21.32 -66.11
CA ASP H 240 13.86 22.37 -65.42
C ASP H 240 15.00 21.78 -64.61
N ARG H 241 14.78 20.66 -63.92
CA ARG H 241 15.89 20.07 -63.18
C ARG H 241 16.91 19.39 -64.06
N LEU H 242 16.50 18.80 -65.16
CA LEU H 242 17.51 18.16 -65.99
C LEU H 242 18.39 19.20 -66.68
N VAL H 243 17.78 20.30 -67.09
CA VAL H 243 18.55 21.42 -67.63
C VAL H 243 19.41 22.04 -66.55
N GLU H 244 18.92 22.07 -65.32
CA GLU H 244 19.74 22.60 -64.24
C GLU H 244 20.91 21.68 -63.93
N ASN H 245 20.72 20.37 -64.05
CA ASN H 245 21.80 19.44 -63.73
C ASN H 245 22.88 19.42 -64.81
N THR H 246 22.50 19.15 -66.06
CA THR H 246 23.50 19.15 -67.11
C THR H 246 24.05 20.54 -67.39
N GLY H 247 23.24 21.56 -67.13
CA GLY H 247 23.63 22.93 -67.42
C GLY H 247 23.19 23.41 -68.78
N ASP H 248 23.67 22.75 -69.84
CA ASP H 248 23.30 23.16 -71.18
C ASP H 248 22.00 22.48 -71.58
N ALA H 249 21.23 23.15 -72.41
CA ALA H 249 19.99 22.55 -72.89
C ALA H 249 20.21 21.50 -73.98
N GLN H 250 21.32 21.54 -74.71
CA GLN H 250 21.53 20.52 -75.72
C GLN H 250 21.82 19.13 -75.15
N THR H 251 22.63 19.02 -74.10
CA THR H 251 22.79 17.71 -73.49
C THR H 251 21.54 17.26 -72.78
N ALA H 252 20.76 18.19 -72.23
CA ALA H 252 19.49 17.78 -71.67
C ALA H 252 18.57 17.27 -72.74
N ARG H 253 18.63 17.84 -73.94
CA ARG H 253 17.75 17.38 -75.01
C ARG H 253 18.09 15.95 -75.41
N THR H 254 19.38 15.66 -75.58
CA THR H 254 19.77 14.30 -75.89
C THR H 254 19.45 13.35 -74.74
N ALA H 255 19.61 13.82 -73.50
CA ALA H 255 19.29 12.98 -72.36
C ALA H 255 17.81 12.65 -72.32
N VAL H 256 16.94 13.60 -72.64
CA VAL H 256 15.51 13.31 -72.60
C VAL H 256 15.11 12.37 -73.70
N ALA H 257 15.56 12.63 -74.93
CA ALA H 257 15.18 11.77 -76.03
C ALA H 257 15.70 10.35 -75.79
N GLU H 258 16.93 10.26 -75.30
CA GLU H 258 17.49 8.96 -75.01
C GLU H 258 16.75 8.27 -73.87
N PHE H 259 16.34 9.02 -72.86
CA PHE H 259 15.56 8.42 -71.78
C PHE H 259 14.25 7.86 -72.28
N LEU H 260 13.51 8.63 -73.07
CA LEU H 260 12.22 8.16 -73.55
C LEU H 260 12.37 6.91 -74.40
N ARG H 261 13.39 6.89 -75.25
CA ARG H 261 13.63 5.69 -76.04
C ARG H 261 14.00 4.50 -75.18
N ALA H 262 14.80 4.72 -74.15
CA ALA H 262 15.12 3.64 -73.23
C ALA H 262 13.89 3.15 -72.51
N PHE H 263 13.00 4.08 -72.15
CA PHE H 263 11.78 3.72 -71.45
C PHE H 263 10.93 2.79 -72.30
N LEU H 264 10.95 2.98 -73.61
CA LEU H 264 10.12 2.16 -74.48
C LEU H 264 10.81 0.84 -74.83
N SER H 265 12.11 0.86 -75.01
CA SER H 265 12.85 -0.28 -75.53
C SER H 265 13.19 -1.33 -74.47
N THR H 266 13.53 -0.91 -73.27
CA THR H 266 14.12 -1.82 -72.29
C THR H 266 13.08 -2.64 -71.52
N VAL H 267 13.53 -3.78 -71.02
CA VAL H 267 12.80 -4.76 -70.22
C VAL H 267 13.72 -5.19 -69.08
N PRO H 268 13.24 -5.30 -67.84
CA PRO H 268 14.12 -5.54 -66.70
C PRO H 268 15.01 -6.78 -66.73
N SER H 269 14.69 -7.75 -67.58
CA SER H 269 15.47 -9.00 -67.64
C SER H 269 15.53 -9.75 -66.32
N THR H 279 9.23 -7.57 -75.23
CA THR H 279 8.02 -7.09 -75.87
C THR H 279 8.07 -5.58 -76.00
N LEU H 280 7.48 -5.07 -77.08
CA LEU H 280 7.27 -3.63 -77.26
C LEU H 280 5.93 -3.20 -76.70
N PRO H 281 5.87 -2.01 -76.13
CA PRO H 281 4.61 -1.53 -75.57
C PRO H 281 3.52 -1.44 -76.62
N ASP H 282 2.31 -1.80 -76.20
CA ASP H 282 1.18 -1.78 -77.09
C ASP H 282 0.75 -0.36 -77.42
N LEU H 283 0.90 0.56 -76.48
CA LEU H 283 0.54 1.94 -76.75
C LEU H 283 1.44 2.86 -75.97
N VAL H 284 1.80 3.98 -76.56
CA VAL H 284 2.62 4.96 -75.87
C VAL H 284 1.99 6.33 -76.07
N HIS H 285 2.03 7.15 -75.03
CA HIS H 285 1.40 8.46 -75.05
C HIS H 285 2.29 9.46 -74.34
N ILE H 286 3.02 10.27 -75.10
CA ILE H 286 3.86 11.31 -74.54
C ILE H 286 3.11 12.63 -74.52
N ALA H 287 3.00 13.22 -73.33
CA ALA H 287 2.44 14.55 -73.18
C ALA H 287 3.56 15.46 -72.70
N VAL H 288 3.56 16.69 -73.20
CA VAL H 288 4.49 17.72 -72.77
C VAL H 288 3.67 18.75 -72.03
N ARG H 289 3.59 18.62 -70.69
CA ARG H 289 2.78 19.55 -69.91
C ARG H 289 3.61 20.54 -69.14
N PHE H 290 3.09 21.75 -69.04
CA PHE H 290 3.80 22.83 -68.40
C PHE H 290 3.42 23.06 -66.96
N ASP H 291 2.17 22.79 -66.57
CA ASP H 291 1.81 23.05 -65.17
C ASP H 291 2.26 21.95 -64.21
N ARG H 292 1.93 20.70 -64.48
CA ARG H 292 2.21 19.60 -63.56
C ARG H 292 2.00 18.27 -64.26
N PRO H 293 2.76 17.25 -63.91
CA PRO H 293 2.53 15.92 -64.48
C PRO H 293 1.35 15.20 -63.85
N ILE H 294 0.66 14.41 -64.67
CA ILE H 294 -0.53 13.68 -64.25
C ILE H 294 -0.46 12.25 -64.74
N SER H 295 -0.39 11.30 -63.82
CA SER H 295 -0.41 9.91 -64.21
C SER H 295 -1.86 9.51 -64.41
N PHE H 296 -2.09 8.60 -65.35
CA PHE H 296 -3.42 8.06 -65.60
C PHE H 296 -3.66 6.78 -64.85
N ALA H 297 -2.96 6.58 -63.74
CA ALA H 297 -3.16 5.35 -62.98
C ALA H 297 -4.56 5.23 -62.37
N PRO H 298 -5.22 6.30 -61.95
CA PRO H 298 -6.60 6.15 -61.51
C PRO H 298 -7.50 5.58 -62.57
N ALA H 299 -7.15 5.72 -63.84
CA ALA H 299 -8.00 5.19 -64.88
C ALA H 299 -8.17 3.69 -64.73
N PHE H 300 -7.15 3.01 -64.22
CA PHE H 300 -7.20 1.56 -64.08
C PHE H 300 -7.34 1.12 -62.64
N GLU H 301 -7.89 1.97 -61.79
CA GLU H 301 -8.13 1.55 -60.42
C GLU H 301 -9.25 0.52 -60.36
N THR H 302 -10.30 0.71 -61.15
CA THR H 302 -11.34 -0.31 -61.34
C THR H 302 -10.79 -1.39 -62.25
N ALA H 303 -10.47 -2.55 -61.68
CA ALA H 303 -9.85 -3.62 -62.45
C ALA H 303 -10.76 -4.09 -63.58
N LEU H 304 -10.16 -4.47 -64.69
CA LEU H 304 -10.93 -4.99 -65.82
C LEU H 304 -11.42 -6.40 -65.50
N TYR H 305 -12.61 -6.73 -65.98
CA TYR H 305 -13.22 -8.03 -65.70
C TYR H 305 -12.47 -9.17 -66.35
N GLY H 306 -12.37 -9.16 -67.67
CA GLY H 306 -11.63 -10.23 -68.29
C GLY H 306 -12.33 -10.99 -69.39
N SER H 307 -11.89 -12.23 -69.57
CA SER H 307 -12.37 -13.18 -70.58
C SER H 307 -12.04 -12.73 -71.99
N ASP H 308 -11.77 -11.44 -72.19
CA ASP H 308 -11.43 -10.91 -73.50
C ASP H 308 -10.14 -10.13 -73.42
N GLY H 309 -9.50 -9.94 -74.56
CA GLY H 309 -8.22 -9.26 -74.60
C GLY H 309 -8.26 -7.88 -73.98
N TYR H 310 -7.41 -7.68 -72.98
CA TYR H 310 -7.35 -6.45 -72.22
C TYR H 310 -6.70 -5.30 -72.96
N THR H 311 -5.98 -5.56 -74.04
CA THR H 311 -5.26 -4.48 -74.71
C THR H 311 -6.20 -3.43 -75.27
N LEU H 312 -7.21 -3.86 -76.02
CA LEU H 312 -8.11 -2.88 -76.63
C LEU H 312 -8.88 -2.10 -75.58
N ARG H 313 -9.33 -2.77 -74.53
CA ARG H 313 -10.07 -2.08 -73.48
C ARG H 313 -9.16 -1.19 -72.65
N ALA H 314 -7.91 -1.57 -72.46
CA ALA H 314 -7.00 -0.72 -71.71
C ALA H 314 -6.65 0.53 -72.50
N CYS H 315 -6.43 0.40 -73.81
CA CYS H 315 -6.16 1.57 -74.61
C CYS H 315 -7.36 2.48 -74.68
N GLN H 316 -8.55 1.90 -74.82
CA GLN H 316 -9.75 2.71 -74.90
C GLN H 316 -10.07 3.36 -73.57
N GLU H 317 -9.75 2.70 -72.47
CA GLU H 317 -10.01 3.28 -71.16
C GLU H 317 -9.03 4.39 -70.84
N LEU H 318 -7.77 4.19 -71.18
CA LEU H 318 -6.80 5.28 -71.05
C LEU H 318 -7.20 6.45 -71.93
N ASN H 319 -7.83 6.16 -73.06
CA ASN H 319 -8.32 7.25 -73.90
C ASN H 319 -9.43 8.02 -73.22
N ASN H 320 -10.42 7.31 -72.68
CA ASN H 320 -11.52 8.02 -72.04
C ASN H 320 -11.06 8.82 -70.84
N TYR H 321 -10.11 8.28 -70.07
CA TYR H 321 -9.63 9.05 -68.93
C TYR H 321 -8.80 10.24 -69.36
N ALA H 322 -8.05 10.12 -70.46
CA ALA H 322 -7.31 11.27 -70.94
C ALA H 322 -8.24 12.36 -71.43
N GLU H 323 -9.33 11.97 -72.08
CA GLU H 323 -10.32 12.92 -72.55
C GLU H 323 -10.98 13.61 -71.38
N ARG H 324 -11.40 12.84 -70.41
CA ARG H 324 -12.09 13.42 -69.27
C ARG H 324 -11.17 14.32 -68.46
N LEU H 325 -9.89 13.99 -68.36
CA LEU H 325 -8.99 14.90 -67.66
C LEU H 325 -8.70 16.16 -68.46
N ARG H 326 -8.59 16.07 -69.78
CA ARG H 326 -8.38 17.32 -70.50
C ARG H 326 -9.60 18.21 -70.42
N GLU H 327 -10.78 17.63 -70.27
CA GLU H 327 -11.93 18.51 -70.09
C GLU H 327 -11.96 19.09 -68.68
N VAL H 328 -11.67 18.25 -67.67
CA VAL H 328 -11.76 18.70 -66.29
C VAL H 328 -10.63 19.64 -65.92
N TRP H 329 -9.43 19.37 -66.39
CA TRP H 329 -8.25 20.19 -66.11
C TRP H 329 -7.72 20.77 -67.42
N PRO H 330 -8.19 21.93 -67.83
CA PRO H 330 -7.78 22.47 -69.13
C PRO H 330 -6.32 22.87 -69.14
N ASP H 331 -5.68 22.66 -70.28
CA ASP H 331 -4.25 22.91 -70.39
C ASP H 331 -3.89 23.01 -71.87
N ASP H 332 -2.77 23.68 -72.12
CA ASP H 332 -2.17 23.80 -73.43
C ASP H 332 -1.08 22.78 -73.69
N ALA H 333 -1.09 21.65 -73.00
CA ALA H 333 0.00 20.71 -73.12
C ALA H 333 0.01 20.04 -74.48
N ILE H 334 1.19 19.98 -75.08
CA ILE H 334 1.40 19.31 -76.36
C ILE H 334 1.35 17.81 -76.20
N ARG H 335 0.32 17.19 -76.73
CA ARG H 335 0.10 15.75 -76.56
C ARG H 335 0.52 15.01 -77.81
N GLY H 336 0.44 13.69 -77.75
CA GLY H 336 0.82 12.87 -78.89
C GLY H 336 0.97 11.42 -78.49
N TYR H 337 0.60 10.52 -79.40
CA TYR H 337 0.60 9.11 -79.08
C TYR H 337 0.99 8.28 -80.29
N ALA H 338 1.29 7.03 -80.04
CA ALA H 338 1.63 6.07 -81.08
C ALA H 338 1.14 4.71 -80.61
N THR H 339 0.44 4.01 -81.49
CA THR H 339 -0.20 2.77 -81.11
C THR H 339 0.03 1.70 -82.16
N VAL H 340 0.00 0.44 -81.72
CA VAL H 340 -0.03 -0.69 -82.63
C VAL H 340 -1.42 -0.94 -83.20
N GLU H 341 -2.45 -0.94 -82.37
CA GLU H 341 -3.79 -1.24 -82.88
C GLU H 341 -4.28 -0.08 -83.72
N ASN H 342 -4.99 -0.41 -84.79
CA ASN H 342 -5.61 0.58 -85.65
C ASN H 342 -7.14 0.49 -85.58
N LYS H 343 -7.64 -0.34 -84.68
CA LYS H 343 -9.09 -0.53 -84.54
C LYS H 343 -9.78 0.71 -84.00
N THR H 344 -9.04 1.60 -83.35
CA THR H 344 -9.64 2.81 -82.79
C THR H 344 -8.74 4.00 -83.09
N ASP H 345 -9.36 5.18 -83.17
CA ASP H 345 -8.63 6.41 -83.44
C ASP H 345 -8.01 7.02 -82.18
N LEU H 346 -8.66 6.81 -81.03
CA LEU H 346 -8.21 7.35 -79.75
C LEU H 346 -7.97 8.84 -79.94
N ALA H 347 -9.05 9.61 -79.97
CA ALA H 347 -8.93 11.01 -80.34
C ALA H 347 -8.30 11.86 -79.27
N ALA H 348 -8.53 11.54 -78.00
CA ALA H 348 -8.04 12.40 -76.95
C ALA H 348 -6.54 12.36 -76.74
N LEU H 349 -5.86 11.32 -77.21
CA LEU H 349 -4.43 11.26 -76.94
C LEU H 349 -3.61 12.15 -77.86
N GLY H 350 -4.22 13.12 -78.51
CA GLY H 350 -3.49 14.07 -79.34
C GLY H 350 -3.23 13.59 -80.75
N GLU H 351 -2.20 14.17 -81.36
CA GLU H 351 -1.83 13.85 -82.72
C GLU H 351 -1.19 12.47 -82.79
N ARG H 352 -1.63 11.65 -83.73
CA ARG H 352 -1.07 10.31 -83.83
C ARG H 352 0.19 10.34 -84.69
N TYR H 353 1.19 9.57 -84.28
CA TYR H 353 2.43 9.42 -85.02
C TYR H 353 2.65 7.97 -85.40
N ASP H 354 3.26 7.76 -86.57
CA ASP H 354 3.33 6.41 -87.11
C ASP H 354 4.26 5.51 -86.34
N SER H 355 5.25 6.07 -85.64
CA SER H 355 6.29 5.25 -85.05
C SER H 355 6.72 5.86 -83.72
N TYR H 356 7.30 5.01 -82.87
CA TYR H 356 7.78 5.50 -81.58
C TYR H 356 8.91 6.51 -81.73
N PRO H 357 9.94 6.29 -82.55
CA PRO H 357 10.95 7.33 -82.70
C PRO H 357 10.41 8.63 -83.29
N ALA H 358 9.44 8.56 -84.19
CA ALA H 358 8.85 9.79 -84.69
C ALA H 358 8.11 10.53 -83.59
N LEU H 359 7.42 9.79 -82.73
CA LEU H 359 6.72 10.42 -81.60
C LEU H 359 7.70 11.05 -80.63
N ILE H 360 8.77 10.32 -80.28
CA ILE H 360 9.74 10.87 -79.35
C ILE H 360 10.40 12.10 -79.92
N ASP H 361 10.75 12.06 -81.20
CA ASP H 361 11.40 13.21 -81.80
C ASP H 361 10.45 14.39 -81.88
N ALA H 362 9.16 14.14 -82.10
CA ALA H 362 8.22 15.24 -82.20
C ALA H 362 7.96 15.88 -80.85
N MET H 363 7.82 15.08 -79.80
CA MET H 363 7.54 15.67 -78.50
C MET H 363 8.77 16.26 -77.84
N VAL H 364 9.94 15.67 -78.06
CA VAL H 364 11.15 16.31 -77.55
C VAL H 364 11.43 17.59 -78.31
N ALA H 365 11.20 17.59 -79.61
CA ALA H 365 11.37 18.84 -80.35
C ALA H 365 10.33 19.86 -79.94
N ALA H 366 9.17 19.40 -79.47
CA ALA H 366 8.15 20.30 -78.97
C ALA H 366 8.46 20.84 -77.60
N ALA H 367 9.43 20.27 -76.89
CA ALA H 367 9.77 20.80 -75.58
C ALA H 367 11.10 21.55 -75.56
N TYR I 5 19.28 13.74 13.35
CA TYR I 5 20.20 14.06 12.28
C TYR I 5 19.28 14.51 11.13
N ILE I 6 18.26 13.68 10.91
CA ILE I 6 17.25 13.86 9.88
C ILE I 6 16.61 15.22 10.05
N LEU I 7 16.61 15.73 11.27
CA LEU I 7 16.03 17.03 11.54
C LEU I 7 16.71 18.11 10.68
N GLN I 8 17.92 17.86 10.21
CA GLN I 8 18.61 18.83 9.37
C GLN I 8 17.99 18.89 7.98
N HIS I 9 17.94 17.76 7.28
CA HIS I 9 17.23 17.74 6.01
C HIS I 9 15.79 18.18 6.16
N ALA I 10 15.19 17.88 7.29
CA ALA I 10 13.83 18.33 7.54
C ALA I 10 13.74 19.85 7.63
N ASP I 11 14.69 20.49 8.31
CA ASP I 11 14.63 21.94 8.35
C ASP I 11 14.92 22.57 7.00
N ALA I 12 15.81 22.00 6.22
CA ALA I 12 16.01 22.53 4.86
C ALA I 12 14.74 22.39 4.02
N LEU I 13 14.03 21.27 4.17
CA LEU I 13 12.77 21.11 3.44
C LEU I 13 11.72 22.09 3.94
N VAL I 14 11.66 22.31 5.25
CA VAL I 14 10.66 23.23 5.78
C VAL I 14 10.93 24.64 5.32
N LYS I 15 12.19 25.07 5.30
CA LYS I 15 12.46 26.43 4.85
C LYS I 15 12.13 26.61 3.39
N ARG I 16 12.75 25.81 2.52
CA ARG I 16 12.54 26.04 1.10
C ARG I 16 11.05 25.96 0.77
N VAL I 17 10.35 24.98 1.35
CA VAL I 17 8.94 24.81 1.01
C VAL I 17 8.11 25.93 1.61
N SER I 18 8.44 26.36 2.83
CA SER I 18 7.71 27.46 3.45
C SER I 18 7.80 28.71 2.62
N LYS I 19 8.92 28.91 1.94
CA LYS I 19 9.07 29.99 0.97
C LYS I 19 8.34 29.66 -0.32
N LEU I 20 8.29 28.39 -0.67
CA LEU I 20 7.75 27.97 -1.95
C LEU I 20 6.25 28.17 -2.01
N ILE I 21 5.56 27.95 -0.89
CA ILE I 21 4.11 28.13 -0.85
C ILE I 21 3.77 29.58 -1.11
N VAL I 22 4.49 30.48 -0.47
CA VAL I 22 4.17 31.89 -0.59
C VAL I 22 4.56 32.44 -1.96
N ASN I 23 5.76 32.10 -2.46
CA ASN I 23 6.16 32.77 -3.70
C ASN I 23 5.56 32.16 -4.97
N GLU I 24 5.70 30.85 -5.16
CA GLU I 24 5.32 30.26 -6.44
C GLU I 24 4.07 29.39 -6.29
N PRO I 25 2.95 29.76 -6.89
CA PRO I 25 1.74 28.92 -6.77
C PRO I 25 1.83 27.58 -7.45
N ALA I 26 2.41 27.48 -8.64
CA ALA I 26 2.38 26.22 -9.35
C ALA I 26 3.07 25.12 -8.57
N ALA I 27 4.02 25.46 -7.72
CA ALA I 27 4.72 24.42 -6.99
C ALA I 27 3.87 23.91 -5.83
N ARG I 28 3.30 24.81 -5.03
CA ARG I 28 2.48 24.32 -3.92
C ARG I 28 1.25 23.61 -4.45
N ALA I 29 0.69 24.09 -5.55
CA ALA I 29 -0.45 23.38 -6.11
C ALA I 29 -0.01 22.05 -6.68
N ALA I 30 1.25 21.94 -7.07
CA ALA I 30 1.76 20.64 -7.45
C ALA I 30 2.01 19.76 -6.24
N LEU I 31 2.14 20.37 -5.06
CA LEU I 31 2.39 19.62 -3.83
C LEU I 31 1.11 19.17 -3.14
N ARG I 32 0.07 20.00 -3.16
CA ARG I 32 -1.13 19.69 -2.40
C ARG I 32 -1.96 18.61 -3.04
N ARG I 33 -1.81 18.39 -4.33
CA ARG I 33 -2.54 17.31 -4.96
C ARG I 33 -2.01 15.94 -4.58
N GLY I 34 -1.01 15.88 -3.72
CA GLY I 34 -0.45 14.63 -3.29
C GLY I 34 -0.57 14.42 -1.79
N VAL I 35 -1.54 15.07 -1.16
CA VAL I 35 -1.74 14.92 0.27
C VAL I 35 -2.28 13.53 0.57
N GLY I 36 -1.70 12.88 1.58
CA GLY I 36 -2.27 11.66 2.08
C GLY I 36 -2.17 10.45 1.20
N LEU I 37 -1.33 10.47 0.17
CA LEU I 37 -1.14 9.29 -0.65
C LEU I 37 0.33 8.94 -0.81
N ALA I 38 0.61 7.66 -0.98
CA ALA I 38 1.97 7.19 -1.06
C ALA I 38 2.63 7.83 -2.27
N PRO I 39 3.96 8.01 -2.26
CA PRO I 39 4.61 8.64 -3.41
C PRO I 39 4.48 7.86 -4.71
N GLU I 40 4.20 6.56 -4.69
CA GLU I 40 4.07 5.85 -5.96
C GLU I 40 2.80 6.24 -6.69
N ASP I 41 1.82 6.79 -5.99
CA ASP I 41 0.57 7.14 -6.62
C ASP I 41 0.84 8.19 -7.71
N PRO I 42 0.34 8.02 -8.92
CA PRO I 42 0.54 9.02 -9.98
C PRO I 42 0.24 10.46 -9.63
N ARG I 43 -0.64 10.76 -8.68
CA ARG I 43 -0.83 12.17 -8.37
C ARG I 43 0.41 12.78 -7.75
N MET I 44 1.30 11.96 -7.22
CA MET I 44 2.53 12.45 -6.62
C MET I 44 3.66 12.62 -7.62
N LEU I 45 3.49 12.23 -8.89
CA LEU I 45 4.66 12.34 -9.75
C LEU I 45 5.09 13.78 -9.98
N ALA I 46 4.20 14.74 -9.82
CA ALA I 46 4.53 16.14 -9.96
C ALA I 46 5.25 16.72 -8.76
N ALA I 47 5.26 16.04 -7.63
CA ALA I 47 5.88 16.56 -6.43
C ALA I 47 7.34 16.16 -6.30
N HIS I 48 7.82 15.26 -7.15
CA HIS I 48 9.19 14.79 -7.03
C HIS I 48 10.18 15.88 -7.39
N ARG I 49 9.80 16.80 -8.27
CA ARG I 49 10.70 17.88 -8.61
C ARG I 49 11.05 18.69 -7.38
N VAL I 50 10.17 18.73 -6.38
CA VAL I 50 10.41 19.58 -5.23
C VAL I 50 10.97 18.79 -4.06
N VAL I 51 10.56 17.54 -3.91
CA VAL I 51 10.84 16.82 -2.67
C VAL I 51 11.97 15.82 -2.83
N ALA I 52 12.08 15.23 -4.02
CA ALA I 52 13.03 14.14 -4.21
C ALA I 52 14.47 14.50 -3.88
N PRO I 53 14.97 15.71 -4.13
CA PRO I 53 16.38 15.99 -3.82
C PRO I 53 16.68 15.97 -2.34
N TYR I 54 15.68 16.14 -1.48
CA TYR I 54 15.92 16.37 -0.07
C TYR I 54 15.83 15.13 0.80
N VAL I 55 15.41 13.98 0.26
CA VAL I 55 15.31 12.78 1.07
C VAL I 55 16.61 11.99 1.06
N PRO I 56 17.13 11.55 2.21
CA PRO I 56 18.35 10.76 2.21
C PRO I 56 18.14 9.39 1.58
N VAL I 57 19.20 8.90 0.94
CA VAL I 57 19.19 7.66 0.17
C VAL I 57 18.11 7.70 -0.91
N VAL I 74 14.16 2.35 4.20
CA VAL I 74 12.75 2.16 4.49
C VAL I 74 11.97 3.26 3.80
N HIS I 75 10.76 2.94 3.37
CA HIS I 75 9.86 3.95 2.86
C HIS I 75 9.40 4.92 3.93
N ALA I 76 9.62 4.60 5.20
CA ALA I 76 9.04 5.41 6.26
C ALA I 76 9.56 6.83 6.22
N VAL I 77 10.84 7.01 5.88
CA VAL I 77 11.41 8.34 5.90
C VAL I 77 10.89 9.14 4.71
N GLU I 78 10.83 8.51 3.53
CA GLU I 78 10.24 9.14 2.36
C GLU I 78 8.80 9.53 2.61
N ARG I 79 8.01 8.62 3.19
CA ARG I 79 6.62 8.96 3.44
C ARG I 79 6.50 10.12 4.40
N ALA I 80 7.42 10.21 5.35
CA ALA I 80 7.39 11.33 6.27
C ALA I 80 7.66 12.65 5.56
N PHE I 81 8.73 12.68 4.76
CA PHE I 81 9.12 13.90 4.05
C PHE I 81 8.09 14.33 3.03
N TYR I 82 7.75 13.44 2.13
CA TYR I 82 6.79 13.74 1.09
C TYR I 82 5.46 14.17 1.66
N ALA I 83 5.01 13.48 2.69
CA ALA I 83 3.70 13.74 3.26
C ALA I 83 3.66 15.06 3.98
N VAL I 84 4.69 15.37 4.77
CA VAL I 84 4.67 16.65 5.46
C VAL I 84 4.81 17.81 4.49
N ALA I 85 5.56 17.64 3.40
CA ALA I 85 5.55 18.70 2.40
C ALA I 85 4.17 18.88 1.80
N ALA I 86 3.44 17.79 1.61
CA ALA I 86 2.12 17.92 1.03
C ALA I 86 1.15 18.57 2.01
N ILE I 87 1.14 18.12 3.26
CA ILE I 87 0.28 18.74 4.26
C ILE I 87 0.65 20.19 4.43
N MET I 88 1.94 20.49 4.32
CA MET I 88 2.40 21.86 4.47
C MET I 88 1.85 22.76 3.38
N ALA I 89 1.77 22.24 2.15
CA ALA I 89 1.22 23.05 1.07
C ALA I 89 -0.29 23.06 1.02
N ALA I 90 -0.95 22.13 1.70
CA ALA I 90 -2.41 22.10 1.73
C ALA I 90 -3.00 22.94 2.83
N GLN I 91 -2.22 23.82 3.44
CA GLN I 91 -2.77 24.70 4.45
C GLN I 91 -3.79 25.61 3.78
N PRO I 92 -4.85 25.99 4.47
CA PRO I 92 -5.70 27.05 3.94
C PRO I 92 -4.88 28.32 3.79
N ARG I 93 -5.37 29.20 2.93
CA ARG I 93 -4.70 30.44 2.59
C ARG I 93 -4.47 31.27 3.83
N SER I 94 -5.42 31.23 4.73
CA SER I 94 -5.28 31.98 5.96
C SER I 94 -4.12 31.45 6.79
N ALA I 95 -4.00 30.14 6.90
CA ALA I 95 -2.89 29.62 7.68
C ALA I 95 -1.57 29.84 6.96
N ARG I 96 -1.58 29.74 5.63
CA ARG I 96 -0.31 29.86 4.92
C ARG I 96 0.17 31.30 4.98
N ASP I 97 -0.78 32.21 4.83
CA ASP I 97 -0.51 33.64 4.88
C ASP I 97 0.48 33.99 5.97
N GLN I 98 -0.02 34.03 7.21
CA GLN I 98 0.82 34.36 8.35
C GLN I 98 2.17 33.63 8.31
N ARG I 135 12.25 21.72 23.85
CA ARG I 135 11.51 22.97 23.78
C ARG I 135 10.64 22.90 22.54
N ARG I 136 11.34 22.60 21.43
CA ARG I 136 10.76 22.46 20.10
C ARG I 136 9.60 21.57 20.30
N PRO I 137 8.42 22.10 20.06
CA PRO I 137 7.21 21.34 20.39
C PRO I 137 6.88 20.27 19.37
N ASN I 138 6.14 19.28 19.85
CA ASN I 138 5.66 18.17 19.03
C ASN I 138 4.29 18.55 18.50
N LEU I 139 3.64 17.61 17.84
CA LEU I 139 2.25 17.84 17.47
C LEU I 139 1.37 17.80 18.71
N GLY I 140 1.76 17.05 19.74
CA GLY I 140 0.97 17.05 20.96
C GLY I 140 0.98 18.39 21.67
N VAL I 141 2.12 19.07 21.69
CA VAL I 141 2.17 20.41 22.27
C VAL I 141 1.33 21.38 21.46
N SER I 142 1.30 21.21 20.14
CA SER I 142 0.43 22.01 19.30
C SER I 142 -1.03 21.70 19.55
N LEU I 143 -1.34 20.45 19.87
CA LEU I 143 -2.70 20.08 20.23
C LEU I 143 -3.12 20.76 21.50
N ALA I 144 -2.31 20.68 22.54
CA ALA I 144 -2.70 21.29 23.78
C ALA I 144 -2.82 22.81 23.62
N GLN I 145 -1.97 23.41 22.80
CA GLN I 145 -2.15 24.82 22.53
C GLN I 145 -3.45 25.10 21.79
N ALA I 146 -3.91 24.17 20.96
CA ALA I 146 -5.18 24.46 20.32
C ALA I 146 -6.35 24.19 21.23
N VAL I 147 -6.16 23.42 22.30
CA VAL I 147 -7.24 23.22 23.26
C VAL I 147 -7.35 24.40 24.21
N PHE I 148 -6.22 24.84 24.77
CA PHE I 148 -6.34 25.89 25.77
C PHE I 148 -6.65 27.24 25.15
N ASP I 149 -5.95 27.63 24.08
CA ASP I 149 -6.14 28.96 23.52
C ASP I 149 -7.34 28.96 22.57
N LYS I 150 -7.18 28.37 21.39
CA LYS I 150 -8.20 28.52 20.36
C LYS I 150 -9.51 27.85 20.73
N GLY I 151 -9.62 27.21 21.88
CA GLY I 151 -10.93 26.76 22.31
C GLY I 151 -11.46 25.53 21.63
N LEU I 152 -10.61 24.65 21.16
CA LEU I 152 -11.16 23.44 20.57
C LEU I 152 -11.79 22.58 21.65
N ASN I 153 -12.65 21.68 21.22
CA ASN I 153 -13.28 20.77 22.17
C ASN I 153 -12.24 19.85 22.76
N ALA I 154 -12.36 19.58 24.06
CA ALA I 154 -11.31 18.84 24.74
C ALA I 154 -11.51 17.33 24.69
N ASP I 155 -12.70 16.87 25.07
CA ASP I 155 -12.92 15.42 25.13
C ASP I 155 -12.79 14.79 23.77
N SER I 156 -13.01 15.56 22.71
CA SER I 156 -12.87 14.96 21.39
C SER I 156 -11.44 15.03 20.87
N THR I 157 -10.75 16.14 21.06
CA THR I 157 -9.38 16.20 20.55
C THR I 157 -8.42 15.31 21.33
N GLU I 158 -8.70 15.07 22.60
CA GLU I 158 -7.85 14.15 23.35
C GLU I 158 -8.11 12.73 22.88
N GLN I 159 -9.36 12.46 22.59
CA GLN I 159 -9.77 11.19 22.02
C GLN I 159 -9.15 10.98 20.64
N ARG I 160 -9.03 12.05 19.87
CA ARG I 160 -8.45 11.93 18.53
C ARG I 160 -6.93 11.72 18.59
N LEU I 161 -6.28 12.33 19.58
CA LEU I 161 -4.85 12.09 19.77
C LEU I 161 -4.58 10.68 20.26
N HIS I 162 -5.37 10.19 21.22
CA HIS I 162 -5.19 8.81 21.65
C HIS I 162 -5.69 7.84 20.60
N LEU I 163 -6.33 8.33 19.55
CA LEU I 163 -6.75 7.55 18.40
C LEU I 163 -5.62 7.43 17.40
N ILE I 164 -4.81 8.48 17.30
CA ILE I 164 -3.64 8.45 16.42
C ILE I 164 -2.55 7.59 17.01
N ALA I 165 -2.39 7.64 18.33
CA ALA I 165 -1.31 6.95 19.00
C ALA I 165 -1.35 5.43 18.86
N ARG I 166 -2.46 4.86 18.45
CA ARG I 166 -2.48 3.42 18.24
C ARG I 166 -2.19 2.95 16.82
N GLN I 167 -2.32 3.80 15.81
CA GLN I 167 -2.13 3.34 14.46
C GLN I 167 -0.72 2.82 14.25
N ASN I 168 -0.52 2.15 13.12
CA ASN I 168 0.79 1.82 12.64
C ASN I 168 1.21 2.92 11.68
N LEU I 169 2.39 2.79 11.09
CA LEU I 169 2.83 3.80 10.14
C LEU I 169 1.85 3.99 8.99
N ASP I 170 1.28 2.89 8.49
CA ASP I 170 0.26 3.02 7.47
C ASP I 170 -0.95 3.82 7.95
N GLY I 171 -1.29 3.73 9.22
CA GLY I 171 -2.54 4.36 9.60
C GLY I 171 -2.37 5.81 9.98
N VAL I 172 -1.18 6.14 10.46
CA VAL I 172 -0.94 7.51 10.90
C VAL I 172 -1.07 8.43 9.71
N HIS I 173 -0.55 8.01 8.58
CA HIS I 173 -0.62 8.85 7.40
C HIS I 173 -2.06 9.04 6.98
N ARG I 174 -2.87 8.03 7.20
CA ARG I 174 -4.27 8.10 6.82
C ARG I 174 -5.03 9.10 7.67
N HIS I 175 -4.65 9.21 8.94
CA HIS I 175 -5.35 10.03 9.91
C HIS I 175 -4.78 11.43 10.04
N LEU I 176 -3.50 11.61 9.74
CA LEU I 176 -2.81 12.85 10.05
C LEU I 176 -3.25 14.07 9.24
N PRO I 177 -3.40 14.02 7.93
CA PRO I 177 -3.76 15.25 7.22
C PRO I 177 -5.05 15.88 7.69
N ARG I 178 -6.06 15.09 8.03
CA ARG I 178 -7.27 15.73 8.54
C ARG I 178 -7.01 16.41 9.88
N LEU I 179 -6.23 15.79 10.75
CA LEU I 179 -6.00 16.41 12.05
C LEU I 179 -5.13 17.64 11.92
N VAL I 180 -4.04 17.56 11.16
CA VAL I 180 -3.14 18.70 11.07
C VAL I 180 -3.83 19.87 10.40
N LEU I 181 -4.57 19.64 9.32
CA LEU I 181 -5.27 20.77 8.72
C LEU I 181 -6.33 21.32 9.66
N TYR I 182 -6.93 20.47 10.48
CA TYR I 182 -7.81 21.03 11.51
C TYR I 182 -7.05 21.99 12.40
N LEU I 183 -5.90 21.56 12.90
CA LEU I 183 -5.10 22.42 13.79
C LEU I 183 -4.68 23.70 13.09
N ARG I 184 -4.16 23.57 11.88
CA ARG I 184 -3.66 24.69 11.11
C ARG I 184 -4.77 25.66 10.73
N SER I 185 -6.00 25.18 10.64
CA SER I 185 -7.10 26.01 10.20
C SER I 185 -7.36 27.20 11.09
N ASP I 186 -7.05 27.09 12.37
CA ASP I 186 -7.18 28.20 13.30
C ASP I 186 -5.83 28.68 13.83
N GLN I 187 -4.84 28.76 12.95
CA GLN I 187 -3.59 29.45 13.27
C GLN I 187 -2.86 28.83 14.44
N VAL I 188 -3.04 27.55 14.66
CA VAL I 188 -2.29 26.91 15.71
C VAL I 188 -0.90 26.68 15.16
N HIS I 189 0.10 26.83 16.00
CA HIS I 189 1.46 26.71 15.53
C HIS I 189 1.88 25.26 15.57
N ILE I 190 2.54 24.81 14.50
CA ILE I 190 3.05 23.45 14.41
C ILE I 190 4.41 23.56 13.77
N ASP I 191 5.43 23.09 14.46
CA ASP I 191 6.77 23.03 13.91
C ASP I 191 6.95 21.80 13.02
N TRP I 192 7.05 22.02 11.71
CA TRP I 192 7.00 20.92 10.76
C TRP I 192 8.22 20.03 10.79
N GLY I 193 9.39 20.55 11.12
CA GLY I 193 10.56 19.69 11.18
C GLY I 193 10.42 18.60 12.23
N ILE I 194 9.93 18.96 13.40
CA ILE I 194 9.73 17.97 14.44
C ILE I 194 8.73 16.92 13.99
N LEU I 195 7.64 17.36 13.40
CA LEU I 195 6.65 16.42 12.89
C LEU I 195 7.25 15.50 11.83
N ILE I 196 8.15 16.03 11.00
CA ILE I 196 8.81 15.20 10.00
C ILE I 196 9.64 14.12 10.65
N ARG I 197 10.52 14.53 11.57
CA ARG I 197 11.42 13.57 12.20
C ARG I 197 10.62 12.50 12.91
N ASP I 198 9.57 12.92 13.58
CA ASP I 198 8.69 12.00 14.28
C ASP I 198 8.02 11.03 13.33
N LEU I 199 7.49 11.53 12.23
CA LEU I 199 6.85 10.63 11.27
C LEU I 199 7.84 9.68 10.64
N ALA I 200 9.12 10.04 10.62
CA ALA I 200 10.09 9.11 10.09
C ALA I 200 10.37 8.02 11.10
N ARG I 201 10.44 8.39 12.37
CA ARG I 201 10.61 7.43 13.44
C ARG I 201 9.34 6.67 13.81
N TRP I 202 8.18 7.00 13.26
CA TRP I 202 7.00 6.21 13.58
C TRP I 202 7.11 4.81 13.03
N GLY I 203 7.81 4.65 11.90
CA GLY I 203 7.87 3.34 11.26
C GLY I 203 8.61 2.29 12.07
N HIS I 204 9.69 2.67 12.74
CA HIS I 204 10.48 1.68 13.45
C HIS I 204 10.21 1.67 14.95
N THR I 205 9.40 2.58 15.45
CA THR I 205 9.01 2.69 16.85
C THR I 205 7.64 2.08 17.03
N PRO I 206 7.45 1.13 17.94
CA PRO I 206 6.08 0.65 18.18
C PRO I 206 5.18 1.73 18.76
N ARG I 207 5.65 2.33 19.85
CA ARG I 207 4.99 3.48 20.46
C ARG I 207 6.00 4.46 21.02
N HIS I 208 7.27 4.36 20.65
CA HIS I 208 8.27 5.15 21.35
C HIS I 208 8.14 6.64 21.05
N VAL I 209 7.62 7.01 19.89
CA VAL I 209 7.38 8.42 19.59
C VAL I 209 6.00 8.85 20.05
N ALA I 210 4.98 8.02 19.80
CA ALA I 210 3.62 8.35 20.19
C ALA I 210 3.54 8.62 21.68
N ARG I 211 4.20 7.81 22.50
CA ARG I 211 4.19 8.08 23.92
C ARG I 211 4.73 9.48 24.20
N GLU I 212 5.73 9.92 23.44
CA GLU I 212 6.27 11.25 23.67
C GLU I 212 5.24 12.31 23.37
N TRP I 213 4.48 12.05 22.30
CA TRP I 213 3.38 12.90 21.83
C TRP I 213 2.23 13.03 22.82
N VAL I 214 1.86 11.90 23.42
CA VAL I 214 0.77 11.87 24.39
C VAL I 214 1.20 12.48 25.71
N GLN I 215 2.37 12.08 26.20
CA GLN I 215 2.89 12.63 27.45
C GLN I 215 3.02 14.13 27.37
N ASP I 216 3.63 14.64 26.29
CA ASP I 216 3.80 16.07 26.18
C ASP I 216 2.47 16.77 26.11
N TYR I 217 1.49 16.18 25.44
CA TYR I 217 0.19 16.83 25.34
C TYR I 217 -0.45 16.97 26.70
N HIS I 218 -0.61 15.86 27.42
CA HIS I 218 -1.24 15.95 28.73
C HIS I 218 -0.47 16.91 29.63
N ARG I 219 0.86 16.79 29.64
CA ARG I 219 1.67 17.65 30.49
C ARG I 219 1.52 19.12 30.13
N THR I 220 1.54 19.45 28.85
CA THR I 220 1.41 20.84 28.47
C THR I 220 0.03 21.37 28.78
N LEU I 221 -1.00 20.55 28.66
CA LEU I 221 -2.33 21.02 29.07
C LEU I 221 -2.39 21.29 30.57
N GLU I 222 -1.79 20.42 31.38
CA GLU I 222 -1.80 20.67 32.82
C GLU I 222 -1.04 21.94 33.14
N THR I 223 0.14 22.14 32.54
CA THR I 223 0.91 23.34 32.86
C THR I 223 0.19 24.58 32.38
N LEU I 224 -0.46 24.51 31.23
CA LEU I 224 -1.15 25.69 30.74
C LEU I 224 -2.33 26.02 31.63
N THR I 225 -2.94 25.01 32.24
CA THR I 225 -4.03 25.30 33.17
C THR I 225 -3.51 25.84 34.49
N ARG I 226 -2.41 25.29 35.01
CA ARG I 226 -1.84 25.79 36.26
C ARG I 226 -1.20 27.16 36.11
N GLN I 227 -0.80 27.57 34.91
CA GLN I 227 -0.24 28.90 34.76
C GLN I 227 -1.32 29.96 34.74
N ALA I 228 -2.53 29.59 34.38
CA ALA I 228 -3.63 30.53 34.43
C ALA I 228 -4.10 30.84 35.81
N GLU I 229 -3.42 30.45 36.88
CA GLU I 229 -3.87 30.77 38.23
C GLU I 229 -2.99 31.85 38.87
N SER K 3 14.40 -10.45 -8.60
CA SER K 3 14.67 -9.79 -9.86
C SER K 3 16.17 -9.74 -10.14
N ASP K 4 16.97 -10.24 -9.18
CA ASP K 4 18.42 -10.25 -9.34
C ASP K 4 18.79 -11.22 -10.46
N TYR K 5 18.00 -12.27 -10.55
CA TYR K 5 18.17 -13.30 -11.55
C TYR K 5 17.72 -12.81 -12.92
N ILE K 6 16.80 -11.85 -12.96
CA ILE K 6 16.45 -11.26 -14.24
C ILE K 6 17.63 -10.45 -14.74
N LEU K 7 18.33 -9.79 -13.83
CA LEU K 7 19.44 -8.95 -14.23
C LEU K 7 20.58 -9.75 -14.84
N GLN K 8 20.92 -10.91 -14.25
CA GLN K 8 22.04 -11.66 -14.83
C GLN K 8 21.80 -11.96 -16.31
N HIS K 9 20.59 -12.43 -16.63
CA HIS K 9 20.28 -12.72 -18.02
C HIS K 9 20.25 -11.45 -18.85
N ALA K 10 19.81 -10.33 -18.26
CA ALA K 10 19.86 -9.11 -19.05
C ALA K 10 21.29 -8.77 -19.45
N ASP K 11 22.24 -8.87 -18.53
CA ASP K 11 23.62 -8.53 -18.88
C ASP K 11 24.21 -9.49 -19.92
N ALA K 12 23.93 -10.79 -19.79
CA ALA K 12 24.44 -11.71 -20.81
C ALA K 12 23.81 -11.48 -22.18
N LEU K 13 22.54 -11.09 -22.19
CA LEU K 13 21.91 -10.75 -23.46
C LEU K 13 22.48 -9.47 -24.01
N VAL K 14 22.79 -8.53 -23.15
CA VAL K 14 23.31 -7.26 -23.63
C VAL K 14 24.66 -7.46 -24.30
N LYS K 15 25.60 -8.15 -23.65
CA LYS K 15 26.86 -8.32 -24.34
C LYS K 15 26.77 -9.20 -25.58
N ARG K 16 25.92 -10.23 -25.56
CA ARG K 16 25.71 -11.05 -26.76
C ARG K 16 25.16 -10.22 -27.90
N VAL K 17 24.13 -9.41 -27.64
CA VAL K 17 23.50 -8.63 -28.69
C VAL K 17 24.43 -7.52 -29.16
N SER K 18 25.21 -6.94 -28.25
CA SER K 18 26.16 -5.91 -28.65
C SER K 18 27.19 -6.48 -29.60
N LYS K 19 27.71 -7.66 -29.27
CA LYS K 19 28.67 -8.30 -30.15
C LYS K 19 28.02 -8.66 -31.49
N LEU K 20 26.79 -9.17 -31.46
CA LEU K 20 26.10 -9.44 -32.71
C LEU K 20 25.81 -8.18 -33.52
N ILE K 21 25.57 -7.04 -32.87
CA ILE K 21 25.25 -5.84 -33.63
C ILE K 21 26.48 -5.33 -34.35
N VAL K 22 27.64 -5.35 -33.68
CA VAL K 22 28.79 -4.77 -34.36
C VAL K 22 29.39 -5.76 -35.35
N ASN K 23 29.17 -7.06 -35.15
CA ASN K 23 29.88 -8.03 -35.98
C ASN K 23 29.08 -8.40 -37.23
N GLU K 24 27.78 -8.63 -37.12
CA GLU K 24 27.01 -9.05 -38.29
C GLU K 24 25.92 -8.04 -38.58
N PRO K 25 25.85 -7.52 -39.81
CA PRO K 25 24.72 -6.64 -40.16
C PRO K 25 23.46 -7.40 -40.50
N ALA K 26 23.57 -8.64 -40.92
CA ALA K 26 22.37 -9.38 -41.33
C ALA K 26 21.47 -9.64 -40.14
N ALA K 27 22.03 -10.20 -39.06
CA ALA K 27 21.22 -10.49 -37.90
C ALA K 27 20.85 -9.21 -37.14
N ARG K 28 21.71 -8.21 -37.19
CA ARG K 28 21.38 -6.96 -36.51
C ARG K 28 20.24 -6.25 -37.20
N ALA K 29 20.27 -6.19 -38.52
CA ALA K 29 19.14 -5.66 -39.26
C ALA K 29 17.93 -6.55 -39.08
N ALA K 30 18.16 -7.84 -38.85
CA ALA K 30 17.04 -8.72 -38.56
C ALA K 30 16.40 -8.33 -37.24
N LEU K 31 17.18 -7.76 -36.33
CA LEU K 31 16.62 -7.25 -35.08
C LEU K 31 16.08 -5.84 -35.18
N ARG K 32 16.63 -4.99 -36.03
CA ARG K 32 16.09 -3.64 -36.08
C ARG K 32 14.70 -3.53 -36.66
N ARG K 33 14.26 -4.48 -37.48
CA ARG K 33 12.93 -4.40 -38.07
C ARG K 33 11.82 -4.48 -37.03
N GLY K 34 12.07 -5.09 -35.88
CA GLY K 34 10.94 -5.17 -34.98
C GLY K 34 10.73 -3.90 -34.19
N VAL K 35 11.79 -3.33 -33.64
CA VAL K 35 11.69 -2.13 -32.80
C VAL K 35 10.75 -2.36 -31.63
N MET K 44 9.41 -10.79 -37.21
CA MET K 44 9.77 -11.04 -35.82
C MET K 44 10.35 -12.44 -35.55
N LEU K 45 10.41 -13.32 -36.53
CA LEU K 45 10.97 -14.65 -36.24
C LEU K 45 12.44 -14.60 -35.89
N ALA K 46 13.18 -13.67 -36.49
CA ALA K 46 14.60 -13.58 -36.23
C ALA K 46 14.92 -13.18 -34.80
N ALA K 47 14.11 -12.32 -34.20
CA ALA K 47 14.25 -12.06 -32.78
C ALA K 47 13.99 -13.31 -31.95
N HIS K 48 13.07 -14.16 -32.41
CA HIS K 48 12.80 -15.40 -31.69
C HIS K 48 13.95 -16.40 -31.82
N ARG K 49 14.74 -16.30 -32.87
CA ARG K 49 15.87 -17.21 -33.04
C ARG K 49 17.17 -16.60 -32.49
N VAL K 50 17.11 -15.38 -31.96
CA VAL K 50 18.31 -14.74 -31.43
C VAL K 50 18.19 -14.51 -29.94
N VAL K 51 17.12 -13.84 -29.51
CA VAL K 51 17.01 -13.45 -28.11
C VAL K 51 16.52 -14.60 -27.27
N ALA K 52 15.80 -15.54 -27.87
CA ALA K 52 15.10 -16.57 -27.10
C ALA K 52 15.94 -17.29 -26.06
N PRO K 53 17.18 -17.71 -26.32
CA PRO K 53 17.90 -18.43 -25.26
C PRO K 53 18.09 -17.61 -23.99
N TYR K 54 18.10 -16.28 -24.07
CA TYR K 54 18.34 -15.48 -22.87
C TYR K 54 17.02 -15.01 -22.24
N VAL K 55 16.22 -15.98 -21.80
CA VAL K 55 14.98 -15.66 -21.10
C VAL K 55 14.88 -16.57 -19.88
N PRO K 56 14.42 -16.07 -18.74
CA PRO K 56 14.14 -16.94 -17.61
C PRO K 56 12.70 -17.45 -17.62
N VAL K 74 5.47 -14.73 -17.62
CA VAL K 74 4.77 -13.49 -17.94
C VAL K 74 5.24 -13.01 -19.30
N HIS K 75 4.31 -12.47 -20.07
CA HIS K 75 4.60 -11.85 -21.35
C HIS K 75 5.40 -10.55 -21.21
N ALA K 76 5.34 -9.92 -20.05
CA ALA K 76 6.08 -8.68 -19.84
C ALA K 76 7.59 -8.86 -19.82
N VAL K 77 8.11 -9.97 -19.32
CA VAL K 77 9.57 -10.08 -19.35
C VAL K 77 10.09 -10.37 -20.75
N GLU K 78 9.40 -11.23 -21.51
CA GLU K 78 9.76 -11.42 -22.92
C GLU K 78 9.69 -10.14 -23.72
N ARG K 79 8.57 -9.40 -23.66
CA ARG K 79 8.60 -8.15 -24.41
C ARG K 79 9.68 -7.22 -23.87
N ALA K 80 9.94 -7.29 -22.57
CA ALA K 80 10.99 -6.48 -21.98
C ALA K 80 12.36 -6.85 -22.48
N PHE K 81 12.53 -8.05 -23.02
CA PHE K 81 13.79 -8.43 -23.65
C PHE K 81 13.84 -8.08 -25.14
N TYR K 82 12.82 -8.50 -25.89
CA TYR K 82 12.83 -8.29 -27.33
C TYR K 82 12.79 -6.81 -27.70
N ALA K 83 12.12 -6.00 -26.89
CA ALA K 83 12.04 -4.59 -27.23
C ALA K 83 13.38 -3.92 -27.04
N VAL K 84 14.08 -4.27 -25.97
CA VAL K 84 15.36 -3.65 -25.73
C VAL K 84 16.41 -4.17 -26.71
N ALA K 85 16.35 -5.44 -27.07
CA ALA K 85 17.30 -5.93 -28.04
C ALA K 85 17.08 -5.29 -29.40
N ALA K 86 15.84 -5.03 -29.78
CA ALA K 86 15.61 -4.33 -31.04
C ALA K 86 16.01 -2.87 -30.95
N ILE K 87 15.72 -2.21 -29.84
CA ILE K 87 16.14 -0.83 -29.69
C ILE K 87 17.65 -0.73 -29.72
N MET K 88 18.35 -1.65 -29.06
CA MET K 88 19.81 -1.60 -29.08
C MET K 88 20.32 -1.79 -30.48
N ALA K 89 19.63 -2.62 -31.26
CA ALA K 89 20.07 -2.85 -32.63
C ALA K 89 19.70 -1.71 -33.56
N ALA K 90 18.91 -0.74 -33.14
CA ALA K 90 18.52 0.36 -34.00
C ALA K 90 19.33 1.63 -33.77
N GLN K 91 20.41 1.57 -33.01
CA GLN K 91 21.20 2.76 -32.76
C GLN K 91 21.88 3.29 -34.02
N PRO K 92 22.15 4.60 -34.08
CA PRO K 92 23.02 5.14 -35.13
C PRO K 92 24.43 4.63 -34.92
N ARG K 93 25.12 4.45 -36.04
CA ARG K 93 26.44 3.83 -36.00
C ARG K 93 27.40 4.61 -35.08
N SER K 94 27.19 5.92 -34.85
CA SER K 94 28.05 6.64 -33.92
C SER K 94 27.89 6.05 -32.53
N ALA K 95 26.67 5.96 -32.03
CA ALA K 95 26.44 5.27 -30.77
C ALA K 95 26.67 3.76 -30.89
N ARG K 96 26.43 3.16 -32.06
CA ARG K 96 26.64 1.71 -32.13
C ARG K 96 28.08 1.26 -32.00
N ASP K 97 29.05 2.02 -32.51
CA ASP K 97 30.43 1.58 -32.36
C ASP K 97 30.92 1.69 -30.94
N GLN K 98 30.71 2.86 -30.34
CA GLN K 98 31.13 3.08 -28.95
C GLN K 98 30.43 2.11 -28.00
N ARG K 136 24.81 1.14 -10.31
CA ARG K 136 24.44 1.13 -11.72
C ARG K 136 23.33 2.11 -12.00
N PRO K 137 23.61 3.05 -12.88
CA PRO K 137 22.62 4.09 -13.19
C PRO K 137 21.49 3.57 -14.04
N ASN K 138 20.31 4.12 -13.81
CA ASN K 138 19.09 3.76 -14.52
C ASN K 138 18.78 4.81 -15.59
N LEU K 139 17.52 4.92 -15.97
CA LEU K 139 17.16 5.83 -17.04
C LEU K 139 16.79 7.22 -16.56
N GLY K 140 16.43 7.39 -15.30
CA GLY K 140 16.23 8.74 -14.80
C GLY K 140 17.53 9.50 -14.76
N VAL K 141 18.59 8.86 -14.27
CA VAL K 141 19.89 9.51 -14.27
C VAL K 141 20.46 9.61 -15.69
N SER K 142 20.10 8.69 -16.58
CA SER K 142 20.60 8.81 -17.94
C SER K 142 20.00 10.04 -18.60
N LEU K 143 18.73 10.33 -18.33
CA LEU K 143 18.17 11.58 -18.84
C LEU K 143 18.71 12.80 -18.12
N ALA K 144 19.02 12.69 -16.83
CA ALA K 144 19.55 13.86 -16.14
C ALA K 144 20.94 14.21 -16.68
N GLN K 145 21.80 13.24 -16.85
CA GLN K 145 23.09 13.53 -17.46
C GLN K 145 22.94 13.98 -18.91
N ALA K 146 21.98 13.39 -19.64
CA ALA K 146 21.73 13.88 -20.98
C ALA K 146 21.32 15.35 -20.98
N VAL K 147 20.63 15.80 -19.94
CA VAL K 147 20.32 17.22 -19.82
C VAL K 147 21.59 18.00 -19.55
N PHE K 148 22.32 17.58 -18.53
CA PHE K 148 23.42 18.38 -18.03
C PHE K 148 24.56 18.44 -19.03
N ASP K 149 24.94 17.29 -19.60
CA ASP K 149 26.12 17.30 -20.45
C ASP K 149 25.78 17.80 -21.85
N LYS K 150 24.96 17.05 -22.60
CA LYS K 150 24.71 17.43 -23.99
C LYS K 150 23.96 18.74 -24.15
N GLY K 151 23.49 19.35 -23.08
CA GLY K 151 22.67 20.53 -23.26
C GLY K 151 21.28 20.25 -23.73
N LEU K 152 20.86 18.99 -23.77
CA LEU K 152 19.52 18.65 -24.19
C LEU K 152 18.51 19.29 -23.26
N ASN K 153 17.45 19.83 -23.85
CA ASN K 153 16.48 20.58 -23.09
C ASN K 153 15.91 19.76 -21.95
N ALA K 154 15.88 20.38 -20.76
CA ALA K 154 15.29 19.78 -19.57
C ALA K 154 13.78 19.94 -19.47
N ASP K 155 13.24 21.10 -19.83
CA ASP K 155 11.82 21.30 -19.62
C ASP K 155 11.00 20.36 -20.48
N SER K 156 11.52 20.01 -21.66
CA SER K 156 10.84 19.10 -22.57
C SER K 156 11.16 17.65 -22.26
N THR K 157 12.41 17.32 -21.97
CA THR K 157 12.69 15.93 -21.62
C THR K 157 12.04 15.54 -20.31
N GLU K 158 11.67 16.52 -19.48
CA GLU K 158 10.91 16.19 -18.28
C GLU K 158 9.50 15.79 -18.64
N GLN K 159 8.87 16.53 -19.55
CA GLN K 159 7.53 16.16 -20.00
C GLN K 159 7.56 14.82 -20.70
N ARG K 160 8.57 14.55 -21.52
CA ARG K 160 8.59 13.22 -22.12
C ARG K 160 8.79 12.16 -21.06
N LEU K 161 9.48 12.50 -19.99
CA LEU K 161 9.64 11.55 -18.90
C LEU K 161 8.33 11.28 -18.16
N HIS K 162 7.60 12.32 -17.76
CA HIS K 162 6.33 12.09 -17.07
C HIS K 162 5.31 11.42 -17.98
N LEU K 163 5.38 11.69 -19.28
CA LEU K 163 4.49 11.02 -20.22
C LEU K 163 4.85 9.55 -20.36
N ILE K 164 6.09 9.21 -20.12
CA ILE K 164 6.42 7.79 -20.09
C ILE K 164 5.94 7.19 -18.78
N ALA K 165 6.06 7.93 -17.69
CA ALA K 165 5.68 7.37 -16.40
C ALA K 165 4.19 7.16 -16.25
N ARG K 166 3.36 7.76 -17.09
CA ARG K 166 1.94 7.48 -16.91
C ARG K 166 1.48 6.22 -17.64
N GLN K 167 2.12 5.85 -18.72
CA GLN K 167 1.61 4.75 -19.53
C GLN K 167 1.60 3.43 -18.80
N ASN K 168 0.79 2.51 -19.30
CA ASN K 168 0.84 1.14 -18.85
C ASN K 168 1.93 0.34 -19.54
N LEU K 169 1.90 -0.99 -19.46
CA LEU K 169 2.97 -1.76 -20.07
C LEU K 169 2.97 -1.75 -21.59
N ASP K 170 1.82 -1.63 -22.24
CA ASP K 170 1.87 -1.61 -23.69
C ASP K 170 2.20 -0.23 -24.23
N GLY K 171 1.94 0.81 -23.45
CA GLY K 171 2.23 2.16 -23.90
C GLY K 171 3.65 2.56 -23.63
N VAL K 172 4.25 2.04 -22.55
CA VAL K 172 5.63 2.41 -22.26
C VAL K 172 6.49 1.95 -23.41
N HIS K 173 6.12 0.85 -24.06
CA HIS K 173 6.82 0.36 -25.23
C HIS K 173 6.42 1.14 -26.46
N ARG K 174 5.38 1.96 -26.36
CA ARG K 174 5.04 2.86 -27.44
C ARG K 174 5.82 4.16 -27.40
N HIS K 175 6.21 4.63 -26.22
CA HIS K 175 6.94 5.89 -26.08
C HIS K 175 8.42 5.74 -25.76
N LEU K 176 8.88 4.55 -25.44
CA LEU K 176 10.29 4.36 -25.07
C LEU K 176 11.24 4.44 -26.25
N PRO K 177 11.04 3.75 -27.35
CA PRO K 177 12.07 3.73 -28.39
C PRO K 177 12.43 5.10 -28.93
N ARG K 178 11.50 6.05 -28.95
CA ARG K 178 11.82 7.34 -29.52
C ARG K 178 12.76 8.12 -28.64
N LEU K 179 12.49 8.12 -27.33
CA LEU K 179 13.34 8.82 -26.39
C LEU K 179 14.68 8.12 -26.24
N VAL K 180 14.69 6.80 -26.25
CA VAL K 180 15.95 6.10 -26.06
C VAL K 180 16.84 6.31 -27.29
N LEU K 181 16.28 6.11 -28.48
CA LEU K 181 17.09 6.39 -29.67
C LEU K 181 17.52 7.83 -29.72
N TYR K 182 16.74 8.73 -29.14
CA TYR K 182 17.22 10.09 -29.08
C TYR K 182 18.37 10.23 -28.08
N LEU K 183 18.39 9.41 -27.03
CA LEU K 183 19.52 9.43 -26.11
C LEU K 183 20.77 8.88 -26.76
N ARG K 184 20.65 7.74 -27.41
CA ARG K 184 21.79 7.17 -28.11
C ARG K 184 22.30 8.10 -29.19
N SER K 185 21.40 8.82 -29.86
CA SER K 185 21.86 9.78 -30.86
C SER K 185 22.78 10.84 -30.26
N ASP K 186 22.63 11.14 -28.98
CA ASP K 186 23.53 12.05 -28.29
C ASP K 186 24.60 11.32 -27.48
N GLN K 187 24.78 10.03 -27.69
CA GLN K 187 25.89 9.30 -27.08
C GLN K 187 25.87 9.35 -25.56
N VAL K 188 24.69 9.38 -24.98
CA VAL K 188 24.49 9.29 -23.54
C VAL K 188 24.45 7.83 -23.14
N HIS K 189 25.06 7.49 -22.01
CA HIS K 189 25.17 6.11 -21.59
C HIS K 189 23.85 5.60 -21.05
N ILE K 190 23.41 4.44 -21.53
CA ILE K 190 22.19 3.79 -21.06
C ILE K 190 22.55 2.39 -20.63
N ASP K 191 22.49 2.12 -19.33
CA ASP K 191 22.77 0.79 -18.81
C ASP K 191 21.67 -0.16 -19.27
N TRP K 192 21.92 -0.87 -20.36
CA TRP K 192 20.86 -1.64 -20.99
C TRP K 192 20.30 -2.74 -20.09
N GLY K 193 21.11 -3.33 -19.22
CA GLY K 193 20.59 -4.36 -18.35
C GLY K 193 19.55 -3.85 -17.37
N ILE K 194 19.82 -2.70 -16.75
CA ILE K 194 18.83 -2.16 -15.82
C ILE K 194 17.58 -1.73 -16.55
N LEU K 195 17.70 -1.07 -17.70
CA LEU K 195 16.51 -0.71 -18.45
C LEU K 195 15.70 -1.94 -18.84
N ILE K 196 16.37 -3.05 -19.09
CA ILE K 196 15.64 -4.27 -19.40
C ILE K 196 14.87 -4.75 -18.19
N ARG K 197 15.58 -4.89 -17.09
CA ARG K 197 14.96 -5.38 -15.87
C ARG K 197 13.82 -4.45 -15.47
N ASP K 198 14.01 -3.15 -15.63
CA ASP K 198 12.98 -2.22 -15.21
C ASP K 198 11.73 -2.43 -16.04
N LEU K 199 11.92 -2.63 -17.34
CA LEU K 199 10.78 -2.97 -18.18
C LEU K 199 10.17 -4.30 -17.77
N ALA K 200 10.98 -5.23 -17.27
CA ALA K 200 10.39 -6.47 -16.77
C ALA K 200 9.64 -6.30 -15.45
N ARG K 201 10.17 -5.47 -14.57
CA ARG K 201 9.49 -5.19 -13.33
C ARG K 201 8.26 -4.35 -13.59
N TRP K 202 8.11 -3.83 -14.81
CA TRP K 202 7.00 -2.95 -15.14
C TRP K 202 5.71 -3.72 -15.27
N GLY K 203 5.74 -4.91 -15.82
CA GLY K 203 4.52 -5.70 -15.85
C GLY K 203 4.14 -6.12 -14.44
N HIS K 204 5.14 -6.37 -13.60
CA HIS K 204 4.90 -6.74 -12.20
C HIS K 204 4.38 -5.56 -11.39
N THR K 205 5.13 -4.46 -11.36
CA THR K 205 4.76 -3.25 -10.62
C THR K 205 5.14 -1.97 -11.37
N PRO K 206 4.19 -1.28 -11.98
CA PRO K 206 4.54 -0.10 -12.78
C PRO K 206 4.87 1.18 -12.02
N ARG K 207 4.14 1.45 -10.95
CA ARG K 207 4.25 2.72 -10.27
C ARG K 207 5.57 2.87 -9.53
N HIS K 208 6.09 1.76 -9.03
CA HIS K 208 7.34 1.84 -8.30
C HIS K 208 8.46 2.21 -9.26
N VAL K 209 8.52 1.54 -10.40
CA VAL K 209 9.53 1.81 -11.43
C VAL K 209 9.43 3.22 -11.97
N ALA K 210 8.21 3.67 -12.28
CA ALA K 210 8.06 5.01 -12.80
C ALA K 210 8.53 6.05 -11.79
N ARG K 211 8.08 5.93 -10.55
CA ARG K 211 8.53 6.87 -9.54
C ARG K 211 10.05 6.82 -9.37
N GLU K 212 10.64 5.63 -9.38
CA GLU K 212 12.09 5.58 -9.22
C GLU K 212 12.77 6.40 -10.31
N TRP K 213 12.32 6.27 -11.54
CA TRP K 213 12.91 7.03 -12.64
C TRP K 213 12.74 8.52 -12.41
N VAL K 214 11.53 8.94 -12.04
CA VAL K 214 11.30 10.37 -11.89
C VAL K 214 12.14 10.92 -10.74
N GLN K 215 12.09 10.28 -9.58
CA GLN K 215 12.83 10.78 -8.42
C GLN K 215 14.33 10.82 -8.65
N ASP K 216 14.88 9.74 -9.19
CA ASP K 216 16.29 9.68 -9.47
C ASP K 216 16.66 10.80 -10.41
N TYR K 217 15.84 10.98 -11.43
CA TYR K 217 16.10 11.98 -12.46
C TYR K 217 16.18 13.37 -11.84
N HIS K 218 15.13 13.80 -11.14
CA HIS K 218 15.15 15.15 -10.61
C HIS K 218 16.23 15.29 -9.55
N ARG K 219 16.54 14.19 -8.88
CA ARG K 219 17.50 14.18 -7.79
C ARG K 219 18.92 14.28 -8.28
N THR K 220 19.29 13.47 -9.28
CA THR K 220 20.63 13.57 -9.83
C THR K 220 20.81 14.83 -10.67
N LEU K 221 19.73 15.37 -11.23
CA LEU K 221 19.86 16.68 -11.85
C LEU K 221 20.21 17.74 -10.83
N GLU K 222 19.56 17.70 -9.66
CA GLU K 222 19.91 18.69 -8.65
C GLU K 222 21.34 18.50 -8.15
N THR K 223 21.76 17.26 -7.91
CA THR K 223 23.12 17.08 -7.40
C THR K 223 24.10 17.62 -8.41
N LEU K 224 23.85 17.38 -9.69
CA LEU K 224 24.77 17.91 -10.68
C LEU K 224 24.71 19.43 -10.72
N THR K 225 23.60 20.04 -10.31
CA THR K 225 23.64 21.49 -10.18
C THR K 225 24.46 21.94 -8.98
N ARG K 226 24.47 21.19 -7.88
CA ARG K 226 25.38 21.56 -6.79
C ARG K 226 26.82 21.41 -7.25
N GLN K 227 27.11 20.41 -8.05
CA GLN K 227 28.48 20.27 -8.52
C GLN K 227 28.82 21.42 -9.45
N ALA K 228 27.84 21.95 -10.17
CA ALA K 228 28.13 23.10 -11.01
C ALA K 228 28.50 24.31 -10.16
N GLU K 229 27.89 24.47 -8.99
CA GLU K 229 28.28 25.58 -8.14
C GLU K 229 28.59 25.04 -6.73
N SER M 2 44.36 -27.65 35.73
CA SER M 2 42.99 -28.07 35.98
C SER M 2 42.05 -26.90 35.79
N GLY M 3 40.76 -27.22 35.69
CA GLY M 3 39.78 -26.18 35.52
C GLY M 3 39.04 -26.32 34.21
N PHE M 4 37.81 -25.80 34.18
CA PHE M 4 37.00 -25.79 32.98
C PHE M 4 36.06 -24.61 33.03
N LEU M 5 35.52 -24.27 31.87
CA LEU M 5 34.65 -23.11 31.73
C LEU M 5 33.19 -23.54 31.71
N LEU M 6 32.41 -23.00 32.64
CA LEU M 6 31.01 -23.30 32.70
C LEU M 6 30.32 -22.06 32.22
N ARG M 7 29.38 -22.20 31.30
CA ARG M 7 28.67 -21.05 30.82
C ARG M 7 27.24 -21.17 31.28
N LEU M 8 26.77 -20.20 32.05
CA LEU M 8 25.41 -20.23 32.51
C LEU M 8 24.66 -19.25 31.66
N ALA M 9 23.80 -19.78 30.81
CA ALA M 9 23.02 -18.98 29.89
C ALA M 9 21.71 -19.68 29.68
N GLY M 10 20.79 -18.95 29.10
CA GLY M 10 19.46 -19.45 28.86
C GLY M 10 18.46 -18.35 29.09
N PRO M 11 17.21 -18.56 28.72
CA PRO M 11 16.25 -17.46 28.88
C PRO M 11 16.03 -17.05 30.31
N MET M 12 16.01 -18.00 31.24
CA MET M 12 15.82 -17.64 32.62
C MET M 12 16.57 -18.54 33.57
N GLN M 13 17.18 -17.93 34.59
CA GLN M 13 17.92 -18.66 35.60
C GLN M 13 17.74 -17.91 36.89
N SER M 14 17.57 -18.61 38.00
CA SER M 14 17.40 -17.96 39.28
C SER M 14 18.37 -18.54 40.27
N TRP M 15 19.01 -17.68 41.05
CA TRP M 15 19.99 -18.11 42.04
C TRP M 15 19.65 -17.45 43.36
N GLY M 16 18.55 -17.88 43.95
CA GLY M 16 18.09 -17.32 45.19
C GLY M 16 18.89 -17.69 46.40
N GLU M 17 18.88 -16.81 47.38
CA GLU M 17 19.54 -17.02 48.64
C GLU M 17 18.77 -16.21 49.67
N HIS M 18 18.75 -16.66 50.92
CA HIS M 18 18.07 -15.95 52.00
C HIS M 18 16.56 -15.78 51.91
N SER M 19 15.85 -16.66 51.23
CA SER M 19 14.39 -16.51 51.14
C SER M 19 13.78 -17.74 51.73
N MET M 20 12.81 -17.59 52.62
CA MET M 20 12.28 -18.82 53.21
C MET M 20 10.76 -18.84 53.33
N PHE M 21 10.07 -18.09 52.48
CA PHE M 21 8.62 -18.00 52.54
C PHE M 21 8.10 -18.03 51.11
N GLY M 22 6.89 -17.52 50.93
CA GLY M 22 6.27 -17.59 49.63
C GLY M 22 6.98 -16.74 48.60
N GLU M 23 7.51 -15.60 49.00
CA GLU M 23 8.23 -14.79 48.04
C GLU M 23 9.67 -15.27 47.94
N ARG M 24 10.14 -15.45 46.72
CA ARG M 24 11.52 -15.86 46.51
C ARG M 24 12.29 -14.73 45.84
N ASP M 25 13.60 -14.67 46.10
CA ASP M 25 14.42 -13.60 45.55
C ASP M 25 15.79 -14.15 45.16
N THR M 26 16.33 -13.64 44.05
CA THR M 26 17.57 -14.11 43.46
C THR M 26 18.70 -13.11 43.62
N LEU M 27 19.92 -13.63 43.67
CA LEU M 27 21.10 -12.83 43.72
C LEU M 27 21.27 -12.46 42.27
N PRO M 28 21.80 -11.21 42.00
CA PRO M 28 21.95 -10.92 40.55
C PRO M 28 23.00 -11.77 39.84
N TYR M 29 23.81 -12.50 40.60
CA TYR M 29 24.88 -13.35 40.05
C TYR M 29 24.77 -14.76 40.62
N PRO M 30 25.39 -15.78 39.92
CA PRO M 30 25.21 -17.13 40.51
C PRO M 30 25.81 -17.28 41.89
N SER M 31 25.25 -18.20 42.67
CA SER M 31 25.67 -18.45 44.04
C SER M 31 26.38 -19.80 44.16
N ARG M 32 27.47 -19.86 44.89
CA ARG M 32 28.23 -21.08 44.94
C ARG M 32 27.37 -22.25 45.36
N SER M 33 26.47 -22.06 46.30
CA SER M 33 25.62 -23.17 46.71
C SER M 33 24.96 -23.80 45.51
N GLY M 34 24.40 -22.97 44.65
CA GLY M 34 23.66 -23.47 43.52
C GLY M 34 24.54 -24.23 42.54
N LEU M 35 25.70 -23.67 42.22
CA LEU M 35 26.56 -24.34 41.25
C LEU M 35 27.10 -25.63 41.81
N ILE M 36 27.38 -25.66 43.11
CA ILE M 36 27.86 -26.87 43.72
C ILE M 36 26.78 -27.93 43.69
N GLY M 37 25.56 -27.54 44.02
CA GLY M 37 24.46 -28.47 43.87
C GLY M 37 24.24 -28.90 42.44
N MET M 38 24.57 -28.05 41.48
CA MET M 38 24.44 -28.45 40.10
C MET M 38 25.42 -29.57 39.76
N PHE M 39 26.64 -29.45 40.26
CA PHE M 39 27.59 -30.55 40.06
C PHE M 39 27.19 -31.79 40.85
N ALA M 40 26.74 -31.63 42.08
CA ALA M 40 26.28 -32.77 42.85
C ALA M 40 25.14 -33.49 42.16
N ALA M 41 24.22 -32.73 41.56
CA ALA M 41 23.17 -33.36 40.79
C ALA M 41 23.74 -34.07 39.58
N ALA M 42 24.80 -33.52 38.98
CA ALA M 42 25.39 -34.14 37.82
C ALA M 42 26.15 -35.42 38.18
N GLN M 43 26.59 -35.55 39.42
CA GLN M 43 27.35 -36.70 39.86
C GLN M 43 26.55 -37.69 40.67
N GLY M 44 25.28 -37.43 40.91
CA GLY M 44 24.46 -38.37 41.63
C GLY M 44 24.56 -38.26 43.13
N VAL M 45 24.98 -37.11 43.65
CA VAL M 45 25.09 -36.91 45.08
C VAL M 45 23.68 -36.83 45.64
N ARG M 46 23.27 -37.82 46.42
CA ARG M 46 21.93 -37.79 47.00
C ARG M 46 21.86 -36.67 48.02
N ARG M 47 20.67 -36.16 48.25
CA ARG M 47 20.52 -35.08 49.19
C ARG M 47 20.93 -35.64 50.53
N GLY M 48 21.74 -34.87 51.23
CA GLY M 48 22.23 -35.26 52.53
C GLY M 48 23.63 -35.84 52.54
N ASP M 49 24.18 -36.16 51.37
CA ASP M 49 25.53 -36.69 51.30
C ASP M 49 26.57 -35.62 51.62
N PRO M 50 27.72 -36.03 52.15
CA PRO M 50 28.78 -35.08 52.47
C PRO M 50 29.19 -34.27 51.25
N LEU M 51 29.22 -32.95 51.42
CA LEU M 51 29.51 -32.03 50.34
C LEU M 51 30.95 -31.53 50.33
N ASP M 52 31.82 -32.13 51.14
CA ASP M 52 33.21 -31.68 51.19
C ASP M 52 34.04 -31.99 49.96
N ARG M 53 33.59 -32.92 49.11
CA ARG M 53 34.33 -33.20 47.90
C ARG M 53 34.33 -31.91 47.07
N TYR M 54 33.18 -31.24 47.09
CA TYR M 54 32.98 -29.99 46.37
C TYR M 54 33.76 -28.88 47.03
N LYS M 55 34.01 -28.99 48.32
CA LYS M 55 34.87 -27.99 48.91
C LYS M 55 36.17 -27.93 48.12
N GLU M 56 36.89 -26.83 48.28
CA GLU M 56 38.13 -26.46 47.56
C GLU M 56 37.98 -26.01 46.13
N LEU M 57 36.77 -25.79 45.62
CA LEU M 57 36.61 -25.20 44.30
C LEU M 57 36.66 -23.67 44.38
N LYS M 58 36.92 -23.04 43.23
CA LYS M 58 36.98 -21.59 43.15
C LYS M 58 36.20 -21.13 41.93
N PHE M 59 35.35 -20.13 42.11
CA PHE M 59 34.39 -19.67 41.13
C PHE M 59 34.57 -18.18 40.85
N THR M 60 35.41 -17.86 39.88
CA THR M 60 35.48 -16.53 39.27
C THR M 60 34.46 -16.43 38.17
N VAL M 61 33.55 -15.45 38.24
CA VAL M 61 32.43 -15.35 37.33
C VAL M 61 32.38 -13.95 36.73
N ARG M 62 32.56 -13.87 35.41
CA ARG M 62 32.39 -12.61 34.70
C ARG M 62 30.98 -12.49 34.14
N VAL M 63 30.37 -11.33 34.37
CA VAL M 63 28.99 -11.06 33.96
C VAL M 63 28.94 -10.47 32.54
N ASP M 64 28.54 -11.28 31.56
CA ASP M 64 28.42 -10.56 30.29
C ASP M 64 27.23 -9.60 30.34
N ARG M 65 26.03 -10.14 30.34
CA ARG M 65 24.87 -9.30 30.46
C ARG M 65 24.26 -9.47 31.83
N PRO M 66 24.13 -8.39 32.58
CA PRO M 66 23.50 -8.52 33.89
C PRO M 66 22.09 -9.05 33.82
N GLY M 67 21.40 -8.89 32.68
CA GLY M 67 20.08 -9.46 32.54
C GLY M 67 19.02 -8.69 33.29
N VAL M 68 17.77 -8.88 32.90
CA VAL M 68 16.67 -8.23 33.56
C VAL M 68 16.14 -9.16 34.63
N ARG M 69 15.79 -8.62 35.79
CA ARG M 69 15.26 -9.44 36.87
C ARG M 69 13.77 -9.31 36.80
N LEU M 70 13.07 -10.43 36.75
CA LEU M 70 11.62 -10.40 36.66
C LEU M 70 11.00 -11.26 37.71
N VAL M 71 9.83 -10.87 38.17
CA VAL M 71 9.10 -11.60 39.20
C VAL M 71 7.95 -12.42 38.59
N ASP M 72 8.09 -13.73 38.61
CA ASP M 72 7.13 -14.68 38.08
C ASP M 72 6.11 -15.08 39.14
N PHE M 73 4.86 -14.73 38.91
CA PHE M 73 3.80 -15.10 39.82
C PHE M 73 3.95 -16.60 39.84
N HIS M 74 3.34 -17.28 40.78
CA HIS M 74 3.40 -18.74 40.79
C HIS M 74 2.51 -19.27 41.90
N THR M 75 1.26 -19.57 41.57
CA THR M 75 0.32 -20.18 42.50
C THR M 75 0.46 -21.68 42.54
N ILE M 76 -0.15 -22.28 43.56
CA ILE M 76 -0.05 -23.71 43.81
C ILE M 76 -1.37 -24.24 44.36
N GLY M 77 -2.05 -25.05 43.56
CA GLY M 77 -3.24 -25.75 44.02
C GLY M 77 -4.55 -25.05 43.75
N GLY M 78 -4.52 -23.81 43.31
CA GLY M 78 -5.77 -23.09 43.11
C GLY M 78 -6.62 -23.75 42.04
N GLY M 79 -7.93 -23.55 42.14
CA GLY M 79 -8.83 -24.07 41.14
C GLY M 79 -9.00 -25.56 41.22
N LEU M 80 -8.86 -26.13 42.41
CA LEU M 80 -9.08 -27.54 42.63
C LEU M 80 -10.16 -27.75 43.67
N PRO M 81 -10.89 -28.87 43.60
CA PRO M 81 -11.88 -29.15 44.63
C PRO M 81 -11.19 -29.17 45.98
N LYS M 82 -11.96 -28.85 47.04
CA LYS M 82 -11.39 -28.72 48.36
C LYS M 82 -10.60 -29.95 48.81
N GLU M 83 -11.03 -31.16 48.39
CA GLU M 83 -10.38 -32.38 48.86
C GLU M 83 -9.01 -32.56 48.27
N ARG M 84 -8.79 -32.00 47.08
CA ARG M 84 -7.54 -32.17 46.33
C ARG M 84 -6.57 -31.01 46.28
N THR M 85 -6.59 -30.18 47.30
CA THR M 85 -5.71 -29.04 47.43
C THR M 85 -4.61 -29.37 48.42
N VAL M 86 -3.68 -28.43 48.59
CA VAL M 86 -2.46 -28.72 49.35
C VAL M 86 -2.82 -29.06 50.78
N PRO M 87 -2.22 -30.11 51.35
CA PRO M 87 -2.57 -30.54 52.71
C PRO M 87 -2.16 -29.53 53.77
N THR M 88 -2.69 -29.67 54.97
CA THR M 88 -2.24 -28.78 55.99
C THR M 88 -1.30 -29.64 56.83
N ALA M 89 -0.66 -29.02 57.81
CA ALA M 89 0.24 -29.73 58.70
C ALA M 89 -0.56 -30.52 59.73
N ALA M 90 -1.68 -29.95 60.20
CA ALA M 90 -2.61 -30.72 61.00
C ALA M 90 -3.21 -31.87 60.19
N GLY M 91 -3.25 -31.72 58.87
CA GLY M 91 -3.76 -32.71 57.93
C GLY M 91 -5.10 -32.39 57.28
N GLU M 92 -5.84 -31.39 57.75
CA GLU M 92 -7.18 -31.10 57.23
C GLU M 92 -7.14 -29.97 56.22
N ARG M 93 -7.52 -30.25 54.99
CA ARG M 93 -7.43 -29.27 53.93
C ARG M 93 -8.20 -28.02 54.25
N ARG M 94 -7.61 -26.89 53.89
CA ARG M 94 -8.21 -25.58 54.10
C ARG M 94 -9.36 -25.38 53.14
N ASP M 95 -10.22 -24.41 53.44
CA ASP M 95 -11.37 -24.13 52.59
C ASP M 95 -10.89 -23.73 51.20
N PRO M 96 -11.59 -24.14 50.15
CA PRO M 96 -11.09 -23.94 48.79
C PRO M 96 -10.91 -22.50 48.40
N LYS M 97 -11.63 -21.56 49.02
CA LYS M 97 -11.37 -20.16 48.70
C LYS M 97 -10.05 -19.68 49.31
N LYS M 98 -9.48 -20.43 50.24
CA LYS M 98 -8.17 -20.08 50.80
C LYS M 98 -7.13 -21.18 50.59
N ALA M 99 -7.44 -22.21 49.82
CA ALA M 99 -6.51 -23.32 49.69
C ALA M 99 -5.39 -23.03 48.71
N THR M 100 -5.45 -21.94 47.97
CA THR M 100 -4.43 -21.59 47.01
C THR M 100 -3.19 -21.05 47.68
N ILE M 101 -2.02 -21.49 47.22
CA ILE M 101 -0.76 -20.90 47.65
C ILE M 101 -0.31 -19.88 46.62
N VAL M 102 0.19 -18.74 47.06
CA VAL M 102 0.54 -17.66 46.14
C VAL M 102 2.01 -17.31 46.38
N THR M 103 2.90 -17.86 45.59
CA THR M 103 4.31 -17.51 45.62
C THR M 103 4.64 -16.53 44.51
N SER M 104 5.60 -15.65 44.79
CA SER M 104 6.04 -14.62 43.85
C SER M 104 7.53 -14.79 43.60
N ARG M 105 7.88 -15.80 42.80
CA ARG M 105 9.28 -16.18 42.64
C ARG M 105 9.99 -15.28 41.65
N SER M 106 11.17 -14.81 41.99
CA SER M 106 11.97 -14.00 41.09
C SER M 106 12.94 -14.87 40.30
N TYR M 107 13.38 -14.34 39.16
CA TYR M 107 14.29 -15.02 38.26
C TYR M 107 14.98 -14.01 37.37
N LEU M 108 16.23 -14.29 37.03
CA LEU M 108 17.00 -13.49 36.08
C LEU M 108 16.69 -13.91 34.65
N ALA M 109 16.28 -12.98 33.80
CA ALA M 109 16.07 -13.37 32.43
C ALA M 109 17.04 -12.64 31.52
N ASP M 110 17.40 -13.31 30.43
CA ASP M 110 18.32 -12.76 29.43
C ASP M 110 19.68 -12.43 30.03
N ALA M 111 20.09 -13.16 31.07
CA ALA M 111 21.37 -12.90 31.71
C ALA M 111 22.31 -14.03 31.39
N VAL M 112 23.59 -13.71 31.22
CA VAL M 112 24.60 -14.69 30.86
C VAL M 112 25.87 -14.43 31.63
N PHE M 113 26.36 -15.42 32.36
CA PHE M 113 27.61 -15.36 33.09
C PHE M 113 28.49 -16.50 32.62
N THR M 114 29.80 -16.31 32.72
CA THR M 114 30.70 -17.41 32.36
C THR M 114 31.63 -17.66 33.52
N VAL M 115 31.30 -18.62 34.34
CA VAL M 115 32.11 -18.94 35.51
C VAL M 115 33.25 -19.84 35.09
N ALA M 116 34.44 -19.55 35.60
CA ALA M 116 35.64 -20.33 35.36
C ALA M 116 35.99 -21.08 36.63
N VAL M 117 35.42 -22.28 36.75
CA VAL M 117 35.60 -23.12 37.92
C VAL M 117 36.98 -23.75 37.91
N THR M 118 37.76 -23.47 38.94
CA THR M 118 39.10 -24.02 39.11
C THR M 118 39.16 -24.76 40.42
N GLY M 119 39.44 -26.07 40.34
CA GLY M 119 39.46 -26.92 41.51
C GLY M 119 40.35 -28.13 41.34
N PRO M 120 40.37 -29.00 42.35
CA PRO M 120 41.20 -30.21 42.29
C PRO M 120 40.65 -31.32 41.41
N GLU M 121 39.35 -31.61 41.45
CA GLU M 121 38.81 -32.67 40.61
C GLU M 121 37.84 -32.11 39.58
N ALA M 122 37.85 -30.79 39.38
CA ALA M 122 36.84 -30.18 38.54
C ALA M 122 36.81 -30.77 37.14
N ASP M 123 37.90 -31.39 36.68
CA ASP M 123 37.84 -32.00 35.37
C ASP M 123 36.94 -33.24 35.36
N THR M 124 36.90 -34.01 36.43
CA THR M 124 35.92 -35.09 36.49
C THR M 124 34.50 -34.56 36.59
N ILE M 125 34.33 -33.41 37.24
CA ILE M 125 33.03 -32.77 37.32
C ILE M 125 32.56 -32.33 35.96
N ALA M 126 33.45 -31.76 35.16
CA ALA M 126 33.10 -31.39 33.80
C ALA M 126 32.74 -32.62 33.00
N ASP M 127 33.49 -33.70 33.17
CA ASP M 127 33.13 -34.93 32.50
C ASP M 127 31.80 -35.50 33.01
N ALA M 128 31.36 -35.11 34.19
CA ALA M 128 30.05 -35.50 34.69
C ALA M 128 28.91 -34.62 34.19
N LEU M 129 29.15 -33.34 33.96
CA LEU M 129 28.09 -32.54 33.35
C LEU M 129 27.77 -33.01 31.94
N ALA M 130 28.76 -33.54 31.23
CA ALA M 130 28.49 -34.04 29.89
C ALA M 130 27.56 -35.26 29.91
N ALA M 131 27.56 -36.04 30.98
CA ALA M 131 26.66 -37.19 31.10
C ALA M 131 26.07 -37.20 32.50
N PRO M 132 25.04 -36.40 32.73
CA PRO M 132 24.55 -36.17 34.09
C PRO M 132 23.73 -37.29 34.68
N TYR M 133 23.74 -37.34 36.02
CA TYR M 133 22.88 -38.27 36.72
C TYR M 133 21.46 -37.74 36.80
N TRP M 134 21.32 -36.47 37.13
CA TRP M 134 20.08 -35.74 37.00
C TRP M 134 20.30 -34.49 36.18
N GLN M 135 19.23 -34.02 35.58
CA GLN M 135 19.31 -32.88 34.70
C GLN M 135 19.83 -31.65 35.41
N PRO M 136 20.91 -31.05 34.96
CA PRO M 136 21.35 -29.77 35.51
C PRO M 136 20.40 -28.66 35.11
N TYR M 137 20.18 -27.71 36.02
CA TYR M 137 19.28 -26.61 35.70
C TYR M 137 19.78 -25.36 36.36
N LEU M 138 19.32 -24.21 35.85
CA LEU M 138 19.87 -22.96 36.37
C LEU M 138 18.95 -22.47 37.48
N GLY M 139 19.22 -22.90 38.70
CA GLY M 139 18.44 -22.43 39.81
C GLY M 139 17.15 -23.18 40.04
N ARG M 140 16.04 -22.73 39.48
CA ARG M 140 14.82 -23.52 39.54
C ARG M 140 14.85 -24.59 38.46
N ARG M 141 14.35 -25.78 38.79
CA ARG M 141 14.38 -26.90 37.86
C ARG M 141 13.67 -26.63 36.56
N ALA M 142 12.70 -25.73 36.57
CA ALA M 142 11.99 -25.41 35.34
C ALA M 142 12.87 -24.67 34.36
N PHE M 143 13.92 -24.03 34.83
CA PHE M 143 14.84 -23.36 33.94
C PHE M 143 15.85 -24.39 33.46
N VAL M 144 16.06 -24.44 32.15
CA VAL M 144 16.85 -25.50 31.52
C VAL M 144 18.09 -24.85 30.92
N PRO M 145 19.27 -25.40 31.14
CA PRO M 145 20.46 -24.66 30.73
C PRO M 145 20.63 -24.63 29.23
N ASP M 146 21.39 -23.63 28.82
CA ASP M 146 21.78 -23.44 27.44
C ASP M 146 22.64 -24.63 27.03
N PRO M 147 22.49 -25.14 25.81
CA PRO M 147 23.32 -26.28 25.39
C PRO M 147 24.83 -26.09 25.55
N LEU M 148 25.37 -24.90 25.34
CA LEU M 148 26.79 -24.68 25.63
C LEU M 148 26.97 -24.46 27.12
N LEU M 149 26.69 -25.52 27.88
CA LEU M 149 26.87 -25.48 29.32
C LEU M 149 28.33 -25.51 29.72
N VAL M 150 29.13 -26.32 29.05
CA VAL M 150 30.57 -26.36 29.27
C VAL M 150 31.24 -25.86 28.00
N LEU M 151 31.82 -24.67 28.04
CA LEU M 151 32.49 -24.20 26.84
C LEU M 151 33.76 -25.00 26.55
N ARG M 152 34.51 -25.37 27.59
CA ARG M 152 35.74 -26.14 27.37
C ARG M 152 35.83 -27.13 28.51
N ARG M 153 36.00 -28.41 28.22
CA ARG M 153 36.06 -29.40 29.29
C ARG M 153 37.33 -29.28 30.12
N ARG M 154 38.46 -29.05 29.47
CA ARG M 154 39.75 -28.97 30.14
C ARG M 154 40.48 -27.72 29.69
N VAL M 155 40.84 -26.89 30.65
CA VAL M 155 41.58 -25.66 30.42
C VAL M 155 42.56 -25.47 31.57
N ALA M 156 43.81 -25.22 31.24
CA ALA M 156 44.82 -24.79 32.19
C ALA M 156 44.74 -23.28 32.37
N ASP M 157 44.40 -22.85 33.59
CA ASP M 157 44.19 -21.44 33.93
C ASP M 157 43.03 -20.90 33.11
N PRO M 158 41.80 -21.09 33.55
CA PRO M 158 40.68 -20.61 32.76
C PRO M 158 40.38 -19.14 32.98
N VAL M 159 40.72 -18.60 34.14
CA VAL M 159 40.60 -17.16 34.36
C VAL M 159 41.41 -16.40 33.34
N ARG M 160 42.55 -16.93 32.94
CA ARG M 160 43.28 -16.30 31.85
C ARG M 160 42.42 -16.27 30.60
N GLU M 161 41.59 -17.28 30.41
CA GLU M 161 40.68 -17.21 29.29
C GLU M 161 39.44 -16.37 29.57
N LEU M 162 39.12 -16.06 30.82
CA LEU M 162 38.03 -15.11 31.02
C LEU M 162 38.48 -13.70 30.73
N VAL M 163 39.73 -13.37 31.05
CA VAL M 163 40.23 -12.04 30.75
C VAL M 163 40.18 -11.80 29.25
N GLU M 164 40.41 -12.86 28.45
CA GLU M 164 40.39 -12.71 27.01
C GLU M 164 40.14 -14.05 26.31
N ALA M 165 39.76 -13.93 25.05
CA ALA M 165 39.58 -15.02 24.10
C ALA M 165 38.33 -15.86 24.35
N VAL M 166 37.29 -15.29 24.96
CA VAL M 166 35.97 -15.92 25.01
C VAL M 166 35.00 -14.85 24.52
N PRO M 167 34.21 -15.09 23.49
CA PRO M 167 33.40 -14.04 22.89
C PRO M 167 32.43 -13.40 23.88
N LEU M 168 31.88 -12.28 23.46
CA LEU M 168 31.03 -11.46 24.31
C LEU M 168 29.82 -10.95 23.53
N PRO M 169 28.72 -10.67 24.22
CA PRO M 169 27.51 -10.18 23.57
C PRO M 169 27.61 -8.74 23.06
N HIS M 170 26.72 -8.42 22.13
CA HIS M 170 26.77 -7.14 21.44
C HIS M 170 26.54 -6.05 22.46
N ARG M 171 27.47 -5.08 22.46
CA ARG M 171 27.55 -3.93 23.37
C ARG M 171 28.08 -2.69 22.64
N ARG M 172 27.86 -1.49 23.18
CA ARG M 172 28.36 -0.29 22.51
C ARG M 172 29.88 -0.29 22.36
N VAL M 173 30.36 -0.16 21.12
CA VAL M 173 31.78 -0.17 20.82
C VAL M 173 32.06 1.20 20.22
N GLU M 174 32.68 2.10 21.00
CA GLU M 174 33.04 3.43 20.52
C GLU M 174 34.14 3.44 19.48
N GLU M 175 34.16 4.54 18.74
CA GLU M 175 35.15 4.73 17.70
C GLU M 175 36.48 4.91 18.41
N ASP M 176 37.52 4.34 17.83
CA ASP M 176 38.85 4.38 18.43
C ASP M 176 38.79 3.81 19.86
N ALA M 177 37.80 2.96 20.13
CA ALA M 177 37.77 2.35 21.45
C ALA M 177 38.43 0.97 21.43
N ALA M 178 38.73 0.49 22.62
CA ALA M 178 39.29 -0.84 22.84
C ALA M 178 39.04 -1.14 24.30
N THR M 179 39.28 -2.38 24.71
CA THR M 179 39.26 -2.74 26.12
C THR M 179 37.93 -2.41 26.81
N VAL M 180 36.85 -3.00 26.31
CA VAL M 180 35.54 -2.83 26.90
C VAL M 180 35.47 -3.42 28.29
N LEU M 181 34.82 -2.69 29.20
CA LEU M 181 34.77 -3.01 30.63
C LEU M 181 33.82 -4.18 30.90
N VAL M 182 34.30 -5.14 31.68
CA VAL M 182 33.54 -6.32 32.09
C VAL M 182 33.82 -6.63 33.54
N ASP M 183 32.76 -6.90 34.29
CA ASP M 183 32.86 -7.13 35.73
C ASP M 183 33.13 -8.61 36.00
N LEU M 184 34.32 -8.90 36.55
CA LEU M 184 34.69 -10.21 37.07
C LEU M 184 34.38 -10.32 38.56
N ILE M 185 33.91 -11.49 39.00
CA ILE M 185 33.52 -11.73 40.37
C ILE M 185 34.42 -12.78 41.01
N TYR M 186 35.18 -12.36 42.02
CA TYR M 186 36.14 -13.16 42.77
C TYR M 186 35.69 -13.54 44.16
N GLU M 187 36.30 -14.63 44.65
CA GLU M 187 35.97 -15.31 45.89
C GLU M 187 37.16 -15.22 46.84
N THR M 194 37.66 -5.39 53.59
CA THR M 194 38.84 -5.14 52.78
C THR M 194 38.40 -4.66 51.40
N ARG M 195 38.08 -5.59 50.51
CA ARG M 195 37.66 -5.28 49.16
C ARG M 195 36.53 -6.21 48.70
N THR M 196 35.64 -6.57 49.62
CA THR M 196 34.66 -7.62 49.43
C THR M 196 33.32 -6.96 49.24
N LEU M 197 32.65 -7.26 48.13
CA LEU M 197 31.37 -6.62 47.86
C LEU M 197 30.37 -6.95 48.96
N THR M 198 29.97 -8.21 49.05
CA THR M 198 28.94 -8.64 49.99
C THR M 198 29.32 -9.96 50.62
N VAL M 199 28.60 -10.29 51.69
CA VAL M 199 28.73 -11.54 52.43
C VAL M 199 27.38 -12.24 52.49
N LEU M 200 27.33 -13.48 52.04
CA LEU M 200 26.08 -14.23 51.95
C LEU M 200 26.30 -15.72 52.14
N ASN M 201 25.28 -16.41 52.65
CA ASN M 201 25.39 -17.83 53.00
C ASN M 201 25.34 -18.65 51.73
N ASP M 202 26.51 -19.12 51.30
CA ASP M 202 26.61 -19.87 50.06
C ASP M 202 27.18 -21.26 50.30
N VAL M 203 28.36 -21.36 50.87
CA VAL M 203 29.08 -22.63 50.96
C VAL M 203 28.18 -23.64 51.65
N PRO M 204 27.77 -24.67 50.94
CA PRO M 204 26.74 -25.60 51.42
C PRO M 204 27.29 -26.63 52.37
N LEU M 205 26.92 -26.50 53.64
CA LEU M 205 27.32 -27.49 54.64
C LEU M 205 26.59 -28.81 54.44
N SER M 206 25.33 -28.76 54.02
CA SER M 206 24.55 -29.96 53.75
C SER M 206 23.36 -29.59 52.87
N PHE M 207 23.01 -30.48 51.93
CA PHE M 207 21.86 -30.31 51.05
C PHE M 207 20.68 -31.13 51.51
N ASP M 208 20.76 -31.72 52.70
CA ASP M 208 19.63 -32.49 53.20
C ASP M 208 18.39 -31.64 53.35
N SER M 209 17.32 -32.05 52.67
CA SER M 209 16.09 -31.28 52.66
C SER M 209 15.54 -31.04 54.05
N LYS M 210 15.89 -31.87 55.03
CA LYS M 210 15.37 -31.65 56.37
C LYS M 210 16.01 -30.43 57.00
N SER M 211 17.30 -30.22 56.78
CA SER M 211 17.98 -29.11 57.42
C SER M 211 19.14 -28.68 56.52
N ARG M 212 18.85 -27.91 55.50
CA ARG M 212 19.94 -27.44 54.67
C ARG M 212 20.56 -26.28 55.44
N ARG M 213 21.89 -26.26 55.56
CA ARG M 213 22.59 -25.19 56.27
C ARG M 213 23.79 -24.73 55.45
N TYR M 214 24.19 -23.49 55.67
CA TYR M 214 25.21 -22.84 54.87
C TYR M 214 26.08 -21.91 55.72
N SER M 215 27.12 -21.38 55.10
CA SER M 215 27.95 -20.38 55.73
C SER M 215 28.36 -19.32 54.71
N THR M 216 28.76 -18.17 55.22
CA THR M 216 29.00 -17.00 54.39
C THR M 216 30.30 -17.06 53.59
N ARG M 217 30.26 -16.41 52.43
CA ARG M 217 31.41 -16.27 51.53
C ARG M 217 31.47 -14.81 51.10
N GLN M 218 32.61 -14.16 51.31
CA GLN M 218 32.78 -12.81 50.81
C GLN M 218 33.03 -12.80 49.30
N ILE M 219 32.43 -11.84 48.59
CA ILE M 219 32.58 -11.71 47.15
C ILE M 219 33.15 -10.35 46.83
N ARG M 220 34.17 -10.31 46.00
CA ARG M 220 34.77 -9.07 45.55
C ARG M 220 34.55 -8.97 44.05
N VAL M 221 33.88 -7.92 43.61
CA VAL M 221 33.57 -7.70 42.21
C VAL M 221 34.52 -6.63 41.70
N VAL M 222 35.39 -7.04 40.78
CA VAL M 222 36.45 -6.20 40.24
C VAL M 222 36.14 -5.96 38.76
N PRO M 223 35.77 -4.73 38.41
CA PRO M 223 35.61 -4.38 37.01
C PRO M 223 36.97 -4.45 36.35
N THR M 224 37.06 -5.25 35.31
CA THR M 224 38.29 -5.46 34.59
C THR M 224 38.07 -5.02 33.16
N GLU M 225 39.16 -4.91 32.43
CA GLU M 225 39.10 -4.34 31.10
C GLU M 225 39.59 -5.39 30.09
N VAL M 226 38.67 -5.84 29.23
CA VAL M 226 39.02 -6.87 28.24
C VAL M 226 38.95 -6.26 26.85
N PRO M 227 39.74 -6.73 25.88
CA PRO M 227 39.77 -6.06 24.57
C PRO M 227 38.41 -6.01 23.90
N ALA M 228 38.09 -4.85 23.32
CA ALA M 228 36.83 -4.69 22.61
C ALA M 228 36.71 -5.59 21.41
N THR M 229 37.81 -6.17 20.92
CA THR M 229 37.71 -7.19 19.88
C THR M 229 36.82 -8.35 20.29
N LEU M 230 36.69 -8.58 21.59
CA LEU M 230 36.00 -9.77 22.07
C LEU M 230 34.51 -9.70 21.80
N VAL M 231 33.90 -8.52 21.99
CA VAL M 231 32.46 -8.39 21.82
C VAL M 231 32.08 -8.71 20.37
N ALA M 232 30.92 -9.34 20.22
CA ALA M 232 30.49 -9.81 18.91
C ALA M 232 29.66 -8.76 18.20
N GLY M 233 29.45 -8.98 16.91
CA GLY M 233 28.66 -8.10 16.09
C GLY M 233 27.20 -8.10 16.49
N PRO M 234 26.43 -7.23 15.85
CA PRO M 234 25.11 -6.93 16.40
C PRO M 234 24.17 -8.11 16.37
N GLY M 235 24.05 -8.74 15.22
CA GLY M 235 23.07 -9.80 15.15
C GLY M 235 23.54 -11.15 14.73
N ARG M 236 23.29 -12.13 15.60
CA ARG M 236 23.56 -13.55 15.37
C ARG M 236 25.04 -13.87 15.43
N ASP M 237 25.88 -12.84 15.43
CA ASP M 237 27.32 -13.05 15.45
C ASP M 237 27.78 -13.65 16.76
N TYR M 238 27.09 -13.34 17.86
CA TYR M 238 27.47 -13.90 19.15
C TYR M 238 27.40 -15.42 19.12
N GLN M 239 26.31 -15.96 18.57
CA GLN M 239 26.21 -17.41 18.45
C GLN M 239 27.30 -17.95 17.54
N ASN M 240 27.61 -17.23 16.47
CA ASN M 240 28.65 -17.70 15.57
C ASN M 240 30.02 -17.74 16.22
N LYS M 241 30.41 -16.66 16.87
CA LYS M 241 31.73 -16.62 17.50
C LYS M 241 31.82 -17.64 18.60
N LEU M 242 30.74 -17.81 19.34
CA LEU M 242 30.70 -18.79 20.41
C LEU M 242 30.88 -20.21 19.88
N PHE M 243 30.26 -20.51 18.74
CA PHE M 243 30.41 -21.85 18.21
C PHE M 243 31.83 -22.07 17.66
N THR M 244 32.36 -21.06 16.99
CA THR M 244 33.75 -21.10 16.55
C THR M 244 34.62 -21.39 17.75
N TYR M 245 34.25 -20.77 18.87
CA TYR M 245 34.95 -20.94 20.13
C TYR M 245 34.88 -22.36 20.70
N VAL M 246 33.72 -23.03 20.64
CA VAL M 246 33.66 -24.36 21.19
C VAL M 246 34.49 -25.37 20.41
N LYS M 247 34.56 -25.27 19.07
CA LYS M 247 35.42 -26.29 18.45
C LYS M 247 36.90 -26.06 18.75
N GLN M 248 37.37 -24.82 18.73
CA GLN M 248 38.79 -24.61 19.03
C GLN M 248 39.04 -24.78 20.53
#